data_8A95
#
_entry.id   8A95
#
_cell.length_a   1.00
_cell.length_b   1.00
_cell.length_c   1.00
_cell.angle_alpha   90.00
_cell.angle_beta   90.00
_cell.angle_gamma   90.00
#
_symmetry.space_group_name_H-M   'P 1'
#
loop_
_entity.id
_entity.type
_entity.pdbx_description
1 polymer 'SARS-CoV2 Trimeric Spike in 1-up conformation in complex with three Fab47'
2 polymer 'Fab47 (Heavy chain variable domain)'
3 polymer 'Fab47 (Light chain variable domain)'
4 branched 2-acetamido-2-deoxy-beta-D-glucopyranose-(1-4)-2-acetamido-2-deoxy-beta-D-glucopyranose
5 non-polymer 2-acetamido-2-deoxy-beta-D-glucopyranose
#
loop_
_entity_poly.entity_id
_entity_poly.type
_entity_poly.pdbx_seq_one_letter_code
_entity_poly.pdbx_strand_id
1 'polypeptide(L)'
;MFVFLVLLPLVSSQCVNLTTRTQLPPAYTNSFTRGVYYPDKVFRSSVLHSTQDLFLPFFSNVTWFHAIHVSGTNGTKRFD
NPVLPFNDGVYFASTEKSNIIRGWIFGTTLDSKTQSLLIVNNATNVVIKVCEFQFCNDPFLGVYYHKNNKSWMESEFRVY
SSANNCTFEYVSQPFLMDLEGKQGNFKNLREFVFKNIDGYFKIYSKHTPINLVRDLPQGFSALEPLVDLPIGINITRFQT
LLALHRSYLTPGDSSSGWTAGAAAYYVGYLQPRTFLLKYNENGTITDAVDCALDPLSETKCTLKSFTVEKGIYQTSNFRV
QPTESIVRFPNIANLCPFGEVFNATRFASVYAWNRKRISNCVADYSVLYNSASFSTFKCYGVSPTKLNDLCFTNVYADSF
VIRGDEVRQIAPGQTGKIADYNYKLPDDFTGCVIAWNSNNLDSKVGGNYNYLYRLFRKSNLKPFERDISTEIYQAGSTPC
NGVEGFNCYFPLQSYGFQPTNGVGYQPYRVVVLSFELLHAPATVCGPKKSTNLVKNKCVNFNFNGLTGTGVLTESNKKFL
PFQQFGRDIADTTDAVRDPQTLEILDITPCSFGGVSVITPGTNTSNQVAVLYQDVNCTEVPVAIHADQLTPTWRVYSTGS
NVFQTRAGCLIGAEHVNNSYECDIPIGAGICASYQTQTNSPGSASSVASQSIIAYTMSLGAENSVAYSNNSIAIPTNFTI
SVTTEILPVSMTKTSVDCTMYICGDSTECSNLLLQYGSFCTQLNRALTGIAVEQDKNTQEVFAQVKQIYKTPPIKDFGGF
NFSQILPDPSKPSKRSFIEDLLFNKVTLADAGFIKQYGDCLGDIAARDLICAQKFNGLTVLPPLLTDEMIAQYTSALLAG
TITSGWTFGAGAALQIPFPMQMAYRFNGIGVTQNVLYENQKLIANQFNSAIGKIQDSLSSTPSPLGKLQDVVNQNAQALN
TLVKQLSSNFGAISSVLNDILSRLDPPEAEVQIDRLITGRLQSLQTYVTQQLIRAAEIRASANLAATKMSECVLGQSKRV
DFCGKGYHLMSFPQSAPHGVVFLHVTYVPAQEKNFTTAPAICHDGKAHFPREGVFVSNGTHWFVTQRNFYEPQIITTDNT
FVSGNCDVVIGIVNNTVYDPLQPELDSFKEELDKYFKNHTSPDVDLGDISGINASVVNIQKEIDRLNEVAKNLNESLIDL
QELGKYEQGSGYIPEAPRDGQAYVRKDGEWVLLSTFLGRSLEVLFQGPGHHHHHHHHSAWSHPQFEKGGGSGGGGSGGSA
WSHPQFEK
;
A,B,C
2 'polypeptide(L)'
;QVQLVQSGAEVKKPGSSVKVSCKASGGTFNTYAINWVRQAPGQGLEWMGRIIPMFGIANYAQKFQGTVTFTADKSTSTAY
MELSSLRYEDTAVYYCARSAYYSESSGYYLDYWGQGTLVTVSS
;
R,S,T
3 'polypeptide(L)'
;EIVLTQSPGTLSLSPGERATLSCRASQSVSGSYLAWYQQKPGQAPSLLIYGASSRATGIPDRFSGSGSGTDFTLTISRLE
PEDFAVYYCQQYVNSPRTFGQGTKLE
;
O,P,Q
#
loop_
_chem_comp.id
_chem_comp.type
_chem_comp.name
_chem_comp.formula
NAG D-saccharide, beta linking 2-acetamido-2-deoxy-beta-D-glucopyranose 'C8 H15 N O6'
#
# COMPACT_ATOMS: atom_id res chain seq x y z
N GLN A 14 7.31 -50.98 -41.86
CA GLN A 14 8.71 -51.29 -42.14
C GLN A 14 9.43 -50.11 -42.78
N CYS A 15 10.50 -49.66 -42.15
CA CYS A 15 11.30 -48.55 -42.64
C CYS A 15 12.63 -49.07 -43.17
N VAL A 16 13.18 -48.36 -44.16
CA VAL A 16 14.45 -48.73 -44.77
C VAL A 16 15.47 -47.62 -44.48
N ASN A 17 16.66 -48.01 -44.02
CA ASN A 17 17.71 -47.04 -43.79
C ASN A 17 18.13 -46.40 -45.11
N LEU A 18 18.33 -45.08 -45.10
CA LEU A 18 18.66 -44.39 -46.33
C LEU A 18 20.17 -44.20 -46.41
N THR A 19 20.76 -44.66 -47.51
CA THR A 19 22.19 -44.61 -47.75
C THR A 19 22.43 -43.81 -49.03
N THR A 20 23.69 -43.79 -49.48
CA THR A 20 24.15 -43.04 -50.66
C THR A 20 23.89 -41.54 -50.48
N ARG A 21 24.13 -41.05 -49.27
CA ARG A 21 23.98 -39.65 -48.92
C ARG A 21 25.35 -39.06 -48.64
N THR A 22 25.62 -37.91 -49.22
CA THR A 22 26.90 -37.25 -49.08
C THR A 22 26.78 -36.19 -47.99
N GLN A 23 27.66 -36.28 -46.99
CA GLN A 23 27.63 -35.37 -45.87
C GLN A 23 28.07 -33.97 -46.30
N LEU A 24 27.43 -32.95 -45.73
CA LEU A 24 27.72 -31.58 -46.07
C LEU A 24 27.38 -30.77 -44.83
N PRO A 25 28.23 -29.80 -44.46
CA PRO A 25 28.00 -29.05 -43.22
C PRO A 25 26.71 -28.26 -43.30
N PRO A 26 26.04 -28.05 -42.16
CA PRO A 26 24.77 -27.31 -42.17
C PRO A 26 24.94 -25.88 -42.67
N ALA A 27 23.93 -25.41 -43.40
CA ALA A 27 23.96 -24.08 -43.99
C ALA A 27 23.05 -23.14 -43.21
N TYR A 28 23.39 -21.86 -43.25
CA TYR A 28 22.67 -20.83 -42.53
C TYR A 28 22.37 -19.65 -43.42
N THR A 29 21.25 -18.98 -43.15
CA THR A 29 20.84 -17.81 -43.91
C THR A 29 20.20 -16.77 -42.99
N ASN A 30 20.24 -15.52 -43.44
CA ASN A 30 19.76 -14.40 -42.65
C ASN A 30 18.30 -14.13 -43.00
N SER A 31 17.41 -14.19 -42.01
CA SER A 31 16.00 -13.93 -42.20
C SER A 31 15.70 -12.47 -41.86
N PHE A 32 15.03 -11.77 -42.77
CA PHE A 32 14.80 -10.34 -42.66
C PHE A 32 13.35 -10.07 -42.25
N THR A 33 13.16 -9.67 -41.00
CA THR A 33 11.88 -9.21 -40.42
C THR A 33 10.76 -10.20 -40.68
N ARG A 34 11.06 -11.47 -40.44
CA ARG A 34 10.15 -12.56 -40.74
C ARG A 34 9.85 -13.36 -39.47
N GLY A 35 8.60 -13.80 -39.34
CA GLY A 35 8.19 -14.62 -38.21
C GLY A 35 7.40 -13.88 -37.15
N VAL A 36 6.48 -13.03 -37.59
CA VAL A 36 5.62 -12.24 -36.69
C VAL A 36 4.18 -12.69 -36.85
N TYR A 37 3.54 -13.03 -35.74
CA TYR A 37 2.18 -13.53 -35.73
C TYR A 37 1.31 -12.65 -34.86
N TYR A 38 0.03 -13.02 -34.79
CA TYR A 38 -0.94 -12.31 -33.97
C TYR A 38 -0.79 -12.77 -32.53
N PRO A 39 -0.50 -11.87 -31.59
CA PRO A 39 -0.30 -12.29 -30.19
C PRO A 39 -1.58 -12.75 -29.51
N ASP A 40 -2.75 -12.40 -30.02
CA ASP A 40 -4.02 -12.75 -29.41
C ASP A 40 -5.09 -12.80 -30.49
N LYS A 41 -6.30 -13.15 -30.08
CA LYS A 41 -7.44 -13.24 -30.98
C LYS A 41 -8.36 -12.05 -30.83
N VAL A 42 -7.77 -10.87 -30.57
CA VAL A 42 -8.52 -9.64 -30.36
C VAL A 42 -8.28 -8.72 -31.56
N PHE A 43 -9.36 -8.26 -32.17
CA PHE A 43 -9.28 -7.40 -33.34
C PHE A 43 -8.79 -6.01 -32.96
N ARG A 44 -7.81 -5.51 -33.69
CA ARG A 44 -7.29 -4.18 -33.49
C ARG A 44 -7.08 -3.56 -34.87
N SER A 45 -7.13 -2.24 -34.93
CA SER A 45 -6.96 -1.54 -36.20
C SER A 45 -6.46 -0.14 -35.94
N SER A 46 -5.45 0.27 -36.73
CA SER A 46 -4.86 1.62 -36.71
C SER A 46 -4.37 1.99 -35.30
N VAL A 47 -3.73 1.05 -34.63
CA VAL A 47 -3.21 1.24 -33.29
C VAL A 47 -1.83 0.60 -33.20
N LEU A 48 -0.91 1.29 -32.53
CA LEU A 48 0.43 0.76 -32.28
C LEU A 48 0.38 -0.03 -30.98
N HIS A 49 0.53 -1.36 -31.08
CA HIS A 49 0.38 -2.25 -29.93
C HIS A 49 1.73 -2.88 -29.60
N SER A 50 2.16 -2.72 -28.35
CA SER A 50 3.40 -3.30 -27.87
C SER A 50 3.07 -4.52 -27.01
N THR A 51 3.59 -5.68 -27.40
CA THR A 51 3.30 -6.91 -26.68
C THR A 51 4.57 -7.75 -26.54
N GLN A 52 4.66 -8.45 -25.41
CA GLN A 52 5.78 -9.34 -25.11
C GLN A 52 5.29 -10.76 -25.27
N ASP A 53 5.98 -11.54 -26.11
CA ASP A 53 5.60 -12.92 -26.40
C ASP A 53 6.81 -13.59 -27.05
N LEU A 54 6.65 -14.87 -27.38
CA LEU A 54 7.70 -15.64 -28.02
C LEU A 54 7.71 -15.29 -29.50
N PHE A 55 8.74 -14.58 -29.95
CA PHE A 55 8.83 -14.14 -31.34
C PHE A 55 10.21 -14.48 -31.91
N LEU A 56 10.27 -14.55 -33.25
CA LEU A 56 11.56 -14.72 -33.91
C LEU A 56 12.25 -13.36 -34.00
N PRO A 57 13.50 -13.24 -33.55
CA PRO A 57 14.20 -11.96 -33.59
C PRO A 57 14.41 -11.46 -35.02
N PHE A 58 14.37 -10.14 -35.16
CA PHE A 58 14.59 -9.53 -36.47
C PHE A 58 16.04 -9.67 -36.88
N PHE A 59 16.26 -9.91 -38.17
CA PHE A 59 17.59 -10.07 -38.78
C PHE A 59 18.39 -11.17 -38.11
N SER A 60 17.73 -12.30 -37.84
CA SER A 60 18.34 -13.40 -37.12
C SER A 60 18.95 -14.40 -38.10
N ASN A 61 19.54 -15.46 -37.56
CA ASN A 61 20.04 -16.56 -38.38
C ASN A 61 19.12 -17.75 -38.21
N VAL A 62 18.76 -18.38 -39.34
CA VAL A 62 17.96 -19.60 -39.33
C VAL A 62 18.69 -20.65 -40.15
N THR A 63 18.48 -21.90 -39.78
CA THR A 63 19.17 -23.02 -40.42
C THR A 63 18.49 -23.38 -41.73
N TRP A 64 19.29 -23.68 -42.74
CA TRP A 64 18.80 -23.94 -44.09
C TRP A 64 19.02 -25.41 -44.40
N PHE A 65 17.99 -26.06 -44.94
CA PHE A 65 18.06 -27.44 -45.37
C PHE A 65 17.61 -27.54 -46.81
N HIS A 66 18.38 -28.24 -47.62
CA HIS A 66 18.13 -28.35 -49.06
C HIS A 66 17.63 -29.75 -49.40
N ALA A 67 17.12 -29.85 -50.63
CA ALA A 67 16.81 -31.13 -51.26
C ALA A 67 16.92 -30.91 -52.76
N ILE A 68 18.05 -31.29 -53.35
CA ILE A 68 18.31 -31.00 -54.76
C ILE A 68 18.63 -32.30 -55.48
N HIS A 69 18.02 -32.50 -56.66
CA HIS A 69 18.24 -33.71 -57.44
C HIS A 69 19.68 -33.84 -57.93
N VAL A 70 20.29 -32.73 -58.36
CA VAL A 70 21.66 -32.57 -58.94
C VAL A 70 21.87 -33.52 -60.11
N THR A 76 24.52 -38.57 -53.57
CA THR A 76 24.18 -37.38 -52.78
C THR A 76 22.68 -37.05 -52.64
N LYS A 77 22.07 -36.29 -53.57
CA LYS A 77 20.64 -35.95 -53.61
C LYS A 77 20.17 -35.02 -52.49
N ARG A 78 21.05 -34.72 -51.52
CA ARG A 78 20.84 -33.80 -50.40
C ARG A 78 19.50 -34.04 -49.70
N PHE A 79 19.34 -35.24 -49.15
CA PHE A 79 18.13 -35.56 -48.40
C PHE A 79 18.33 -35.12 -46.97
N ASP A 80 17.72 -33.98 -46.62
CA ASP A 80 17.90 -33.37 -45.31
C ASP A 80 16.68 -33.63 -44.45
N ASN A 81 16.87 -34.39 -43.39
CA ASN A 81 15.85 -34.63 -42.36
C ASN A 81 16.47 -34.99 -41.01
N PRO A 82 17.34 -34.13 -40.42
CA PRO A 82 17.98 -34.51 -39.17
C PRO A 82 17.11 -34.18 -37.97
N VAL A 83 17.66 -34.36 -36.78
CA VAL A 83 16.94 -34.05 -35.55
C VAL A 83 17.17 -32.58 -35.20
N LEU A 84 16.09 -31.89 -34.86
CA LEU A 84 16.17 -30.49 -34.49
C LEU A 84 15.51 -30.31 -33.13
N PRO A 85 16.11 -29.52 -32.24
CA PRO A 85 15.53 -29.30 -30.91
C PRO A 85 14.27 -28.45 -30.97
N PHE A 86 13.48 -28.55 -29.90
CA PHE A 86 12.25 -27.77 -29.74
C PHE A 86 12.38 -27.09 -28.37
N ASN A 87 12.95 -25.88 -28.37
CA ASN A 87 13.22 -25.20 -27.10
C ASN A 87 11.98 -24.49 -26.56
N ASP A 88 11.49 -23.49 -27.29
CA ASP A 88 10.33 -22.72 -26.86
C ASP A 88 9.40 -22.39 -28.02
N GLY A 89 9.52 -23.10 -29.13
CA GLY A 89 8.73 -22.82 -30.32
C GLY A 89 9.64 -22.75 -31.52
N VAL A 90 9.09 -23.16 -32.67
CA VAL A 90 9.86 -23.31 -33.90
C VAL A 90 9.14 -22.57 -35.02
N TYR A 91 9.88 -21.75 -35.76
CA TYR A 91 9.39 -21.13 -36.98
C TYR A 91 9.88 -21.96 -38.17
N PHE A 92 8.95 -22.42 -38.99
CA PHE A 92 9.26 -23.29 -40.13
C PHE A 92 8.78 -22.61 -41.40
N ALA A 93 9.71 -22.19 -42.24
CA ALA A 93 9.40 -21.66 -43.57
C ALA A 93 9.72 -22.73 -44.59
N SER A 94 8.89 -22.83 -45.63
CA SER A 94 9.05 -23.87 -46.64
C SER A 94 8.91 -23.26 -48.04
N THR A 95 9.96 -23.37 -48.85
CA THR A 95 9.91 -22.98 -50.25
C THR A 95 9.72 -24.22 -51.12
N GLU A 96 8.62 -24.25 -51.87
CA GLU A 96 8.21 -25.46 -52.58
C GLU A 96 7.69 -25.12 -53.97
N LYS A 97 7.74 -26.12 -54.83
CA LYS A 97 6.99 -26.10 -56.09
C LYS A 97 6.35 -27.44 -56.40
N SER A 98 6.56 -28.47 -55.58
CA SER A 98 5.97 -29.78 -55.84
C SER A 98 5.45 -30.46 -54.58
N ASN A 99 5.31 -29.71 -53.48
CA ASN A 99 4.79 -30.19 -52.19
C ASN A 99 5.64 -31.34 -51.64
N ILE A 100 6.95 -31.11 -51.55
CA ILE A 100 7.86 -32.14 -51.05
C ILE A 100 7.65 -32.35 -49.55
N ILE A 101 7.58 -31.27 -48.78
CA ILE A 101 7.34 -31.38 -47.35
C ILE A 101 5.88 -31.73 -47.13
N ARG A 102 5.64 -32.79 -46.37
CA ARG A 102 4.28 -33.25 -46.13
C ARG A 102 3.83 -33.05 -44.70
N GLY A 103 4.74 -32.78 -43.78
CA GLY A 103 4.35 -32.54 -42.40
C GLY A 103 5.55 -32.65 -41.48
N TRP A 104 5.25 -32.89 -40.20
CA TRP A 104 6.25 -32.94 -39.14
C TRP A 104 5.80 -33.95 -38.09
N ILE A 105 6.76 -34.37 -37.25
CA ILE A 105 6.46 -35.16 -36.06
C ILE A 105 7.14 -34.49 -34.89
N PHE A 106 6.54 -34.64 -33.71
CA PHE A 106 7.04 -34.00 -32.50
C PHE A 106 7.02 -35.01 -31.36
N GLY A 107 7.93 -34.83 -30.41
CA GLY A 107 7.99 -35.74 -29.27
C GLY A 107 9.25 -35.50 -28.46
N THR A 108 9.61 -36.51 -27.67
CA THR A 108 10.80 -36.45 -26.83
C THR A 108 11.81 -37.55 -27.11
N THR A 109 11.34 -38.77 -27.35
CA THR A 109 12.23 -39.90 -27.65
C THR A 109 11.96 -40.54 -29.00
N LEU A 110 10.72 -40.47 -29.50
CA LEU A 110 10.29 -41.03 -30.79
C LEU A 110 10.58 -42.53 -30.88
N ASP A 111 10.41 -43.23 -29.75
CA ASP A 111 10.61 -44.67 -29.68
C ASP A 111 9.43 -45.36 -29.01
N SER A 112 8.24 -44.75 -29.09
CA SER A 112 6.97 -45.24 -28.54
C SER A 112 6.96 -45.31 -27.01
N LYS A 113 8.04 -44.89 -26.37
CA LYS A 113 8.09 -44.83 -24.91
C LYS A 113 7.32 -43.63 -24.36
N THR A 114 7.32 -42.53 -25.11
CA THR A 114 6.61 -41.31 -24.72
C THR A 114 5.66 -40.93 -25.84
N GLN A 115 4.49 -40.38 -25.47
CA GLN A 115 3.48 -39.97 -26.43
C GLN A 115 4.02 -38.92 -27.39
N SER A 116 3.75 -39.11 -28.67
CA SER A 116 4.24 -38.24 -29.73
C SER A 116 3.08 -37.67 -30.52
N LEU A 117 3.43 -36.77 -31.44
CA LEU A 117 2.47 -36.09 -32.31
C LEU A 117 3.01 -36.17 -33.73
N LEU A 118 2.10 -36.20 -34.71
CA LEU A 118 2.50 -36.17 -36.11
C LEU A 118 1.47 -35.44 -36.94
N ILE A 119 1.94 -34.64 -37.88
CA ILE A 119 1.09 -33.93 -38.84
C ILE A 119 1.48 -34.42 -40.22
N VAL A 120 0.49 -34.68 -41.07
CA VAL A 120 0.71 -35.18 -42.44
C VAL A 120 -0.41 -34.63 -43.32
N ASN A 121 -0.06 -33.98 -44.43
CA ASN A 121 -1.07 -33.52 -45.38
C ASN A 121 -1.44 -34.62 -46.37
N ASN A 122 -2.12 -35.65 -45.87
CA ASN A 122 -2.60 -36.71 -46.75
C ASN A 122 -3.77 -36.20 -47.60
N ALA A 123 -3.84 -36.69 -48.85
CA ALA A 123 -4.85 -36.21 -49.79
C ALA A 123 -6.27 -36.49 -49.31
N THR A 124 -6.50 -37.72 -48.82
CA THR A 124 -7.83 -38.12 -48.38
C THR A 124 -8.29 -37.31 -47.16
N ASN A 125 -7.41 -37.16 -46.16
CA ASN A 125 -7.69 -36.36 -44.99
C ASN A 125 -6.40 -35.97 -44.27
N VAL A 126 -6.36 -34.76 -43.71
CA VAL A 126 -5.25 -34.41 -42.84
C VAL A 126 -5.36 -35.25 -41.58
N VAL A 127 -4.25 -35.86 -41.14
CA VAL A 127 -4.44 -36.79 -40.03
C VAL A 127 -3.47 -36.49 -38.88
N ILE A 128 -3.74 -35.42 -38.14
CA ILE A 128 -2.91 -35.12 -36.96
C ILE A 128 -3.15 -36.23 -35.93
N LYS A 129 -2.15 -37.10 -35.76
CA LYS A 129 -2.24 -38.22 -34.83
C LYS A 129 -1.38 -37.93 -33.61
N VAL A 130 -1.99 -37.98 -32.43
CA VAL A 130 -1.28 -37.84 -31.17
C VAL A 130 -1.29 -39.21 -30.50
N CYS A 131 -0.17 -39.92 -30.58
CA CYS A 131 -0.11 -41.29 -30.11
C CYS A 131 1.35 -41.67 -29.89
N GLU A 132 1.55 -42.84 -29.29
CA GLU A 132 2.88 -43.36 -29.04
C GLU A 132 3.31 -44.17 -30.25
N PHE A 133 4.21 -43.60 -31.06
CA PHE A 133 4.64 -44.23 -32.30
C PHE A 133 6.09 -44.69 -32.18
N GLN A 134 6.37 -45.89 -32.71
CA GLN A 134 7.73 -46.40 -32.79
C GLN A 134 8.35 -45.85 -34.06
N PHE A 135 8.78 -44.59 -33.98
CA PHE A 135 9.34 -43.88 -35.12
C PHE A 135 10.68 -44.50 -35.52
N CYS A 136 10.86 -44.73 -36.81
CA CYS A 136 12.10 -45.31 -37.31
C CYS A 136 13.17 -44.23 -37.48
N ASN A 137 14.35 -44.66 -37.92
CA ASN A 137 15.49 -43.74 -38.08
C ASN A 137 15.21 -42.71 -39.16
N ASP A 138 14.60 -43.11 -40.27
CA ASP A 138 14.33 -42.24 -41.41
C ASP A 138 12.86 -42.33 -41.78
N PRO A 139 11.98 -41.60 -41.09
CA PRO A 139 10.59 -41.52 -41.54
C PRO A 139 10.46 -40.62 -42.75
N PHE A 140 9.71 -41.08 -43.75
CA PHE A 140 9.55 -40.34 -45.00
C PHE A 140 8.30 -40.82 -45.73
N LEU A 141 8.04 -40.19 -46.88
CA LEU A 141 7.00 -40.57 -47.81
C LEU A 141 7.62 -40.72 -49.19
N GLY A 142 6.95 -41.48 -50.06
CA GLY A 142 7.46 -41.71 -51.39
C GLY A 142 6.40 -41.78 -52.47
N VAL A 143 6.54 -40.96 -53.50
CA VAL A 143 5.59 -40.87 -54.60
C VAL A 143 6.16 -41.61 -55.80
N TYR A 144 5.42 -42.57 -56.33
CA TYR A 144 5.88 -43.34 -57.48
C TYR A 144 5.55 -42.61 -58.78
N TYR A 145 6.49 -42.67 -59.72
CA TYR A 145 6.31 -42.09 -61.04
C TYR A 145 6.27 -43.22 -62.07
N HIS A 146 5.29 -43.16 -62.96
CA HIS A 146 5.08 -44.17 -63.99
C HIS A 146 5.48 -43.60 -65.34
N LYS A 147 6.31 -44.33 -66.07
CA LYS A 147 6.72 -43.89 -67.40
C LYS A 147 5.72 -44.29 -68.48
N ASN A 148 4.81 -45.22 -68.19
CA ASN A 148 3.79 -45.60 -69.16
C ASN A 148 2.83 -44.46 -69.46
N ASN A 149 2.40 -43.73 -68.43
CA ASN A 149 1.55 -42.56 -68.61
C ASN A 149 1.89 -41.52 -67.56
N LYS A 150 1.65 -40.25 -67.88
CA LYS A 150 1.97 -39.17 -66.96
C LYS A 150 0.98 -39.17 -65.81
N SER A 151 1.41 -39.69 -64.66
CA SER A 151 0.58 -39.77 -63.47
C SER A 151 1.46 -40.01 -62.26
N TRP A 152 1.15 -39.32 -61.17
CA TRP A 152 1.89 -39.44 -59.92
C TRP A 152 0.93 -39.89 -58.82
N MET A 153 1.28 -40.95 -58.11
CA MET A 153 0.45 -41.47 -57.03
C MET A 153 1.33 -41.82 -55.84
N GLU A 154 0.73 -41.74 -54.65
CA GLU A 154 1.44 -42.06 -53.43
C GLU A 154 1.74 -43.56 -53.37
N SER A 155 2.98 -43.91 -53.03
CA SER A 155 3.42 -45.30 -53.05
C SER A 155 3.79 -45.83 -51.68
N GLU A 156 4.69 -45.14 -50.97
CA GLU A 156 5.22 -45.65 -49.71
C GLU A 156 5.04 -44.63 -48.61
N PHE A 157 4.80 -45.13 -47.40
CA PHE A 157 4.59 -44.28 -46.23
C PHE A 157 5.21 -45.04 -45.06
N ARG A 158 6.47 -44.71 -44.76
CA ARG A 158 7.25 -45.42 -43.76
C ARG A 158 7.61 -44.42 -42.67
N VAL A 159 6.71 -44.25 -41.69
CA VAL A 159 6.88 -43.29 -40.61
C VAL A 159 6.85 -43.97 -39.25
N TYR A 160 5.82 -44.79 -39.01
CA TYR A 160 5.61 -45.43 -37.72
C TYR A 160 5.29 -46.91 -37.93
N SER A 161 5.35 -47.66 -36.83
CA SER A 161 5.05 -49.08 -36.85
C SER A 161 3.97 -49.51 -35.87
N SER A 162 3.92 -48.91 -34.68
CA SER A 162 2.97 -49.29 -33.65
C SER A 162 2.32 -48.05 -33.05
N ALA A 163 1.05 -48.19 -32.65
CA ALA A 163 0.32 -47.10 -32.03
C ALA A 163 -0.82 -47.71 -31.20
N ASN A 164 -0.63 -47.78 -29.88
CA ASN A 164 -1.58 -48.46 -29.01
C ASN A 164 -2.20 -47.57 -27.96
N ASN A 165 -1.41 -46.81 -27.21
CA ASN A 165 -1.92 -46.06 -26.05
C ASN A 165 -2.13 -44.61 -26.46
N CYS A 166 -3.37 -44.29 -26.85
CA CYS A 166 -3.81 -42.96 -27.29
C CYS A 166 -5.30 -42.97 -27.56
N THR A 167 -5.87 -41.75 -27.59
CA THR A 167 -7.28 -41.54 -27.88
C THR A 167 -7.49 -40.52 -29.01
N PHE A 168 -6.63 -39.52 -29.09
CA PHE A 168 -6.82 -38.43 -30.05
C PHE A 168 -6.55 -38.87 -31.49
N GLU A 169 -7.45 -38.44 -32.38
CA GLU A 169 -7.38 -38.65 -33.83
C GLU A 169 -8.33 -37.63 -34.44
N TYR A 170 -8.00 -37.12 -35.64
CA TYR A 170 -8.73 -35.99 -36.22
C TYR A 170 -9.27 -36.33 -37.63
N VAL A 171 -9.87 -35.33 -38.28
CA VAL A 171 -10.35 -35.44 -39.66
C VAL A 171 -10.39 -34.02 -40.24
N SER A 172 -10.42 -33.93 -41.58
CA SER A 172 -10.52 -32.68 -42.35
C SER A 172 -10.85 -33.07 -43.79
N GLN A 173 -10.92 -32.07 -44.68
CA GLN A 173 -11.32 -32.29 -46.08
C GLN A 173 -10.40 -31.65 -47.15
N PRO A 174 -9.19 -32.16 -47.34
CA PRO A 174 -8.35 -31.69 -48.45
C PRO A 174 -8.79 -32.33 -49.76
N PHE A 175 -8.44 -31.67 -50.87
CA PHE A 175 -8.74 -32.21 -52.18
C PHE A 175 -7.45 -32.73 -52.82
N LEU A 176 -7.61 -33.65 -53.77
CA LEU A 176 -6.51 -34.20 -54.58
C LEU A 176 -5.59 -33.09 -55.08
N MET A 177 -4.33 -33.16 -54.68
CA MET A 177 -3.34 -32.20 -55.13
C MET A 177 -2.53 -32.74 -56.31
N ASP A 178 -1.46 -32.03 -56.65
CA ASP A 178 -0.75 -32.28 -57.90
C ASP A 178 0.04 -33.58 -57.86
N LEU A 179 1.00 -33.68 -56.92
CA LEU A 179 1.94 -34.78 -56.67
C LEU A 179 3.05 -34.85 -57.73
N GLU A 180 3.00 -34.02 -58.77
CA GLU A 180 3.99 -34.06 -59.83
C GLU A 180 5.13 -33.10 -59.55
N GLY A 181 6.32 -33.46 -60.02
CA GLY A 181 7.47 -32.60 -59.85
C GLY A 181 7.63 -31.69 -61.04
N LYS A 182 7.17 -30.45 -60.90
CA LYS A 182 7.23 -29.48 -61.98
C LYS A 182 8.67 -28.99 -62.16
N GLN A 183 8.94 -28.45 -63.35
CA GLN A 183 10.26 -27.93 -63.68
C GLN A 183 10.29 -26.41 -63.55
N GLY A 184 11.36 -25.90 -62.96
CA GLY A 184 11.51 -24.48 -62.76
C GLY A 184 12.02 -24.10 -61.38
N ASN A 185 11.56 -22.97 -60.87
CA ASN A 185 11.99 -22.46 -59.57
C ASN A 185 10.83 -22.57 -58.58
N PHE A 186 11.14 -22.25 -57.32
CA PHE A 186 10.15 -22.30 -56.26
C PHE A 186 9.06 -21.25 -56.49
N LYS A 187 7.81 -21.61 -56.19
CA LYS A 187 6.69 -20.72 -56.40
C LYS A 187 5.76 -20.60 -55.20
N ASN A 188 5.98 -21.37 -54.14
CA ASN A 188 5.12 -21.34 -52.97
C ASN A 188 5.96 -21.19 -51.71
N LEU A 189 5.51 -20.33 -50.81
CA LEU A 189 6.15 -20.15 -49.52
C LEU A 189 5.12 -20.43 -48.43
N ARG A 190 5.42 -21.42 -47.60
CA ARG A 190 4.55 -21.82 -46.51
C ARG A 190 5.25 -21.50 -45.20
N GLU A 191 4.65 -20.61 -44.41
CA GLU A 191 5.22 -20.18 -43.14
C GLU A 191 4.42 -20.78 -41.99
N PHE A 192 5.12 -21.39 -41.04
CA PHE A 192 4.47 -22.00 -39.89
C PHE A 192 5.19 -21.61 -38.60
N VAL A 193 4.43 -21.52 -37.52
CA VAL A 193 4.98 -21.36 -36.17
C VAL A 193 4.26 -22.34 -35.27
N PHE A 194 5.02 -23.18 -34.58
CA PHE A 194 4.51 -24.17 -33.65
C PHE A 194 4.93 -23.75 -32.26
N LYS A 195 3.97 -23.60 -31.35
CA LYS A 195 4.27 -23.22 -29.97
C LYS A 195 3.62 -24.21 -29.02
N ASN A 196 4.28 -24.50 -27.91
CA ASN A 196 3.76 -25.43 -26.90
C ASN A 196 3.77 -24.71 -25.55
N ILE A 197 2.59 -24.28 -25.10
CA ILE A 197 2.46 -23.51 -23.86
C ILE A 197 1.06 -23.75 -23.31
N ASP A 198 0.97 -23.87 -21.98
CA ASP A 198 -0.30 -24.01 -21.24
C ASP A 198 -1.11 -25.22 -21.71
N GLY A 199 -0.43 -26.32 -22.02
CA GLY A 199 -1.11 -27.49 -22.53
C GLY A 199 -1.66 -27.34 -23.93
N TYR A 200 -1.20 -26.35 -24.68
CA TYR A 200 -1.66 -26.08 -26.03
C TYR A 200 -0.54 -26.15 -27.05
N PHE A 201 -0.84 -26.77 -28.18
CA PHE A 201 0.08 -26.81 -29.31
C PHE A 201 -0.58 -25.93 -30.37
N LYS A 202 -0.08 -24.71 -30.51
CA LYS A 202 -0.64 -23.74 -31.43
C LYS A 202 0.14 -23.76 -32.74
N ILE A 203 -0.57 -23.92 -33.85
CA ILE A 203 0.02 -23.89 -35.18
C ILE A 203 -0.53 -22.67 -35.92
N TYR A 204 0.34 -21.76 -36.29
CA TYR A 204 -0.04 -20.54 -36.99
C TYR A 204 0.53 -20.62 -38.39
N SER A 205 -0.29 -20.37 -39.40
CA SER A 205 0.13 -20.64 -40.77
C SER A 205 -0.21 -19.50 -41.72
N LYS A 206 0.56 -19.42 -42.80
CA LYS A 206 0.36 -18.45 -43.87
C LYS A 206 0.94 -18.99 -45.17
N HIS A 207 0.32 -18.60 -46.28
CA HIS A 207 0.74 -19.01 -47.61
C HIS A 207 1.00 -17.76 -48.45
N THR A 208 2.04 -17.80 -49.29
CA THR A 208 2.41 -16.64 -50.10
C THR A 208 2.95 -17.13 -51.44
N PRO A 209 2.59 -16.47 -52.55
CA PRO A 209 3.23 -16.78 -53.84
C PRO A 209 4.52 -15.98 -54.02
N ILE A 210 5.62 -16.68 -54.32
CA ILE A 210 6.94 -16.08 -54.44
C ILE A 210 7.53 -16.49 -55.79
N ASN A 211 8.41 -15.64 -56.34
CA ASN A 211 8.95 -15.81 -57.68
C ASN A 211 10.48 -15.69 -57.67
N LEU A 212 11.13 -16.38 -56.74
CA LEU A 212 12.58 -16.48 -56.71
C LEU A 212 13.01 -17.89 -57.09
N VAL A 213 14.34 -18.10 -57.13
CA VAL A 213 14.91 -19.40 -57.46
C VAL A 213 15.48 -20.11 -56.22
N ARG A 214 16.41 -19.47 -55.50
CA ARG A 214 16.95 -20.04 -54.25
C ARG A 214 17.36 -18.86 -53.37
N ASP A 215 16.44 -18.41 -52.52
CA ASP A 215 16.64 -17.25 -51.65
C ASP A 215 15.57 -17.30 -50.56
N LEU A 216 15.63 -16.30 -49.67
CA LEU A 216 14.61 -16.10 -48.65
C LEU A 216 13.79 -14.87 -49.03
N PRO A 217 12.47 -15.01 -49.18
CA PRO A 217 11.63 -13.90 -49.65
C PRO A 217 11.68 -12.70 -48.71
N GLN A 218 11.63 -11.50 -49.30
CA GLN A 218 11.64 -10.28 -48.53
C GLN A 218 10.22 -9.88 -48.13
N GLY A 219 10.07 -8.67 -47.59
CA GLY A 219 8.77 -8.17 -47.21
C GLY A 219 8.31 -8.66 -45.85
N PHE A 220 7.11 -8.20 -45.48
CA PHE A 220 6.50 -8.56 -44.21
C PHE A 220 5.11 -9.14 -44.46
N SER A 221 4.77 -10.20 -43.74
CA SER A 221 3.48 -10.87 -43.89
C SER A 221 2.96 -11.29 -42.52
N ALA A 222 1.67 -11.05 -42.30
CA ALA A 222 1.03 -11.47 -41.06
C ALA A 222 0.85 -12.99 -41.04
N LEU A 223 0.78 -13.55 -39.84
CA LEU A 223 0.70 -15.00 -39.66
C LEU A 223 -0.58 -15.33 -38.90
N GLU A 224 -1.63 -15.67 -39.63
CA GLU A 224 -2.94 -15.90 -39.02
C GLU A 224 -2.98 -17.26 -38.30
N PRO A 225 -3.71 -17.34 -37.18
CA PRO A 225 -3.87 -18.62 -36.47
C PRO A 225 -4.66 -19.64 -37.28
N LEU A 226 -4.04 -20.79 -37.56
CA LEU A 226 -4.75 -21.86 -38.24
C LEU A 226 -5.52 -22.73 -37.24
N VAL A 227 -4.86 -23.20 -36.19
CA VAL A 227 -5.46 -24.16 -35.26
C VAL A 227 -4.73 -24.08 -33.94
N ASP A 228 -5.40 -24.51 -32.86
CA ASP A 228 -4.84 -24.57 -31.51
C ASP A 228 -5.23 -25.93 -30.94
N LEU A 229 -4.36 -26.93 -31.14
CA LEU A 229 -4.65 -28.27 -30.61
C LEU A 229 -4.57 -28.26 -29.09
N PRO A 230 -5.58 -28.77 -28.41
CA PRO A 230 -5.53 -28.92 -26.95
C PRO A 230 -4.97 -30.28 -26.52
N ILE A 231 -3.66 -30.43 -26.67
CA ILE A 231 -3.04 -31.74 -26.45
C ILE A 231 -2.37 -31.79 -25.08
N GLY A 232 -1.37 -30.94 -24.87
CA GLY A 232 -0.67 -30.93 -23.61
C GLY A 232 0.27 -32.09 -23.40
N ILE A 233 1.33 -32.16 -24.21
CA ILE A 233 2.34 -33.20 -24.12
C ILE A 233 3.71 -32.53 -24.07
N ASN A 234 4.70 -33.33 -23.70
CA ASN A 234 6.07 -32.85 -23.59
C ASN A 234 6.80 -33.10 -24.89
N ILE A 235 7.31 -32.03 -25.50
CA ILE A 235 7.99 -32.09 -26.80
C ILE A 235 9.37 -31.47 -26.64
N THR A 236 10.39 -32.21 -27.05
CA THR A 236 11.77 -31.74 -26.98
C THR A 236 12.49 -31.82 -28.32
N ARG A 237 12.22 -32.86 -29.11
CA ARG A 237 12.86 -33.07 -30.40
C ARG A 237 11.81 -33.28 -31.47
N PHE A 238 12.06 -32.79 -32.67
CA PHE A 238 11.09 -32.91 -33.75
C PHE A 238 11.82 -33.14 -35.08
N GLN A 239 11.10 -33.73 -36.02
CA GLN A 239 11.64 -34.07 -37.34
C GLN A 239 10.90 -33.28 -38.42
N THR A 240 11.26 -33.54 -39.67
CA THR A 240 10.59 -32.98 -40.83
C THR A 240 10.31 -34.10 -41.82
N LEU A 241 9.10 -34.14 -42.37
CA LEU A 241 8.66 -35.23 -43.25
C LEU A 241 8.70 -34.78 -44.70
N LEU A 242 9.46 -35.52 -45.52
CA LEU A 242 9.64 -35.23 -46.92
C LEU A 242 9.03 -36.34 -47.78
N ALA A 243 8.51 -35.94 -48.93
CA ALA A 243 8.00 -36.89 -49.92
C ALA A 243 9.01 -36.98 -51.04
N LEU A 244 9.56 -38.17 -51.25
CA LEU A 244 10.54 -38.38 -52.29
C LEU A 244 9.86 -38.88 -53.57
N HIS A 245 10.66 -39.16 -54.59
CA HIS A 245 10.16 -39.63 -55.87
C HIS A 245 10.91 -40.89 -56.29
N ARG A 246 10.21 -41.80 -56.95
CA ARG A 246 10.81 -43.03 -57.44
C ARG A 246 10.33 -43.29 -58.86
N SER A 247 11.16 -43.99 -59.64
CA SER A 247 10.83 -44.29 -61.02
C SER A 247 11.60 -45.53 -61.50
N GLY A 252 17.27 -48.56 -58.32
CA GLY A 252 17.41 -50.00 -58.18
C GLY A 252 16.97 -50.51 -56.82
N ASP A 253 17.90 -50.49 -55.88
CA ASP A 253 17.63 -50.92 -54.51
C ASP A 253 16.67 -49.96 -53.84
N SER A 254 15.81 -50.48 -52.97
CA SER A 254 14.80 -49.64 -52.34
C SER A 254 15.33 -48.97 -51.08
N SER A 255 16.17 -49.68 -50.32
CA SER A 255 16.81 -49.08 -49.17
C SER A 255 17.73 -47.94 -49.58
N SER A 256 18.53 -48.12 -50.64
CA SER A 256 19.52 -47.13 -51.02
C SER A 256 19.14 -46.24 -52.20
N GLY A 257 18.03 -46.50 -52.88
CA GLY A 257 17.73 -45.71 -54.06
C GLY A 257 16.47 -44.89 -53.98
N TRP A 258 16.60 -43.58 -54.13
CA TRP A 258 15.46 -42.67 -54.11
C TRP A 258 15.86 -41.35 -54.77
N THR A 259 14.85 -40.61 -55.22
CA THR A 259 15.05 -39.26 -55.76
C THR A 259 14.42 -38.28 -54.77
N ALA A 260 15.12 -37.18 -54.47
CA ALA A 260 14.65 -36.31 -53.40
C ALA A 260 13.58 -35.33 -53.86
N GLY A 261 13.73 -34.73 -55.05
CA GLY A 261 12.81 -33.69 -55.46
C GLY A 261 13.23 -32.34 -54.93
N ALA A 262 13.14 -31.30 -55.77
CA ALA A 262 13.73 -30.01 -55.42
C ALA A 262 12.81 -29.22 -54.49
N ALA A 263 13.33 -28.86 -53.30
CA ALA A 263 12.67 -28.01 -52.32
C ALA A 263 13.70 -27.55 -51.30
N ALA A 264 13.25 -26.67 -50.40
CA ALA A 264 14.08 -26.18 -49.30
C ALA A 264 13.19 -25.80 -48.13
N TYR A 265 13.76 -25.79 -46.94
CA TYR A 265 13.01 -25.36 -45.76
C TYR A 265 13.94 -24.75 -44.71
N TYR A 266 13.42 -23.75 -43.99
CA TYR A 266 14.17 -22.97 -43.02
C TYR A 266 13.61 -23.21 -41.63
N VAL A 267 14.50 -23.40 -40.65
CA VAL A 267 14.12 -23.68 -39.27
C VAL A 267 14.70 -22.58 -38.39
N GLY A 268 13.85 -21.97 -37.55
CA GLY A 268 14.30 -20.97 -36.62
C GLY A 268 13.64 -21.16 -35.28
N TYR A 269 14.24 -20.57 -34.25
CA TYR A 269 13.78 -20.72 -32.87
C TYR A 269 13.33 -19.37 -32.32
N LEU A 270 12.17 -19.35 -31.68
CA LEU A 270 11.64 -18.14 -31.09
C LEU A 270 12.15 -17.96 -29.67
N GLN A 271 12.26 -16.71 -29.25
CA GLN A 271 12.67 -16.33 -27.91
C GLN A 271 11.72 -15.25 -27.40
N PRO A 272 11.59 -15.10 -26.06
CA PRO A 272 10.68 -14.07 -25.54
C PRO A 272 11.19 -12.66 -25.76
N ARG A 273 10.51 -11.91 -26.63
CA ARG A 273 10.89 -10.54 -26.95
C ARG A 273 9.64 -9.67 -26.98
N THR A 274 9.86 -8.36 -26.90
CA THR A 274 8.80 -7.37 -26.97
C THR A 274 8.79 -6.73 -28.36
N PHE A 275 7.64 -6.78 -29.02
CA PHE A 275 7.49 -6.28 -30.38
C PHE A 275 6.44 -5.19 -30.39
N LEU A 276 6.66 -4.17 -31.22
CA LEU A 276 5.70 -3.11 -31.45
C LEU A 276 5.13 -3.29 -32.85
N LEU A 277 3.81 -3.47 -32.93
CA LEU A 277 3.13 -3.81 -34.16
C LEU A 277 2.24 -2.66 -34.61
N LYS A 278 2.21 -2.40 -35.91
CA LYS A 278 1.41 -1.33 -36.49
C LYS A 278 0.41 -1.96 -37.45
N TYR A 279 -0.89 -1.77 -37.17
CA TYR A 279 -1.94 -2.34 -37.99
C TYR A 279 -2.37 -1.34 -39.06
N ASN A 280 -3.48 -1.63 -39.72
CA ASN A 280 -4.07 -0.75 -40.72
C ASN A 280 -5.56 -0.54 -40.45
N GLU A 281 -6.26 0.07 -41.41
CA GLU A 281 -7.71 0.17 -41.34
C GLU A 281 -8.38 -1.20 -41.35
N ASN A 282 -7.74 -2.20 -41.96
CA ASN A 282 -8.23 -3.57 -41.92
C ASN A 282 -7.72 -4.25 -40.65
N GLY A 283 -7.94 -5.56 -40.55
CA GLY A 283 -7.51 -6.31 -39.39
C GLY A 283 -6.15 -6.95 -39.48
N THR A 284 -5.43 -6.77 -40.58
CA THR A 284 -4.14 -7.40 -40.74
C THR A 284 -3.05 -6.59 -40.04
N ILE A 285 -1.89 -7.24 -39.88
CA ILE A 285 -0.70 -6.60 -39.32
C ILE A 285 0.16 -6.16 -40.47
N THR A 286 0.42 -4.86 -40.58
CA THR A 286 1.19 -4.36 -41.71
C THR A 286 2.69 -4.26 -41.43
N ASP A 287 3.06 -3.89 -40.21
CA ASP A 287 4.48 -3.76 -39.89
C ASP A 287 4.69 -4.08 -38.41
N ALA A 288 5.93 -4.42 -38.08
CA ALA A 288 6.33 -4.71 -36.72
C ALA A 288 7.80 -4.37 -36.55
N VAL A 289 8.21 -4.05 -35.32
CA VAL A 289 9.60 -3.74 -34.99
C VAL A 289 9.96 -4.47 -33.70
N ASP A 290 11.18 -4.99 -33.64
CA ASP A 290 11.69 -5.67 -32.45
C ASP A 290 12.37 -4.63 -31.58
N CYS A 291 11.89 -4.49 -30.34
CA CYS A 291 12.38 -3.43 -29.44
C CYS A 291 13.85 -3.62 -29.09
N ALA A 292 14.27 -4.87 -28.85
CA ALA A 292 15.61 -5.17 -28.40
C ALA A 292 16.57 -5.48 -29.55
N LEU A 293 16.29 -4.98 -30.76
CA LEU A 293 17.17 -5.26 -31.89
C LEU A 293 18.38 -4.34 -31.90
N ASP A 294 18.15 -3.04 -32.05
CA ASP A 294 19.17 -2.01 -32.10
C ASP A 294 18.62 -0.79 -31.39
N PRO A 295 19.48 0.16 -30.98
CA PRO A 295 18.98 1.36 -30.27
C PRO A 295 17.96 2.19 -31.03
N LEU A 296 18.02 2.20 -32.37
CA LEU A 296 17.00 2.90 -33.16
C LEU A 296 15.62 2.28 -32.94
N SER A 297 15.52 0.96 -33.02
CA SER A 297 14.24 0.32 -32.73
C SER A 297 13.86 0.46 -31.26
N GLU A 298 14.86 0.53 -30.37
CA GLU A 298 14.58 0.76 -28.96
C GLU A 298 13.90 2.11 -28.74
N THR A 299 14.42 3.17 -29.39
CA THR A 299 13.79 4.47 -29.25
C THR A 299 12.47 4.55 -30.01
N LYS A 300 12.31 3.78 -31.09
CA LYS A 300 11.01 3.68 -31.75
C LYS A 300 9.97 3.04 -30.83
N CYS A 301 10.35 1.98 -30.12
CA CYS A 301 9.47 1.37 -29.13
C CYS A 301 9.18 2.33 -27.99
N THR A 302 10.20 3.07 -27.53
CA THR A 302 10.03 4.01 -26.43
C THR A 302 9.06 5.13 -26.80
N LEU A 303 9.16 5.65 -28.02
CA LEU A 303 8.28 6.73 -28.44
C LEU A 303 6.91 6.27 -28.91
N LYS A 304 6.69 4.94 -28.99
CA LYS A 304 5.42 4.34 -29.48
C LYS A 304 5.07 4.85 -30.87
N SER A 305 6.10 5.00 -31.71
CA SER A 305 5.92 5.47 -33.08
C SER A 305 7.00 4.88 -33.96
N PHE A 306 6.70 4.77 -35.25
CA PHE A 306 7.65 4.25 -36.23
C PHE A 306 8.52 5.32 -36.85
N THR A 307 8.24 6.59 -36.59
CA THR A 307 9.06 7.69 -37.08
C THR A 307 9.60 8.45 -35.87
N VAL A 308 10.91 8.67 -35.86
CA VAL A 308 11.60 9.32 -34.76
C VAL A 308 12.17 10.65 -35.25
N GLU A 309 11.76 11.73 -34.59
CA GLU A 309 12.30 13.04 -34.91
C GLU A 309 13.72 13.18 -34.39
N LYS A 310 14.46 14.10 -35.01
CA LYS A 310 15.84 14.37 -34.62
C LYS A 310 15.92 14.91 -33.20
N GLY A 311 16.83 14.35 -32.41
CA GLY A 311 16.98 14.76 -31.03
C GLY A 311 17.67 13.67 -30.23
N ILE A 312 17.66 13.86 -28.91
CA ILE A 312 18.26 12.92 -27.98
C ILE A 312 17.16 12.41 -27.06
N TYR A 313 17.08 11.09 -26.91
CA TYR A 313 16.02 10.46 -26.12
C TYR A 313 16.58 9.44 -25.16
N GLN A 314 16.09 9.47 -23.92
CA GLN A 314 16.50 8.51 -22.91
C GLN A 314 15.56 7.30 -22.98
N THR A 315 16.11 6.14 -23.33
CA THR A 315 15.32 4.95 -23.57
C THR A 315 15.48 3.91 -22.47
N SER A 316 16.70 3.51 -22.16
CA SER A 316 16.96 2.43 -21.21
C SER A 316 17.94 2.92 -20.15
N ASN A 317 18.30 2.02 -19.25
CA ASN A 317 19.17 2.34 -18.12
C ASN A 317 20.16 1.20 -17.93
N PHE A 318 21.41 1.43 -18.30
CA PHE A 318 22.42 0.40 -18.15
C PHE A 318 22.82 0.25 -16.69
N ARG A 319 22.97 -0.99 -16.25
CA ARG A 319 23.33 -1.28 -14.86
C ARG A 319 24.14 -2.57 -14.81
N VAL A 320 25.18 -2.59 -13.99
CA VAL A 320 26.06 -3.75 -13.88
C VAL A 320 25.42 -4.78 -12.96
N GLN A 321 25.19 -5.98 -13.47
CA GLN A 321 24.62 -7.06 -12.69
C GLN A 321 25.69 -7.69 -11.78
N PRO A 322 25.39 -7.91 -10.50
CA PRO A 322 26.40 -8.44 -9.57
C PRO A 322 26.85 -9.83 -9.96
N THR A 323 28.17 -10.02 -10.00
CA THR A 323 28.74 -11.30 -10.41
C THR A 323 28.48 -12.43 -9.40
N GLU A 324 28.62 -12.16 -8.09
CA GLU A 324 28.50 -13.19 -7.06
C GLU A 324 28.05 -12.58 -5.73
N SER A 325 27.76 -13.45 -4.77
CA SER A 325 27.40 -13.09 -3.41
C SER A 325 28.49 -13.44 -2.40
N ILE A 326 28.91 -12.48 -1.57
CA ILE A 326 29.99 -12.65 -0.60
C ILE A 326 29.52 -12.41 0.83
N VAL A 327 29.85 -13.34 1.71
CA VAL A 327 29.57 -13.22 3.14
C VAL A 327 30.88 -13.37 3.91
N ARG A 328 31.28 -12.33 4.64
CA ARG A 328 32.44 -12.42 5.52
C ARG A 328 31.95 -12.18 6.93
N PHE A 329 32.23 -13.14 7.81
CA PHE A 329 31.72 -13.08 9.17
C PHE A 329 32.90 -13.06 10.16
N PRO A 330 32.70 -12.85 11.47
CA PRO A 330 33.81 -13.02 12.41
C PRO A 330 34.29 -14.46 12.47
N ASN A 331 35.60 -14.62 12.61
CA ASN A 331 36.19 -15.94 12.58
C ASN A 331 35.99 -16.66 13.90
N ILE A 332 36.26 -17.96 13.86
CA ILE A 332 36.23 -18.76 15.08
C ILE A 332 37.38 -18.28 15.95
N ALA A 333 37.06 -17.81 17.16
CA ALA A 333 38.14 -17.44 18.06
C ALA A 333 37.99 -18.13 19.41
N ASN A 334 36.76 -18.46 19.78
CA ASN A 334 36.49 -19.19 21.01
C ASN A 334 35.97 -20.55 20.58
N LEU A 335 36.63 -21.62 21.01
CA LEU A 335 36.30 -22.97 20.60
C LEU A 335 35.81 -23.79 21.77
N CYS A 336 34.69 -24.47 21.57
CA CYS A 336 34.05 -25.19 22.64
C CYS A 336 34.86 -26.45 22.97
N PRO A 337 35.01 -26.79 24.24
CA PRO A 337 35.83 -27.95 24.61
C PRO A 337 35.08 -29.27 24.45
N PHE A 338 34.56 -29.51 23.24
CA PHE A 338 33.99 -30.82 22.93
C PHE A 338 35.06 -31.89 23.01
N GLY A 339 36.31 -31.52 22.64
CA GLY A 339 37.42 -32.46 22.77
C GLY A 339 37.65 -32.87 24.21
N GLU A 340 37.47 -31.94 25.15
CA GLU A 340 37.56 -32.27 26.57
C GLU A 340 36.52 -33.31 26.98
N VAL A 341 35.26 -33.09 26.60
CA VAL A 341 34.18 -33.99 26.99
C VAL A 341 34.33 -35.36 26.31
N PHE A 342 34.56 -35.35 25.00
CA PHE A 342 34.56 -36.59 24.22
C PHE A 342 35.82 -37.42 24.44
N ASN A 343 36.98 -36.77 24.57
CA ASN A 343 38.24 -37.48 24.65
C ASN A 343 38.75 -37.57 26.08
N ALA A 344 37.86 -37.37 27.06
CA ALA A 344 38.24 -37.38 28.47
C ALA A 344 38.77 -38.75 28.86
N THR A 345 39.71 -38.74 29.81
CA THR A 345 40.32 -39.98 30.29
C THR A 345 39.29 -40.85 30.98
N ARG A 346 38.47 -40.25 31.84
CA ARG A 346 37.53 -40.99 32.67
C ARG A 346 36.13 -40.45 32.46
N PHE A 347 35.19 -41.36 32.22
CA PHE A 347 33.79 -41.01 32.00
C PHE A 347 33.00 -41.47 33.21
N ALA A 348 31.88 -40.80 33.46
CA ALA A 348 31.11 -41.07 34.65
C ALA A 348 30.29 -42.35 34.50
N SER A 349 29.85 -42.88 35.64
CA SER A 349 28.91 -43.99 35.65
C SER A 349 27.51 -43.46 35.34
N VAL A 350 26.63 -44.36 34.91
CA VAL A 350 25.30 -43.95 34.42
C VAL A 350 24.47 -43.28 35.52
N TYR A 351 24.51 -43.82 36.76
CA TYR A 351 23.70 -43.24 37.83
C TYR A 351 24.17 -41.83 38.16
N ALA A 352 25.49 -41.65 38.28
CA ALA A 352 26.09 -40.34 38.46
C ALA A 352 26.40 -39.72 37.09
N TRP A 353 25.35 -39.40 36.35
CA TRP A 353 25.57 -38.77 35.04
C TRP A 353 26.24 -37.41 35.23
N ASN A 354 27.33 -37.20 34.51
CA ASN A 354 28.10 -35.97 34.62
C ASN A 354 27.63 -34.97 33.58
N ARG A 355 27.38 -33.75 34.01
CA ARG A 355 26.97 -32.70 33.10
C ARG A 355 28.03 -31.62 33.05
N LYS A 356 28.28 -31.12 31.85
CA LYS A 356 29.15 -29.99 31.60
C LYS A 356 28.34 -29.01 30.78
N ARG A 357 28.54 -27.72 31.03
CA ARG A 357 27.86 -26.71 30.24
C ARG A 357 28.83 -26.08 29.25
N ILE A 358 28.51 -26.21 27.97
CA ILE A 358 29.25 -25.61 26.88
C ILE A 358 28.66 -24.21 26.67
N SER A 359 29.38 -23.18 27.11
CA SER A 359 28.90 -21.81 27.05
C SER A 359 29.92 -20.85 26.45
N ASN A 360 29.42 -19.90 25.65
CA ASN A 360 30.19 -18.77 25.08
C ASN A 360 31.42 -19.20 24.30
N CYS A 361 31.18 -20.04 23.29
CA CYS A 361 32.23 -20.47 22.38
C CYS A 361 31.57 -20.89 21.08
N VAL A 362 32.24 -20.65 19.96
CA VAL A 362 31.68 -21.22 18.74
C VAL A 362 32.04 -22.70 18.74
N ALA A 363 31.22 -23.48 18.06
CA ALA A 363 31.35 -24.92 18.09
C ALA A 363 31.60 -25.47 16.71
N ASP A 364 32.51 -26.43 16.68
CA ASP A 364 32.87 -27.14 15.48
C ASP A 364 31.84 -28.26 15.38
N TYR A 365 30.61 -27.93 14.91
CA TYR A 365 29.54 -28.92 14.70
C TYR A 365 29.85 -29.95 13.66
N SER A 366 31.00 -29.79 13.08
CA SER A 366 31.54 -30.70 12.15
C SER A 366 32.44 -31.59 13.00
N VAL A 367 32.12 -31.72 14.38
CA VAL A 367 32.77 -32.68 15.31
C VAL A 367 31.85 -33.76 16.14
N LEU A 368 31.07 -34.86 15.47
CA LEU A 368 30.31 -36.18 15.99
C LEU A 368 29.98 -37.62 15.23
N TYR A 369 30.19 -38.02 13.71
CA TYR A 369 30.19 -38.91 12.32
C TYR A 369 31.40 -38.98 11.15
N ASN A 370 32.47 -38.06 10.90
CA ASN A 370 33.61 -37.96 9.90
C ASN A 370 34.76 -38.83 10.29
N SER A 371 34.69 -39.24 11.53
CA SER A 371 35.52 -40.19 12.22
C SER A 371 34.60 -41.39 12.13
N ALA A 372 33.36 -41.20 12.63
CA ALA A 372 32.28 -42.17 12.62
C ALA A 372 32.66 -43.38 13.41
N SER A 373 33.49 -43.11 14.41
CA SER A 373 33.88 -44.12 15.36
C SER A 373 32.64 -44.52 16.11
N PHE A 374 31.80 -43.51 16.35
CA PHE A 374 30.59 -43.56 17.12
C PHE A 374 29.71 -44.51 16.33
N SER A 375 29.04 -45.46 16.99
CA SER A 375 28.08 -46.24 16.21
C SER A 375 26.89 -45.36 15.81
N THR A 376 26.41 -44.56 16.77
CA THR A 376 25.25 -43.69 16.70
C THR A 376 25.55 -42.16 16.68
N PHE A 377 25.13 -41.38 15.61
CA PHE A 377 25.19 -39.88 15.58
C PHE A 377 23.74 -39.48 15.33
N LYS A 378 22.82 -40.37 15.82
CA LYS A 378 21.36 -40.27 15.73
C LYS A 378 20.98 -38.99 16.44
N CYS A 379 20.59 -38.00 15.68
CA CYS A 379 20.19 -36.71 16.22
C CYS A 379 18.67 -36.55 16.16
N TYR A 380 18.09 -35.92 17.18
CA TYR A 380 16.65 -35.80 17.30
C TYR A 380 16.30 -34.32 17.28
N GLY A 381 15.38 -33.95 16.40
CA GLY A 381 14.96 -32.57 16.30
C GLY A 381 15.90 -31.61 15.60
N VAL A 382 17.18 -31.59 16.01
CA VAL A 382 18.11 -30.67 15.37
C VAL A 382 18.65 -31.24 14.07
N SER A 383 18.98 -32.54 14.06
CA SER A 383 19.47 -33.43 12.98
C SER A 383 20.92 -33.09 12.69
N PRO A 384 21.70 -33.93 11.98
CA PRO A 384 23.05 -33.48 11.59
C PRO A 384 22.92 -32.67 10.30
N THR A 385 23.00 -31.36 10.42
CA THR A 385 22.73 -30.44 9.31
C THR A 385 23.28 -29.06 9.66
N LYS A 386 22.99 -28.09 8.81
CA LYS A 386 23.37 -26.70 9.10
C LYS A 386 22.67 -26.18 10.35
N LEU A 387 21.47 -26.68 10.66
CA LEU A 387 20.77 -26.30 11.89
C LEU A 387 21.58 -26.66 13.13
N ASN A 388 22.28 -27.82 13.07
CA ASN A 388 23.24 -28.17 14.11
C ASN A 388 24.27 -27.06 14.21
N ASP A 389 24.92 -26.74 13.11
CA ASP A 389 25.97 -25.72 13.03
C ASP A 389 25.32 -24.33 12.99
N LEU A 390 24.58 -24.03 14.05
CA LEU A 390 23.82 -22.80 14.21
C LEU A 390 23.77 -22.42 15.68
N CYS A 391 23.22 -21.23 15.93
CA CYS A 391 23.15 -20.64 17.26
C CYS A 391 22.41 -21.54 18.25
N PHE A 392 23.02 -21.74 19.43
CA PHE A 392 22.45 -22.52 20.54
C PHE A 392 22.48 -21.72 21.83
N THR A 393 21.33 -21.62 22.52
CA THR A 393 21.24 -20.80 23.74
C THR A 393 22.14 -21.33 24.83
N ASN A 394 22.08 -22.64 25.06
CA ASN A 394 22.83 -23.41 26.04
C ASN A 394 23.12 -24.77 25.43
N VAL A 395 24.30 -25.30 25.70
CA VAL A 395 24.66 -26.65 25.32
C VAL A 395 25.02 -27.46 26.56
N TYR A 396 24.26 -28.53 26.79
CA TYR A 396 24.48 -29.46 27.90
C TYR A 396 25.05 -30.76 27.38
N ALA A 397 26.19 -31.17 27.93
CA ALA A 397 26.86 -32.39 27.54
C ALA A 397 26.73 -33.34 28.72
N ASP A 398 26.29 -34.57 28.45
CA ASP A 398 26.12 -35.56 29.51
C ASP A 398 26.91 -36.78 29.12
N SER A 399 27.76 -37.28 30.02
CA SER A 399 28.49 -38.51 29.72
C SER A 399 28.19 -39.60 30.72
N PHE A 400 28.08 -40.83 30.19
CA PHE A 400 27.82 -42.03 30.98
C PHE A 400 28.10 -43.31 30.18
N VAL A 401 28.84 -44.24 30.78
CA VAL A 401 29.23 -45.49 30.13
C VAL A 401 28.15 -46.54 30.37
N ILE A 402 27.44 -46.93 29.31
CA ILE A 402 26.31 -47.85 29.39
C ILE A 402 26.52 -49.05 28.49
N ARG A 403 25.66 -50.05 28.70
CA ARG A 403 25.65 -51.31 27.97
C ARG A 403 25.32 -51.03 26.51
N GLY A 404 25.87 -51.87 25.61
CA GLY A 404 25.60 -51.70 24.19
C GLY A 404 24.13 -51.92 23.89
N ASP A 405 23.54 -52.92 24.54
CA ASP A 405 22.14 -53.27 24.36
C ASP A 405 21.21 -52.17 24.88
N GLU A 406 21.69 -51.37 25.85
CA GLU A 406 20.86 -50.34 26.49
C GLU A 406 20.96 -48.99 25.78
N VAL A 407 21.78 -48.92 24.72
CA VAL A 407 21.95 -47.67 23.98
C VAL A 407 20.64 -47.27 23.33
N ARG A 408 19.90 -48.27 22.83
CA ARG A 408 18.62 -48.03 22.18
C ARG A 408 17.65 -47.39 23.17
N GLN A 409 17.72 -47.83 24.45
CA GLN A 409 16.80 -47.35 25.48
C GLN A 409 16.88 -45.85 25.66
N ILE A 410 18.08 -45.27 25.59
CA ILE A 410 18.19 -43.83 25.84
C ILE A 410 17.92 -43.06 24.54
N ALA A 411 16.69 -43.15 24.06
CA ALA A 411 16.16 -42.40 22.92
C ALA A 411 14.87 -41.77 23.43
N PRO A 412 14.42 -40.64 22.85
CA PRO A 412 13.13 -40.05 23.29
C PRO A 412 11.96 -41.02 23.16
N GLY A 413 11.08 -40.97 24.16
CA GLY A 413 9.92 -41.84 24.28
C GLY A 413 10.26 -43.32 24.31
N GLN A 414 11.31 -43.71 25.05
CA GLN A 414 11.64 -45.12 25.23
C GLN A 414 11.77 -45.46 26.71
N THR A 415 11.49 -46.72 27.05
CA THR A 415 11.42 -47.21 28.43
C THR A 415 12.34 -48.42 28.62
N GLY A 416 12.89 -48.53 29.83
CA GLY A 416 13.81 -49.60 30.18
C GLY A 416 14.33 -49.35 31.58
N LYS A 417 15.29 -50.19 32.01
CA LYS A 417 15.87 -49.99 33.34
C LYS A 417 16.71 -48.71 33.39
N ILE A 418 17.58 -48.52 32.39
CA ILE A 418 18.47 -47.35 32.35
C ILE A 418 17.62 -46.10 32.22
N ALA A 419 16.58 -46.17 31.38
CA ALA A 419 15.72 -45.03 31.11
C ALA A 419 14.97 -44.59 32.37
N ASP A 420 14.45 -45.52 33.16
CA ASP A 420 13.60 -45.11 34.27
C ASP A 420 14.32 -45.03 35.61
N TYR A 421 15.52 -45.60 35.74
CA TYR A 421 16.21 -45.62 37.02
C TYR A 421 17.56 -44.94 37.05
N ASN A 422 18.17 -44.70 35.90
CA ASN A 422 19.50 -44.10 35.83
C ASN A 422 19.50 -42.74 35.17
N TYR A 423 19.05 -42.64 33.92
CA TYR A 423 18.94 -41.36 33.23
C TYR A 423 17.71 -41.35 32.33
N LYS A 424 16.70 -40.58 32.72
CA LYS A 424 15.55 -40.41 31.85
C LYS A 424 15.96 -39.49 30.71
N LEU A 425 15.20 -39.60 29.65
CA LEU A 425 15.21 -38.86 28.43
C LEU A 425 14.01 -37.95 28.24
N PRO A 426 14.24 -36.71 27.85
CA PRO A 426 13.13 -35.82 27.52
C PRO A 426 12.34 -36.38 26.34
N ASP A 427 11.01 -36.43 26.48
CA ASP A 427 10.22 -36.88 25.34
C ASP A 427 10.27 -35.87 24.21
N ASP A 428 10.48 -34.60 24.54
CA ASP A 428 10.70 -33.51 23.59
C ASP A 428 12.18 -33.25 23.33
N PHE A 429 13.05 -34.27 23.51
CA PHE A 429 14.49 -34.05 23.44
C PHE A 429 14.91 -33.49 22.10
N THR A 430 15.63 -32.40 22.15
CA THR A 430 16.26 -31.80 20.99
C THR A 430 17.76 -31.93 21.21
N GLY A 431 18.37 -32.87 20.53
CA GLY A 431 19.76 -33.15 20.79
C GLY A 431 20.19 -34.43 20.14
N CYS A 432 21.50 -34.70 20.25
CA CYS A 432 22.09 -35.84 19.59
C CYS A 432 22.50 -36.88 20.64
N VAL A 433 21.91 -38.08 20.58
CA VAL A 433 22.35 -39.20 21.41
C VAL A 433 23.46 -39.90 20.62
N ILE A 434 24.68 -39.78 21.10
CA ILE A 434 25.87 -40.32 20.43
C ILE A 434 26.63 -41.31 21.34
N ALA A 435 26.98 -42.48 20.80
CA ALA A 435 27.66 -43.53 21.55
C ALA A 435 28.75 -44.21 20.73
N TRP A 436 29.84 -44.62 21.39
CA TRP A 436 30.93 -45.35 20.73
C TRP A 436 31.58 -46.35 21.67
N ASN A 437 32.20 -47.37 21.05
CA ASN A 437 32.79 -48.47 21.81
C ASN A 437 34.06 -48.04 22.52
N SER A 438 34.10 -48.33 23.82
CA SER A 438 35.28 -48.10 24.64
C SER A 438 35.84 -49.41 25.18
N ASN A 439 35.79 -50.48 24.36
CA ASN A 439 36.17 -51.81 24.83
C ASN A 439 37.62 -51.87 25.28
N ASN A 440 38.53 -51.28 24.51
CA ASN A 440 39.91 -51.21 24.96
C ASN A 440 40.05 -50.32 26.18
N LEU A 441 39.46 -49.13 26.14
CA LEU A 441 39.64 -48.14 27.21
C LEU A 441 38.91 -48.52 28.49
N ASP A 442 37.64 -48.94 28.38
CA ASP A 442 36.82 -49.12 29.58
C ASP A 442 36.57 -50.58 29.97
N SER A 443 37.30 -51.55 29.43
CA SER A 443 37.25 -52.92 29.92
C SER A 443 38.63 -53.30 30.43
N LYS A 444 38.68 -53.90 31.62
CA LYS A 444 39.91 -54.26 32.29
C LYS A 444 39.89 -55.76 32.54
N VAL A 445 41.07 -56.41 32.49
CA VAL A 445 41.17 -57.86 32.63
C VAL A 445 40.64 -58.29 33.99
N GLY A 446 39.81 -59.33 33.99
CA GLY A 446 39.15 -59.77 35.18
C GLY A 446 37.90 -58.98 35.50
N GLY A 447 37.55 -58.03 34.65
CA GLY A 447 36.41 -57.14 34.71
C GLY A 447 36.75 -55.85 35.42
N ASN A 448 36.12 -54.77 34.97
CA ASN A 448 36.20 -53.48 35.64
C ASN A 448 34.83 -53.22 36.25
N TYR A 449 34.77 -53.17 37.56
CA TYR A 449 33.51 -53.08 38.26
C TYR A 449 33.26 -51.70 38.84
N ASN A 450 33.82 -50.68 38.20
CA ASN A 450 33.70 -49.30 38.65
C ASN A 450 32.46 -48.59 38.09
N TYR A 451 31.99 -48.97 36.90
CA TYR A 451 30.80 -48.37 36.32
C TYR A 451 29.60 -49.11 36.86
N LEU A 452 28.64 -48.37 37.41
CA LEU A 452 27.52 -48.93 38.12
C LEU A 452 26.19 -48.48 37.51
N TYR A 453 25.13 -49.24 37.76
CA TYR A 453 23.79 -48.87 37.33
C TYR A 453 22.75 -49.23 38.37
N ARG A 454 21.64 -48.48 38.37
CA ARG A 454 20.56 -48.67 39.35
C ARG A 454 19.53 -49.70 38.87
N LEU A 455 19.66 -50.97 39.30
CA LEU A 455 18.69 -51.98 38.86
C LEU A 455 17.28 -51.66 39.34
N PHE A 456 17.15 -51.24 40.59
CA PHE A 456 15.82 -51.02 41.14
C PHE A 456 15.76 -49.69 41.87
N ARG A 457 14.59 -49.08 41.83
CA ARG A 457 14.33 -47.81 42.49
C ARG A 457 12.83 -47.74 42.73
N LYS A 458 12.42 -46.93 43.73
CA LYS A 458 11.02 -46.85 44.12
C LYS A 458 10.15 -46.35 42.96
N SER A 459 10.64 -45.37 42.20
CA SER A 459 9.87 -44.75 41.15
C SER A 459 10.77 -44.42 39.95
N ASN A 460 10.13 -44.04 38.84
CA ASN A 460 10.83 -43.61 37.64
C ASN A 460 11.48 -42.24 37.87
N LEU A 461 12.20 -41.76 36.86
CA LEU A 461 12.97 -40.53 37.00
C LEU A 461 12.51 -39.44 36.03
N LYS A 462 12.78 -38.20 36.43
CA LYS A 462 12.45 -37.03 35.65
C LYS A 462 13.52 -36.96 34.56
N PRO A 463 13.35 -36.17 33.46
CA PRO A 463 14.35 -36.18 32.37
C PRO A 463 15.79 -35.88 32.77
N PHE A 464 16.04 -34.99 33.73
CA PHE A 464 17.40 -34.74 34.22
C PHE A 464 17.39 -34.92 35.74
N GLU A 465 17.30 -36.17 36.18
CA GLU A 465 17.35 -36.52 37.59
C GLU A 465 18.63 -37.29 37.88
N ARG A 466 19.44 -36.78 38.81
CA ARG A 466 20.67 -37.44 39.22
C ARG A 466 20.51 -37.95 40.65
N ASP A 467 20.11 -39.21 40.79
CA ASP A 467 19.93 -39.81 42.11
C ASP A 467 21.26 -40.45 42.50
N ILE A 468 21.89 -39.90 43.54
CA ILE A 468 23.14 -40.42 44.08
C ILE A 468 22.87 -41.14 45.40
N SER A 469 21.60 -41.32 45.75
CA SER A 469 21.23 -41.95 47.00
C SER A 469 21.66 -43.41 47.02
N THR A 470 22.16 -43.84 48.16
CA THR A 470 22.56 -45.22 48.37
C THR A 470 21.60 -45.90 49.32
N GLU A 471 20.41 -45.30 49.50
CA GLU A 471 19.41 -45.82 50.40
C GLU A 471 18.96 -47.19 49.90
N ILE A 472 19.07 -48.16 50.80
CA ILE A 472 18.85 -49.56 50.49
C ILE A 472 17.43 -49.76 49.93
N TYR A 473 17.34 -50.38 48.76
CA TYR A 473 16.05 -50.62 48.10
C TYR A 473 15.14 -51.56 48.89
N GLN A 474 13.88 -51.15 49.06
CA GLN A 474 12.87 -51.94 49.75
C GLN A 474 12.14 -52.86 48.78
N ALA A 475 11.79 -54.05 49.27
CA ALA A 475 10.99 -54.98 48.48
C ALA A 475 10.05 -55.82 49.32
N GLY A 476 9.97 -55.61 50.63
CA GLY A 476 9.17 -56.44 51.50
C GLY A 476 8.69 -55.67 52.71
N SER A 477 7.81 -56.33 53.47
CA SER A 477 7.22 -55.72 54.67
C SER A 477 8.24 -55.40 55.75
N THR A 478 9.41 -56.04 55.73
CA THR A 478 10.43 -55.77 56.72
C THR A 478 11.31 -54.63 56.25
N PRO A 479 11.59 -53.63 57.10
CA PRO A 479 12.53 -52.59 56.69
C PRO A 479 13.94 -53.13 56.73
N CYS A 480 14.78 -52.60 55.84
CA CYS A 480 16.15 -53.04 55.74
C CYS A 480 16.94 -52.76 57.01
N ASN A 481 16.67 -51.61 57.64
CA ASN A 481 17.34 -51.14 58.87
C ASN A 481 18.83 -50.89 58.62
N GLY A 482 19.17 -50.54 57.38
CA GLY A 482 20.55 -50.36 56.95
C GLY A 482 21.34 -51.65 56.91
N VAL A 483 20.67 -52.79 57.05
CA VAL A 483 21.27 -54.11 56.95
C VAL A 483 20.67 -54.77 55.74
N GLU A 484 21.54 -55.25 54.86
CA GLU A 484 21.12 -55.99 53.70
C GLU A 484 20.37 -57.27 54.11
N GLY A 485 19.25 -57.53 53.46
CA GLY A 485 18.42 -58.64 53.88
C GLY A 485 17.51 -59.19 52.80
N PHE A 486 16.74 -60.22 53.17
CA PHE A 486 15.73 -60.73 52.25
C PHE A 486 14.75 -59.61 51.99
N ASN A 487 14.43 -59.39 50.70
CA ASN A 487 13.54 -58.33 50.23
C ASN A 487 14.16 -56.96 50.44
N CYS A 488 15.47 -56.90 50.66
CA CYS A 488 16.22 -55.65 50.77
C CYS A 488 17.52 -55.75 50.02
N TYR A 489 17.69 -54.94 48.99
CA TYR A 489 18.86 -55.04 48.13
C TYR A 489 19.46 -53.67 47.89
N PHE A 490 20.77 -53.65 47.65
CA PHE A 490 21.42 -52.39 47.31
C PHE A 490 20.83 -51.89 45.99
N PRO A 491 20.53 -50.61 45.86
CA PRO A 491 19.87 -50.15 44.63
C PRO A 491 20.82 -49.95 43.46
N LEU A 492 22.12 -50.14 43.67
CA LEU A 492 23.12 -50.00 42.62
C LEU A 492 23.85 -51.32 42.42
N GLN A 493 24.00 -51.73 41.17
CA GLN A 493 24.77 -52.92 40.82
C GLN A 493 25.84 -52.58 39.80
N SER A 494 26.92 -53.36 39.79
CA SER A 494 28.05 -53.11 38.92
C SER A 494 27.91 -53.90 37.62
N TYR A 495 27.95 -53.18 36.50
CA TYR A 495 27.79 -53.83 35.20
C TYR A 495 28.87 -54.87 34.91
N GLY A 496 30.09 -54.69 35.41
CA GLY A 496 31.08 -55.71 35.14
C GLY A 496 31.57 -55.94 33.72
N PHE A 497 31.97 -54.89 32.97
CA PHE A 497 32.47 -55.05 31.59
C PHE A 497 33.70 -55.97 31.57
N GLN A 498 33.73 -56.93 30.64
CA GLN A 498 34.88 -57.83 30.54
C GLN A 498 35.55 -57.67 29.17
N PRO A 499 36.88 -57.83 29.09
CA PRO A 499 37.58 -57.61 27.81
C PRO A 499 37.15 -58.56 26.70
N THR A 500 37.04 -59.85 26.99
CA THR A 500 36.51 -60.82 26.03
C THR A 500 35.04 -61.04 26.39
N ASN A 501 34.18 -60.33 25.68
CA ASN A 501 32.74 -60.35 25.92
C ASN A 501 32.10 -59.84 24.64
N GLY A 502 30.78 -60.02 24.52
CA GLY A 502 30.10 -59.54 23.33
C GLY A 502 30.08 -58.02 23.36
N VAL A 503 29.97 -57.37 22.19
CA VAL A 503 29.86 -55.89 22.18
C VAL A 503 28.59 -55.44 22.92
N GLY A 504 27.52 -56.24 22.87
CA GLY A 504 26.36 -55.96 23.69
C GLY A 504 26.69 -55.95 25.17
N TYR A 505 27.72 -56.71 25.58
CA TYR A 505 28.21 -56.79 26.95
C TYR A 505 29.54 -56.04 27.10
N GLN A 506 29.89 -55.15 26.12
CA GLN A 506 31.07 -54.25 26.10
C GLN A 506 30.65 -52.79 26.27
N PRO A 507 31.54 -51.95 26.83
CA PRO A 507 31.15 -50.57 27.12
C PRO A 507 30.99 -49.67 25.92
N TYR A 508 29.97 -48.82 25.98
CA TYR A 508 29.79 -47.73 25.03
C TYR A 508 29.76 -46.43 25.82
N ARG A 509 30.72 -45.55 25.54
CA ARG A 509 30.68 -44.21 26.11
C ARG A 509 29.63 -43.41 25.35
N VAL A 510 28.74 -42.75 26.09
CA VAL A 510 27.65 -41.99 25.49
C VAL A 510 27.78 -40.55 25.94
N VAL A 511 27.79 -39.61 24.97
CA VAL A 511 27.92 -38.20 25.33
C VAL A 511 26.65 -37.49 24.86
N VAL A 512 25.57 -37.60 25.64
CA VAL A 512 24.31 -36.95 25.29
C VAL A 512 24.47 -35.43 25.27
N LEU A 513 24.12 -34.83 24.14
CA LEU A 513 24.21 -33.40 23.89
C LEU A 513 22.78 -32.86 23.79
N SER A 514 22.39 -31.98 24.72
CA SER A 514 21.07 -31.35 24.68
C SER A 514 21.20 -29.96 24.05
N PHE A 515 20.44 -29.70 22.98
CA PHE A 515 20.44 -28.37 22.36
C PHE A 515 19.00 -27.86 22.22
N GLU A 516 18.65 -26.79 22.93
CA GLU A 516 17.35 -26.15 22.71
C GLU A 516 17.36 -25.30 21.44
N LEU A 517 16.22 -25.21 20.75
CA LEU A 517 16.14 -24.54 19.45
C LEU A 517 15.60 -23.12 19.45
N LEU A 518 15.31 -22.50 20.61
CA LEU A 518 14.88 -21.10 20.59
C LEU A 518 15.96 -20.17 20.04
N HIS A 519 17.22 -20.36 20.47
CA HIS A 519 18.45 -19.70 20.00
C HIS A 519 18.48 -18.19 20.24
N ALA A 520 17.61 -17.67 21.13
CA ALA A 520 17.69 -16.25 21.47
C ALA A 520 19.00 -15.90 22.20
N PRO A 521 19.48 -16.63 23.23
CA PRO A 521 20.83 -16.34 23.74
C PRO A 521 21.96 -16.59 22.76
N ALA A 522 21.92 -17.67 21.98
CA ALA A 522 22.94 -17.99 20.96
C ALA A 522 24.37 -18.05 21.53
N THR A 523 24.53 -18.66 22.71
CA THR A 523 25.86 -18.67 23.35
C THR A 523 26.85 -19.49 22.51
N VAL A 524 26.37 -20.55 21.85
CA VAL A 524 27.19 -21.40 21.01
C VAL A 524 26.65 -21.36 19.59
N CYS A 525 27.53 -21.14 18.61
CA CYS A 525 27.17 -21.00 17.21
C CYS A 525 28.20 -21.73 16.36
N GLY A 526 27.88 -21.97 15.11
CA GLY A 526 28.82 -22.60 14.22
C GLY A 526 29.80 -21.58 13.65
N PRO A 527 30.74 -22.08 12.83
CA PRO A 527 31.72 -21.18 12.19
C PRO A 527 31.08 -20.13 11.28
N LYS A 528 29.91 -20.45 10.70
CA LYS A 528 29.03 -19.63 9.84
C LYS A 528 29.48 -19.56 8.38
N LYS A 529 30.46 -20.37 7.98
CA LYS A 529 30.94 -20.53 6.60
C LYS A 529 31.32 -19.23 5.91
N SER A 530 32.22 -18.47 6.54
CA SER A 530 32.82 -17.29 5.93
C SER A 530 33.47 -17.64 4.60
N THR A 531 33.25 -16.80 3.58
CA THR A 531 33.85 -16.99 2.27
C THR A 531 35.06 -16.06 2.14
N ASN A 532 35.53 -15.80 0.92
CA ASN A 532 36.64 -14.91 0.69
C ASN A 532 36.14 -13.57 0.17
N LEU A 533 37.06 -12.63 0.02
CA LEU A 533 36.76 -11.31 -0.52
C LEU A 533 37.02 -11.25 -2.03
N VAL A 534 36.07 -10.71 -2.78
CA VAL A 534 36.27 -10.48 -4.21
C VAL A 534 35.88 -9.04 -4.56
N LYS A 535 36.77 -8.12 -4.25
CA LYS A 535 36.57 -6.70 -4.48
C LYS A 535 36.93 -6.38 -5.93
N ASN A 536 36.61 -5.14 -6.34
CA ASN A 536 36.85 -4.49 -7.64
C ASN A 536 35.80 -4.89 -8.67
N LYS A 537 34.75 -5.61 -8.26
CA LYS A 537 33.65 -5.98 -9.13
C LYS A 537 32.36 -5.81 -8.34
N CYS A 538 31.27 -5.51 -9.04
CA CYS A 538 29.96 -5.44 -8.39
C CYS A 538 29.62 -6.83 -7.85
N VAL A 539 29.23 -6.86 -6.58
CA VAL A 539 28.99 -8.11 -5.89
C VAL A 539 27.88 -7.87 -4.87
N ASN A 540 27.19 -8.95 -4.47
CA ASN A 540 26.20 -8.85 -3.41
C ASN A 540 26.94 -9.09 -2.09
N PHE A 541 27.11 -8.04 -1.31
CA PHE A 541 27.89 -8.16 -0.09
C PHE A 541 26.98 -8.36 1.11
N ASN A 542 27.48 -9.11 2.09
CA ASN A 542 26.80 -9.34 3.36
C ASN A 542 27.87 -9.46 4.44
N PHE A 543 28.47 -8.33 4.84
CA PHE A 543 29.42 -8.36 5.94
C PHE A 543 28.69 -8.27 7.27
N ASN A 544 28.70 -9.37 8.03
CA ASN A 544 28.17 -9.46 9.39
C ASN A 544 26.68 -9.04 9.45
N GLY A 545 25.90 -9.54 8.50
CA GLY A 545 24.45 -9.41 8.57
C GLY A 545 23.72 -8.30 7.85
N LEU A 546 24.37 -7.51 7.00
CA LEU A 546 23.64 -6.51 6.21
C LEU A 546 23.77 -6.84 4.72
N THR A 547 22.70 -7.37 4.14
CA THR A 547 22.72 -7.70 2.71
C THR A 547 22.70 -6.41 1.89
N GLY A 548 23.58 -6.33 0.90
CA GLY A 548 23.65 -5.16 0.04
C GLY A 548 24.28 -5.50 -1.28
N THR A 549 24.23 -4.53 -2.20
CA THR A 549 24.83 -4.65 -3.53
C THR A 549 25.76 -3.46 -3.75
N GLY A 550 26.97 -3.76 -4.21
CA GLY A 550 27.93 -2.71 -4.51
C GLY A 550 29.32 -3.28 -4.66
N VAL A 551 30.25 -2.39 -5.02
CA VAL A 551 31.65 -2.76 -5.22
C VAL A 551 32.47 -2.25 -4.04
N LEU A 552 33.35 -3.12 -3.53
CA LEU A 552 34.17 -2.80 -2.39
C LEU A 552 35.54 -2.27 -2.81
N THR A 553 36.11 -1.43 -1.96
CA THR A 553 37.42 -0.85 -2.20
C THR A 553 38.08 -0.60 -0.86
N GLU A 554 39.38 -0.34 -0.89
CA GLU A 554 40.13 -0.04 0.33
C GLU A 554 39.63 1.26 0.93
N SER A 555 39.41 1.27 2.24
CA SER A 555 38.85 2.41 2.96
C SER A 555 39.87 2.96 3.93
N ASN A 556 40.04 4.28 3.91
CA ASN A 556 40.92 4.99 4.82
C ASN A 556 40.27 5.34 6.15
N LYS A 557 38.96 5.15 6.27
CA LYS A 557 38.24 5.46 7.51
C LYS A 557 38.71 4.55 8.64
N LYS A 558 38.80 5.12 9.85
CA LYS A 558 39.22 4.38 11.03
C LYS A 558 38.00 4.16 11.92
N PHE A 559 37.46 2.95 11.87
CA PHE A 559 36.30 2.62 12.68
C PHE A 559 36.73 2.37 14.12
N LEU A 560 35.83 2.71 15.04
CA LEU A 560 36.04 2.38 16.44
C LEU A 560 35.86 0.88 16.63
N PRO A 561 36.51 0.27 17.65
CA PRO A 561 36.48 -1.20 17.80
C PRO A 561 35.09 -1.81 17.96
N PHE A 562 34.13 -1.05 18.46
CA PHE A 562 32.78 -1.55 18.70
C PHE A 562 31.85 -1.27 17.54
N GLN A 563 32.35 -0.72 16.44
CA GLN A 563 31.54 -0.38 15.28
C GLN A 563 31.87 -1.31 14.11
N GLN A 564 30.83 -1.91 13.53
CA GLN A 564 31.04 -2.75 12.35
C GLN A 564 30.84 -1.95 11.06
N PHE A 565 29.63 -1.47 10.83
CA PHE A 565 29.32 -0.78 9.58
C PHE A 565 29.11 0.70 9.83
N GLY A 566 29.37 1.50 8.82
CA GLY A 566 29.29 2.95 8.91
C GLY A 566 28.20 3.50 8.02
N ARG A 567 27.53 4.54 8.48
CA ARG A 567 26.50 5.22 7.71
C ARG A 567 26.85 6.69 7.62
N ASP A 568 26.84 7.22 6.40
CA ASP A 568 27.12 8.62 6.16
C ASP A 568 25.81 9.40 6.21
N ILE A 569 25.84 10.64 5.73
CA ILE A 569 24.65 11.49 5.66
C ILE A 569 23.60 10.78 4.80
N ALA A 570 22.32 11.01 5.14
CA ALA A 570 21.08 10.48 4.53
C ALA A 570 20.84 9.02 4.88
N ASP A 571 21.60 8.46 5.83
CA ASP A 571 21.37 7.13 6.41
C ASP A 571 21.43 6.01 5.37
N THR A 572 22.60 5.86 4.76
CA THR A 572 22.87 4.73 3.89
C THR A 572 24.27 4.23 4.20
N THR A 573 24.50 2.94 3.96
CA THR A 573 25.76 2.31 4.30
C THR A 573 26.87 2.87 3.41
N ASP A 574 27.98 3.24 4.03
CA ASP A 574 29.13 3.77 3.32
C ASP A 574 30.37 2.91 3.49
N ALA A 575 30.71 2.53 4.71
CA ALA A 575 31.86 1.68 4.95
C ALA A 575 31.44 0.60 5.92
N VAL A 576 32.03 -0.58 5.75
CA VAL A 576 31.72 -1.74 6.56
C VAL A 576 33.02 -2.42 6.93
N ARG A 577 33.11 -2.91 8.15
CA ARG A 577 34.28 -3.62 8.62
C ARG A 577 34.03 -5.13 8.59
N ASP A 578 34.80 -5.84 7.78
CA ASP A 578 34.66 -7.29 7.80
C ASP A 578 35.37 -7.83 9.01
N PRO A 579 34.71 -8.64 9.84
CA PRO A 579 35.35 -9.08 11.08
C PRO A 579 36.28 -10.28 10.86
N GLN A 580 36.31 -10.82 9.64
CA GLN A 580 37.20 -11.91 9.29
C GLN A 580 38.65 -11.55 9.55
N THR A 581 39.06 -10.35 9.15
CA THR A 581 40.40 -9.84 9.44
C THR A 581 40.37 -8.41 9.92
N LEU A 582 39.32 -8.05 10.68
CA LEU A 582 39.04 -6.69 11.21
C LEU A 582 39.43 -5.56 10.24
N GLU A 583 39.03 -5.76 8.98
CA GLU A 583 39.36 -4.86 7.89
C GLU A 583 38.14 -4.03 7.50
N ILE A 584 38.35 -2.71 7.36
CA ILE A 584 37.31 -1.78 6.99
C ILE A 584 37.35 -1.56 5.49
N LEU A 585 36.22 -1.77 4.82
CA LEU A 585 36.12 -1.66 3.37
C LEU A 585 35.01 -0.68 3.00
N ASP A 586 35.30 0.17 2.02
CA ASP A 586 34.36 1.18 1.54
C ASP A 586 33.42 0.56 0.50
N ILE A 587 32.12 0.73 0.73
CA ILE A 587 31.10 0.24 -0.19
C ILE A 587 30.69 1.40 -1.10
N THR A 588 30.82 1.19 -2.42
CA THR A 588 30.33 2.14 -3.42
C THR A 588 29.47 1.40 -4.43
N PRO A 589 28.38 2.02 -4.90
CA PRO A 589 27.54 1.37 -5.93
C PRO A 589 28.30 1.15 -7.22
N CYS A 590 28.09 -0.01 -7.85
CA CYS A 590 28.71 -0.25 -9.13
C CYS A 590 28.02 0.61 -10.20
N SER A 591 28.73 0.79 -11.33
CA SER A 591 28.34 1.78 -12.33
C SER A 591 26.96 1.53 -12.92
N PHE A 592 26.17 2.60 -13.03
CA PHE A 592 24.87 2.58 -13.64
C PHE A 592 24.54 3.97 -14.16
N GLY A 593 23.59 4.05 -15.07
CA GLY A 593 23.15 5.33 -15.59
C GLY A 593 22.25 5.16 -16.79
N GLY A 594 21.60 6.26 -17.15
CA GLY A 594 20.69 6.24 -18.26
C GLY A 594 21.40 6.10 -19.59
N VAL A 595 20.63 5.69 -20.61
CA VAL A 595 21.14 5.49 -21.95
C VAL A 595 20.38 6.43 -22.87
N SER A 596 21.09 7.28 -23.59
CA SER A 596 20.49 8.23 -24.50
C SER A 596 20.80 7.87 -25.94
N VAL A 597 19.77 7.92 -26.78
CA VAL A 597 19.87 7.59 -28.20
C VAL A 597 19.86 8.89 -28.98
N ILE A 598 20.96 9.17 -29.68
CA ILE A 598 21.09 10.37 -30.49
C ILE A 598 20.91 9.96 -31.95
N THR A 599 19.88 10.51 -32.59
CA THR A 599 19.60 10.22 -33.99
C THR A 599 19.35 11.51 -34.75
N PRO A 600 19.75 11.57 -36.02
CA PRO A 600 19.41 12.73 -36.85
C PRO A 600 18.02 12.69 -37.45
N GLY A 601 17.15 11.80 -37.01
CA GLY A 601 15.82 11.67 -37.57
C GLY A 601 15.71 10.51 -38.53
N THR A 602 14.62 9.72 -38.41
CA THR A 602 14.39 8.57 -39.28
C THR A 602 14.25 8.99 -40.74
N ASN A 603 13.65 10.18 -40.96
CA ASN A 603 13.51 10.72 -42.31
C ASN A 603 14.87 11.03 -42.94
N THR A 604 15.88 11.29 -42.12
CA THR A 604 17.20 11.65 -42.64
C THR A 604 18.11 10.42 -42.77
N SER A 605 18.35 9.72 -41.66
CA SER A 605 19.25 8.58 -41.68
C SER A 605 18.94 7.66 -40.51
N ASN A 606 19.46 6.43 -40.59
CA ASN A 606 19.25 5.44 -39.55
C ASN A 606 20.44 5.32 -38.61
N GLN A 607 21.45 6.18 -38.77
CA GLN A 607 22.62 6.14 -37.90
C GLN A 607 22.27 6.57 -36.48
N VAL A 608 22.89 5.91 -35.51
CA VAL A 608 22.56 6.06 -34.10
C VAL A 608 23.84 6.24 -33.29
N ALA A 609 23.81 7.19 -32.35
CA ALA A 609 24.85 7.35 -31.36
C ALA A 609 24.25 7.05 -29.99
N VAL A 610 25.02 6.40 -29.14
CA VAL A 610 24.56 5.97 -27.82
C VAL A 610 25.37 6.69 -26.77
N LEU A 611 24.68 7.37 -25.85
CA LEU A 611 25.33 8.10 -24.77
C LEU A 611 24.97 7.44 -23.45
N TYR A 612 25.96 6.92 -22.75
CA TYR A 612 25.79 6.40 -21.41
C TYR A 612 26.07 7.54 -20.43
N GLN A 613 25.08 7.90 -19.63
CA GLN A 613 25.16 9.09 -18.79
C GLN A 613 25.86 8.75 -17.48
N ASP A 614 26.94 9.48 -17.19
CA ASP A 614 27.73 9.37 -15.95
C ASP A 614 28.21 7.94 -15.70
N VAL A 615 28.62 7.27 -16.77
CA VAL A 615 29.11 5.91 -16.72
C VAL A 615 30.51 5.88 -17.28
N ASN A 616 31.46 5.39 -16.50
CA ASN A 616 32.82 5.13 -16.96
C ASN A 616 32.79 3.79 -17.68
N CYS A 617 32.49 3.84 -18.99
CA CYS A 617 32.15 2.65 -19.75
C CYS A 617 33.36 1.92 -20.30
N THR A 618 34.53 2.07 -19.66
CA THR A 618 35.70 1.28 -20.02
C THR A 618 35.49 -0.22 -19.80
N GLU A 619 34.54 -0.60 -18.96
CA GLU A 619 34.19 -2.00 -18.71
C GLU A 619 32.73 -2.19 -19.10
N VAL A 620 32.49 -2.73 -20.30
CA VAL A 620 31.12 -3.00 -20.77
C VAL A 620 31.01 -4.44 -21.27
N ASN A 641 34.74 4.13 -31.60
CA ASN A 641 34.38 5.54 -31.50
C ASN A 641 33.89 5.89 -30.11
N VAL A 642 34.71 5.62 -29.10
CA VAL A 642 34.36 5.89 -27.71
C VAL A 642 34.96 7.24 -27.32
N PHE A 643 34.09 8.16 -26.90
CA PHE A 643 34.49 9.49 -26.49
C PHE A 643 33.96 9.74 -25.08
N GLN A 644 34.86 10.07 -24.16
CA GLN A 644 34.51 10.24 -22.75
C GLN A 644 34.49 11.73 -22.42
N THR A 645 33.37 12.18 -21.83
CA THR A 645 33.20 13.54 -21.35
C THR A 645 32.65 13.50 -19.94
N ARG A 646 32.59 14.66 -19.29
CA ARG A 646 32.03 14.72 -17.94
C ARG A 646 30.53 14.41 -17.89
N ALA A 647 29.84 14.40 -19.03
CA ALA A 647 28.44 14.00 -19.11
C ALA A 647 28.27 12.51 -19.33
N GLY A 648 29.38 11.77 -19.45
CA GLY A 648 29.30 10.34 -19.68
C GLY A 648 30.21 9.84 -20.77
N CYS A 649 29.75 8.90 -21.58
CA CYS A 649 30.57 8.43 -22.67
C CYS A 649 29.69 8.19 -23.88
N LEU A 650 30.17 8.62 -25.04
CA LEU A 650 29.42 8.55 -26.27
C LEU A 650 30.09 7.57 -27.23
N ILE A 651 29.27 6.70 -27.82
CA ILE A 651 29.74 5.67 -28.73
C ILE A 651 28.94 5.78 -30.01
N GLY A 652 29.61 5.70 -31.15
CA GLY A 652 28.97 5.76 -32.43
C GLY A 652 29.11 7.08 -33.16
N ALA A 653 29.71 8.08 -32.52
CA ALA A 653 29.94 9.38 -33.14
C ALA A 653 31.42 9.70 -33.10
N GLU A 654 31.92 10.25 -34.19
CA GLU A 654 33.33 10.59 -34.31
C GLU A 654 33.56 11.98 -33.73
N HIS A 655 34.46 12.07 -32.75
CA HIS A 655 34.78 13.36 -32.16
C HIS A 655 35.61 14.18 -33.14
N VAL A 656 35.25 15.45 -33.29
CA VAL A 656 35.96 16.36 -34.17
C VAL A 656 36.43 17.56 -33.35
N ASN A 657 37.47 18.20 -33.85
CA ASN A 657 38.09 19.33 -33.18
C ASN A 657 37.51 20.68 -33.59
N ASN A 658 36.53 20.70 -34.49
CA ASN A 658 35.93 21.95 -34.91
C ASN A 658 34.82 22.33 -33.93
N SER A 659 34.21 23.49 -34.16
CA SER A 659 33.14 23.99 -33.32
C SER A 659 32.06 24.57 -34.22
N TYR A 660 30.86 24.01 -34.13
CA TYR A 660 29.70 24.42 -34.91
C TYR A 660 28.57 24.80 -33.97
N GLU A 661 27.48 25.29 -34.56
CA GLU A 661 26.27 25.57 -33.80
C GLU A 661 25.67 24.28 -33.28
N CYS A 662 25.16 24.31 -32.05
CA CYS A 662 24.63 23.11 -31.41
C CYS A 662 23.37 22.65 -32.13
N ASP A 663 23.31 21.35 -32.44
CA ASP A 663 22.15 20.76 -33.09
C ASP A 663 21.44 19.80 -32.16
N ILE A 664 22.16 18.82 -31.63
CA ILE A 664 21.63 17.89 -30.65
C ILE A 664 22.41 18.09 -29.35
N PRO A 665 21.83 18.76 -28.36
CA PRO A 665 22.56 19.05 -27.12
C PRO A 665 22.82 17.81 -26.28
N ILE A 666 24.08 17.39 -26.24
CA ILE A 666 24.46 16.25 -25.40
C ILE A 666 24.61 16.69 -23.95
N GLY A 667 25.30 17.80 -23.75
CA GLY A 667 25.47 18.35 -22.41
C GLY A 667 26.90 18.70 -22.14
N ALA A 668 27.11 19.54 -21.10
CA ALA A 668 28.43 19.97 -20.64
C ALA A 668 29.25 20.62 -21.75
N GLY A 669 28.58 21.41 -22.58
CA GLY A 669 29.24 22.08 -23.68
C GLY A 669 29.50 21.21 -24.90
N ILE A 670 29.00 19.98 -24.93
CA ILE A 670 29.22 19.05 -26.03
C ILE A 670 27.91 18.90 -26.80
N CYS A 671 27.97 19.03 -28.11
CA CYS A 671 26.80 18.82 -28.97
C CYS A 671 27.14 17.84 -30.08
N ALA A 672 26.10 17.34 -30.73
CA ALA A 672 26.24 16.39 -31.82
C ALA A 672 25.43 16.84 -33.02
N SER A 673 25.90 16.46 -34.21
CA SER A 673 25.23 16.84 -35.45
C SER A 673 25.54 15.80 -36.52
N TYR A 674 24.76 15.85 -37.60
CA TYR A 674 24.92 14.93 -38.72
C TYR A 674 25.62 15.63 -39.88
N SER A 691 27.77 10.80 -41.56
CA SER A 691 28.01 10.22 -40.24
C SER A 691 27.69 11.22 -39.13
N ILE A 692 27.59 10.73 -37.90
CA ILE A 692 27.28 11.57 -36.74
C ILE A 692 28.60 12.02 -36.12
N ILE A 693 28.73 13.33 -35.91
CA ILE A 693 29.92 13.92 -35.33
C ILE A 693 29.57 14.57 -34.00
N ALA A 694 30.54 14.58 -33.09
CA ALA A 694 30.41 15.19 -31.78
C ALA A 694 31.51 16.22 -31.57
N TYR A 695 31.13 17.40 -31.10
CA TYR A 695 32.07 18.50 -30.96
C TYR A 695 31.71 19.32 -29.72
N THR A 696 32.40 20.42 -29.54
CA THR A 696 32.07 21.41 -28.52
C THR A 696 31.39 22.57 -29.24
N MET A 697 30.17 22.92 -28.81
CA MET A 697 29.40 23.94 -29.51
C MET A 697 30.09 25.30 -29.44
N SER A 698 30.00 26.03 -30.54
CA SER A 698 30.58 27.36 -30.65
C SER A 698 29.56 28.39 -30.21
N LEU A 699 30.00 29.35 -29.40
CA LEU A 699 29.07 30.34 -28.87
C LEU A 699 28.58 31.30 -29.94
N GLY A 700 29.30 31.44 -31.02
CA GLY A 700 28.92 32.33 -32.09
C GLY A 700 30.15 32.82 -32.80
N ALA A 701 29.92 33.76 -33.72
CA ALA A 701 31.03 34.34 -34.47
C ALA A 701 31.92 35.15 -33.55
N GLU A 702 33.22 35.00 -33.71
CA GLU A 702 34.19 35.71 -32.90
C GLU A 702 34.72 36.89 -33.70
N ASN A 703 34.52 38.09 -33.18
CA ASN A 703 34.98 39.30 -33.84
C ASN A 703 35.48 40.28 -32.80
N SER A 704 36.39 41.16 -33.24
CA SER A 704 36.95 42.19 -32.39
C SER A 704 36.53 43.55 -32.95
N VAL A 705 35.95 44.37 -32.10
CA VAL A 705 35.48 45.69 -32.48
C VAL A 705 36.60 46.71 -32.29
N ALA A 706 36.79 47.56 -33.30
CA ALA A 706 37.87 48.55 -33.31
C ALA A 706 37.51 49.73 -32.44
N TYR A 707 37.83 49.63 -31.16
CA TYR A 707 37.53 50.70 -30.21
C TYR A 707 38.66 51.73 -30.20
N SER A 708 38.27 53.00 -30.09
CA SER A 708 39.22 54.10 -29.97
C SER A 708 38.53 55.22 -29.21
N ASN A 709 39.33 56.12 -28.66
CA ASN A 709 38.81 57.24 -27.90
C ASN A 709 38.36 58.41 -28.77
N ASN A 710 38.60 58.37 -30.07
CA ASN A 710 38.17 59.42 -30.98
C ASN A 710 37.62 58.83 -32.26
N SER A 711 36.95 57.69 -32.17
CA SER A 711 36.43 57.04 -33.35
C SER A 711 35.02 56.56 -33.09
N ILE A 712 34.15 56.73 -34.10
CA ILE A 712 32.77 56.27 -34.01
C ILE A 712 32.43 55.57 -35.31
N ALA A 713 31.39 54.75 -35.24
CA ALA A 713 30.83 54.09 -36.41
C ALA A 713 29.38 54.50 -36.50
N ILE A 714 28.99 55.10 -37.64
CA ILE A 714 27.64 55.59 -37.86
C ILE A 714 27.08 54.89 -39.08
N PRO A 715 25.88 54.32 -39.01
CA PRO A 715 25.29 53.69 -40.18
C PRO A 715 24.93 54.72 -41.24
N THR A 716 25.01 54.28 -42.50
CA THR A 716 24.59 55.09 -43.63
C THR A 716 23.37 54.50 -44.32
N ASN A 717 22.85 53.38 -43.82
CA ASN A 717 21.68 52.75 -44.39
C ASN A 717 20.95 52.01 -43.29
N PHE A 718 19.78 51.51 -43.64
CA PHE A 718 18.87 50.88 -42.71
C PHE A 718 18.25 49.65 -43.35
N THR A 719 17.69 48.80 -42.50
CA THR A 719 16.97 47.61 -42.94
C THR A 719 15.67 47.55 -42.17
N ILE A 720 14.58 47.33 -42.89
CA ILE A 720 13.27 47.14 -42.26
C ILE A 720 13.09 45.64 -42.08
N SER A 721 13.16 45.19 -40.84
CA SER A 721 13.14 43.77 -40.52
C SER A 721 11.79 43.42 -39.90
N VAL A 722 11.14 42.40 -40.44
CA VAL A 722 9.89 41.89 -39.89
C VAL A 722 10.19 40.53 -39.29
N THR A 723 9.98 40.40 -37.99
CA THR A 723 10.19 39.15 -37.28
C THR A 723 8.86 38.65 -36.74
N THR A 724 8.79 37.35 -36.50
CA THR A 724 7.59 36.70 -36.02
C THR A 724 7.82 36.16 -34.61
N GLU A 725 6.90 36.46 -33.71
CA GLU A 725 6.94 35.94 -32.35
C GLU A 725 5.65 35.18 -32.10
N ILE A 726 5.77 33.98 -31.55
CA ILE A 726 4.63 33.10 -31.27
C ILE A 726 4.43 33.07 -29.77
N LEU A 727 3.19 33.29 -29.34
CA LEU A 727 2.86 33.29 -27.92
C LEU A 727 1.58 32.50 -27.68
N PRO A 728 1.62 31.40 -26.92
CA PRO A 728 0.39 30.70 -26.57
C PRO A 728 -0.51 31.61 -25.74
N VAL A 729 -1.82 31.51 -25.99
CA VAL A 729 -2.77 32.37 -25.29
C VAL A 729 -3.69 31.49 -24.45
N SER A 730 -3.95 30.28 -24.93
CA SER A 730 -4.88 29.41 -24.23
C SER A 730 -4.65 27.97 -24.67
N MET A 731 -5.26 27.05 -23.93
CA MET A 731 -5.21 25.63 -24.23
C MET A 731 -6.63 25.09 -24.26
N THR A 732 -6.77 23.82 -24.64
CA THR A 732 -8.08 23.18 -24.71
C THR A 732 -8.70 23.03 -23.33
N LYS A 733 -9.99 23.33 -23.25
CA LYS A 733 -10.74 23.23 -22.01
C LYS A 733 -11.32 21.83 -21.90
N THR A 734 -10.79 21.04 -20.97
CA THR A 734 -11.20 19.66 -20.77
C THR A 734 -11.97 19.53 -19.46
N SER A 735 -13.11 18.85 -19.52
CA SER A 735 -13.93 18.58 -18.34
C SER A 735 -13.96 17.07 -18.11
N VAL A 736 -13.74 16.66 -16.86
CA VAL A 736 -13.70 15.25 -16.50
C VAL A 736 -14.78 14.99 -15.46
N ASP A 737 -15.65 14.03 -15.75
CA ASP A 737 -16.65 13.58 -14.81
C ASP A 737 -16.02 12.47 -13.98
N CYS A 738 -15.71 12.76 -12.71
CA CYS A 738 -14.98 11.83 -11.85
C CYS A 738 -15.76 10.55 -11.62
N THR A 739 -17.08 10.65 -11.40
CA THR A 739 -17.90 9.48 -11.19
C THR A 739 -17.91 8.58 -12.42
N MET A 740 -18.03 9.18 -13.61
CA MET A 740 -18.04 8.39 -14.83
C MET A 740 -16.64 7.84 -15.13
N TYR A 741 -15.60 8.63 -14.88
CA TYR A 741 -14.23 8.18 -15.16
C TYR A 741 -13.83 7.02 -14.25
N ILE A 742 -14.02 7.19 -12.94
CA ILE A 742 -13.59 6.17 -11.99
C ILE A 742 -14.48 4.95 -12.06
N CYS A 743 -15.79 5.14 -12.10
CA CYS A 743 -16.72 4.03 -11.96
C CYS A 743 -17.36 3.58 -13.25
N GLY A 744 -17.78 4.49 -14.11
CA GLY A 744 -18.47 4.06 -15.31
C GLY A 744 -19.87 3.53 -15.04
N ASP A 745 -20.77 4.45 -14.66
CA ASP A 745 -22.22 4.25 -14.44
C ASP A 745 -22.58 2.96 -13.69
N SER A 746 -21.86 2.72 -12.59
CA SER A 746 -22.16 1.63 -11.67
C SER A 746 -22.52 2.24 -10.32
N THR A 747 -23.71 1.88 -9.81
CA THR A 747 -24.24 2.49 -8.59
C THR A 747 -23.41 2.15 -7.37
N GLU A 748 -22.96 0.90 -7.25
CA GLU A 748 -22.18 0.47 -6.10
C GLU A 748 -20.81 1.15 -6.02
N CYS A 749 -20.12 1.32 -7.16
CA CYS A 749 -18.86 2.05 -7.15
C CYS A 749 -19.08 3.52 -6.81
N SER A 750 -20.19 4.08 -7.29
CA SER A 750 -20.56 5.45 -6.93
C SER A 750 -20.81 5.57 -5.43
N ASN A 751 -21.46 4.56 -4.83
CA ASN A 751 -21.70 4.55 -3.40
C ASN A 751 -20.39 4.50 -2.62
N LEU A 752 -19.47 3.63 -3.06
CA LEU A 752 -18.17 3.54 -2.39
C LEU A 752 -17.36 4.82 -2.58
N LEU A 753 -17.53 5.49 -3.72
CA LEU A 753 -16.85 6.76 -3.95
C LEU A 753 -17.38 7.86 -3.04
N LEU A 754 -18.71 7.98 -2.95
CA LEU A 754 -19.26 9.02 -2.07
C LEU A 754 -19.03 8.73 -0.60
N GLN A 755 -18.92 7.45 -0.20
CA GLN A 755 -18.52 7.15 1.17
C GLN A 755 -17.04 7.45 1.36
N TYR A 756 -16.25 7.36 0.28
CA TYR A 756 -14.82 7.65 0.38
C TYR A 756 -14.60 9.12 0.71
N GLY A 757 -15.26 10.02 0.00
CA GLY A 757 -15.05 11.43 0.29
C GLY A 757 -15.67 12.32 -0.76
N SER A 758 -15.14 13.54 -0.86
CA SER A 758 -15.63 14.54 -1.79
C SER A 758 -14.49 15.10 -2.64
N PHE A 759 -13.60 14.24 -3.11
CA PHE A 759 -12.53 14.69 -3.99
C PHE A 759 -13.04 15.07 -5.37
N CYS A 760 -14.15 14.45 -5.80
CA CYS A 760 -14.72 14.70 -7.13
C CYS A 760 -15.15 16.16 -7.30
N THR A 761 -15.77 16.74 -6.27
CA THR A 761 -16.18 18.13 -6.32
C THR A 761 -14.97 19.06 -6.46
N GLN A 762 -13.89 18.75 -5.74
CA GLN A 762 -12.65 19.53 -5.83
C GLN A 762 -12.05 19.47 -7.23
N LEU A 763 -12.00 18.27 -7.84
CA LEU A 763 -11.42 18.14 -9.17
C LEU A 763 -12.27 18.85 -10.22
N ASN A 764 -13.60 18.73 -10.11
CA ASN A 764 -14.48 19.44 -11.05
C ASN A 764 -14.34 20.95 -10.90
N ARG A 765 -14.23 21.44 -9.66
CA ARG A 765 -14.05 22.87 -9.43
C ARG A 765 -12.74 23.37 -10.01
N ALA A 766 -11.65 22.59 -9.85
CA ALA A 766 -10.35 22.97 -10.40
C ALA A 766 -10.38 23.02 -11.93
N LEU A 767 -10.99 22.03 -12.57
CA LEU A 767 -11.08 22.02 -14.03
C LEU A 767 -11.94 23.16 -14.54
N THR A 768 -13.05 23.45 -13.85
CA THR A 768 -13.91 24.56 -14.23
C THR A 768 -13.18 25.89 -14.12
N GLY A 769 -12.41 26.06 -13.04
CA GLY A 769 -11.60 27.26 -12.89
C GLY A 769 -10.56 27.41 -13.99
N ILE A 770 -9.95 26.30 -14.39
CA ILE A 770 -8.99 26.32 -15.50
C ILE A 770 -9.66 26.75 -16.79
N ALA A 771 -10.87 26.22 -17.07
CA ALA A 771 -11.60 26.56 -18.29
C ALA A 771 -11.98 28.05 -18.33
N VAL A 772 -12.49 28.57 -17.21
CA VAL A 772 -12.84 29.99 -17.15
C VAL A 772 -11.59 30.85 -17.28
N GLU A 773 -10.47 30.38 -16.72
CA GLU A 773 -9.20 31.09 -16.86
C GLU A 773 -8.74 31.13 -18.31
N GLN A 774 -8.90 30.03 -19.05
CA GLN A 774 -8.54 30.02 -20.47
C GLN A 774 -9.37 31.02 -21.27
N ASP A 775 -10.68 31.04 -20.99
CA ASP A 775 -11.56 32.00 -21.66
C ASP A 775 -11.16 33.44 -21.33
N LYS A 776 -10.84 33.70 -20.06
CA LYS A 776 -10.41 35.03 -19.63
C LYS A 776 -9.09 35.42 -20.28
N ASN A 777 -8.15 34.48 -20.42
CA ASN A 777 -6.87 34.76 -21.08
C ASN A 777 -7.08 35.15 -22.52
N THR A 778 -7.92 34.39 -23.24
CA THR A 778 -8.21 34.71 -24.64
C THR A 778 -8.86 36.07 -24.76
N GLN A 779 -9.83 36.36 -23.89
CA GLN A 779 -10.53 37.65 -23.91
C GLN A 779 -9.58 38.79 -23.60
N GLU A 780 -8.68 38.60 -22.64
CA GLU A 780 -7.78 39.68 -22.25
C GLU A 780 -6.74 39.97 -23.33
N VAL A 781 -6.22 38.92 -23.99
CA VAL A 781 -5.25 39.16 -25.05
C VAL A 781 -5.93 39.76 -26.28
N PHE A 782 -7.09 39.23 -26.67
CA PHE A 782 -7.68 39.63 -27.94
C PHE A 782 -8.74 40.72 -27.81
N ALA A 783 -9.73 40.54 -26.93
CA ALA A 783 -10.83 41.49 -26.79
C ALA A 783 -10.32 42.63 -25.93
N GLN A 784 -9.56 43.51 -26.55
CA GLN A 784 -9.02 44.70 -25.90
C GLN A 784 -9.71 45.96 -26.40
N VAL A 785 -9.81 46.12 -27.71
CA VAL A 785 -10.47 47.26 -28.30
C VAL A 785 -11.98 47.10 -28.18
N LYS A 786 -12.68 48.19 -27.90
CA LYS A 786 -14.12 48.18 -27.71
C LYS A 786 -14.88 48.46 -29.01
N GLN A 787 -14.17 48.73 -30.10
CA GLN A 787 -14.80 49.04 -31.38
C GLN A 787 -14.14 48.21 -32.48
N ILE A 788 -14.93 47.84 -33.47
CA ILE A 788 -14.47 47.05 -34.60
C ILE A 788 -14.20 48.01 -35.75
N TYR A 789 -12.92 48.30 -35.99
CA TYR A 789 -12.55 49.20 -37.07
C TYR A 789 -12.47 48.44 -38.38
N LYS A 790 -12.92 49.09 -39.45
CA LYS A 790 -12.98 48.48 -40.76
C LYS A 790 -12.01 49.21 -41.69
N THR A 791 -11.22 48.43 -42.42
CA THR A 791 -10.28 49.00 -43.38
C THR A 791 -11.05 49.61 -44.54
N PRO A 792 -10.72 50.83 -44.97
CA PRO A 792 -11.41 51.43 -46.11
C PRO A 792 -11.13 50.64 -47.38
N PRO A 793 -12.07 50.63 -48.33
CA PRO A 793 -11.86 49.85 -49.57
C PRO A 793 -10.66 50.30 -50.39
N ILE A 794 -10.35 51.59 -50.38
CA ILE A 794 -9.21 52.12 -51.13
C ILE A 794 -7.96 51.91 -50.27
N LYS A 795 -7.12 50.94 -50.64
CA LYS A 795 -5.92 50.65 -49.87
C LYS A 795 -4.77 51.49 -50.44
N ASP A 796 -4.76 52.76 -50.07
CA ASP A 796 -3.72 53.70 -50.49
C ASP A 796 -2.93 54.07 -49.23
N PHE A 797 -1.89 53.27 -48.95
CA PHE A 797 -1.08 53.45 -47.76
C PHE A 797 0.33 53.94 -48.10
N GLY A 798 0.46 54.66 -49.20
CA GLY A 798 1.75 55.19 -49.63
C GLY A 798 2.75 54.14 -50.05
N GLY A 799 2.30 53.11 -50.77
CA GLY A 799 3.17 52.05 -51.25
C GLY A 799 3.35 50.89 -50.30
N PHE A 800 2.79 50.94 -49.10
CA PHE A 800 2.91 49.87 -48.12
C PHE A 800 1.80 48.85 -48.36
N ASN A 801 2.16 47.71 -48.92
CA ASN A 801 1.19 46.64 -49.15
C ASN A 801 0.83 45.97 -47.84
N PHE A 802 -0.46 45.66 -47.69
CA PHE A 802 -0.96 45.04 -46.47
C PHE A 802 -1.94 43.92 -46.73
N SER A 803 -2.10 43.49 -47.99
CA SER A 803 -3.07 42.46 -48.33
C SER A 803 -2.75 41.11 -47.72
N GLN A 804 -1.48 40.87 -47.36
CA GLN A 804 -1.12 39.60 -46.77
C GLN A 804 -1.61 39.46 -45.34
N ILE A 805 -1.82 40.58 -44.64
CA ILE A 805 -2.33 40.54 -43.27
C ILE A 805 -3.76 41.05 -43.17
N LEU A 806 -4.27 41.76 -44.16
CA LEU A 806 -5.66 42.19 -44.15
C LEU A 806 -6.58 40.99 -44.40
N PRO A 807 -7.83 41.04 -43.92
CA PRO A 807 -8.79 39.95 -44.20
C PRO A 807 -9.07 39.79 -45.69
N ASP A 808 -9.21 38.54 -46.12
CA ASP A 808 -9.43 38.20 -47.52
C ASP A 808 -10.91 38.29 -47.85
N PRO A 809 -11.31 39.08 -48.86
CA PRO A 809 -12.74 39.16 -49.24
C PRO A 809 -13.33 37.85 -49.76
N SER A 810 -12.51 36.89 -50.19
CA SER A 810 -12.97 35.59 -50.71
C SER A 810 -13.60 34.69 -49.65
N LYS A 811 -13.68 35.13 -48.40
CA LYS A 811 -14.26 34.46 -47.23
C LYS A 811 -13.56 33.13 -46.95
N PRO A 812 -12.25 33.13 -46.58
CA PRO A 812 -11.68 31.87 -46.05
C PRO A 812 -11.84 31.83 -44.53
N SER A 813 -13.10 31.75 -44.09
CA SER A 813 -13.51 31.87 -42.68
C SER A 813 -13.06 33.21 -42.07
N LYS A 814 -13.06 34.27 -42.90
CA LYS A 814 -12.71 35.64 -42.50
C LYS A 814 -11.33 35.74 -41.87
N ARG A 815 -10.36 35.09 -42.50
CA ARG A 815 -8.98 35.09 -42.04
C ARG A 815 -8.05 35.57 -43.12
N SER A 816 -6.97 36.24 -42.71
CA SER A 816 -5.94 36.67 -43.64
C SER A 816 -5.17 35.46 -44.15
N PHE A 817 -4.43 35.68 -45.24
CA PHE A 817 -3.71 34.58 -45.88
C PHE A 817 -2.61 34.03 -44.96
N ILE A 818 -1.91 34.93 -44.25
CA ILE A 818 -0.94 34.51 -43.24
C ILE A 818 -1.63 33.71 -42.14
N GLU A 819 -2.82 34.18 -41.71
CA GLU A 819 -3.60 33.44 -40.73
C GLU A 819 -4.01 32.08 -41.26
N ASP A 820 -4.30 31.98 -42.57
CA ASP A 820 -4.62 30.68 -43.17
C ASP A 820 -3.45 29.72 -43.10
N LEU A 821 -2.24 30.20 -43.41
CA LEU A 821 -1.05 29.37 -43.27
C LEU A 821 -0.79 28.96 -41.83
N LEU A 822 -0.99 29.89 -40.89
CA LEU A 822 -0.81 29.58 -39.48
C LEU A 822 -1.78 28.50 -39.03
N PHE A 823 -3.03 28.58 -39.48
CA PHE A 823 -4.02 27.59 -39.11
C PHE A 823 -3.74 26.24 -39.76
N ASN A 824 -3.29 26.24 -41.03
CA ASN A 824 -3.04 24.99 -41.72
C ASN A 824 -1.78 24.31 -41.22
N LYS A 825 -0.80 25.09 -40.72
CA LYS A 825 0.46 24.51 -40.27
C LYS A 825 0.30 23.68 -39.00
N VAL A 826 -0.63 24.05 -38.12
CA VAL A 826 -0.84 23.34 -36.87
C VAL A 826 -1.99 22.36 -37.04
N THR A 827 -1.75 21.08 -36.75
CA THR A 827 -2.75 20.04 -36.85
C THR A 827 -3.24 19.66 -35.45
N LEU A 828 -4.54 19.69 -35.26
CA LEU A 828 -5.14 19.38 -33.97
C LEU A 828 -5.36 17.88 -33.81
N PHE A 855 -15.14 9.55 -24.12
CA PHE A 855 -16.01 8.38 -24.15
C PHE A 855 -16.12 7.77 -22.76
N ASN A 856 -15.23 8.20 -21.87
CA ASN A 856 -15.21 7.70 -20.49
C ASN A 856 -15.37 8.86 -19.52
N GLY A 857 -16.32 9.76 -19.79
CA GLY A 857 -16.51 10.93 -18.98
C GLY A 857 -15.60 12.09 -19.31
N LEU A 858 -14.87 12.01 -20.40
CA LEU A 858 -13.94 13.07 -20.82
C LEU A 858 -14.59 13.88 -21.92
N THR A 859 -14.79 15.18 -21.67
CA THR A 859 -15.39 16.06 -22.65
C THR A 859 -14.48 17.25 -22.89
N VAL A 860 -14.58 17.84 -24.07
CA VAL A 860 -13.83 19.03 -24.46
C VAL A 860 -14.82 20.18 -24.61
N LEU A 861 -14.71 21.17 -23.74
CA LEU A 861 -15.58 22.34 -23.78
C LEU A 861 -15.13 23.29 -24.87
N PRO A 862 -16.03 23.68 -25.78
CA PRO A 862 -15.63 24.60 -26.85
C PRO A 862 -15.27 25.96 -26.30
N PRO A 863 -14.34 26.69 -26.94
CA PRO A 863 -14.01 28.04 -26.50
C PRO A 863 -15.17 29.00 -26.68
N LEU A 864 -15.23 29.99 -25.78
CA LEU A 864 -16.26 31.02 -25.87
C LEU A 864 -16.15 31.84 -27.13
N LEU A 865 -14.94 32.21 -27.50
CA LEU A 865 -14.70 33.02 -28.69
C LEU A 865 -14.32 32.10 -29.85
N THR A 866 -15.09 32.16 -30.92
CA THR A 866 -14.81 31.32 -32.07
C THR A 866 -13.59 31.87 -32.82
N ASP A 867 -13.09 31.06 -33.76
CA ASP A 867 -11.94 31.44 -34.56
C ASP A 867 -12.24 32.67 -35.40
N GLU A 868 -13.46 32.75 -35.94
CA GLU A 868 -13.89 33.90 -36.72
C GLU A 868 -13.90 35.18 -35.90
N MET A 869 -14.37 35.11 -34.65
CA MET A 869 -14.44 36.29 -33.80
C MET A 869 -13.04 36.78 -33.39
N ILE A 870 -12.13 35.85 -33.11
CA ILE A 870 -10.75 36.21 -32.81
C ILE A 870 -10.10 36.85 -34.03
N ALA A 871 -10.37 36.30 -35.22
CA ALA A 871 -9.86 36.87 -36.47
C ALA A 871 -10.40 38.27 -36.68
N GLN A 872 -11.67 38.50 -36.33
CA GLN A 872 -12.28 39.82 -36.46
C GLN A 872 -11.66 40.81 -35.49
N TYR A 873 -11.35 40.37 -34.26
CA TYR A 873 -10.58 41.20 -33.32
C TYR A 873 -9.22 41.58 -33.88
N THR A 874 -8.50 40.60 -34.43
CA THR A 874 -7.17 40.87 -34.99
C THR A 874 -7.25 41.84 -36.15
N SER A 875 -8.25 41.66 -37.02
CA SER A 875 -8.42 42.56 -38.16
C SER A 875 -8.76 43.97 -37.70
N ALA A 876 -9.61 44.10 -36.67
CA ALA A 876 -9.95 45.43 -36.15
C ALA A 876 -8.72 46.10 -35.54
N LEU A 877 -7.92 45.35 -34.78
CA LEU A 877 -6.71 45.90 -34.18
C LEU A 877 -5.72 46.35 -35.25
N LEU A 878 -5.54 45.52 -36.29
CA LEU A 878 -4.63 45.84 -37.38
C LEU A 878 -5.12 47.03 -38.19
N ALA A 879 -6.43 47.10 -38.45
CA ALA A 879 -7.02 48.22 -39.19
C ALA A 879 -6.89 49.52 -38.41
N GLY A 880 -7.14 49.47 -37.09
CA GLY A 880 -6.97 50.66 -36.27
C GLY A 880 -5.52 51.11 -36.22
N THR A 881 -4.59 50.15 -36.21
CA THR A 881 -3.16 50.47 -36.21
C THR A 881 -2.76 51.17 -37.51
N ILE A 882 -3.22 50.65 -38.65
CA ILE A 882 -2.85 51.24 -39.94
C ILE A 882 -3.51 52.61 -40.13
N THR A 883 -4.81 52.70 -39.86
CA THR A 883 -5.53 53.93 -40.18
C THR A 883 -5.37 55.02 -39.12
N SER A 884 -4.93 54.68 -37.92
CA SER A 884 -4.87 55.66 -36.84
C SER A 884 -3.58 55.65 -36.02
N GLY A 885 -2.69 54.68 -36.20
CA GLY A 885 -1.50 54.61 -35.36
C GLY A 885 -1.82 54.14 -33.96
N TRP A 886 -1.26 54.81 -32.96
CA TRP A 886 -1.51 54.50 -31.57
C TRP A 886 -2.63 55.32 -30.95
N THR A 887 -3.29 56.18 -31.72
CA THR A 887 -4.34 57.04 -31.18
C THR A 887 -5.54 56.22 -30.71
N PHE A 888 -5.90 55.17 -31.44
CA PHE A 888 -7.06 54.38 -31.07
C PHE A 888 -6.85 53.58 -29.78
N GLY A 889 -5.60 53.34 -29.39
CA GLY A 889 -5.36 52.67 -28.13
C GLY A 889 -5.41 53.54 -26.90
N ALA A 890 -5.58 54.86 -27.08
CA ALA A 890 -5.65 55.79 -25.98
C ALA A 890 -6.91 56.66 -26.02
N GLY A 891 -7.90 56.24 -26.77
CA GLY A 891 -9.11 57.03 -26.89
C GLY A 891 -9.72 56.83 -28.27
N ALA A 892 -10.39 57.89 -28.74
CA ALA A 892 -11.01 57.85 -30.06
C ALA A 892 -9.94 57.77 -31.14
N ALA A 893 -10.20 56.97 -32.17
CA ALA A 893 -9.25 56.83 -33.25
C ALA A 893 -9.18 58.11 -34.08
N LEU A 894 -7.97 58.52 -34.41
CA LEU A 894 -7.73 59.70 -35.22
C LEU A 894 -7.02 59.29 -36.49
N GLN A 895 -7.59 59.64 -37.64
CA GLN A 895 -7.01 59.21 -38.91
C GLN A 895 -5.67 59.90 -39.16
N ILE A 896 -4.78 59.19 -39.84
CA ILE A 896 -3.45 59.67 -40.16
C ILE A 896 -3.04 58.92 -41.42
N PRO A 897 -2.43 59.60 -42.41
CA PRO A 897 -2.14 58.97 -43.72
C PRO A 897 -1.18 57.78 -43.79
N PHE A 898 -0.67 57.33 -42.64
CA PHE A 898 0.20 56.17 -42.40
C PHE A 898 1.62 56.42 -42.92
N PRO A 899 1.81 57.52 -43.64
CA PRO A 899 3.15 57.95 -43.98
C PRO A 899 3.68 58.82 -42.85
N MET A 900 2.91 59.83 -42.43
CA MET A 900 3.29 60.56 -41.23
C MET A 900 3.27 59.70 -39.97
N GLN A 901 2.50 58.61 -39.94
CA GLN A 901 2.60 57.67 -38.82
C GLN A 901 3.97 57.03 -38.77
N MET A 902 4.50 56.61 -39.93
CA MET A 902 5.86 56.10 -40.01
C MET A 902 6.89 57.17 -39.64
N ALA A 903 6.64 58.42 -40.05
CA ALA A 903 7.52 59.51 -39.68
C ALA A 903 7.57 59.72 -38.17
N TYR A 904 6.41 59.62 -37.52
CA TYR A 904 6.33 59.74 -36.07
C TYR A 904 7.06 58.58 -35.39
N ARG A 905 6.91 57.37 -35.93
CA ARG A 905 7.59 56.21 -35.38
C ARG A 905 9.11 56.33 -35.55
N PHE A 906 9.55 56.86 -36.68
CA PHE A 906 10.99 57.13 -36.85
C PHE A 906 11.47 58.15 -35.84
N ASN A 907 10.66 59.18 -35.59
CA ASN A 907 10.99 60.17 -34.55
C ASN A 907 11.10 59.51 -33.18
N GLY A 908 10.24 58.52 -32.90
CA GLY A 908 10.32 57.82 -31.63
C GLY A 908 11.62 57.07 -31.41
N ILE A 909 12.13 56.41 -32.46
CA ILE A 909 13.39 55.69 -32.33
C ILE A 909 14.61 56.59 -32.51
N GLY A 910 14.41 57.88 -32.72
CA GLY A 910 15.52 58.81 -32.81
C GLY A 910 16.00 59.17 -34.19
N VAL A 911 15.18 58.99 -35.23
CA VAL A 911 15.53 59.31 -36.60
C VAL A 911 14.57 60.38 -37.10
N THR A 912 15.11 61.42 -37.73
CA THR A 912 14.25 62.50 -38.20
C THR A 912 13.33 62.04 -39.33
N GLN A 913 12.22 62.75 -39.51
CA GLN A 913 11.21 62.40 -40.50
C GLN A 913 11.71 62.51 -41.92
N ASN A 914 12.78 63.27 -42.14
CA ASN A 914 13.29 63.46 -43.49
C ASN A 914 13.81 62.16 -44.09
N VAL A 915 14.32 61.25 -43.26
CA VAL A 915 14.80 59.95 -43.73
C VAL A 915 13.66 59.18 -44.37
N LEU A 916 12.50 59.15 -43.71
CA LEU A 916 11.31 58.57 -44.31
C LEU A 916 10.89 59.29 -45.58
N TYR A 917 10.80 60.62 -45.52
CA TYR A 917 10.30 61.37 -46.68
C TYR A 917 11.27 61.39 -47.86
N GLU A 918 12.52 60.94 -47.67
CA GLU A 918 13.46 60.75 -48.75
C GLU A 918 13.44 59.32 -49.28
N ASN A 919 13.26 58.34 -48.40
CA ASN A 919 13.37 56.94 -48.81
C ASN A 919 12.06 56.20 -48.56
N GLN A 920 10.93 56.86 -48.78
CA GLN A 920 9.62 56.22 -48.62
C GLN A 920 9.42 55.03 -49.53
N LYS A 921 9.82 55.15 -50.81
CA LYS A 921 9.68 54.05 -51.75
C LYS A 921 10.56 52.87 -51.33
N LEU A 922 11.80 53.16 -50.93
CA LEU A 922 12.70 52.10 -50.48
C LEU A 922 12.20 51.43 -49.21
N ILE A 923 11.65 52.21 -48.26
CA ILE A 923 11.10 51.65 -47.02
C ILE A 923 9.90 50.77 -47.31
N ALA A 924 9.02 51.22 -48.21
CA ALA A 924 7.86 50.42 -48.59
C ALA A 924 8.29 49.12 -49.28
N ASN A 925 9.28 49.20 -50.17
CA ASN A 925 9.80 48.01 -50.83
C ASN A 925 10.44 47.04 -49.84
N GLN A 926 11.22 47.55 -48.89
CA GLN A 926 11.84 46.69 -47.88
C GLN A 926 10.79 46.03 -47.01
N PHE A 927 9.74 46.78 -46.63
CA PHE A 927 8.66 46.21 -45.85
C PHE A 927 7.93 45.13 -46.62
N ASN A 928 7.64 45.36 -47.91
CA ASN A 928 6.98 44.35 -48.74
C ASN A 928 7.85 43.12 -48.91
N SER A 929 9.16 43.32 -49.10
CA SER A 929 10.09 42.20 -49.22
C SER A 929 10.15 41.40 -47.93
N ALA A 930 10.13 42.08 -46.78
CA ALA A 930 10.13 41.40 -45.50
C ALA A 930 8.86 40.58 -45.30
N ILE A 931 7.70 41.13 -45.70
CA ILE A 931 6.45 40.38 -45.66
C ILE A 931 6.53 39.14 -46.55
N GLY A 932 7.13 39.29 -47.74
CA GLY A 932 7.29 38.15 -48.64
C GLY A 932 8.22 37.09 -48.09
N LYS A 933 9.27 37.51 -47.38
CA LYS A 933 10.15 36.55 -46.72
C LYS A 933 9.40 35.78 -45.64
N ILE A 934 8.53 36.47 -44.89
CA ILE A 934 7.67 35.78 -43.92
C ILE A 934 6.74 34.79 -44.62
N GLN A 935 6.22 35.18 -45.81
CA GLN A 935 5.40 34.30 -46.63
C GLN A 935 6.13 33.00 -46.96
N ASP A 936 7.35 33.13 -47.48
CA ASP A 936 8.14 31.96 -47.87
C ASP A 936 8.50 31.11 -46.66
N SER A 937 8.86 31.75 -45.54
CA SER A 937 9.20 30.99 -44.33
C SER A 937 8.01 30.20 -43.81
N LEU A 938 6.81 30.79 -43.82
CA LEU A 938 5.63 30.08 -43.36
C LEU A 938 5.19 29.00 -44.34
N SER A 939 5.38 29.23 -45.65
CA SER A 939 4.93 28.26 -46.64
C SER A 939 5.80 27.01 -46.67
N SER A 940 7.13 27.18 -46.63
CA SER A 940 8.05 26.09 -46.82
C SER A 940 8.59 25.52 -45.51
N THR A 941 9.19 26.38 -44.70
CA THR A 941 9.81 25.92 -43.45
C THR A 941 8.74 25.51 -42.45
N PRO A 942 8.80 24.25 -42.01
CA PRO A 942 7.84 23.74 -41.05
C PRO A 942 8.40 23.95 -39.65
N SER A 943 7.61 23.55 -38.65
CA SER A 943 7.94 23.63 -37.22
C SER A 943 8.23 25.07 -36.78
N PRO A 944 7.61 26.04 -37.45
CA PRO A 944 7.74 27.44 -37.07
C PRO A 944 6.80 27.83 -35.94
N LEU A 945 5.87 26.95 -35.58
CA LEU A 945 4.93 27.22 -34.49
C LEU A 945 5.13 26.16 -33.41
N GLY A 946 6.39 25.94 -33.05
CA GLY A 946 6.74 24.86 -32.14
C GLY A 946 6.13 24.99 -30.76
N LYS A 947 5.90 26.23 -30.30
CA LYS A 947 5.36 26.43 -28.96
C LYS A 947 3.91 25.97 -28.86
N LEU A 948 3.07 26.37 -29.82
CA LEU A 948 1.67 25.96 -29.84
C LEU A 948 1.53 24.46 -30.02
N GLN A 949 2.33 23.91 -30.94
CA GLN A 949 2.33 22.47 -31.18
C GLN A 949 2.78 21.72 -29.95
N ASP A 950 3.78 22.26 -29.24
CA ASP A 950 4.25 21.62 -28.01
C ASP A 950 3.18 21.63 -26.93
N VAL A 951 2.44 22.74 -26.82
CA VAL A 951 1.36 22.84 -25.83
C VAL A 951 0.27 21.82 -26.14
N VAL A 952 -0.11 21.73 -27.42
CA VAL A 952 -1.14 20.76 -27.86
C VAL A 952 -0.66 19.33 -27.60
N ASN A 953 0.61 19.05 -27.91
CA ASN A 953 1.17 17.72 -27.71
C ASN A 953 1.22 17.34 -26.24
N GLN A 954 1.58 18.28 -25.36
CA GLN A 954 1.59 18.00 -23.93
C GLN A 954 0.19 17.72 -23.40
N ASN A 955 -0.79 18.52 -23.83
CA ASN A 955 -2.17 18.29 -23.42
C ASN A 955 -2.68 16.93 -23.90
N ALA A 956 -2.40 16.60 -25.17
CA ALA A 956 -2.82 15.32 -25.73
C ALA A 956 -2.14 14.16 -25.04
N GLN A 957 -0.84 14.30 -24.73
CA GLN A 957 -0.11 13.25 -24.03
C GLN A 957 -0.67 13.03 -22.63
N ALA A 958 -0.99 14.13 -21.92
CA ALA A 958 -1.57 14.01 -20.59
C ALA A 958 -2.93 13.32 -20.64
N LEU A 959 -3.77 13.71 -21.61
CA LEU A 959 -5.08 13.08 -21.76
C LEU A 959 -4.96 11.60 -22.11
N ASN A 960 -4.05 11.26 -23.03
CA ASN A 960 -3.84 9.88 -23.43
C ASN A 960 -3.28 9.06 -22.27
N THR A 961 -2.42 9.67 -21.46
CA THR A 961 -1.88 9.01 -20.28
C THR A 961 -2.97 8.70 -19.28
N LEU A 962 -3.90 9.64 -19.07
CA LEU A 962 -5.04 9.40 -18.19
C LEU A 962 -5.92 8.27 -18.72
N VAL A 963 -6.14 8.26 -20.03
CA VAL A 963 -6.95 7.23 -20.68
C VAL A 963 -6.29 5.85 -20.51
N LYS A 964 -4.96 5.80 -20.69
CA LYS A 964 -4.24 4.54 -20.50
C LYS A 964 -4.30 4.07 -19.05
N GLN A 965 -4.16 5.01 -18.09
CA GLN A 965 -4.23 4.64 -16.68
C GLN A 965 -5.62 4.19 -16.26
N LEU A 966 -6.65 4.54 -17.02
CA LEU A 966 -7.99 4.01 -16.78
C LEU A 966 -8.03 2.48 -16.84
N SER A 967 -7.11 1.85 -17.57
CA SER A 967 -7.11 0.40 -17.78
C SER A 967 -5.92 -0.27 -17.10
N SER A 968 -5.60 0.15 -15.88
CA SER A 968 -4.55 -0.44 -15.08
C SER A 968 -5.17 -1.32 -14.01
N ASN A 969 -4.51 -2.44 -13.71
CA ASN A 969 -5.03 -3.38 -12.72
C ASN A 969 -5.05 -2.77 -11.32
N PHE A 970 -4.01 -2.01 -10.96
CA PHE A 970 -3.83 -1.41 -9.62
C PHE A 970 -3.87 -2.47 -8.53
N GLY A 971 -3.33 -3.65 -8.82
CA GLY A 971 -3.32 -4.75 -7.87
C GLY A 971 -4.59 -5.57 -7.83
N ALA A 972 -5.60 -5.20 -8.61
CA ALA A 972 -6.85 -5.96 -8.61
C ALA A 972 -6.76 -7.16 -9.54
N ILE A 973 -7.78 -8.02 -9.47
CA ILE A 973 -7.81 -9.21 -10.32
C ILE A 973 -8.09 -8.87 -11.78
N SER A 974 -8.67 -7.70 -12.05
CA SER A 974 -8.95 -7.29 -13.41
C SER A 974 -9.10 -5.77 -13.45
N SER A 975 -8.84 -5.19 -14.61
CA SER A 975 -8.98 -3.76 -14.81
C SER A 975 -10.37 -3.38 -15.29
N VAL A 976 -11.24 -4.34 -15.53
CA VAL A 976 -12.60 -4.08 -15.98
C VAL A 976 -13.51 -4.21 -14.77
N LEU A 977 -14.21 -3.12 -14.44
CA LEU A 977 -15.07 -3.12 -13.27
C LEU A 977 -16.26 -4.05 -13.43
N ASN A 978 -16.85 -4.07 -14.64
CA ASN A 978 -18.02 -4.89 -14.92
C ASN A 978 -17.73 -6.37 -14.77
N ASP A 979 -16.54 -6.78 -15.20
CA ASP A 979 -16.14 -8.18 -15.05
C ASP A 979 -16.05 -8.56 -13.57
N ILE A 980 -15.48 -7.67 -12.75
CA ILE A 980 -15.36 -7.91 -11.30
C ILE A 980 -16.74 -8.04 -10.66
N LEU A 981 -17.66 -7.17 -11.04
CA LEU A 981 -19.02 -7.22 -10.48
C LEU A 981 -19.75 -8.48 -10.93
N SER A 982 -19.52 -8.91 -12.16
CA SER A 982 -20.16 -10.11 -12.67
C SER A 982 -19.42 -11.39 -12.35
N ARG A 983 -18.38 -11.36 -11.49
CA ARG A 983 -17.75 -12.62 -11.11
C ARG A 983 -17.21 -12.60 -9.68
N LEU A 984 -17.84 -11.88 -8.76
CA LEU A 984 -17.28 -11.93 -7.42
C LEU A 984 -18.34 -11.66 -6.38
N ASP A 985 -18.09 -12.20 -5.20
CA ASP A 985 -18.93 -11.98 -4.04
C ASP A 985 -18.79 -10.53 -3.59
N PRO A 986 -19.91 -9.84 -3.30
CA PRO A 986 -19.92 -8.40 -2.88
C PRO A 986 -18.81 -7.95 -1.94
N PRO A 987 -18.38 -8.75 -0.88
CA PRO A 987 -17.26 -8.26 -0.05
C PRO A 987 -15.92 -8.16 -0.81
N GLU A 988 -15.52 -9.25 -1.46
CA GLU A 988 -14.30 -9.19 -2.26
C GLU A 988 -14.46 -8.27 -3.46
N ALA A 989 -15.66 -8.22 -4.05
CA ALA A 989 -15.92 -7.29 -5.15
C ALA A 989 -15.69 -5.85 -4.70
N GLU A 990 -16.17 -5.49 -3.51
CA GLU A 990 -16.03 -4.11 -3.06
C GLU A 990 -14.61 -3.79 -2.60
N VAL A 991 -13.83 -4.77 -2.10
CA VAL A 991 -12.43 -4.44 -1.79
C VAL A 991 -11.63 -4.25 -3.08
N GLN A 992 -11.89 -5.06 -4.13
CA GLN A 992 -11.26 -4.81 -5.43
C GLN A 992 -11.68 -3.47 -6.01
N ILE A 993 -12.96 -3.09 -5.81
CA ILE A 993 -13.46 -1.78 -6.23
C ILE A 993 -12.71 -0.67 -5.52
N ASP A 994 -12.43 -0.87 -4.22
CA ASP A 994 -11.69 0.12 -3.43
C ASP A 994 -10.28 0.30 -3.99
N ARG A 995 -9.62 -0.82 -4.35
CA ARG A 995 -8.29 -0.74 -4.95
C ARG A 995 -8.32 0.05 -6.27
N LEU A 996 -9.28 -0.27 -7.14
CA LEU A 996 -9.42 0.41 -8.43
C LEU A 996 -9.73 1.89 -8.25
N ILE A 997 -10.61 2.22 -7.29
CA ILE A 997 -10.99 3.61 -7.01
C ILE A 997 -9.78 4.39 -6.53
N THR A 998 -8.98 3.80 -5.63
CA THR A 998 -7.76 4.45 -5.14
C THR A 998 -6.80 4.76 -6.27
N GLY A 999 -6.56 3.76 -7.14
CA GLY A 999 -5.63 3.96 -8.25
C GLY A 999 -6.10 5.02 -9.23
N ARG A 1000 -7.38 4.95 -9.64
CA ARG A 1000 -7.89 5.90 -10.63
C ARG A 1000 -7.99 7.30 -10.05
N LEU A 1001 -8.32 7.41 -8.76
CA LEU A 1001 -8.36 8.70 -8.09
C LEU A 1001 -6.97 9.30 -7.99
N GLN A 1002 -5.95 8.49 -7.70
CA GLN A 1002 -4.57 8.97 -7.68
C GLN A 1002 -4.15 9.48 -9.05
N SER A 1003 -4.48 8.73 -10.11
CA SER A 1003 -4.15 9.17 -11.46
C SER A 1003 -4.85 10.48 -11.81
N LEU A 1004 -6.13 10.61 -11.44
CA LEU A 1004 -6.86 11.84 -11.72
C LEU A 1004 -6.33 13.02 -10.92
N GLN A 1005 -5.89 12.77 -9.67
CA GLN A 1005 -5.25 13.81 -8.86
C GLN A 1005 -3.97 14.30 -9.52
N THR A 1006 -3.15 13.36 -10.02
CA THR A 1006 -1.92 13.71 -10.71
C THR A 1006 -2.21 14.53 -11.96
N TYR A 1007 -3.20 14.10 -12.75
CA TYR A 1007 -3.55 14.81 -13.97
C TYR A 1007 -4.04 16.23 -13.69
N VAL A 1008 -4.87 16.40 -12.65
CA VAL A 1008 -5.40 17.72 -12.32
C VAL A 1008 -4.28 18.63 -11.84
N THR A 1009 -3.32 18.11 -11.06
CA THR A 1009 -2.19 18.92 -10.61
C THR A 1009 -1.32 19.38 -11.79
N GLN A 1010 -1.00 18.46 -12.72
CA GLN A 1010 -0.22 18.85 -13.90
C GLN A 1010 -0.98 19.86 -14.74
N GLN A 1011 -2.30 19.68 -14.88
CA GLN A 1011 -3.12 20.61 -15.64
C GLN A 1011 -3.13 22.00 -15.01
N LEU A 1012 -3.18 22.07 -13.68
CA LEU A 1012 -3.12 23.36 -12.98
C LEU A 1012 -1.79 24.06 -13.19
N ILE A 1013 -0.69 23.31 -13.12
CA ILE A 1013 0.64 23.89 -13.34
C ILE A 1013 0.77 24.41 -14.77
N ARG A 1014 0.30 23.61 -15.74
CA ARG A 1014 0.34 24.01 -17.14
C ARG A 1014 -0.56 25.22 -17.37
N ALA A 1015 -1.71 25.29 -16.68
CA ALA A 1015 -2.61 26.42 -16.79
C ALA A 1015 -1.97 27.70 -16.27
N ALA A 1016 -1.22 27.60 -15.16
CA ALA A 1016 -0.50 28.75 -14.64
C ALA A 1016 0.55 29.23 -15.63
N GLU A 1017 1.27 28.28 -16.25
CA GLU A 1017 2.28 28.64 -17.26
C GLU A 1017 1.64 29.32 -18.47
N ILE A 1018 0.50 28.79 -18.94
CA ILE A 1018 -0.21 29.35 -20.08
C ILE A 1018 -0.77 30.73 -19.73
N ARG A 1019 -1.23 30.90 -18.48
CA ARG A 1019 -1.72 32.20 -18.02
C ARG A 1019 -0.62 33.24 -17.99
N ALA A 1020 0.58 32.86 -17.54
CA ALA A 1020 1.72 33.78 -17.57
C ALA A 1020 2.06 34.16 -19.00
N SER A 1021 2.05 33.19 -19.91
CA SER A 1021 2.31 33.47 -21.32
C SER A 1021 1.25 34.40 -21.91
N ALA A 1022 -0.01 34.19 -21.54
CA ALA A 1022 -1.09 35.05 -22.04
C ALA A 1022 -1.00 36.45 -21.46
N ASN A 1023 -0.59 36.58 -20.20
CA ASN A 1023 -0.36 37.91 -19.63
C ASN A 1023 0.75 38.64 -20.38
N LEU A 1024 1.82 37.91 -20.70
CA LEU A 1024 2.89 38.48 -21.51
C LEU A 1024 2.38 38.88 -22.89
N ALA A 1025 1.55 38.04 -23.51
CA ALA A 1025 1.00 38.33 -24.83
C ALA A 1025 0.10 39.56 -24.80
N ALA A 1026 -0.70 39.69 -23.74
CA ALA A 1026 -1.56 40.86 -23.58
C ALA A 1026 -0.73 42.12 -23.39
N THR A 1027 0.35 42.02 -22.61
CA THR A 1027 1.27 43.14 -22.44
C THR A 1027 1.92 43.53 -23.77
N LYS A 1028 2.34 42.53 -24.55
CA LYS A 1028 2.91 42.78 -25.87
C LYS A 1028 1.89 43.40 -26.82
N MET A 1029 0.64 42.93 -26.77
CA MET A 1029 -0.41 43.52 -27.59
C MET A 1029 -0.60 44.98 -27.26
N SER A 1030 -0.66 45.28 -25.95
CA SER A 1030 -0.90 46.64 -25.48
C SER A 1030 0.27 47.56 -25.79
N GLU A 1031 1.49 47.06 -25.69
CA GLU A 1031 2.64 47.94 -25.85
C GLU A 1031 3.17 47.95 -27.28
N CYS A 1032 3.40 46.78 -27.87
CA CYS A 1032 3.95 46.71 -29.21
C CYS A 1032 2.91 47.02 -30.28
N VAL A 1033 1.66 46.59 -30.09
CA VAL A 1033 0.66 46.77 -31.15
C VAL A 1033 -0.08 48.08 -30.99
N LEU A 1034 -0.54 48.39 -29.79
CA LEU A 1034 -1.30 49.61 -29.55
C LEU A 1034 -0.41 50.85 -29.39
N GLY A 1035 0.90 50.68 -29.44
CA GLY A 1035 1.79 51.83 -29.33
C GLY A 1035 3.19 51.45 -29.75
N GLN A 1036 4.12 52.38 -29.50
CA GLN A 1036 5.54 52.16 -29.77
C GLN A 1036 6.28 51.99 -28.45
N SER A 1037 7.07 50.92 -28.35
CA SER A 1037 7.75 50.56 -27.11
C SER A 1037 9.23 50.89 -27.18
N LYS A 1038 9.72 51.59 -26.16
CA LYS A 1038 11.13 51.91 -26.04
C LYS A 1038 11.93 50.81 -25.36
N ARG A 1039 11.26 49.77 -24.87
CA ARG A 1039 11.96 48.66 -24.24
C ARG A 1039 12.77 47.89 -25.27
N VAL A 1040 13.96 47.47 -24.87
CA VAL A 1040 14.89 46.81 -25.78
C VAL A 1040 14.50 45.35 -25.90
N ASP A 1041 14.32 44.89 -27.15
CA ASP A 1041 14.02 43.52 -27.56
C ASP A 1041 12.68 43.00 -27.03
N PHE A 1042 11.83 43.87 -26.48
CA PHE A 1042 10.51 43.45 -26.05
C PHE A 1042 9.61 43.23 -27.25
N CYS A 1043 9.76 44.04 -28.29
CA CYS A 1043 8.96 43.93 -29.50
C CYS A 1043 9.82 43.65 -30.71
N GLY A 1044 10.75 42.71 -30.60
CA GLY A 1044 11.58 42.35 -31.72
C GLY A 1044 12.98 42.92 -31.60
N LYS A 1045 13.91 42.31 -32.30
CA LYS A 1045 15.29 42.76 -32.28
C LYS A 1045 15.42 44.06 -33.06
N GLY A 1046 16.18 45.00 -32.51
CA GLY A 1046 16.36 46.29 -33.12
C GLY A 1046 15.36 47.32 -32.62
N TYR A 1047 15.46 48.52 -33.19
CA TYR A 1047 14.58 49.64 -32.86
C TYR A 1047 13.17 49.36 -33.35
N HIS A 1048 12.24 49.18 -32.42
CA HIS A 1048 10.87 48.79 -32.75
C HIS A 1048 10.13 49.93 -33.45
N LEU A 1049 9.47 49.60 -34.56
CA LEU A 1049 8.64 50.57 -35.26
C LEU A 1049 7.15 50.34 -35.01
N MET A 1050 6.66 49.14 -35.27
CA MET A 1050 5.27 48.79 -35.04
C MET A 1050 5.16 47.27 -34.95
N SER A 1051 3.96 46.78 -34.70
CA SER A 1051 3.73 45.35 -34.60
C SER A 1051 2.34 45.04 -35.12
N PHE A 1052 2.18 43.85 -35.68
CA PHE A 1052 0.92 43.43 -36.21
C PHE A 1052 0.49 42.13 -35.57
N PRO A 1053 -0.77 42.02 -35.12
CA PRO A 1053 -1.24 40.77 -34.55
C PRO A 1053 -1.88 39.85 -35.58
N GLN A 1054 -1.69 38.56 -35.38
CA GLN A 1054 -2.30 37.54 -36.22
C GLN A 1054 -2.82 36.42 -35.33
N SER A 1055 -3.99 35.91 -35.68
CA SER A 1055 -4.58 34.85 -34.88
C SER A 1055 -3.90 33.52 -35.18
N ALA A 1056 -3.86 32.67 -34.18
CA ALA A 1056 -3.30 31.32 -34.22
C ALA A 1056 -4.34 30.43 -33.57
N PRO A 1057 -4.32 29.11 -33.85
CA PRO A 1057 -5.37 28.21 -33.29
C PRO A 1057 -5.49 28.22 -31.77
N HIS A 1058 -4.39 28.31 -31.04
CA HIS A 1058 -4.42 28.39 -29.58
C HIS A 1058 -3.39 29.42 -29.11
N GLY A 1059 -3.33 30.56 -29.79
CA GLY A 1059 -2.36 31.56 -29.42
C GLY A 1059 -2.42 32.76 -30.34
N VAL A 1060 -1.34 33.54 -30.34
CA VAL A 1060 -1.22 34.74 -31.15
C VAL A 1060 0.16 34.80 -31.79
N VAL A 1061 0.25 35.50 -32.91
CA VAL A 1061 1.49 35.73 -33.64
C VAL A 1061 1.69 37.23 -33.77
N PHE A 1062 2.87 37.71 -33.40
CA PHE A 1062 3.22 39.13 -33.51
C PHE A 1062 4.23 39.30 -34.63
N LEU A 1063 3.87 40.10 -35.63
CA LEU A 1063 4.81 40.48 -36.68
C LEU A 1063 5.41 41.83 -36.27
N HIS A 1064 6.64 41.78 -35.76
CA HIS A 1064 7.32 42.97 -35.27
C HIS A 1064 8.10 43.61 -36.39
N VAL A 1065 7.76 44.85 -36.71
CA VAL A 1065 8.48 45.62 -37.71
C VAL A 1065 9.46 46.51 -36.97
N THR A 1066 10.74 46.36 -37.30
CA THR A 1066 11.80 47.03 -36.55
C THR A 1066 12.77 47.66 -37.53
N TYR A 1067 13.56 48.57 -36.98
CA TYR A 1067 14.55 49.34 -37.73
C TYR A 1067 15.91 48.81 -37.34
N VAL A 1068 16.72 48.45 -38.34
CA VAL A 1068 18.04 47.89 -38.12
C VAL A 1068 19.04 48.73 -38.90
N PRO A 1069 20.01 49.35 -38.23
CA PRO A 1069 21.05 50.08 -38.95
C PRO A 1069 21.95 49.15 -39.76
N ALA A 1070 22.52 49.69 -40.83
CA ALA A 1070 23.38 48.91 -41.72
C ALA A 1070 24.25 49.85 -42.52
N GLN A 1071 25.25 49.27 -43.20
CA GLN A 1071 26.22 49.95 -44.06
C GLN A 1071 26.96 51.06 -43.29
N GLU A 1072 27.74 50.61 -42.32
CA GLU A 1072 28.36 51.51 -41.37
C GLU A 1072 29.67 52.07 -41.91
N LYS A 1073 30.04 53.25 -41.40
CA LYS A 1073 31.27 53.92 -41.81
C LYS A 1073 32.01 54.46 -40.60
N ASN A 1074 33.34 54.52 -40.72
CA ASN A 1074 34.20 55.04 -39.65
C ASN A 1074 34.22 56.55 -39.69
N PHE A 1075 34.33 57.17 -38.52
CA PHE A 1075 34.42 58.63 -38.43
C PHE A 1075 35.24 59.00 -37.20
N THR A 1076 35.74 60.23 -37.20
CA THR A 1076 36.49 60.80 -36.09
C THR A 1076 35.63 61.78 -35.32
N THR A 1077 35.53 61.59 -34.01
CA THR A 1077 34.66 62.38 -33.15
C THR A 1077 35.45 63.27 -32.20
N ALA A 1078 34.72 64.20 -31.58
CA ALA A 1078 35.21 65.11 -30.58
C ALA A 1078 34.03 65.38 -29.66
N PRO A 1079 34.26 65.40 -28.34
CA PRO A 1079 33.16 65.67 -27.40
C PRO A 1079 32.53 67.03 -27.60
N ALA A 1080 33.30 68.03 -27.99
CA ALA A 1080 32.81 69.38 -28.18
C ALA A 1080 33.75 70.11 -29.14
N ILE A 1081 33.39 71.34 -29.47
CA ILE A 1081 34.19 72.18 -30.37
C ILE A 1081 34.58 73.45 -29.63
N CYS A 1082 35.87 73.75 -29.61
CA CYS A 1082 36.37 74.97 -28.98
C CYS A 1082 36.46 76.06 -30.05
N HIS A 1083 35.51 77.00 -30.02
CA HIS A 1083 35.47 78.10 -30.94
C HIS A 1083 35.32 79.38 -30.14
N ASP A 1084 36.18 80.38 -30.43
CA ASP A 1084 36.20 81.69 -29.77
C ASP A 1084 36.35 81.54 -28.26
N GLY A 1085 37.15 80.56 -27.84
CA GLY A 1085 37.33 80.27 -26.42
C GLY A 1085 36.07 79.81 -25.73
N LYS A 1086 35.20 79.11 -26.45
CA LYS A 1086 33.95 78.62 -25.89
C LYS A 1086 33.75 77.18 -26.37
N ALA A 1087 33.15 76.37 -25.51
CA ALA A 1087 32.89 74.97 -25.80
C ALA A 1087 31.48 74.83 -26.33
N HIS A 1088 31.33 74.23 -27.51
CA HIS A 1088 30.04 74.02 -28.13
C HIS A 1088 29.74 72.53 -28.18
N PHE A 1089 28.59 72.15 -27.67
CA PHE A 1089 28.10 70.79 -27.64
C PHE A 1089 26.89 70.65 -28.55
N PRO A 1090 26.70 69.51 -29.20
CA PRO A 1090 25.54 69.36 -30.09
C PRO A 1090 24.25 69.26 -29.30
N ARG A 1091 23.20 69.91 -29.81
CA ARG A 1091 21.87 69.79 -29.22
C ARG A 1091 21.38 68.35 -29.28
N GLU A 1092 21.23 67.83 -30.49
CA GLU A 1092 20.98 66.41 -30.69
C GLU A 1092 21.92 65.94 -31.78
N GLY A 1093 22.60 64.82 -31.53
CA GLY A 1093 23.51 64.26 -32.50
C GLY A 1093 24.93 64.12 -31.98
N VAL A 1094 25.88 64.20 -32.92
CA VAL A 1094 27.29 63.98 -32.59
C VAL A 1094 28.14 64.71 -33.62
N PHE A 1095 29.31 65.20 -33.18
CA PHE A 1095 30.29 65.80 -34.07
C PHE A 1095 31.14 64.73 -34.72
N VAL A 1096 31.27 64.76 -36.05
CA VAL A 1096 32.08 63.78 -36.78
C VAL A 1096 32.89 64.51 -37.83
N SER A 1097 33.89 63.80 -38.37
CA SER A 1097 34.76 64.40 -39.37
C SER A 1097 35.46 63.32 -40.19
N ASN A 1098 34.92 63.00 -41.37
CA ASN A 1098 35.73 62.20 -42.27
C ASN A 1098 36.94 63.09 -42.54
N GLY A 1099 38.16 62.56 -42.33
CA GLY A 1099 39.32 63.39 -42.57
C GLY A 1099 39.28 64.63 -41.67
N THR A 1100 39.38 65.80 -42.30
CA THR A 1100 39.47 67.08 -41.59
C THR A 1100 38.14 67.82 -41.42
N HIS A 1101 37.28 67.89 -42.45
CA HIS A 1101 36.02 68.65 -42.40
C HIS A 1101 35.11 68.16 -41.29
N TRP A 1102 34.77 69.05 -40.35
CA TRP A 1102 33.92 68.69 -39.22
C TRP A 1102 32.45 69.00 -39.48
N PHE A 1103 31.60 68.00 -39.26
CA PHE A 1103 30.17 68.15 -39.39
C PHE A 1103 29.48 67.62 -38.14
N VAL A 1104 28.19 67.88 -38.07
CA VAL A 1104 27.32 67.35 -37.03
C VAL A 1104 26.23 66.54 -37.72
N THR A 1105 25.95 65.36 -37.18
CA THR A 1105 24.98 64.47 -37.78
C THR A 1105 24.11 63.96 -36.65
N GLN A 1106 23.28 62.96 -36.93
CA GLN A 1106 22.46 62.32 -35.93
C GLN A 1106 23.01 60.92 -35.66
N ARG A 1107 22.65 60.38 -34.50
CA ARG A 1107 23.28 59.15 -34.02
C ARG A 1107 22.93 57.94 -34.89
N ASN A 1108 21.68 57.81 -35.29
CA ASN A 1108 21.19 56.59 -35.93
C ASN A 1108 21.25 56.62 -37.44
N PHE A 1109 21.69 57.72 -38.05
CA PHE A 1109 21.77 57.81 -39.49
C PHE A 1109 22.82 58.85 -39.85
N TYR A 1110 23.52 58.62 -40.95
CA TYR A 1110 24.58 59.53 -41.35
C TYR A 1110 23.99 60.63 -42.22
N GLU A 1111 23.66 61.76 -41.60
CA GLU A 1111 23.17 62.95 -42.28
C GLU A 1111 24.01 64.14 -41.82
N PRO A 1112 25.22 64.31 -42.37
CA PRO A 1112 26.11 65.39 -41.92
C PRO A 1112 25.50 66.77 -42.18
N GLN A 1113 25.72 67.66 -41.22
CA GLN A 1113 25.24 69.04 -41.31
C GLN A 1113 26.36 69.96 -40.88
N ILE A 1114 26.38 71.17 -41.45
CA ILE A 1114 27.38 72.17 -41.12
C ILE A 1114 27.19 72.60 -39.67
N ILE A 1115 28.29 72.64 -38.90
CA ILE A 1115 28.22 73.04 -37.50
C ILE A 1115 27.81 74.51 -37.44
N THR A 1116 26.74 74.79 -36.71
CA THR A 1116 26.10 76.09 -36.70
C THR A 1116 25.60 76.36 -35.28
N THR A 1117 25.41 77.64 -34.93
CA THR A 1117 24.97 78.01 -33.59
C THR A 1117 23.55 77.53 -33.29
N ASP A 1118 22.74 77.20 -34.30
CA ASP A 1118 21.38 76.76 -34.03
C ASP A 1118 21.33 75.34 -33.48
N ASN A 1119 22.14 74.43 -34.02
CA ASN A 1119 22.13 73.05 -33.57
C ASN A 1119 23.24 72.74 -32.57
N THR A 1120 23.90 73.76 -32.03
CA THR A 1120 24.91 73.62 -31.00
C THR A 1120 24.64 74.60 -29.87
N PHE A 1121 25.01 74.22 -28.65
CA PHE A 1121 24.82 75.09 -27.50
C PHE A 1121 26.16 75.25 -26.77
N VAL A 1122 26.36 76.42 -26.18
CA VAL A 1122 27.60 76.80 -25.55
C VAL A 1122 27.50 76.56 -24.04
N SER A 1123 28.53 75.96 -23.46
CA SER A 1123 28.55 75.72 -22.02
C SER A 1123 29.99 75.81 -21.53
N GLY A 1124 30.37 76.98 -21.03
CA GLY A 1124 31.70 77.17 -20.48
C GLY A 1124 32.77 77.31 -21.56
N ASN A 1125 34.01 77.34 -21.08
CA ASN A 1125 35.17 77.47 -21.95
C ASN A 1125 35.65 76.09 -22.39
N CYS A 1126 36.69 76.07 -23.23
CA CYS A 1126 37.22 74.82 -23.78
C CYS A 1126 38.48 74.34 -23.05
N ASP A 1127 38.55 74.59 -21.74
CA ASP A 1127 39.70 74.18 -20.94
C ASP A 1127 39.44 72.94 -20.08
N VAL A 1128 38.18 72.63 -19.77
CA VAL A 1128 37.88 71.49 -18.92
C VAL A 1128 37.43 70.26 -19.70
N VAL A 1129 36.98 70.42 -20.93
CA VAL A 1129 36.53 69.28 -21.73
C VAL A 1129 37.75 68.52 -22.21
N ILE A 1130 37.74 67.20 -22.02
CA ILE A 1130 38.85 66.35 -22.44
C ILE A 1130 38.56 65.85 -23.85
N GLY A 1131 39.50 66.11 -24.76
CA GLY A 1131 39.33 65.69 -26.13
C GLY A 1131 38.71 66.71 -27.06
N ILE A 1132 38.52 67.95 -26.61
CA ILE A 1132 37.93 68.98 -27.45
C ILE A 1132 38.90 69.36 -28.56
N VAL A 1133 38.34 69.70 -29.73
CA VAL A 1133 39.15 70.06 -30.88
C VAL A 1133 38.79 71.48 -31.31
N ASN A 1134 39.65 72.05 -32.14
CA ASN A 1134 39.48 73.41 -32.64
C ASN A 1134 38.81 73.36 -34.00
N ASN A 1135 37.70 74.07 -34.15
CA ASN A 1135 36.99 74.14 -35.41
C ASN A 1135 36.13 75.40 -35.40
N THR A 1136 35.74 75.82 -36.60
CA THR A 1136 34.91 77.00 -36.75
C THR A 1136 33.44 76.64 -36.61
N VAL A 1137 32.66 77.57 -36.07
CA VAL A 1137 31.23 77.42 -35.90
C VAL A 1137 30.55 78.49 -36.74
N TYR A 1138 29.70 78.06 -37.67
CA TYR A 1138 29.04 78.99 -38.58
C TYR A 1138 27.94 79.75 -37.84
N ASP A 1139 27.95 81.06 -37.99
CA ASP A 1139 26.91 81.89 -37.39
C ASP A 1139 26.06 82.42 -38.53
N PRO A 1140 24.79 82.02 -38.65
CA PRO A 1140 23.93 82.43 -39.77
C PRO A 1140 23.31 83.83 -39.60
N LEU A 1141 24.13 84.80 -39.22
CA LEU A 1141 23.69 86.17 -39.07
C LEU A 1141 24.52 87.16 -39.86
N GLN A 1142 25.84 86.95 -39.94
CA GLN A 1142 26.71 87.83 -40.73
C GLN A 1142 26.35 87.86 -42.22
N PRO A 1143 26.13 86.72 -42.93
CA PRO A 1143 25.65 86.85 -44.32
C PRO A 1143 24.29 87.52 -44.42
N GLU A 1144 23.41 87.32 -43.43
CA GLU A 1144 22.11 87.99 -43.43
C GLU A 1144 22.26 89.48 -43.20
N LEU A 1145 23.19 89.88 -42.32
CA LEU A 1145 23.42 91.30 -42.06
C LEU A 1145 23.97 92.01 -43.29
N ASP A 1146 24.89 91.37 -44.00
CA ASP A 1146 25.49 91.95 -45.19
C ASP A 1146 24.50 91.96 -46.35
N GLN B 14 26.88 -18.63 54.93
CA GLN B 14 26.25 -17.97 56.07
C GLN B 14 26.55 -16.46 56.05
N CYS B 15 25.53 -15.66 56.35
CA CYS B 15 25.65 -14.21 56.36
C CYS B 15 25.07 -13.67 57.66
N VAL B 16 25.63 -12.57 58.13
CA VAL B 16 25.20 -11.89 59.35
C VAL B 16 24.97 -10.43 59.03
N ASN B 17 23.84 -9.87 59.45
CA ASN B 17 23.55 -8.46 59.25
C ASN B 17 24.55 -7.60 60.01
N LEU B 18 24.93 -6.48 59.42
CA LEU B 18 25.92 -5.58 60.00
C LEU B 18 25.21 -4.45 60.73
N THR B 19 25.66 -4.18 61.96
CA THR B 19 25.12 -3.12 62.79
C THR B 19 26.02 -1.90 62.66
N THR B 20 25.76 -0.90 63.52
CA THR B 20 26.52 0.37 63.61
C THR B 20 26.49 1.11 62.27
N ARG B 21 25.27 1.53 61.92
CA ARG B 21 25.05 2.32 60.70
C ARG B 21 23.99 3.37 61.02
N THR B 22 24.43 4.62 61.19
CA THR B 22 23.52 5.71 61.51
C THR B 22 22.59 6.00 60.34
N GLN B 23 21.37 6.41 60.68
CA GLN B 23 20.35 6.70 59.67
C GLN B 23 20.41 8.17 59.31
N LEU B 24 20.61 8.47 58.02
CA LEU B 24 20.67 9.83 57.52
C LEU B 24 19.84 9.90 56.26
N PRO B 25 19.14 11.02 56.03
CA PRO B 25 18.25 11.12 54.85
C PRO B 25 19.03 10.99 53.56
N PRO B 26 18.42 10.41 52.53
CA PRO B 26 19.13 10.25 51.24
C PRO B 26 19.53 11.58 50.62
N ALA B 27 20.69 11.58 49.98
CA ALA B 27 21.26 12.77 49.37
C ALA B 27 21.05 12.75 47.86
N TYR B 28 20.69 13.91 47.31
CA TYR B 28 20.48 14.07 45.88
C TYR B 28 21.47 15.09 45.35
N THR B 29 22.13 14.76 44.24
CA THR B 29 23.13 15.62 43.63
C THR B 29 22.80 15.85 42.16
N ASN B 30 23.29 16.98 41.66
CA ASN B 30 22.98 17.44 40.32
C ASN B 30 23.98 16.86 39.33
N SER B 31 23.50 16.09 38.37
CA SER B 31 24.34 15.51 37.33
C SER B 31 24.41 16.46 36.13
N PHE B 32 25.62 16.86 35.76
CA PHE B 32 25.84 17.85 34.70
C PHE B 32 26.37 17.16 33.46
N THR B 33 25.54 17.12 32.41
CA THR B 33 25.81 16.59 31.05
C THR B 33 26.66 15.31 31.05
N ARG B 34 26.17 14.32 31.79
CA ARG B 34 26.75 12.99 31.79
C ARG B 34 25.68 11.99 31.36
N GLY B 35 26.04 10.71 31.43
CA GLY B 35 25.12 9.65 31.08
C GLY B 35 24.73 9.63 29.62
N VAL B 36 25.70 9.78 28.73
CA VAL B 36 25.47 9.75 27.29
C VAL B 36 26.24 8.57 26.70
N TYR B 37 25.55 7.80 25.86
CA TYR B 37 26.13 6.59 25.31
C TYR B 37 25.80 6.49 23.83
N TYR B 38 26.51 5.63 23.15
CA TYR B 38 26.28 5.40 21.73
C TYR B 38 24.94 4.67 21.56
N PRO B 39 24.03 5.21 20.76
CA PRO B 39 22.72 4.55 20.60
C PRO B 39 22.79 3.23 19.87
N ASP B 40 23.76 3.06 18.98
CA ASP B 40 23.88 1.85 18.19
C ASP B 40 25.35 1.63 17.86
N LYS B 41 25.62 0.61 17.04
CA LYS B 41 26.97 0.23 16.64
C LYS B 41 27.31 0.76 15.25
N VAL B 42 26.80 1.95 14.93
CA VAL B 42 26.93 2.57 13.61
C VAL B 42 27.96 3.68 13.66
N PHE B 43 28.87 3.70 12.69
CA PHE B 43 29.90 4.72 12.57
C PHE B 43 29.37 5.89 11.76
N ARG B 44 29.52 7.10 12.31
CA ARG B 44 29.16 8.30 11.57
C ARG B 44 30.26 9.33 11.76
N SER B 45 30.59 10.04 10.69
CA SER B 45 31.71 10.99 10.69
C SER B 45 31.22 12.34 10.22
N SER B 46 31.42 13.37 11.04
CA SER B 46 31.13 14.78 10.76
C SER B 46 29.67 14.99 10.34
N VAL B 47 28.76 14.63 11.25
CA VAL B 47 27.33 14.72 10.98
C VAL B 47 26.61 14.88 12.32
N LEU B 48 25.44 15.54 12.27
CA LEU B 48 24.56 15.70 13.41
C LEU B 48 23.45 14.65 13.32
N HIS B 49 23.32 13.82 14.34
CA HIS B 49 22.35 12.73 14.33
C HIS B 49 21.41 12.86 15.53
N SER B 50 20.11 12.79 15.26
CA SER B 50 19.07 12.85 16.28
C SER B 50 18.48 11.46 16.48
N THR B 51 18.48 10.98 17.72
CA THR B 51 17.99 9.65 18.02
C THR B 51 17.19 9.64 19.32
N GLN B 52 16.14 8.84 19.33
CA GLN B 52 15.28 8.67 20.50
C GLN B 52 15.61 7.33 21.14
N ASP B 53 15.95 7.36 22.43
CA ASP B 53 16.36 6.17 23.15
C ASP B 53 16.25 6.51 24.64
N LEU B 54 16.47 5.50 25.48
CA LEU B 54 16.46 5.70 26.93
C LEU B 54 17.76 6.41 27.32
N PHE B 55 17.64 7.64 27.83
CA PHE B 55 18.80 8.46 28.14
C PHE B 55 18.61 9.13 29.51
N LEU B 56 19.72 9.59 30.06
CA LEU B 56 19.70 10.35 31.31
C LEU B 56 19.61 11.84 30.98
N PRO B 57 18.60 12.55 31.47
CA PRO B 57 18.44 13.97 31.14
C PRO B 57 19.59 14.83 31.65
N PHE B 58 19.89 15.89 30.89
CA PHE B 58 20.92 16.84 31.27
C PHE B 58 20.46 17.64 32.48
N PHE B 59 21.41 17.98 33.36
CA PHE B 59 21.18 18.78 34.57
C PHE B 59 20.09 18.18 35.46
N SER B 60 20.13 16.86 35.62
CA SER B 60 19.10 16.14 36.37
C SER B 60 19.53 15.99 37.82
N ASN B 61 18.75 15.23 38.59
CA ASN B 61 19.05 14.90 39.97
C ASN B 61 19.30 13.40 40.08
N VAL B 62 20.43 13.02 40.66
CA VAL B 62 20.78 11.61 40.80
C VAL B 62 21.05 11.35 42.28
N THR B 63 20.70 10.15 42.73
CA THR B 63 20.80 9.83 44.15
C THR B 63 22.24 9.45 44.49
N TRP B 64 22.80 10.13 45.48
CA TRP B 64 24.22 10.01 45.82
C TRP B 64 24.36 9.30 47.15
N PHE B 65 25.14 8.22 47.16
CA PHE B 65 25.42 7.42 48.34
C PHE B 65 26.91 7.52 48.67
N HIS B 66 27.21 7.73 49.95
CA HIS B 66 28.59 7.96 50.39
C HIS B 66 29.16 6.71 51.05
N ALA B 67 30.47 6.76 51.28
CA ALA B 67 31.16 5.75 52.07
C ALA B 67 32.42 6.40 52.63
N ILE B 68 32.46 6.60 53.93
CA ILE B 68 33.59 7.26 54.59
C ILE B 68 33.62 6.81 56.04
N HIS B 69 34.82 6.68 56.60
CA HIS B 69 34.96 6.22 57.99
C HIS B 69 34.51 7.30 58.97
N VAL B 70 35.15 8.46 58.93
CA VAL B 70 34.89 9.62 59.81
C VAL B 70 34.97 9.25 61.29
N THR B 76 29.02 5.00 62.75
CA THR B 76 28.57 5.50 61.47
C THR B 76 29.09 4.64 60.32
N LYS B 77 30.24 5.06 59.77
CA LYS B 77 31.03 4.42 58.71
C LYS B 77 30.38 4.49 57.33
N ARG B 78 29.12 4.97 57.28
CA ARG B 78 28.33 5.26 56.08
C ARG B 78 28.38 4.11 55.07
N PHE B 79 27.88 2.96 55.49
CA PHE B 79 27.76 1.80 54.62
C PHE B 79 26.39 1.82 53.97
N ASP B 80 26.35 2.12 52.67
CA ASP B 80 25.11 2.32 51.94
C ASP B 80 24.85 1.13 51.02
N ASN B 81 23.93 0.26 51.44
CA ASN B 81 23.41 -0.80 50.58
C ASN B 81 21.88 -0.89 50.71
N PRO B 82 21.15 0.19 50.33
CA PRO B 82 19.69 0.18 50.51
C PRO B 82 18.96 -0.47 49.34
N VAL B 83 17.64 -0.40 49.37
CA VAL B 83 16.82 -0.93 48.29
C VAL B 83 16.74 0.09 47.17
N LEU B 84 16.94 -0.35 45.93
CA LEU B 84 16.88 0.54 44.78
C LEU B 84 16.05 -0.12 43.69
N PRO B 85 15.02 0.53 43.16
CA PRO B 85 14.23 -0.07 42.09
C PRO B 85 14.91 0.05 40.73
N PHE B 86 14.47 -0.80 39.80
CA PHE B 86 14.96 -0.82 38.43
C PHE B 86 13.75 -0.59 37.52
N ASN B 87 13.55 0.66 37.12
CA ASN B 87 12.36 0.99 36.32
C ASN B 87 12.58 0.70 34.84
N ASP B 88 13.50 1.41 34.20
CA ASP B 88 13.73 1.30 32.76
C ASP B 88 15.21 1.30 32.36
N GLY B 89 16.13 1.31 33.31
CA GLY B 89 17.54 1.40 33.02
C GLY B 89 18.20 2.23 34.12
N VAL B 90 19.47 1.94 34.36
CA VAL B 90 20.20 2.51 35.48
C VAL B 90 21.52 3.07 34.98
N TYR B 91 21.81 4.32 35.35
CA TYR B 91 23.12 4.91 35.15
C TYR B 91 23.86 4.90 36.47
N PHE B 92 25.01 4.24 36.50
CA PHE B 92 25.76 4.03 37.73
C PHE B 92 27.17 4.59 37.53
N ALA B 93 27.49 5.66 38.23
CA ALA B 93 28.81 6.25 38.19
C ALA B 93 29.49 5.99 39.53
N SER B 94 30.75 5.57 39.50
CA SER B 94 31.48 5.22 40.71
C SER B 94 32.73 6.09 40.80
N THR B 95 32.76 6.97 41.80
CA THR B 95 33.91 7.82 42.08
C THR B 95 34.72 7.19 43.20
N GLU B 96 35.97 6.83 42.91
CA GLU B 96 36.75 6.01 43.82
C GLU B 96 38.23 6.33 43.71
N LYS B 97 38.98 5.93 44.75
CA LYS B 97 40.42 5.96 44.73
C LYS B 97 41.04 4.61 45.07
N SER B 98 40.27 3.64 45.55
CA SER B 98 40.82 2.32 45.87
C SER B 98 39.91 1.18 45.41
N ASN B 99 38.87 1.46 44.60
CA ASN B 99 37.93 0.49 44.07
C ASN B 99 37.22 -0.28 45.19
N ILE B 100 36.51 0.48 46.02
CA ILE B 100 35.72 -0.10 47.10
C ILE B 100 34.52 -0.86 46.54
N ILE B 101 33.87 -0.30 45.52
CA ILE B 101 32.70 -0.93 44.92
C ILE B 101 33.12 -2.24 44.25
N ARG B 102 32.25 -3.24 44.34
CA ARG B 102 32.58 -4.55 43.82
C ARG B 102 31.63 -4.98 42.71
N GLY B 103 30.33 -4.93 42.95
CA GLY B 103 29.43 -5.51 41.98
C GLY B 103 28.01 -5.00 42.06
N TRP B 104 27.16 -5.65 41.27
CA TRP B 104 25.75 -5.31 41.16
C TRP B 104 24.95 -6.60 41.16
N ILE B 105 23.69 -6.50 41.59
CA ILE B 105 22.76 -7.62 41.65
C ILE B 105 21.45 -7.16 41.01
N PHE B 106 20.86 -7.99 40.15
CA PHE B 106 19.60 -7.68 39.51
C PHE B 106 18.64 -8.85 39.70
N GLY B 107 17.35 -8.54 39.86
CA GLY B 107 16.35 -9.57 40.04
C GLY B 107 14.99 -8.97 40.32
N THR B 108 14.04 -9.83 40.69
CA THR B 108 12.70 -9.39 41.04
C THR B 108 12.30 -9.78 42.47
N THR B 109 12.50 -11.04 42.85
CA THR B 109 12.11 -11.50 44.18
C THR B 109 13.28 -11.58 45.16
N LEU B 110 14.48 -11.91 44.67
CA LEU B 110 15.74 -11.95 45.42
C LEU B 110 15.71 -12.99 46.55
N ASP B 111 14.85 -14.00 46.45
CA ASP B 111 14.72 -15.00 47.50
C ASP B 111 14.59 -16.40 46.91
N SER B 112 15.40 -16.70 45.89
CA SER B 112 15.58 -18.02 45.25
C SER B 112 14.35 -18.54 44.50
N LYS B 113 13.24 -17.81 44.49
CA LYS B 113 12.06 -18.26 43.75
C LYS B 113 11.99 -17.70 42.34
N THR B 114 12.97 -16.91 41.92
CA THR B 114 13.01 -16.36 40.57
C THR B 114 14.49 -16.20 40.21
N GLN B 115 14.81 -16.42 38.93
CA GLN B 115 16.17 -16.29 38.43
C GLN B 115 16.67 -14.86 38.62
N SER B 116 17.94 -14.73 38.97
CA SER B 116 18.57 -13.44 39.25
C SER B 116 19.85 -13.30 38.46
N LEU B 117 20.46 -12.12 38.54
CA LEU B 117 21.71 -11.83 37.87
C LEU B 117 22.68 -11.26 38.90
N LEU B 118 23.93 -11.70 38.80
CA LEU B 118 24.98 -11.32 39.74
C LEU B 118 26.24 -10.95 38.97
N ILE B 119 26.84 -9.82 39.33
CA ILE B 119 28.12 -9.39 38.78
C ILE B 119 29.02 -9.08 39.96
N VAL B 120 30.18 -9.74 40.02
CA VAL B 120 31.14 -9.56 41.12
C VAL B 120 32.54 -9.45 40.53
N ASN B 121 33.28 -8.41 40.92
CA ASN B 121 34.67 -8.23 40.54
C ASN B 121 35.54 -8.50 41.77
N ASN B 122 35.91 -9.75 41.99
CA ASN B 122 36.71 -10.11 43.16
C ASN B 122 38.19 -9.80 42.89
N ALA B 123 39.07 -10.27 43.78
CA ALA B 123 40.48 -9.91 43.74
C ALA B 123 41.22 -10.47 42.52
N THR B 124 40.67 -11.46 41.85
CA THR B 124 41.40 -12.10 40.76
C THR B 124 40.65 -12.14 39.44
N ASN B 125 39.32 -12.31 39.47
CA ASN B 125 38.54 -12.52 38.25
C ASN B 125 37.32 -11.62 38.27
N VAL B 126 36.53 -11.71 37.20
CA VAL B 126 35.23 -11.03 37.08
C VAL B 126 34.19 -12.11 36.82
N VAL B 127 33.17 -12.16 37.67
CA VAL B 127 32.18 -13.24 37.63
C VAL B 127 30.84 -12.64 37.30
N ILE B 128 30.19 -13.16 36.26
CA ILE B 128 28.83 -12.80 35.90
C ILE B 128 27.99 -14.06 35.92
N LYS B 129 27.00 -14.12 36.80
CA LYS B 129 26.18 -15.31 36.96
C LYS B 129 24.71 -14.95 36.83
N VAL B 130 24.05 -15.46 35.79
CA VAL B 130 22.59 -15.49 35.75
C VAL B 130 22.17 -16.84 36.32
N CYS B 131 21.56 -16.82 37.49
CA CYS B 131 21.50 -17.97 38.39
C CYS B 131 20.55 -17.57 39.50
N GLU B 132 20.06 -18.56 40.24
CA GLU B 132 19.17 -18.31 41.36
C GLU B 132 19.97 -18.42 42.64
N PHE B 133 19.86 -17.42 43.50
CA PHE B 133 20.62 -17.37 44.72
C PHE B 133 19.69 -17.08 45.89
N GLN B 134 20.07 -17.60 47.06
CA GLN B 134 19.41 -17.24 48.32
C GLN B 134 20.12 -16.00 48.87
N PHE B 135 19.81 -14.85 48.24
CA PHE B 135 20.50 -13.61 48.51
C PHE B 135 20.26 -13.13 49.94
N CYS B 136 21.33 -12.72 50.60
CA CYS B 136 21.24 -12.21 51.95
C CYS B 136 20.68 -10.80 51.93
N ASN B 137 20.14 -10.37 53.09
CA ASN B 137 19.62 -9.02 53.22
C ASN B 137 20.73 -7.98 53.13
N ASP B 138 21.93 -8.31 53.58
CA ASP B 138 23.07 -7.40 53.54
C ASP B 138 24.27 -8.14 52.94
N PRO B 139 24.29 -8.31 51.61
CA PRO B 139 25.46 -8.94 50.98
C PRO B 139 26.59 -7.93 50.77
N PHE B 140 27.83 -8.42 50.92
CA PHE B 140 29.00 -7.55 50.87
C PHE B 140 30.25 -8.39 50.61
N LEU B 141 31.37 -7.68 50.44
CA LEU B 141 32.70 -8.25 50.33
C LEU B 141 33.55 -7.79 51.51
N GLY B 142 34.64 -8.51 51.76
CA GLY B 142 35.50 -8.16 52.87
C GLY B 142 36.97 -8.43 52.63
N VAL B 143 37.78 -7.38 52.78
CA VAL B 143 39.22 -7.45 52.56
C VAL B 143 39.92 -7.31 53.91
N TYR B 144 40.81 -8.25 54.22
CA TYR B 144 41.54 -8.22 55.47
C TYR B 144 42.90 -7.56 55.24
N TYR B 145 43.17 -6.50 56.00
CA TYR B 145 44.43 -5.77 55.92
C TYR B 145 45.33 -6.26 57.05
N HIS B 146 46.32 -7.07 56.70
CA HIS B 146 47.24 -7.61 57.69
C HIS B 146 48.19 -6.52 58.18
N LYS B 147 48.53 -6.58 59.47
CA LYS B 147 49.44 -5.61 60.07
C LYS B 147 50.88 -6.12 60.14
N ASN B 148 51.07 -7.43 60.28
CA ASN B 148 52.43 -7.99 60.30
C ASN B 148 53.14 -7.82 58.96
N ASN B 149 52.42 -7.99 57.85
CA ASN B 149 52.96 -7.75 56.53
C ASN B 149 51.98 -6.91 55.70
N LYS B 150 52.51 -6.18 54.74
CA LYS B 150 51.71 -5.27 53.93
C LYS B 150 51.16 -6.05 52.73
N SER B 151 49.91 -6.46 52.82
CA SER B 151 49.26 -7.21 51.74
C SER B 151 47.75 -7.12 51.91
N TRP B 152 47.08 -6.51 50.94
CA TRP B 152 45.62 -6.40 50.96
C TRP B 152 45.03 -7.51 50.09
N MET B 153 44.28 -8.40 50.72
CA MET B 153 43.69 -9.53 50.01
C MET B 153 42.24 -9.71 50.44
N GLU B 154 41.39 -10.09 49.48
CA GLU B 154 40.00 -10.36 49.79
C GLU B 154 39.88 -11.63 50.62
N SER B 155 39.03 -11.59 51.65
CA SER B 155 38.95 -12.70 52.58
C SER B 155 37.52 -13.19 52.78
N GLU B 156 36.54 -12.30 52.64
CA GLU B 156 35.15 -12.66 52.94
C GLU B 156 34.26 -12.34 51.75
N PHE B 157 33.29 -13.23 51.51
CA PHE B 157 32.35 -13.08 50.40
C PHE B 157 31.02 -13.64 50.92
N ARG B 158 30.17 -12.76 51.41
CA ARG B 158 28.91 -13.14 52.03
C ARG B 158 27.81 -12.60 51.13
N VAL B 159 27.43 -13.39 50.12
CA VAL B 159 26.42 -12.95 49.16
C VAL B 159 25.28 -13.95 49.11
N TYR B 160 25.60 -15.19 48.76
CA TYR B 160 24.60 -16.22 48.53
C TYR B 160 24.91 -17.47 49.35
N SER B 161 23.86 -18.27 49.56
CA SER B 161 23.98 -19.52 50.32
C SER B 161 24.20 -20.73 49.42
N SER B 162 23.26 -21.00 48.51
CA SER B 162 23.33 -22.19 47.67
C SER B 162 22.46 -21.99 46.43
N ALA B 163 22.64 -22.88 45.46
CA ALA B 163 21.90 -22.84 44.21
C ALA B 163 21.69 -24.27 43.70
N ASN B 164 20.44 -24.59 43.34
CA ASN B 164 20.13 -25.90 42.77
C ASN B 164 20.16 -25.86 41.25
N ASN B 165 19.30 -25.04 40.65
CA ASN B 165 19.30 -24.77 39.22
C ASN B 165 20.23 -23.59 38.96
N CYS B 166 20.79 -23.53 37.74
CA CYS B 166 21.63 -22.41 37.36
C CYS B 166 21.86 -22.38 35.86
N THR B 167 21.68 -21.21 35.22
CA THR B 167 21.66 -21.14 33.76
C THR B 167 22.86 -20.44 33.15
N PHE B 168 23.37 -19.33 33.66
CA PHE B 168 24.44 -18.66 32.95
C PHE B 168 25.62 -18.43 33.88
N GLU B 169 26.79 -18.88 33.47
CA GLU B 169 28.02 -18.70 34.20
C GLU B 169 29.07 -18.12 33.26
N TYR B 170 29.82 -17.13 33.76
CA TYR B 170 30.93 -16.56 33.00
C TYR B 170 31.99 -16.09 33.99
N VAL B 171 33.21 -16.53 33.77
CA VAL B 171 34.36 -16.15 34.59
C VAL B 171 35.44 -15.62 33.67
N SER B 172 35.92 -14.42 33.94
CA SER B 172 36.98 -13.83 33.14
C SER B 172 38.33 -14.45 33.52
N GLN B 173 39.34 -14.16 32.70
CA GLN B 173 40.69 -14.66 32.96
C GLN B 173 41.23 -14.06 34.26
N PRO B 174 41.98 -14.84 35.04
CA PRO B 174 42.52 -14.31 36.30
C PRO B 174 43.52 -13.18 36.08
N PHE B 175 43.52 -12.25 37.04
CA PHE B 175 44.43 -11.11 37.00
C PHE B 175 44.79 -10.75 38.43
N LEU B 176 45.46 -9.61 38.60
CA LEU B 176 45.85 -9.11 39.89
C LEU B 176 45.32 -7.69 40.05
N MET B 177 45.02 -7.33 41.30
CA MET B 177 44.46 -6.03 41.63
C MET B 177 45.19 -5.48 42.85
N ASP B 178 45.08 -4.17 43.04
CA ASP B 178 45.83 -3.51 44.09
C ASP B 178 45.25 -3.80 45.48
N LEU B 179 43.97 -3.42 45.69
CA LEU B 179 43.17 -3.57 46.91
C LEU B 179 43.63 -2.69 48.06
N GLU B 180 44.70 -1.92 47.90
CA GLU B 180 45.19 -1.05 48.97
C GLU B 180 44.40 0.25 48.99
N GLY B 181 44.20 0.78 50.21
CA GLY B 181 43.47 2.01 50.37
C GLY B 181 44.36 3.23 50.44
N LYS B 182 44.48 3.94 49.32
CA LYS B 182 45.29 5.15 49.28
C LYS B 182 44.59 6.30 49.99
N GLN B 183 45.38 7.27 50.42
CA GLN B 183 44.89 8.46 51.11
C GLN B 183 45.03 9.67 50.20
N GLY B 184 43.97 10.46 50.09
CA GLY B 184 43.96 11.65 49.27
C GLY B 184 42.61 11.82 48.61
N ASN B 185 42.60 12.55 47.50
CA ASN B 185 41.38 12.77 46.75
C ASN B 185 41.11 11.62 45.79
N PHE B 186 39.87 11.56 45.30
CA PHE B 186 39.47 10.52 44.36
C PHE B 186 40.21 10.71 43.03
N LYS B 187 40.56 9.59 42.39
CA LYS B 187 41.33 9.62 41.16
C LYS B 187 40.77 8.78 40.03
N ASN B 188 39.67 8.05 40.25
CA ASN B 188 39.11 7.18 39.23
C ASN B 188 37.59 7.36 39.18
N LEU B 189 37.04 7.31 37.96
CA LEU B 189 35.60 7.37 37.78
C LEU B 189 35.19 6.29 36.79
N ARG B 190 34.36 5.36 37.26
CA ARG B 190 33.86 4.25 36.46
C ARG B 190 32.38 4.49 36.21
N GLU B 191 32.01 4.59 34.93
CA GLU B 191 30.64 4.88 34.54
C GLU B 191 30.03 3.66 33.87
N PHE B 192 28.81 3.30 34.29
CA PHE B 192 28.12 2.16 33.70
C PHE B 192 26.68 2.53 33.36
N VAL B 193 26.17 1.88 32.31
CA VAL B 193 24.77 1.98 31.91
C VAL B 193 24.25 0.55 31.71
N PHE B 194 23.18 0.20 32.41
CA PHE B 194 22.57 -1.11 32.30
C PHE B 194 21.17 -0.95 31.70
N LYS B 195 20.89 -1.67 30.62
CA LYS B 195 19.58 -1.63 29.99
C LYS B 195 19.11 -3.05 29.74
N ASN B 196 17.78 -3.24 29.70
CA ASN B 196 17.19 -4.55 29.44
C ASN B 196 15.99 -4.28 28.54
N ILE B 197 16.12 -4.59 27.25
CA ILE B 197 15.03 -4.45 26.29
C ILE B 197 15.14 -5.61 25.30
N ASP B 198 13.97 -6.18 24.93
CA ASP B 198 13.83 -7.28 23.98
C ASP B 198 14.61 -8.52 24.42
N GLY B 199 14.64 -8.77 25.73
CA GLY B 199 15.35 -9.91 26.26
C GLY B 199 16.85 -9.83 26.23
N TYR B 200 17.40 -8.66 25.92
CA TYR B 200 18.84 -8.46 25.82
C TYR B 200 19.27 -7.48 26.91
N PHE B 201 20.32 -7.85 27.65
CA PHE B 201 20.85 -7.02 28.73
C PHE B 201 22.14 -6.37 28.24
N LYS B 202 22.12 -5.05 28.12
CA LYS B 202 23.26 -4.28 27.63
C LYS B 202 23.96 -3.59 28.77
N ILE B 203 25.27 -3.80 28.89
CA ILE B 203 26.09 -3.14 29.88
C ILE B 203 27.13 -2.33 29.12
N TYR B 204 27.13 -1.02 29.34
CA TYR B 204 28.05 -0.12 28.66
C TYR B 204 28.96 0.48 29.71
N SER B 205 30.26 0.58 29.44
CA SER B 205 31.19 1.00 30.47
C SER B 205 32.25 1.95 29.92
N LYS B 206 32.81 2.76 30.81
CA LYS B 206 33.90 3.68 30.51
C LYS B 206 34.66 3.98 31.81
N HIS B 207 35.92 4.37 31.64
CA HIS B 207 36.80 4.77 32.74
C HIS B 207 37.34 6.16 32.45
N THR B 208 37.50 6.96 33.52
CA THR B 208 37.99 8.35 33.38
C THR B 208 38.79 8.77 34.60
N PRO B 209 40.00 9.30 34.41
CA PRO B 209 40.76 9.86 35.55
C PRO B 209 40.22 11.21 35.97
N ILE B 210 40.24 11.45 37.28
CA ILE B 210 39.69 12.66 37.88
C ILE B 210 40.62 13.18 38.97
N ASN B 211 40.42 14.44 39.34
CA ASN B 211 41.26 15.10 40.34
C ASN B 211 40.41 15.96 41.29
N LEU B 212 39.30 15.40 41.76
CA LEU B 212 38.39 16.10 42.67
C LEU B 212 38.24 15.34 43.98
N VAL B 213 37.64 16.01 44.97
CA VAL B 213 37.43 15.45 46.29
C VAL B 213 35.99 14.93 46.48
N ARG B 214 34.99 15.70 46.07
CA ARG B 214 33.59 15.24 46.04
C ARG B 214 32.84 16.12 45.05
N ASP B 215 32.36 15.51 43.97
CA ASP B 215 31.52 16.10 42.92
C ASP B 215 31.24 15.02 41.89
N LEU B 216 30.38 15.35 40.93
CA LEU B 216 30.25 14.60 39.71
C LEU B 216 30.89 15.43 38.61
N PRO B 217 31.95 14.93 37.95
CA PRO B 217 32.72 15.76 37.01
C PRO B 217 31.89 16.25 35.84
N GLN B 218 32.18 17.47 35.42
CA GLN B 218 31.51 18.07 34.27
C GLN B 218 32.19 17.61 32.98
N GLY B 219 31.84 18.25 31.87
CA GLY B 219 32.39 17.88 30.59
C GLY B 219 31.56 16.83 29.89
N PHE B 220 32.12 16.30 28.82
CA PHE B 220 31.45 15.33 27.98
C PHE B 220 32.28 14.06 27.87
N SER B 221 31.63 12.91 27.98
CA SER B 221 32.31 11.62 27.87
C SER B 221 31.32 10.62 27.30
N ALA B 222 31.69 10.00 26.18
CA ALA B 222 30.84 9.02 25.52
C ALA B 222 31.10 7.63 26.05
N LEU B 223 30.04 6.94 26.51
CA LEU B 223 30.17 5.62 27.12
C LEU B 223 30.11 4.55 26.03
N GLU B 224 31.28 4.00 25.68
CA GLU B 224 31.35 2.99 24.63
C GLU B 224 30.78 1.65 25.12
N PRO B 225 30.21 0.84 24.22
CA PRO B 225 29.69 -0.47 24.62
C PRO B 225 30.77 -1.42 25.10
N LEU B 226 30.40 -2.30 26.03
CA LEU B 226 31.28 -3.35 26.51
C LEU B 226 30.74 -4.75 26.26
N VAL B 227 29.50 -5.03 26.67
CA VAL B 227 28.97 -6.40 26.60
C VAL B 227 27.46 -6.33 26.43
N ASP B 228 26.91 -7.40 25.87
CA ASP B 228 25.48 -7.55 25.58
C ASP B 228 25.06 -8.94 26.03
N LEU B 229 24.45 -9.03 27.22
CA LEU B 229 24.05 -10.37 27.61
C LEU B 229 22.65 -10.66 27.10
N PRO B 230 22.46 -11.75 26.40
CA PRO B 230 21.13 -12.23 25.97
C PRO B 230 20.48 -13.15 27.01
N ILE B 231 19.92 -12.53 28.04
CA ILE B 231 19.41 -13.26 29.19
C ILE B 231 17.89 -13.47 29.11
N GLY B 232 17.14 -12.40 28.86
CA GLY B 232 15.69 -12.51 28.75
C GLY B 232 14.96 -12.84 30.02
N ILE B 233 15.33 -12.20 31.14
CA ILE B 233 14.64 -12.34 32.40
C ILE B 233 14.15 -10.97 32.83
N ASN B 234 13.11 -10.97 33.66
CA ASN B 234 12.53 -9.72 34.14
C ASN B 234 13.40 -9.16 35.25
N ILE B 235 13.69 -7.86 35.17
CA ILE B 235 14.51 -7.16 36.15
C ILE B 235 13.76 -5.88 36.53
N THR B 236 13.25 -5.85 37.76
CA THR B 236 12.57 -4.66 38.31
C THR B 236 13.10 -4.30 39.69
N ARG B 237 14.33 -4.71 40.02
CA ARG B 237 14.91 -4.49 41.34
C ARG B 237 16.40 -4.74 41.22
N PHE B 238 17.21 -3.81 41.72
CA PHE B 238 18.64 -3.98 41.64
C PHE B 238 19.31 -3.46 42.91
N GLN B 239 20.52 -3.95 43.15
CA GLN B 239 21.26 -3.59 44.35
C GLN B 239 22.75 -3.60 44.02
N THR B 240 23.53 -2.93 44.86
CA THR B 240 24.96 -2.78 44.66
C THR B 240 25.72 -3.59 45.72
N LEU B 241 27.02 -3.79 45.46
CA LEU B 241 27.88 -4.58 46.33
C LEU B 241 29.21 -3.87 46.53
N LEU B 242 29.52 -3.53 47.79
CA LEU B 242 30.75 -2.87 48.15
C LEU B 242 31.70 -3.86 48.83
N ALA B 243 32.84 -3.34 49.29
CA ALA B 243 33.83 -4.12 50.02
C ALA B 243 34.24 -3.34 51.26
N LEU B 244 34.51 -4.05 52.35
CA LEU B 244 34.88 -3.44 53.61
C LEU B 244 36.26 -3.90 54.05
N HIS B 245 37.00 -3.00 54.68
CA HIS B 245 38.34 -3.30 55.15
C HIS B 245 38.28 -3.84 56.58
N ARG B 246 39.25 -4.68 56.91
CA ARG B 246 39.35 -5.27 58.25
C ARG B 246 40.81 -5.42 58.61
N SER B 247 41.08 -5.44 59.93
CA SER B 247 42.44 -5.59 60.41
C SER B 247 42.47 -6.26 61.78
N GLY B 252 36.71 -5.54 66.47
CA GLY B 252 35.39 -5.68 67.07
C GLY B 252 34.76 -7.03 66.81
N ASP B 253 33.42 -7.06 66.84
CA ASP B 253 32.68 -8.29 66.60
C ASP B 253 32.56 -8.54 65.10
N SER B 254 31.74 -9.53 64.73
CA SER B 254 31.55 -9.86 63.32
C SER B 254 30.78 -8.78 62.56
N SER B 255 30.01 -7.96 63.26
CA SER B 255 29.21 -6.91 62.62
C SER B 255 29.57 -5.51 63.11
N SER B 256 30.67 -5.36 63.85
CA SER B 256 31.07 -4.06 64.37
C SER B 256 32.47 -3.64 63.97
N GLY B 257 33.41 -4.58 63.86
CA GLY B 257 34.77 -4.24 63.51
C GLY B 257 35.00 -4.22 62.01
N TRP B 258 34.42 -3.26 61.32
CA TRP B 258 34.56 -3.14 59.88
C TRP B 258 34.69 -1.66 59.50
N THR B 259 35.41 -1.42 58.41
CA THR B 259 35.61 -0.07 57.89
C THR B 259 35.23 -0.05 56.41
N ALA B 260 34.40 0.92 56.03
CA ALA B 260 33.89 0.97 54.66
C ALA B 260 34.97 1.43 53.68
N GLY B 261 35.64 2.52 54.00
CA GLY B 261 36.61 3.08 53.08
C GLY B 261 36.01 4.19 52.23
N ALA B 262 36.87 5.12 51.80
CA ALA B 262 36.43 6.30 51.08
C ALA B 262 36.01 5.93 49.66
N ALA B 263 34.75 6.22 49.33
CA ALA B 263 34.17 5.95 48.02
C ALA B 263 32.83 6.69 47.92
N ALA B 264 32.33 6.79 46.69
CA ALA B 264 31.03 7.38 46.43
C ALA B 264 30.46 6.82 45.15
N TYR B 265 29.13 6.83 45.03
CA TYR B 265 28.49 6.38 43.81
C TYR B 265 27.14 7.05 43.62
N TYR B 266 26.84 7.41 42.37
CA TYR B 266 25.61 8.09 41.99
C TYR B 266 24.74 7.16 41.15
N VAL B 267 23.45 7.13 41.45
CA VAL B 267 22.50 6.29 40.73
C VAL B 267 21.45 7.18 40.09
N GLY B 268 21.22 6.98 38.78
CA GLY B 268 20.22 7.75 38.07
C GLY B 268 19.39 6.84 37.19
N TYR B 269 18.18 7.32 36.90
CA TYR B 269 17.22 6.57 36.10
C TYR B 269 17.15 7.15 34.69
N LEU B 270 16.97 6.26 33.72
CA LEU B 270 16.92 6.65 32.31
C LEU B 270 15.47 6.73 31.87
N GLN B 271 15.18 7.72 31.01
CA GLN B 271 13.85 7.93 30.47
C GLN B 271 13.92 8.04 28.95
N PRO B 272 12.83 7.71 28.24
CA PRO B 272 12.86 7.82 26.77
C PRO B 272 12.88 9.26 26.31
N ARG B 273 14.03 9.70 25.78
CA ARG B 273 14.22 11.07 25.34
C ARG B 273 14.87 11.09 23.97
N THR B 274 14.70 12.21 23.29
CA THR B 274 15.32 12.43 21.98
C THR B 274 16.54 13.32 22.16
N PHE B 275 17.68 12.87 21.68
CA PHE B 275 18.95 13.56 21.82
C PHE B 275 19.54 13.84 20.45
N LEU B 276 20.19 14.99 20.30
CA LEU B 276 20.89 15.37 19.07
C LEU B 276 22.37 15.35 19.37
N LEU B 277 23.11 14.52 18.63
CA LEU B 277 24.52 14.25 18.91
C LEU B 277 25.40 14.68 17.75
N LYS B 278 26.55 15.25 18.07
CA LYS B 278 27.55 15.63 17.08
C LYS B 278 28.68 14.61 17.06
N TYR B 279 28.97 14.06 15.88
CA TYR B 279 30.06 13.11 15.71
C TYR B 279 31.17 13.80 14.93
N ASN B 280 32.40 13.72 15.43
CA ASN B 280 33.53 14.36 14.78
C ASN B 280 34.11 13.44 13.71
N GLU B 281 35.24 13.86 13.12
CA GLU B 281 35.89 13.06 12.07
C GLU B 281 36.47 11.76 12.63
N ASN B 282 36.79 11.72 13.91
CA ASN B 282 37.31 10.50 14.54
C ASN B 282 36.24 9.43 14.66
N GLY B 283 34.95 9.82 14.63
CA GLY B 283 33.86 8.89 14.78
C GLY B 283 33.29 8.80 16.17
N THR B 284 33.97 9.35 17.18
CA THR B 284 33.44 9.36 18.52
C THR B 284 32.45 10.49 18.71
N ILE B 285 31.66 10.39 19.78
CA ILE B 285 30.65 11.41 20.06
C ILE B 285 31.37 12.61 20.67
N THR B 286 31.16 13.78 20.09
CA THR B 286 31.81 14.99 20.59
C THR B 286 30.92 15.74 21.56
N ASP B 287 29.67 15.97 21.18
CA ASP B 287 28.75 16.70 22.05
C ASP B 287 27.32 16.25 21.73
N ALA B 288 26.43 16.52 22.68
CA ALA B 288 25.04 16.16 22.55
C ALA B 288 24.19 17.21 23.24
N VAL B 289 22.96 17.40 22.74
CA VAL B 289 21.99 18.31 23.33
C VAL B 289 20.66 17.58 23.42
N ASP B 290 19.81 18.07 24.32
CA ASP B 290 18.50 17.46 24.51
C ASP B 290 17.46 18.14 23.62
N CYS B 291 16.32 17.48 23.49
CA CYS B 291 15.18 18.03 22.77
C CYS B 291 14.05 18.40 23.72
N ALA B 292 14.29 18.35 25.03
CA ALA B 292 13.25 18.67 25.99
C ALA B 292 13.78 19.47 27.18
N LEU B 293 15.05 19.86 27.18
CA LEU B 293 15.62 20.55 28.34
C LEU B 293 15.16 22.00 28.44
N ASP B 294 15.52 22.82 27.47
CA ASP B 294 15.16 24.23 27.43
C ASP B 294 14.81 24.57 25.98
N PRO B 295 14.08 25.68 25.74
CA PRO B 295 13.66 26.01 24.36
C PRO B 295 14.81 26.17 23.36
N LEU B 296 15.97 26.64 23.80
CA LEU B 296 17.12 26.77 22.90
C LEU B 296 17.59 25.41 22.38
N SER B 297 17.67 24.41 23.26
CA SER B 297 18.10 23.07 22.83
C SER B 297 17.08 22.43 21.90
N GLU B 298 15.79 22.67 22.14
CA GLU B 298 14.76 22.13 21.25
C GLU B 298 14.80 22.84 19.90
N THR B 299 15.13 24.14 19.89
CA THR B 299 15.35 24.85 18.64
C THR B 299 16.52 24.26 17.87
N LYS B 300 17.60 23.92 18.58
CA LYS B 300 18.73 23.23 17.96
C LYS B 300 18.33 21.86 17.42
N CYS B 301 17.49 21.13 18.16
CA CYS B 301 17.00 19.82 17.73
C CYS B 301 16.20 19.93 16.44
N THR B 302 15.28 20.90 16.38
CA THR B 302 14.41 21.03 15.22
C THR B 302 15.14 21.65 14.03
N LEU B 303 16.24 22.35 14.25
CA LEU B 303 17.06 22.83 13.14
C LEU B 303 18.21 21.90 12.78
N LYS B 304 18.42 20.83 13.56
CA LYS B 304 19.45 19.81 13.30
C LYS B 304 20.85 20.44 13.19
N SER B 305 21.13 21.40 14.07
CA SER B 305 22.41 22.07 14.10
C SER B 305 22.67 22.60 15.49
N PHE B 306 23.95 22.60 15.88
CA PHE B 306 24.35 23.12 17.18
C PHE B 306 24.51 24.64 17.18
N THR B 307 24.52 25.26 16.01
CA THR B 307 24.62 26.72 15.88
C THR B 307 23.38 27.23 15.18
N VAL B 308 22.71 28.21 15.78
CA VAL B 308 21.48 28.78 15.24
C VAL B 308 21.69 30.26 14.98
N GLU B 309 21.04 30.76 13.94
CA GLU B 309 21.11 32.16 13.56
C GLU B 309 19.93 32.94 14.15
N LYS B 310 20.05 34.27 14.09
CA LYS B 310 19.02 35.15 14.64
C LYS B 310 17.73 35.06 13.84
N GLY B 311 16.60 35.06 14.55
CA GLY B 311 15.29 35.00 13.91
C GLY B 311 14.31 34.31 14.83
N ILE B 312 13.14 34.00 14.26
CA ILE B 312 12.06 33.34 14.98
C ILE B 312 11.74 32.05 14.23
N TYR B 313 11.64 30.94 14.97
CA TYR B 313 11.38 29.63 14.37
C TYR B 313 10.21 28.96 15.05
N GLN B 314 9.33 28.35 14.24
CA GLN B 314 8.25 27.54 14.77
C GLN B 314 8.83 26.28 15.36
N THR B 315 8.74 26.12 16.68
CA THR B 315 9.46 25.10 17.40
C THR B 315 8.62 23.85 17.64
N SER B 316 7.48 24.00 18.29
CA SER B 316 6.66 22.86 18.66
C SER B 316 5.21 23.32 18.82
N ASN B 317 4.39 22.47 19.42
CA ASN B 317 2.99 22.77 19.67
C ASN B 317 2.70 22.65 21.15
N PHE B 318 1.91 23.59 21.65
CA PHE B 318 1.53 23.63 23.06
C PHE B 318 0.06 23.25 23.21
N ARG B 319 -0.22 22.33 24.13
CA ARG B 319 -1.58 21.92 24.39
C ARG B 319 -1.69 21.60 25.87
N VAL B 320 -2.87 21.78 26.44
CA VAL B 320 -3.14 21.50 27.84
C VAL B 320 -3.82 20.13 27.93
N GLN B 321 -3.35 19.31 28.86
CA GLN B 321 -3.95 18.02 29.16
C GLN B 321 -5.04 18.21 30.21
N PRO B 322 -5.92 17.21 30.44
CA PRO B 322 -7.04 17.47 31.35
C PRO B 322 -6.93 16.87 32.74
N THR B 323 -7.59 17.52 33.70
CA THR B 323 -7.58 17.06 35.08
C THR B 323 -8.33 15.73 35.26
N GLU B 324 -9.56 15.65 34.80
CA GLU B 324 -10.37 14.45 35.06
C GLU B 324 -11.16 14.08 33.80
N SER B 325 -12.20 13.28 34.02
CA SER B 325 -13.11 12.81 32.98
C SER B 325 -14.53 12.97 33.51
N ILE B 326 -15.35 13.76 32.82
CA ILE B 326 -16.75 13.90 33.19
C ILE B 326 -17.57 12.94 32.33
N VAL B 327 -18.43 12.16 32.99
CA VAL B 327 -19.32 11.21 32.33
C VAL B 327 -20.74 11.73 32.45
N ARG B 328 -21.40 11.96 31.31
CA ARG B 328 -22.76 12.46 31.41
C ARG B 328 -23.85 11.65 30.72
N PHE B 329 -23.85 10.34 30.87
CA PHE B 329 -24.96 9.52 30.40
C PHE B 329 -25.64 8.86 31.59
N PRO B 330 -26.94 9.09 31.79
CA PRO B 330 -27.61 8.55 32.98
C PRO B 330 -27.71 7.04 32.94
N ASN B 331 -27.75 6.44 34.13
CA ASN B 331 -27.85 5.00 34.29
C ASN B 331 -29.22 4.63 34.86
N ILE B 332 -29.93 3.76 34.16
CA ILE B 332 -31.25 3.34 34.57
C ILE B 332 -31.13 2.43 35.80
N ALA B 333 -32.09 2.54 36.71
CA ALA B 333 -32.11 1.68 37.89
C ALA B 333 -32.28 0.22 37.50
N ASN B 334 -33.11 -0.06 36.50
CA ASN B 334 -33.39 -1.43 36.07
C ASN B 334 -32.13 -2.11 35.53
N LEU B 335 -31.99 -3.39 35.83
CA LEU B 335 -30.87 -4.20 35.38
C LEU B 335 -31.30 -5.00 34.16
N CYS B 336 -30.47 -4.99 33.12
CA CYS B 336 -30.79 -5.65 31.86
C CYS B 336 -31.00 -7.15 32.06
N PRO B 337 -31.99 -7.73 31.43
CA PRO B 337 -32.26 -9.16 31.63
C PRO B 337 -31.50 -10.02 30.62
N PHE B 338 -30.17 -9.82 30.55
CA PHE B 338 -29.34 -10.71 29.76
C PHE B 338 -29.39 -12.12 30.32
N GLY B 339 -29.54 -12.23 31.64
CA GLY B 339 -29.69 -13.53 32.26
C GLY B 339 -30.95 -14.24 31.78
N GLU B 340 -32.02 -13.48 31.54
CA GLU B 340 -33.24 -14.06 30.99
C GLU B 340 -33.00 -14.66 29.60
N VAL B 341 -32.34 -13.89 28.73
CA VAL B 341 -32.11 -14.35 27.36
C VAL B 341 -31.15 -15.53 27.33
N PHE B 342 -30.01 -15.41 28.03
CA PHE B 342 -28.97 -16.43 27.94
C PHE B 342 -29.34 -17.70 28.71
N ASN B 343 -29.98 -17.57 29.87
CA ASN B 343 -30.23 -18.72 30.73
C ASN B 343 -31.67 -19.22 30.61
N ALA B 344 -32.36 -18.86 29.52
CA ALA B 344 -33.76 -19.24 29.33
C ALA B 344 -33.88 -20.77 29.23
N THR B 345 -35.02 -21.28 29.71
CA THR B 345 -35.26 -22.71 29.70
C THR B 345 -35.35 -23.24 28.27
N ARG B 346 -36.09 -22.54 27.42
CA ARG B 346 -36.37 -23.00 26.06
C ARG B 346 -35.94 -21.92 25.08
N PHE B 347 -35.19 -22.32 24.06
CA PHE B 347 -34.71 -21.41 23.04
C PHE B 347 -35.47 -21.71 21.75
N ALA B 348 -35.58 -20.71 20.89
CA ALA B 348 -36.40 -20.84 19.71
C ALA B 348 -35.70 -21.67 18.64
N SER B 349 -36.50 -22.15 17.68
CA SER B 349 -35.95 -22.82 16.51
C SER B 349 -35.36 -21.76 15.58
N VAL B 350 -34.46 -22.22 14.70
CA VAL B 350 -33.68 -21.32 13.85
C VAL B 350 -34.59 -20.47 12.98
N TYR B 351 -35.55 -21.11 12.29
CA TYR B 351 -36.42 -20.41 11.35
C TYR B 351 -37.24 -19.33 12.05
N ALA B 352 -37.83 -19.67 13.21
CA ALA B 352 -38.52 -18.71 14.05
C ALA B 352 -37.54 -18.11 15.04
N TRP B 353 -36.58 -17.32 14.53
CA TRP B 353 -35.64 -16.68 15.44
C TRP B 353 -36.39 -15.70 16.34
N ASN B 354 -36.15 -15.82 17.64
CA ASN B 354 -36.82 -15.02 18.64
C ASN B 354 -36.01 -13.76 18.91
N ARG B 355 -36.68 -12.62 18.92
CA ARG B 355 -36.04 -11.34 19.11
C ARG B 355 -36.58 -10.66 20.35
N LYS B 356 -35.67 -10.26 21.23
CA LYS B 356 -36.02 -9.52 22.42
C LYS B 356 -35.32 -8.18 22.31
N ARG B 357 -35.97 -7.12 22.77
CA ARG B 357 -35.35 -5.80 22.75
C ARG B 357 -34.89 -5.44 24.16
N ILE B 358 -33.60 -5.21 24.29
CA ILE B 358 -33.01 -4.77 25.55
C ILE B 358 -33.07 -3.24 25.58
N SER B 359 -34.00 -2.70 26.37
CA SER B 359 -34.24 -1.26 26.44
C SER B 359 -34.28 -0.73 27.87
N ASN B 360 -33.71 0.48 28.04
CA ASN B 360 -33.75 1.28 29.28
C ASN B 360 -33.25 0.54 30.51
N CYS B 361 -32.13 -0.17 30.35
CA CYS B 361 -31.47 -0.80 31.47
C CYS B 361 -29.96 -0.77 31.31
N VAL B 362 -29.25 -0.72 32.44
CA VAL B 362 -27.80 -0.81 32.40
C VAL B 362 -27.42 -2.27 32.17
N ALA B 363 -26.25 -2.48 31.58
CA ALA B 363 -25.87 -3.82 31.16
C ALA B 363 -24.56 -4.24 31.82
N ASP B 364 -24.43 -5.55 32.02
CA ASP B 364 -23.22 -6.12 32.61
C ASP B 364 -22.57 -7.00 31.57
N TYR B 365 -21.89 -6.37 30.61
CA TYR B 365 -21.25 -7.09 29.52
C TYR B 365 -20.11 -7.97 30.04
N SER B 366 -19.51 -7.61 31.17
CA SER B 366 -18.33 -8.32 31.63
C SER B 366 -18.62 -9.66 32.27
N VAL B 367 -19.86 -9.91 32.73
CA VAL B 367 -20.22 -11.23 33.25
C VAL B 367 -20.18 -12.26 32.12
N LEU B 368 -20.59 -11.84 30.92
CA LEU B 368 -20.60 -12.72 29.76
C LEU B 368 -19.17 -13.08 29.38
N TYR B 369 -18.30 -12.07 29.33
CA TYR B 369 -16.91 -12.24 28.97
C TYR B 369 -16.16 -13.11 29.98
N ASN B 370 -16.39 -12.90 31.28
CA ASN B 370 -15.63 -13.63 32.29
C ASN B 370 -16.23 -14.98 32.61
N SER B 371 -17.45 -15.25 32.12
CA SER B 371 -18.04 -16.57 32.29
C SER B 371 -17.19 -17.64 31.63
N ALA B 372 -16.74 -17.38 30.39
CA ALA B 372 -15.81 -18.18 29.59
C ALA B 372 -16.33 -19.55 29.20
N SER B 373 -17.50 -19.95 29.72
CA SER B 373 -18.14 -21.20 29.34
C SER B 373 -18.73 -21.12 27.93
N PHE B 374 -18.85 -19.91 27.40
CA PHE B 374 -19.35 -19.70 26.05
C PHE B 374 -18.27 -20.19 25.09
N SER B 375 -18.62 -21.12 24.21
CA SER B 375 -17.63 -21.73 23.32
C SER B 375 -17.05 -20.69 22.36
N THR B 376 -17.91 -19.88 21.76
CA THR B 376 -17.48 -18.87 20.80
C THR B 376 -18.11 -17.56 21.23
N PHE B 377 -17.29 -16.52 21.37
CA PHE B 377 -17.85 -15.25 21.84
C PHE B 377 -17.44 -14.17 20.85
N LYS B 378 -17.34 -14.56 19.57
CA LYS B 378 -16.84 -13.72 18.48
C LYS B 378 -17.66 -12.44 18.27
N CYS B 379 -16.97 -11.29 18.25
CA CYS B 379 -17.62 -10.00 18.10
C CYS B 379 -17.20 -9.29 16.82
N TYR B 380 -18.19 -8.82 16.05
CA TYR B 380 -17.98 -8.14 14.78
C TYR B 380 -18.41 -6.68 14.91
N GLY B 381 -17.48 -5.78 14.60
CA GLY B 381 -17.71 -4.35 14.66
C GLY B 381 -17.49 -3.76 16.03
N VAL B 382 -17.65 -4.57 17.07
CA VAL B 382 -17.48 -4.16 18.45
C VAL B 382 -16.34 -5.01 19.00
N SER B 383 -15.60 -4.44 19.94
CA SER B 383 -14.40 -5.10 20.44
C SER B 383 -14.72 -6.33 21.30
N PRO B 384 -13.96 -7.41 21.15
CA PRO B 384 -14.09 -8.58 22.03
C PRO B 384 -13.17 -8.53 23.24
N THR B 385 -12.53 -7.38 23.50
CA THR B 385 -11.59 -7.14 24.57
C THR B 385 -12.17 -6.36 25.75
N LYS B 386 -13.50 -6.47 26.01
CA LYS B 386 -14.28 -5.80 27.07
C LYS B 386 -14.53 -4.33 26.72
N LEU B 387 -14.48 -3.95 25.47
CA LEU B 387 -14.82 -2.58 25.12
C LEU B 387 -16.24 -2.43 24.62
N ASN B 388 -17.06 -3.50 24.67
CA ASN B 388 -18.47 -3.38 24.26
C ASN B 388 -19.34 -2.63 25.31
N ASP B 389 -18.71 -2.11 26.37
CA ASP B 389 -19.39 -1.37 27.43
C ASP B 389 -19.50 0.09 27.01
N LEU B 390 -20.35 0.32 26.00
CA LEU B 390 -20.58 1.63 25.42
C LEU B 390 -22.08 1.93 25.47
N CYS B 391 -22.42 3.21 25.37
CA CYS B 391 -23.82 3.61 25.30
C CYS B 391 -24.43 3.13 23.99
N PHE B 392 -25.56 2.41 24.10
CA PHE B 392 -26.23 1.81 22.96
C PHE B 392 -27.69 2.22 22.90
N THR B 393 -28.15 2.71 21.74
CA THR B 393 -29.57 3.00 21.57
C THR B 393 -30.40 1.74 21.61
N ASN B 394 -29.88 0.70 20.97
CA ASN B 394 -30.65 -0.50 20.75
C ASN B 394 -29.79 -1.72 20.92
N VAL B 395 -30.18 -2.58 21.84
CA VAL B 395 -29.56 -3.89 21.96
C VAL B 395 -30.64 -4.90 21.59
N TYR B 396 -30.41 -5.65 20.53
CA TYR B 396 -31.28 -6.71 20.04
C TYR B 396 -30.64 -8.06 20.28
N ALA B 397 -31.38 -8.91 20.96
CA ALA B 397 -30.93 -10.25 21.30
C ALA B 397 -31.74 -11.20 20.45
N ASP B 398 -31.06 -12.11 19.77
CA ASP B 398 -31.72 -13.08 18.92
C ASP B 398 -31.23 -14.43 19.39
N SER B 399 -32.15 -15.35 19.66
CA SER B 399 -31.75 -16.69 20.05
C SER B 399 -32.29 -17.74 19.09
N PHE B 400 -31.43 -18.71 18.78
CA PHE B 400 -31.74 -19.85 17.94
C PHE B 400 -30.68 -20.92 18.17
N VAL B 401 -31.11 -22.18 18.18
CA VAL B 401 -30.22 -23.31 18.44
C VAL B 401 -29.88 -23.93 17.09
N ILE B 402 -28.60 -24.15 16.83
CA ILE B 402 -28.13 -24.66 15.55
C ILE B 402 -27.14 -25.77 15.80
N ARG B 403 -26.77 -26.43 14.71
CA ARG B 403 -25.75 -27.46 14.77
C ARG B 403 -24.39 -26.81 14.78
N GLY B 404 -23.45 -27.42 15.53
CA GLY B 404 -22.11 -26.86 15.72
C GLY B 404 -21.39 -26.46 14.45
N ASP B 405 -21.55 -27.26 13.38
CA ASP B 405 -20.85 -27.03 12.12
C ASP B 405 -21.30 -25.74 11.44
N GLU B 406 -22.51 -25.26 11.73
CA GLU B 406 -23.06 -24.09 11.07
C GLU B 406 -22.83 -22.81 11.86
N VAL B 407 -22.08 -22.87 12.96
CA VAL B 407 -21.62 -21.65 13.63
C VAL B 407 -20.67 -20.89 12.72
N ARG B 408 -19.83 -21.61 11.99
CA ARG B 408 -18.93 -21.00 11.01
C ARG B 408 -19.71 -20.28 9.92
N GLN B 409 -20.85 -20.85 9.49
CA GLN B 409 -21.65 -20.27 8.41
C GLN B 409 -22.18 -18.88 8.78
N ILE B 410 -22.57 -18.68 10.04
CA ILE B 410 -23.17 -17.41 10.43
C ILE B 410 -22.09 -16.39 10.74
N ALA B 411 -21.55 -15.78 9.69
CA ALA B 411 -20.57 -14.72 9.78
C ALA B 411 -20.86 -13.73 8.66
N PRO B 412 -20.55 -12.44 8.83
CA PRO B 412 -20.73 -11.49 7.73
C PRO B 412 -19.80 -11.84 6.57
N GLY B 413 -20.36 -11.84 5.36
CA GLY B 413 -19.60 -12.20 4.19
C GLY B 413 -19.45 -13.69 3.98
N GLN B 414 -20.08 -14.51 4.82
CA GLN B 414 -20.05 -15.97 4.73
C GLN B 414 -21.48 -16.47 4.61
N THR B 415 -21.71 -17.39 3.67
CA THR B 415 -23.05 -17.86 3.41
C THR B 415 -23.20 -19.34 3.79
N GLY B 416 -24.28 -19.96 3.32
CA GLY B 416 -24.60 -21.33 3.64
C GLY B 416 -26.10 -21.47 3.64
N LYS B 417 -26.58 -22.66 4.06
CA LYS B 417 -28.02 -22.87 4.15
C LYS B 417 -28.62 -22.01 5.24
N ILE B 418 -28.00 -21.99 6.44
CA ILE B 418 -28.51 -21.22 7.56
C ILE B 418 -28.49 -19.74 7.23
N ALA B 419 -27.37 -19.27 6.67
CA ALA B 419 -27.19 -17.85 6.38
C ALA B 419 -28.16 -17.36 5.31
N ASP B 420 -28.64 -18.25 4.42
CA ASP B 420 -29.48 -17.81 3.32
C ASP B 420 -30.95 -18.20 3.43
N TYR B 421 -31.31 -19.16 4.27
CA TYR B 421 -32.68 -19.61 4.36
C TYR B 421 -33.21 -19.56 5.78
N ASN B 422 -32.40 -19.09 6.73
CA ASN B 422 -32.80 -19.12 8.12
C ASN B 422 -32.56 -17.79 8.85
N TYR B 423 -31.32 -17.27 8.78
CA TYR B 423 -30.97 -16.05 9.49
C TYR B 423 -29.69 -15.48 8.90
N LYS B 424 -29.75 -14.24 8.42
CA LYS B 424 -28.60 -13.60 7.77
C LYS B 424 -27.94 -12.60 8.71
N LEU B 425 -26.61 -12.55 8.65
CA LEU B 425 -25.84 -11.53 9.35
C LEU B 425 -25.55 -10.39 8.40
N PRO B 426 -26.11 -9.19 8.62
CA PRO B 426 -25.89 -8.06 7.71
C PRO B 426 -24.39 -7.77 7.59
N ASP B 427 -23.97 -7.36 6.39
CA ASP B 427 -22.55 -7.17 6.14
C ASP B 427 -21.93 -6.00 6.90
N ASP B 428 -22.73 -5.20 7.60
CA ASP B 428 -22.26 -4.13 8.47
C ASP B 428 -22.57 -4.40 9.94
N PHE B 429 -22.72 -5.67 10.32
CA PHE B 429 -23.17 -6.07 11.66
C PHE B 429 -22.23 -5.56 12.74
N THR B 430 -22.78 -4.77 13.67
CA THR B 430 -22.06 -4.30 14.84
C THR B 430 -22.62 -5.05 16.03
N GLY B 431 -21.86 -6.02 16.55
CA GLY B 431 -22.40 -6.82 17.62
C GLY B 431 -21.58 -8.06 17.86
N CYS B 432 -21.85 -8.69 19.00
CA CYS B 432 -21.15 -9.89 19.44
C CYS B 432 -21.99 -11.13 19.15
N VAL B 433 -21.43 -12.08 18.40
CA VAL B 433 -22.05 -13.38 18.15
C VAL B 433 -21.63 -14.29 19.29
N ILE B 434 -22.60 -14.83 20.03
CA ILE B 434 -22.32 -15.61 21.24
C ILE B 434 -22.96 -16.99 21.14
N ALA B 435 -22.15 -18.03 21.42
CA ALA B 435 -22.59 -19.41 21.33
C ALA B 435 -22.06 -20.17 22.54
N TRP B 436 -22.72 -21.29 22.86
CA TRP B 436 -22.26 -22.21 23.90
C TRP B 436 -22.92 -23.56 23.68
N ASN B 437 -22.28 -24.62 24.16
CA ASN B 437 -22.81 -25.96 23.92
C ASN B 437 -23.98 -26.24 24.85
N SER B 438 -25.05 -26.78 24.27
CA SER B 438 -26.24 -27.18 25.02
C SER B 438 -26.52 -28.66 24.84
N ASN B 439 -25.46 -29.48 24.78
CA ASN B 439 -25.61 -30.90 24.48
C ASN B 439 -26.44 -31.62 25.54
N ASN B 440 -26.19 -31.33 26.81
CA ASN B 440 -27.03 -31.90 27.86
C ASN B 440 -28.46 -31.35 27.79
N LEU B 441 -28.60 -30.02 27.66
CA LEU B 441 -29.90 -29.38 27.72
C LEU B 441 -30.74 -29.65 26.48
N ASP B 442 -30.16 -29.52 25.29
CA ASP B 442 -30.95 -29.56 24.06
C ASP B 442 -30.83 -30.85 23.25
N SER B 443 -30.26 -31.92 23.80
CA SER B 443 -30.29 -33.22 23.14
C SER B 443 -31.04 -34.18 24.05
N LYS B 444 -31.96 -34.94 23.46
CA LYS B 444 -32.83 -35.85 24.18
C LYS B 444 -32.61 -37.24 23.59
N VAL B 445 -32.73 -38.27 24.45
CA VAL B 445 -32.46 -39.66 24.03
C VAL B 445 -33.43 -40.04 22.91
N GLY B 446 -32.89 -40.67 21.88
CA GLY B 446 -33.69 -40.95 20.71
C GLY B 446 -33.78 -39.79 19.75
N GLY B 447 -33.07 -38.69 20.03
CA GLY B 447 -33.01 -37.48 19.24
C GLY B 447 -34.03 -36.46 19.68
N ASN B 448 -33.67 -35.19 19.54
CA ASN B 448 -34.59 -34.08 19.80
C ASN B 448 -34.93 -33.43 18.47
N TYR B 449 -36.21 -33.49 18.11
CA TYR B 449 -36.69 -33.02 16.82
C TYR B 449 -37.44 -31.69 16.89
N ASN B 450 -37.46 -31.05 18.05
CA ASN B 450 -38.23 -29.81 18.23
C ASN B 450 -37.67 -28.62 17.48
N TYR B 451 -36.40 -28.66 17.05
CA TYR B 451 -35.84 -27.61 16.20
C TYR B 451 -36.07 -27.90 14.73
N LEU B 452 -36.19 -26.82 13.95
CA LEU B 452 -36.42 -26.93 12.52
C LEU B 452 -35.53 -25.96 11.76
N TYR B 453 -34.97 -26.41 10.63
CA TYR B 453 -34.22 -25.52 9.74
C TYR B 453 -34.77 -25.61 8.32
N ARG B 454 -34.85 -24.47 7.65
CA ARG B 454 -35.39 -24.37 6.29
C ARG B 454 -34.38 -24.89 5.28
N LEU B 455 -34.55 -26.15 4.84
CA LEU B 455 -33.59 -26.74 3.90
C LEU B 455 -33.58 -26.00 2.57
N PHE B 456 -34.76 -25.72 2.02
CA PHE B 456 -34.89 -25.07 0.73
C PHE B 456 -35.95 -23.98 0.79
N ARG B 457 -35.63 -22.82 0.23
CA ARG B 457 -36.53 -21.69 0.10
C ARG B 457 -36.39 -21.19 -1.33
N LYS B 458 -37.44 -20.49 -1.81
CA LYS B 458 -37.47 -19.99 -3.18
C LYS B 458 -36.31 -19.03 -3.45
N SER B 459 -35.97 -18.17 -2.49
CA SER B 459 -34.93 -17.19 -2.66
C SER B 459 -34.15 -17.05 -1.35
N ASN B 460 -32.93 -16.53 -1.46
CA ASN B 460 -32.10 -16.29 -0.30
C ASN B 460 -32.64 -15.14 0.52
N LEU B 461 -32.44 -15.23 1.84
CA LEU B 461 -32.93 -14.21 2.74
C LEU B 461 -32.16 -12.91 2.54
N LYS B 462 -32.81 -11.80 2.88
CA LYS B 462 -32.20 -10.47 2.89
C LYS B 462 -31.57 -10.30 4.28
N PRO B 463 -30.87 -9.20 4.60
CA PRO B 463 -30.37 -9.03 5.98
C PRO B 463 -31.50 -9.06 7.00
N PHE B 464 -31.27 -9.79 8.10
CA PHE B 464 -32.20 -9.93 9.23
C PHE B 464 -33.59 -10.36 8.75
N GLU B 465 -33.69 -11.51 8.10
CA GLU B 465 -34.99 -11.94 7.59
C GLU B 465 -35.63 -13.08 8.39
N ARG B 466 -36.87 -13.37 8.00
CA ARG B 466 -37.79 -14.30 8.66
C ARG B 466 -38.75 -14.90 7.64
N ASP B 467 -39.03 -16.18 7.83
CA ASP B 467 -40.05 -16.85 7.02
C ASP B 467 -40.66 -17.91 7.92
N ILE B 468 -41.94 -17.74 8.25
CA ILE B 468 -42.67 -18.70 9.06
C ILE B 468 -43.63 -19.50 8.16
N SER B 469 -43.54 -19.27 6.84
CA SER B 469 -44.40 -19.95 5.89
C SER B 469 -44.10 -21.45 5.85
N THR B 470 -45.17 -22.25 5.76
CA THR B 470 -45.02 -23.69 5.65
C THR B 470 -45.41 -24.17 4.26
N GLU B 471 -45.47 -23.23 3.31
CA GLU B 471 -45.80 -23.56 1.92
C GLU B 471 -44.75 -24.51 1.37
N ILE B 472 -45.23 -25.62 0.78
CA ILE B 472 -44.35 -26.65 0.26
C ILE B 472 -43.48 -26.09 -0.86
N TYR B 473 -42.21 -26.49 -0.89
CA TYR B 473 -41.30 -26.07 -1.95
C TYR B 473 -41.72 -26.74 -3.25
N GLN B 474 -41.49 -26.05 -4.37
CA GLN B 474 -41.78 -26.61 -5.68
C GLN B 474 -40.47 -26.83 -6.42
N ALA B 475 -40.14 -28.08 -6.70
CA ALA B 475 -38.89 -28.44 -7.36
C ALA B 475 -39.05 -28.80 -8.83
N GLY B 476 -40.25 -28.64 -9.39
CA GLY B 476 -40.46 -29.06 -10.77
C GLY B 476 -41.65 -28.33 -11.38
N SER B 477 -41.95 -28.70 -12.63
CA SER B 477 -42.97 -28.00 -13.40
C SER B 477 -44.37 -28.14 -12.79
N THR B 478 -44.63 -29.27 -12.12
CA THR B 478 -45.96 -29.54 -11.57
C THR B 478 -46.29 -28.52 -10.48
N PRO B 479 -47.45 -27.87 -10.54
CA PRO B 479 -47.83 -26.96 -9.45
C PRO B 479 -48.29 -27.80 -8.27
N CYS B 480 -47.70 -27.53 -7.11
CA CYS B 480 -47.97 -28.35 -5.93
C CYS B 480 -49.44 -28.14 -5.53
N ASN B 481 -50.14 -29.23 -5.23
CA ASN B 481 -51.54 -29.17 -4.86
C ASN B 481 -51.76 -29.10 -3.36
N GLY B 482 -50.72 -28.86 -2.59
CA GLY B 482 -50.79 -28.84 -1.15
C GLY B 482 -50.59 -30.23 -0.58
N VAL B 483 -50.38 -31.19 -1.46
CA VAL B 483 -50.03 -32.56 -1.11
C VAL B 483 -48.56 -32.70 -1.41
N GLU B 484 -47.85 -33.45 -0.57
CA GLU B 484 -46.46 -33.72 -0.86
C GLU B 484 -46.38 -34.76 -1.96
N GLY B 485 -45.78 -34.38 -3.06
CA GLY B 485 -45.59 -35.26 -4.19
C GLY B 485 -44.15 -35.04 -4.61
N PHE B 486 -43.71 -35.80 -5.63
CA PHE B 486 -42.37 -35.54 -6.17
C PHE B 486 -42.37 -34.11 -6.69
N ASN B 487 -41.21 -33.45 -6.54
CA ASN B 487 -40.99 -32.03 -6.84
C ASN B 487 -41.70 -31.12 -5.85
N CYS B 488 -42.21 -31.67 -4.74
CA CYS B 488 -42.80 -30.90 -3.64
C CYS B 488 -42.13 -31.34 -2.36
N TYR B 489 -41.49 -30.40 -1.65
CA TYR B 489 -40.73 -30.71 -0.44
C TYR B 489 -41.14 -29.75 0.66
N PHE B 490 -41.63 -30.29 1.79
CA PHE B 490 -41.90 -29.45 2.96
C PHE B 490 -40.63 -28.67 3.28
N PRO B 491 -40.66 -27.33 3.25
CA PRO B 491 -39.41 -26.54 3.32
C PRO B 491 -38.59 -26.72 4.57
N LEU B 492 -39.26 -26.81 5.72
CA LEU B 492 -38.56 -26.99 6.97
C LEU B 492 -38.07 -28.42 7.14
N GLN B 493 -37.05 -28.56 7.97
CA GLN B 493 -36.50 -29.83 8.38
C GLN B 493 -36.08 -29.89 9.83
N SER B 494 -36.23 -31.09 10.38
CA SER B 494 -35.91 -31.33 11.76
C SER B 494 -34.43 -31.63 11.81
N TYR B 495 -33.72 -31.03 12.76
CA TYR B 495 -32.36 -31.49 12.82
C TYR B 495 -32.23 -32.83 13.55
N GLY B 496 -33.00 -33.05 14.61
CA GLY B 496 -32.78 -34.29 15.33
C GLY B 496 -31.42 -34.43 16.02
N PHE B 497 -31.10 -33.52 16.94
CA PHE B 497 -29.89 -33.62 17.77
C PHE B 497 -29.97 -34.83 18.69
N GLN B 498 -28.87 -35.64 18.72
CA GLN B 498 -28.83 -36.87 19.52
C GLN B 498 -27.79 -36.73 20.64
N PRO B 499 -28.02 -37.36 21.80
CA PRO B 499 -27.09 -37.19 22.94
C PRO B 499 -25.68 -37.68 22.65
N THR B 500 -25.56 -38.87 22.05
CA THR B 500 -24.28 -39.40 21.62
C THR B 500 -24.12 -39.10 20.14
N ASN B 501 -23.40 -38.02 19.84
CA ASN B 501 -23.23 -37.53 18.49
C ASN B 501 -21.96 -36.70 18.47
N GLY B 502 -21.49 -36.38 17.26
CA GLY B 502 -20.27 -35.61 17.13
C GLY B 502 -20.46 -34.19 17.60
N VAL B 503 -19.37 -33.53 17.99
CA VAL B 503 -19.41 -32.11 18.38
C VAL B 503 -19.90 -31.26 17.22
N GLY B 504 -19.53 -31.63 15.99
CA GLY B 504 -20.06 -30.99 14.81
C GLY B 504 -21.56 -31.18 14.68
N TYR B 505 -22.09 -32.29 15.21
CA TYR B 505 -23.50 -32.65 15.15
C TYR B 505 -24.24 -32.46 16.48
N GLN B 506 -23.69 -31.65 17.43
CA GLN B 506 -24.35 -31.33 18.71
C GLN B 506 -24.84 -29.88 18.76
N PRO B 507 -25.90 -29.60 19.51
CA PRO B 507 -26.49 -28.25 19.49
C PRO B 507 -25.67 -27.20 20.22
N TYR B 508 -25.63 -26.01 19.63
CA TYR B 508 -25.10 -24.81 20.27
C TYR B 508 -26.21 -23.77 20.29
N ARG B 509 -26.56 -23.30 21.49
CA ARG B 509 -27.49 -22.18 21.59
C ARG B 509 -26.72 -20.93 21.20
N VAL B 510 -27.29 -20.12 20.32
CA VAL B 510 -26.63 -18.89 19.86
C VAL B 510 -27.48 -17.71 20.29
N VAL B 511 -26.83 -16.68 20.85
CA VAL B 511 -27.54 -15.47 21.25
C VAL B 511 -26.86 -14.26 20.59
N VAL B 512 -27.21 -14.04 19.33
CA VAL B 512 -26.65 -12.90 18.58
C VAL B 512 -27.13 -11.60 19.20
N LEU B 513 -26.19 -10.72 19.53
CA LEU B 513 -26.48 -9.43 20.16
C LEU B 513 -26.12 -8.35 19.16
N SER B 514 -27.12 -7.63 18.65
CA SER B 514 -26.87 -6.52 17.73
C SER B 514 -26.94 -5.18 18.46
N PHE B 515 -25.90 -4.37 18.31
CA PHE B 515 -25.81 -3.06 18.95
C PHE B 515 -25.73 -1.96 17.89
N GLU B 516 -26.52 -0.90 18.07
CA GLU B 516 -26.51 0.25 17.17
C GLU B 516 -25.71 1.39 17.79
N LEU B 517 -24.79 1.98 17.02
CA LEU B 517 -23.87 3.00 17.50
C LEU B 517 -24.28 4.44 17.14
N LEU B 518 -25.52 4.67 16.68
CA LEU B 518 -25.93 6.06 16.43
C LEU B 518 -25.89 6.87 17.73
N HIS B 519 -26.32 6.25 18.84
CA HIS B 519 -26.29 6.76 20.23
C HIS B 519 -26.93 8.13 20.43
N ALA B 520 -28.00 8.41 19.68
CA ALA B 520 -28.74 9.65 19.96
C ALA B 520 -29.39 9.62 21.34
N PRO B 521 -30.12 8.54 21.79
CA PRO B 521 -30.53 8.51 23.19
C PRO B 521 -29.69 7.54 24.04
N ALA B 522 -29.59 7.80 25.34
CA ALA B 522 -28.87 6.89 26.22
C ALA B 522 -29.84 5.84 26.72
N THR B 523 -29.80 4.66 26.10
CA THR B 523 -30.71 3.59 26.47
C THR B 523 -30.00 2.52 27.30
N VAL B 524 -29.04 1.81 26.70
CA VAL B 524 -28.23 0.83 27.40
C VAL B 524 -26.87 1.45 27.70
N CYS B 525 -26.47 1.45 28.96
CA CYS B 525 -25.23 2.12 29.33
C CYS B 525 -24.34 1.27 30.21
N GLY B 526 -23.24 1.84 30.68
CA GLY B 526 -22.36 1.18 31.61
C GLY B 526 -22.99 1.06 32.98
N PRO B 527 -22.63 0.00 33.72
CA PRO B 527 -23.27 -0.23 35.05
C PRO B 527 -23.01 0.87 36.06
N LYS B 528 -21.80 1.41 36.12
CA LYS B 528 -21.43 2.48 37.04
C LYS B 528 -20.94 3.70 36.27
N LYS B 529 -21.53 4.86 36.56
CA LYS B 529 -21.12 6.11 35.95
C LYS B 529 -21.43 7.24 36.93
N SER B 530 -20.70 8.35 36.78
CA SER B 530 -20.78 9.47 37.70
C SER B 530 -20.79 10.78 36.91
N THR B 531 -21.68 11.69 37.30
CA THR B 531 -21.88 12.93 36.56
C THR B 531 -20.63 13.81 36.53
N ASN B 532 -20.05 14.08 37.71
CA ASN B 532 -18.77 14.79 37.89
C ASN B 532 -18.64 16.09 37.11
N LEU B 533 -19.72 16.87 37.01
CA LEU B 533 -19.69 18.08 36.17
C LEU B 533 -18.74 19.15 36.70
N VAL B 534 -18.07 19.81 35.76
CA VAL B 534 -17.14 20.90 36.05
C VAL B 534 -17.07 21.77 34.79
N LYS B 535 -16.77 23.05 34.97
CA LYS B 535 -16.71 24.00 33.87
C LYS B 535 -15.41 24.77 33.91
N ASN B 536 -15.14 25.46 32.79
CA ASN B 536 -13.98 26.34 32.56
C ASN B 536 -12.64 25.63 32.78
N LYS B 537 -12.59 24.34 32.47
CA LYS B 537 -11.43 23.50 32.71
C LYS B 537 -11.47 22.41 31.64
N CYS B 538 -10.37 22.21 30.93
CA CYS B 538 -10.34 21.17 29.91
C CYS B 538 -10.52 19.83 30.61
N VAL B 539 -11.37 18.97 30.05
CA VAL B 539 -11.73 17.67 30.62
C VAL B 539 -12.10 16.72 29.49
N ASN B 540 -12.28 15.45 29.84
CA ASN B 540 -12.73 14.42 28.94
C ASN B 540 -14.23 14.25 29.12
N PHE B 541 -15.04 14.65 28.14
CA PHE B 541 -16.47 14.51 28.33
C PHE B 541 -17.03 13.41 27.43
N ASN B 542 -18.12 12.78 27.90
CA ASN B 542 -18.84 11.76 27.14
C ASN B 542 -20.32 12.11 27.30
N PHE B 543 -20.79 13.03 26.48
CA PHE B 543 -22.17 13.49 26.53
C PHE B 543 -22.94 12.81 25.43
N ASN B 544 -24.09 12.22 25.75
CA ASN B 544 -24.99 11.56 24.77
C ASN B 544 -24.25 10.48 23.96
N GLY B 545 -23.31 9.80 24.60
CA GLY B 545 -22.55 8.74 23.97
C GLY B 545 -21.41 9.19 23.08
N LEU B 546 -21.14 10.49 22.98
CA LEU B 546 -20.07 11.00 22.11
C LEU B 546 -18.96 11.52 23.01
N THR B 547 -17.74 11.04 22.78
CA THR B 547 -16.59 11.40 23.59
C THR B 547 -15.82 12.54 22.94
N GLY B 548 -15.66 13.64 23.68
CA GLY B 548 -14.93 14.80 23.23
C GLY B 548 -14.02 15.33 24.33
N THR B 549 -13.28 16.38 23.99
CA THR B 549 -12.36 17.03 24.91
C THR B 549 -12.44 18.54 24.73
N GLY B 550 -12.60 19.27 25.83
CA GLY B 550 -12.65 20.72 25.77
C GLY B 550 -13.18 21.29 27.07
N VAL B 551 -13.36 22.61 27.07
CA VAL B 551 -13.90 23.33 28.22
C VAL B 551 -15.39 23.57 28.02
N LEU B 552 -16.11 23.67 29.12
CA LEU B 552 -17.55 23.90 29.10
C LEU B 552 -17.87 25.26 29.70
N THR B 553 -18.81 25.98 29.10
CA THR B 553 -19.19 27.29 29.58
C THR B 553 -20.68 27.51 29.39
N GLU B 554 -21.19 28.54 30.06
CA GLU B 554 -22.58 28.92 29.92
C GLU B 554 -22.83 29.49 28.52
N SER B 555 -23.94 29.06 27.91
CA SER B 555 -24.30 29.46 26.57
C SER B 555 -25.63 30.20 26.58
N ASN B 556 -25.68 31.34 25.89
CA ASN B 556 -26.91 32.11 25.79
C ASN B 556 -27.85 31.60 24.71
N LYS B 557 -27.41 30.65 23.88
CA LYS B 557 -28.25 30.10 22.83
C LYS B 557 -29.40 29.29 23.43
N LYS B 558 -30.58 29.41 22.83
CA LYS B 558 -31.76 28.68 23.26
C LYS B 558 -32.03 27.56 22.27
N PHE B 559 -32.11 26.33 22.77
CA PHE B 559 -32.33 25.19 21.90
C PHE B 559 -33.82 24.86 21.86
N LEU B 560 -34.15 23.75 21.24
CA LEU B 560 -35.49 23.21 21.17
C LEU B 560 -35.58 21.99 22.08
N PRO B 561 -36.77 21.67 22.63
CA PRO B 561 -36.88 20.57 23.60
C PRO B 561 -36.44 19.21 23.09
N PHE B 562 -36.63 18.93 21.80
CA PHE B 562 -36.28 17.64 21.22
C PHE B 562 -34.84 17.58 20.75
N GLN B 563 -34.10 18.69 20.82
CA GLN B 563 -32.73 18.74 20.32
C GLN B 563 -31.74 18.59 21.46
N GLN B 564 -30.83 17.65 21.30
CA GLN B 564 -29.84 17.32 22.32
C GLN B 564 -28.60 18.21 22.24
N PHE B 565 -27.90 18.16 21.11
CA PHE B 565 -26.64 18.87 20.95
C PHE B 565 -26.61 19.65 19.64
N GLY B 566 -25.84 20.74 19.65
CA GLY B 566 -25.72 21.61 18.49
C GLY B 566 -24.36 21.48 17.82
N ARG B 567 -24.40 21.30 16.50
CA ARG B 567 -23.21 21.14 15.69
C ARG B 567 -22.93 22.42 14.93
N ASP B 568 -21.66 22.83 14.91
CA ASP B 568 -21.22 24.05 14.25
C ASP B 568 -21.10 23.74 12.75
N ILE B 569 -20.98 24.81 11.95
CA ILE B 569 -20.87 24.70 10.49
C ILE B 569 -19.64 23.84 10.16
N ALA B 570 -19.74 23.08 9.06
CA ALA B 570 -18.73 22.15 8.55
C ALA B 570 -18.60 20.92 9.46
N ASP B 571 -19.69 20.58 10.15
CA ASP B 571 -19.85 19.34 10.92
C ASP B 571 -18.81 19.17 12.03
N THR B 572 -18.82 20.12 12.96
CA THR B 572 -18.02 20.03 14.18
C THR B 572 -18.89 20.40 15.38
N THR B 573 -18.69 19.68 16.48
CA THR B 573 -19.52 19.86 17.67
C THR B 573 -19.31 21.26 18.27
N ASP B 574 -20.42 21.92 18.60
CA ASP B 574 -20.40 23.24 19.19
C ASP B 574 -20.91 23.27 20.62
N ALA B 575 -22.06 22.67 20.88
CA ALA B 575 -22.62 22.67 22.22
C ALA B 575 -23.40 21.40 22.43
N VAL B 576 -23.47 20.95 23.69
CA VAL B 576 -24.27 19.79 24.07
C VAL B 576 -25.06 20.16 25.32
N ARG B 577 -26.36 19.86 25.31
CA ARG B 577 -27.18 20.07 26.49
C ARG B 577 -27.03 18.88 27.41
N ASP B 578 -26.79 19.14 28.69
CA ASP B 578 -26.69 18.06 29.65
C ASP B 578 -28.08 17.49 29.94
N PRO B 579 -28.28 16.17 29.88
CA PRO B 579 -29.64 15.62 30.06
C PRO B 579 -30.22 15.74 31.47
N GLN B 580 -29.41 16.00 32.50
CA GLN B 580 -29.92 15.97 33.87
C GLN B 580 -30.77 17.20 34.16
N THR B 581 -30.20 18.39 34.02
CA THR B 581 -30.97 19.62 34.28
C THR B 581 -31.43 20.32 33.01
N LEU B 582 -31.12 19.76 31.83
CA LEU B 582 -31.51 20.30 30.52
C LEU B 582 -31.02 21.74 30.34
N GLU B 583 -29.70 21.92 30.51
CA GLU B 583 -29.08 23.22 30.39
C GLU B 583 -28.14 23.25 29.19
N ILE B 584 -28.20 24.34 28.43
CA ILE B 584 -27.36 24.49 27.25
C ILE B 584 -25.96 24.85 27.72
N LEU B 585 -24.97 24.07 27.29
CA LEU B 585 -23.58 24.31 27.64
C LEU B 585 -22.77 24.36 26.36
N ASP B 586 -22.06 25.47 26.16
CA ASP B 586 -21.21 25.65 24.99
C ASP B 586 -19.87 24.98 25.23
N ILE B 587 -19.47 24.11 24.30
CA ILE B 587 -18.21 23.38 24.41
C ILE B 587 -17.25 23.89 23.36
N THR B 588 -16.11 24.41 23.81
CA THR B 588 -15.08 24.85 22.90
C THR B 588 -13.77 24.19 23.33
N PRO B 589 -12.95 23.74 22.38
CA PRO B 589 -11.72 23.02 22.74
C PRO B 589 -10.78 23.87 23.56
N CYS B 590 -10.12 23.24 24.53
CA CYS B 590 -9.18 23.95 25.37
C CYS B 590 -8.00 24.42 24.54
N SER B 591 -7.40 25.55 24.96
CA SER B 591 -6.47 26.32 24.15
C SER B 591 -5.25 25.51 23.73
N PHE B 592 -4.94 25.59 22.44
CA PHE B 592 -3.74 25.02 21.86
C PHE B 592 -3.13 26.04 20.92
N GLY B 593 -1.82 25.96 20.74
CA GLY B 593 -1.14 26.91 19.91
C GLY B 593 0.22 26.43 19.46
N GLY B 594 0.96 27.34 18.85
CA GLY B 594 2.30 27.06 18.38
C GLY B 594 3.32 27.76 19.27
N VAL B 595 4.37 27.03 19.62
CA VAL B 595 5.45 27.57 20.44
C VAL B 595 6.56 28.00 19.49
N SER B 596 6.99 29.26 19.60
CA SER B 596 8.08 29.75 18.79
C SER B 596 9.15 30.34 19.69
N VAL B 597 10.38 30.33 19.20
CA VAL B 597 11.55 30.78 19.95
C VAL B 597 12.17 31.96 19.20
N ILE B 598 12.32 33.07 19.91
CA ILE B 598 12.96 34.27 19.37
C ILE B 598 14.37 34.36 19.96
N THR B 599 15.38 34.28 19.11
CA THR B 599 16.76 34.32 19.58
C THR B 599 17.62 35.19 18.68
N PRO B 600 18.63 35.85 19.24
CA PRO B 600 19.64 36.54 18.41
C PRO B 600 20.78 35.66 17.89
N GLY B 601 20.71 34.35 18.06
CA GLY B 601 21.75 33.40 17.65
C GLY B 601 22.72 33.08 18.77
N THR B 602 23.20 31.83 18.78
CA THR B 602 24.12 31.39 19.81
C THR B 602 25.51 32.03 19.78
N ASN B 603 25.98 32.60 18.66
CA ASN B 603 27.28 33.29 18.75
C ASN B 603 27.17 34.55 19.61
N THR B 604 26.00 35.19 19.65
CA THR B 604 25.83 36.41 20.41
C THR B 604 25.44 36.10 21.86
N SER B 605 24.31 35.42 22.07
CA SER B 605 23.91 35.08 23.42
C SER B 605 23.00 33.88 23.41
N ASN B 606 22.86 33.26 24.58
CA ASN B 606 22.01 32.08 24.73
C ASN B 606 20.62 32.43 25.21
N GLN B 607 20.37 33.71 25.49
CA GLN B 607 19.05 34.13 25.95
C GLN B 607 18.03 34.05 24.81
N VAL B 608 16.85 33.52 25.11
CA VAL B 608 15.78 33.32 24.14
C VAL B 608 14.47 33.83 24.72
N ALA B 609 13.51 34.05 23.83
CA ALA B 609 12.16 34.42 24.23
C ALA B 609 11.20 33.42 23.60
N VAL B 610 10.14 33.10 24.32
CA VAL B 610 9.17 32.09 23.92
C VAL B 610 7.87 32.78 23.55
N LEU B 611 7.35 32.48 22.37
CA LEU B 611 6.10 33.05 21.89
C LEU B 611 5.10 31.92 21.75
N TYR B 612 3.95 32.06 22.41
CA TYR B 612 2.83 31.15 22.25
C TYR B 612 1.83 31.81 21.31
N GLN B 613 1.59 31.18 20.16
CA GLN B 613 0.78 31.79 19.13
C GLN B 613 -0.70 31.54 19.38
N ASP B 614 -1.48 32.63 19.39
CA ASP B 614 -2.94 32.61 19.56
C ASP B 614 -3.35 31.92 20.86
N VAL B 615 -2.57 32.14 21.91
CA VAL B 615 -2.83 31.55 23.22
C VAL B 615 -2.87 32.67 24.25
N ASN B 616 -3.96 32.74 25.00
CA ASN B 616 -4.08 33.64 26.12
C ASN B 616 -3.32 33.02 27.29
N CYS B 617 -2.20 33.61 27.67
CA CYS B 617 -1.29 33.02 28.65
C CYS B 617 -1.73 33.20 30.10
N THR B 618 -2.99 33.56 30.35
CA THR B 618 -3.52 33.59 31.70
C THR B 618 -3.78 32.19 32.25
N GLU B 619 -3.73 31.16 31.42
CA GLU B 619 -3.99 29.79 31.83
C GLU B 619 -2.80 28.87 31.66
N VAL B 620 -1.65 29.37 31.21
CA VAL B 620 -0.48 28.52 31.01
C VAL B 620 0.29 28.34 32.31
N ASN B 641 9.59 38.34 31.82
CA ASN B 641 8.43 39.21 31.67
C ASN B 641 7.39 38.56 30.76
N VAL B 642 6.13 38.93 30.95
CA VAL B 642 5.00 38.40 30.19
C VAL B 642 4.33 39.56 29.45
N PHE B 643 4.18 39.42 28.14
CA PHE B 643 3.57 40.45 27.31
C PHE B 643 2.51 39.80 26.42
N GLN B 644 1.42 40.52 26.16
CA GLN B 644 0.31 40.04 25.37
C GLN B 644 0.26 40.83 24.07
N THR B 645 0.38 40.13 22.94
CA THR B 645 0.29 40.70 21.61
C THR B 645 -0.87 40.07 20.85
N ARG B 646 -1.22 40.69 19.72
CA ARG B 646 -2.28 40.12 18.87
C ARG B 646 -1.89 38.78 18.28
N ALA B 647 -0.59 38.46 18.24
CA ALA B 647 -0.11 37.17 17.78
C ALA B 647 -0.05 36.15 18.88
N GLY B 648 -0.32 36.55 20.13
CA GLY B 648 -0.30 35.62 21.24
C GLY B 648 0.33 36.18 22.49
N CYS B 649 1.18 35.40 23.13
CA CYS B 649 1.83 35.82 24.36
C CYS B 649 3.33 35.65 24.21
N LEU B 650 4.07 36.56 24.81
CA LEU B 650 5.52 36.54 24.75
C LEU B 650 6.09 36.52 26.16
N ILE B 651 6.98 35.56 26.43
CA ILE B 651 7.63 35.41 27.72
C ILE B 651 9.12 35.42 27.49
N GLY B 652 9.83 36.20 28.31
CA GLY B 652 11.26 36.34 28.20
C GLY B 652 11.71 37.59 27.50
N ALA B 653 10.79 38.45 27.10
CA ALA B 653 11.12 39.70 26.45
C ALA B 653 10.47 40.84 27.22
N GLU B 654 11.21 41.93 27.38
CA GLU B 654 10.73 43.10 28.11
C GLU B 654 10.17 44.09 27.12
N HIS B 655 8.91 44.47 27.29
CA HIS B 655 8.30 45.42 26.38
C HIS B 655 8.84 46.82 26.64
N VAL B 656 9.06 47.56 25.56
CA VAL B 656 9.56 48.93 25.62
C VAL B 656 8.63 49.82 24.81
N ASN B 657 8.65 51.10 25.14
CA ASN B 657 7.80 52.09 24.50
C ASN B 657 8.45 52.78 23.31
N ASN B 658 9.66 52.39 22.94
CA ASN B 658 10.34 52.98 21.80
C ASN B 658 9.94 52.27 20.51
N SER B 659 10.59 52.65 19.41
CA SER B 659 10.30 52.06 18.11
C SER B 659 11.56 52.09 17.25
N TYR B 660 11.98 50.94 16.76
CA TYR B 660 13.14 50.80 15.90
C TYR B 660 12.77 49.98 14.68
N GLU B 661 13.75 49.74 13.81
CA GLU B 661 13.55 48.90 12.64
C GLU B 661 13.31 47.46 13.09
N CYS B 662 12.44 46.77 12.36
CA CYS B 662 12.07 45.40 12.71
C CYS B 662 13.29 44.48 12.54
N ASP B 663 13.76 43.91 13.64
CA ASP B 663 14.89 43.00 13.59
C ASP B 663 14.42 41.56 13.46
N ILE B 664 13.64 41.09 14.42
CA ILE B 664 13.04 39.77 14.38
C ILE B 664 11.52 39.95 14.24
N PRO B 665 10.94 39.61 13.09
CA PRO B 665 9.50 39.82 12.90
C PRO B 665 8.65 38.87 13.70
N ILE B 666 7.97 39.38 14.72
CA ILE B 666 7.07 38.55 15.52
C ILE B 666 5.68 38.53 14.89
N GLY B 667 5.14 39.69 14.58
CA GLY B 667 3.86 39.79 13.90
C GLY B 667 2.99 40.85 14.54
N ALA B 668 1.94 41.21 13.79
CA ALA B 668 0.93 42.20 14.19
C ALA B 668 1.56 43.54 14.55
N GLY B 669 2.57 43.93 13.79
CA GLY B 669 3.30 45.17 14.04
C GLY B 669 4.28 45.11 15.19
N ILE B 670 4.56 43.94 15.74
CA ILE B 670 5.45 43.78 16.89
C ILE B 670 6.71 43.07 16.41
N CYS B 671 7.87 43.61 16.79
CA CYS B 671 9.17 43.02 16.47
C CYS B 671 10.04 42.98 17.71
N ALA B 672 10.92 41.98 17.75
CA ALA B 672 11.83 41.78 18.86
C ALA B 672 13.27 42.07 18.45
N SER B 673 14.08 42.50 19.43
CA SER B 673 15.48 42.79 19.19
C SER B 673 16.27 42.56 20.48
N TYR B 674 17.58 42.39 20.32
CA TYR B 674 18.47 42.16 21.45
C TYR B 674 19.21 43.45 21.81
N SER B 691 19.83 41.78 26.68
CA SER B 691 18.46 41.38 26.96
C SER B 691 17.59 41.42 25.71
N ILE B 692 16.49 40.68 25.73
CA ILE B 692 15.55 40.60 24.63
C ILE B 692 14.42 41.59 24.89
N ILE B 693 14.18 42.48 23.93
CA ILE B 693 13.12 43.48 24.06
C ILE B 693 12.14 43.29 22.91
N ALA B 694 10.88 43.64 23.16
CA ALA B 694 9.82 43.61 22.17
C ALA B 694 9.18 44.98 22.06
N TYR B 695 8.90 45.43 20.84
CA TYR B 695 8.41 46.77 20.62
C TYR B 695 7.53 46.79 19.37
N THR B 696 7.03 47.97 19.05
CA THR B 696 6.27 48.18 17.82
C THR B 696 7.23 48.70 16.76
N MET B 697 7.20 48.06 15.58
CA MET B 697 8.14 48.41 14.52
C MET B 697 7.93 49.83 14.03
N SER B 698 9.04 50.47 13.68
CA SER B 698 9.02 51.83 13.13
C SER B 698 9.03 51.74 11.61
N LEU B 699 8.03 52.35 10.98
CA LEU B 699 7.89 52.28 9.53
C LEU B 699 8.99 53.03 8.80
N GLY B 700 9.65 53.96 9.48
CA GLY B 700 10.73 54.70 8.88
C GLY B 700 10.84 56.06 9.53
N ALA B 701 11.85 56.81 9.09
CA ALA B 701 12.06 58.15 9.60
C ALA B 701 10.96 59.08 9.09
N GLU B 702 10.36 59.82 10.00
CA GLU B 702 9.28 60.73 9.66
C GLU B 702 9.85 62.11 9.35
N ASN B 703 9.58 62.59 8.14
CA ASN B 703 10.03 63.92 7.72
C ASN B 703 8.94 64.56 6.88
N SER B 704 8.79 65.87 7.04
CA SER B 704 7.78 66.63 6.32
C SER B 704 8.45 67.42 5.21
N VAL B 705 7.96 67.26 3.99
CA VAL B 705 8.51 68.00 2.86
C VAL B 705 8.07 69.44 2.95
N ALA B 706 9.01 70.37 2.76
CA ALA B 706 8.72 71.79 2.83
C ALA B 706 7.96 72.26 1.60
N TYR B 707 6.71 71.83 1.46
CA TYR B 707 5.92 72.16 0.28
C TYR B 707 5.45 73.60 0.32
N SER B 708 5.51 74.24 -0.85
CA SER B 708 5.03 75.60 -1.04
C SER B 708 4.62 75.75 -2.49
N ASN B 709 3.76 76.74 -2.75
CA ASN B 709 3.26 76.94 -4.09
C ASN B 709 4.23 77.70 -5.00
N ASN B 710 5.32 78.25 -4.45
CA ASN B 710 6.31 78.95 -5.26
C ASN B 710 7.71 78.61 -4.82
N SER B 711 7.95 77.35 -4.47
CA SER B 711 9.26 76.95 -4.00
C SER B 711 9.63 75.58 -4.56
N ILE B 712 10.89 75.45 -4.96
CA ILE B 712 11.39 74.19 -5.49
C ILE B 712 12.73 73.88 -4.83
N ALA B 713 13.08 72.61 -4.88
CA ALA B 713 14.39 72.14 -4.45
C ALA B 713 15.09 71.56 -5.67
N ILE B 714 16.31 72.01 -5.93
CA ILE B 714 17.05 71.55 -7.09
C ILE B 714 18.41 71.03 -6.63
N PRO B 715 18.84 69.85 -7.07
CA PRO B 715 20.14 69.35 -6.64
C PRO B 715 21.29 70.05 -7.36
N THR B 716 22.31 70.40 -6.59
CA THR B 716 23.52 71.01 -7.12
C THR B 716 24.66 70.01 -7.28
N ASN B 717 24.45 68.75 -6.92
CA ASN B 717 25.47 67.73 -7.02
C ASN B 717 24.78 66.40 -7.25
N PHE B 718 25.57 65.35 -7.39
CA PHE B 718 25.07 64.02 -7.67
C PHE B 718 26.10 62.98 -7.25
N THR B 719 25.66 61.74 -7.17
CA THR B 719 26.52 60.63 -6.82
C THR B 719 26.26 59.51 -7.82
N ILE B 720 27.27 58.68 -8.04
CA ILE B 720 27.16 57.52 -8.90
C ILE B 720 27.06 56.31 -7.99
N SER B 721 25.92 55.64 -8.03
CA SER B 721 25.62 54.54 -7.14
C SER B 721 25.59 53.24 -7.92
N VAL B 722 26.28 52.22 -7.43
CA VAL B 722 26.27 50.90 -8.02
C VAL B 722 25.51 49.98 -7.08
N THR B 723 24.43 49.38 -7.58
CA THR B 723 23.57 48.51 -6.82
C THR B 723 23.66 47.10 -7.37
N THR B 724 23.74 46.13 -6.47
CA THR B 724 23.88 44.73 -6.83
C THR B 724 22.54 44.04 -6.70
N GLU B 725 22.12 43.38 -7.78
CA GLU B 725 20.87 42.63 -7.81
C GLU B 725 21.17 41.20 -8.22
N ILE B 726 20.69 40.25 -7.42
CA ILE B 726 20.95 38.84 -7.63
C ILE B 726 19.65 38.18 -8.07
N LEU B 727 19.71 37.46 -9.19
CA LEU B 727 18.53 36.81 -9.75
C LEU B 727 18.87 35.36 -10.10
N PRO B 728 18.18 34.39 -9.51
CA PRO B 728 18.41 32.99 -9.92
C PRO B 728 17.96 32.77 -11.36
N VAL B 729 18.65 31.85 -12.04
CA VAL B 729 18.36 31.59 -13.45
C VAL B 729 18.02 30.12 -13.63
N SER B 730 18.58 29.26 -12.78
CA SER B 730 18.37 27.83 -12.93
C SER B 730 18.72 27.12 -11.63
N MET B 731 18.30 25.85 -11.56
CA MET B 731 18.64 24.97 -10.45
C MET B 731 19.44 23.79 -11.00
N THR B 732 19.72 22.82 -10.12
CA THR B 732 20.35 21.58 -10.53
C THR B 732 19.35 20.67 -11.22
N LYS B 733 19.78 20.06 -12.33
CA LYS B 733 18.94 19.16 -13.10
C LYS B 733 19.04 17.76 -12.50
N THR B 734 17.92 17.21 -12.06
CA THR B 734 17.89 15.92 -11.38
C THR B 734 16.99 14.95 -12.14
N SER B 735 17.43 13.71 -12.24
CA SER B 735 16.66 12.63 -12.86
C SER B 735 16.53 11.46 -11.91
N VAL B 736 15.36 10.84 -11.89
CA VAL B 736 15.07 9.73 -10.98
C VAL B 736 14.68 8.52 -11.81
N ASP B 737 15.37 7.40 -11.60
CA ASP B 737 15.03 6.13 -12.22
C ASP B 737 14.19 5.35 -11.22
N CYS B 738 12.86 5.46 -11.36
CA CYS B 738 11.91 4.94 -10.38
C CYS B 738 12.05 3.44 -10.17
N THR B 739 12.25 2.68 -11.26
CA THR B 739 12.29 1.22 -11.20
C THR B 739 13.37 0.73 -10.23
N MET B 740 14.53 1.39 -10.25
CA MET B 740 15.61 1.02 -9.33
C MET B 740 15.60 1.89 -8.08
N TYR B 741 15.06 3.12 -8.15
CA TYR B 741 14.98 3.97 -6.95
C TYR B 741 14.10 3.35 -5.89
N ILE B 742 13.00 2.71 -6.31
CA ILE B 742 12.03 2.20 -5.36
C ILE B 742 12.64 1.09 -4.51
N CYS B 743 13.24 0.07 -5.15
CA CYS B 743 13.72 -1.06 -4.36
C CYS B 743 15.06 -1.66 -4.78
N GLY B 744 15.69 -1.19 -5.85
CA GLY B 744 17.04 -1.66 -6.15
C GLY B 744 17.18 -3.11 -6.62
N ASP B 745 16.73 -3.39 -7.85
CA ASP B 745 16.96 -4.66 -8.56
C ASP B 745 16.32 -5.83 -7.83
N SER B 746 14.98 -5.78 -7.73
CA SER B 746 14.20 -6.92 -7.31
C SER B 746 13.14 -7.17 -8.36
N THR B 747 13.01 -8.43 -8.80
CA THR B 747 12.06 -8.79 -9.84
C THR B 747 10.62 -8.62 -9.36
N GLU B 748 10.38 -8.81 -8.07
CA GLU B 748 9.02 -8.65 -7.51
C GLU B 748 8.52 -7.23 -7.64
N CYS B 749 9.41 -6.24 -7.52
CA CYS B 749 9.01 -4.83 -7.73
C CYS B 749 8.54 -4.60 -9.16
N SER B 750 9.28 -5.13 -10.13
CA SER B 750 8.87 -5.01 -11.53
C SER B 750 7.55 -5.72 -11.77
N ASN B 751 7.37 -6.90 -11.17
CA ASN B 751 6.14 -7.66 -11.32
C ASN B 751 4.95 -6.90 -10.75
N LEU B 752 5.13 -6.25 -9.60
CA LEU B 752 4.05 -5.51 -8.96
C LEU B 752 3.88 -4.10 -9.52
N LEU B 753 4.84 -3.60 -10.29
CA LEU B 753 4.72 -2.28 -10.89
C LEU B 753 4.22 -2.31 -12.33
N LEU B 754 4.46 -3.40 -13.07
CA LEU B 754 3.91 -3.48 -14.43
C LEU B 754 2.39 -3.49 -14.41
N GLN B 755 1.78 -4.11 -13.40
CA GLN B 755 0.34 -4.08 -13.25
C GLN B 755 -0.15 -2.82 -12.54
N TYR B 756 0.74 -2.08 -11.89
CA TYR B 756 0.33 -0.88 -11.18
C TYR B 756 -0.01 0.24 -12.16
N GLY B 757 0.73 0.36 -13.24
CA GLY B 757 0.47 1.40 -14.22
C GLY B 757 1.74 1.97 -14.83
N SER B 758 1.69 3.21 -15.29
CA SER B 758 2.83 3.85 -15.93
C SER B 758 3.12 5.20 -15.30
N PHE B 759 3.12 5.24 -13.96
CA PHE B 759 3.47 6.48 -13.27
C PHE B 759 4.94 6.85 -13.42
N CYS B 760 5.81 5.84 -13.54
CA CYS B 760 7.24 6.09 -13.70
C CYS B 760 7.55 6.88 -14.97
N THR B 761 6.88 6.55 -16.08
CA THR B 761 7.04 7.31 -17.31
C THR B 761 6.58 8.75 -17.14
N GLN B 762 5.49 8.97 -16.40
CA GLN B 762 5.01 10.33 -16.13
C GLN B 762 6.04 11.14 -15.37
N LEU B 763 6.61 10.56 -14.31
CA LEU B 763 7.60 11.27 -13.49
C LEU B 763 8.87 11.53 -14.28
N ASN B 764 9.31 10.56 -15.08
CA ASN B 764 10.50 10.74 -15.91
C ASN B 764 10.29 11.84 -16.94
N ARG B 765 9.11 11.88 -17.56
CA ARG B 765 8.78 12.92 -18.53
C ARG B 765 8.76 14.30 -17.87
N ALA B 766 8.19 14.39 -16.66
CA ALA B 766 8.15 15.66 -15.94
C ALA B 766 9.54 16.17 -15.59
N LEU B 767 10.41 15.27 -15.12
CA LEU B 767 11.79 15.65 -14.77
C LEU B 767 12.58 16.06 -16.01
N THR B 768 12.41 15.31 -17.12
CA THR B 768 13.08 15.67 -18.37
C THR B 768 12.63 17.04 -18.86
N GLY B 769 11.32 17.31 -18.78
CA GLY B 769 10.81 18.62 -19.17
C GLY B 769 11.36 19.73 -18.30
N ILE B 770 11.49 19.47 -16.99
CA ILE B 770 12.06 20.46 -16.08
C ILE B 770 13.50 20.76 -16.44
N ALA B 771 14.30 19.72 -16.70
CA ALA B 771 15.71 19.89 -17.06
C ALA B 771 15.88 20.66 -18.37
N VAL B 772 15.06 20.32 -19.37
CA VAL B 772 15.08 21.03 -20.65
C VAL B 772 14.70 22.50 -20.45
N GLU B 773 13.73 22.74 -19.56
CA GLU B 773 13.28 24.11 -19.28
C GLU B 773 14.39 24.93 -18.63
N GLN B 774 15.15 24.35 -17.70
CA GLN B 774 16.27 25.08 -17.09
C GLN B 774 17.37 25.39 -18.10
N ASP B 775 17.66 24.44 -18.99
CA ASP B 775 18.63 24.70 -20.05
C ASP B 775 18.18 25.85 -20.93
N LYS B 776 16.88 25.87 -21.27
CA LYS B 776 16.31 26.94 -22.08
C LYS B 776 16.36 28.27 -21.34
N ASN B 777 16.11 28.26 -20.02
CA ASN B 777 16.16 29.48 -19.22
C ASN B 777 17.56 30.10 -19.21
N THR B 778 18.58 29.26 -19.00
CA THR B 778 19.96 29.75 -19.04
C THR B 778 20.32 30.26 -20.44
N GLN B 779 19.90 29.51 -21.47
CA GLN B 779 20.18 29.87 -22.85
C GLN B 779 19.57 31.22 -23.21
N GLU B 780 18.34 31.47 -22.77
CA GLU B 780 17.66 32.73 -23.05
C GLU B 780 18.27 33.87 -22.26
N VAL B 781 18.62 33.65 -20.99
CA VAL B 781 19.12 34.72 -20.14
C VAL B 781 20.51 35.18 -20.60
N PHE B 782 21.41 34.22 -20.83
CA PHE B 782 22.81 34.58 -21.02
C PHE B 782 23.21 34.79 -22.47
N ALA B 783 22.57 34.13 -23.41
CA ALA B 783 22.94 34.28 -24.82
C ALA B 783 22.02 35.28 -25.50
N GLN B 784 22.22 36.54 -25.12
CA GLN B 784 21.47 37.64 -25.73
C GLN B 784 22.08 38.09 -27.05
N VAL B 785 23.31 37.67 -27.35
CA VAL B 785 23.98 38.03 -28.59
C VAL B 785 24.58 36.79 -29.21
N LYS B 786 24.80 36.86 -30.52
CA LYS B 786 25.36 35.75 -31.29
C LYS B 786 26.80 36.02 -31.70
N GLN B 787 27.39 37.11 -31.23
CA GLN B 787 28.77 37.45 -31.54
C GLN B 787 29.52 37.70 -30.24
N ILE B 788 30.70 37.07 -30.11
CA ILE B 788 31.50 37.17 -28.90
C ILE B 788 32.45 38.34 -29.08
N TYR B 789 32.06 39.50 -28.54
CA TYR B 789 32.91 40.67 -28.59
C TYR B 789 34.04 40.56 -27.58
N LYS B 790 35.16 41.20 -27.90
CA LYS B 790 36.35 41.17 -27.08
C LYS B 790 36.80 42.58 -26.78
N THR B 791 37.22 42.79 -25.55
CA THR B 791 37.75 44.09 -25.14
C THR B 791 39.08 44.33 -25.86
N PRO B 792 39.31 45.54 -26.38
CA PRO B 792 40.59 45.84 -27.02
C PRO B 792 41.72 45.75 -26.02
N PRO B 793 42.94 45.41 -26.47
CA PRO B 793 44.08 45.31 -25.53
C PRO B 793 44.40 46.60 -24.80
N ILE B 794 44.21 47.74 -25.45
CA ILE B 794 44.41 49.03 -24.81
C ILE B 794 43.10 49.45 -24.16
N LYS B 795 43.17 49.93 -22.93
CA LYS B 795 41.99 50.29 -22.15
C LYS B 795 42.08 51.78 -21.80
N ASP B 796 41.49 52.61 -22.65
CA ASP B 796 41.41 54.05 -22.44
C ASP B 796 39.95 54.45 -22.46
N PHE B 797 39.30 54.33 -21.31
CA PHE B 797 37.87 54.59 -21.19
C PHE B 797 37.59 55.91 -20.49
N GLY B 798 38.48 56.89 -20.66
CA GLY B 798 38.30 58.21 -20.08
C GLY B 798 38.45 58.26 -18.58
N GLY B 799 39.19 57.33 -18.00
CA GLY B 799 39.38 57.26 -16.57
C GLY B 799 38.55 56.21 -15.87
N PHE B 800 37.50 55.70 -16.52
CA PHE B 800 36.71 54.63 -15.94
C PHE B 800 37.52 53.34 -15.90
N ASN B 801 37.46 52.63 -14.79
CA ASN B 801 38.20 51.39 -14.60
C ASN B 801 37.23 50.22 -14.67
N PHE B 802 37.48 49.31 -15.60
CA PHE B 802 36.66 48.12 -15.75
C PHE B 802 37.42 46.84 -15.60
N SER B 803 38.71 46.89 -15.24
CA SER B 803 39.49 45.68 -14.99
C SER B 803 38.95 44.87 -13.82
N GLN B 804 38.16 45.51 -12.96
CA GLN B 804 37.51 44.81 -11.86
C GLN B 804 36.46 43.84 -12.37
N ILE B 805 35.74 44.20 -13.43
CA ILE B 805 34.68 43.36 -13.97
C ILE B 805 35.06 42.68 -15.27
N LEU B 806 36.17 43.08 -15.92
CA LEU B 806 36.63 42.43 -17.13
C LEU B 806 37.50 41.20 -16.79
N PRO B 807 37.51 40.19 -17.67
CA PRO B 807 38.37 39.02 -17.42
C PRO B 807 39.85 39.36 -17.51
N ASP B 808 40.65 38.56 -16.81
CA ASP B 808 42.10 38.74 -16.76
C ASP B 808 42.82 37.54 -17.38
N PRO B 809 44.02 37.74 -17.95
CA PRO B 809 44.75 36.63 -18.57
C PRO B 809 45.42 35.65 -17.60
N SER B 810 45.13 35.72 -16.31
CA SER B 810 45.69 34.82 -15.32
C SER B 810 45.04 33.43 -15.32
N LYS B 811 44.01 33.23 -16.15
CA LYS B 811 43.21 32.02 -16.31
C LYS B 811 42.58 31.58 -14.98
N PRO B 812 41.69 32.39 -14.34
CA PRO B 812 40.89 31.85 -13.22
C PRO B 812 39.55 31.31 -13.72
N SER B 813 39.62 30.33 -14.62
CA SER B 813 38.46 29.80 -15.37
C SER B 813 37.77 30.88 -16.20
N LYS B 814 38.56 31.86 -16.68
CA LYS B 814 38.10 32.97 -17.53
C LYS B 814 36.98 33.77 -16.88
N ARG B 815 37.15 34.10 -15.61
CA ARG B 815 36.18 34.86 -14.84
C ARG B 815 36.85 36.07 -14.21
N SER B 816 36.07 37.13 -14.01
CA SER B 816 36.59 38.34 -13.38
C SER B 816 36.72 38.10 -11.87
N PHE B 817 37.36 39.06 -11.19
CA PHE B 817 37.57 38.93 -9.75
C PHE B 817 36.26 38.93 -8.98
N ILE B 818 35.32 39.78 -9.37
CA ILE B 818 33.99 39.78 -8.76
C ILE B 818 33.29 38.45 -9.01
N GLU B 819 33.40 37.92 -10.22
CA GLU B 819 32.85 36.61 -10.53
C GLU B 819 33.52 35.52 -9.70
N ASP B 820 34.84 35.63 -9.48
CA ASP B 820 35.55 34.68 -8.62
C ASP B 820 35.02 34.73 -7.20
N LEU B 821 34.78 35.93 -6.66
CA LEU B 821 34.24 36.06 -5.31
C LEU B 821 32.84 35.49 -5.23
N LEU B 822 32.01 35.72 -6.27
CA LEU B 822 30.66 35.18 -6.31
C LEU B 822 30.67 33.66 -6.33
N PHE B 823 31.57 33.07 -7.12
CA PHE B 823 31.67 31.61 -7.19
C PHE B 823 32.18 31.03 -5.88
N ASN B 824 33.14 31.70 -5.25
CA ASN B 824 33.73 31.17 -4.03
C ASN B 824 32.77 31.27 -2.86
N LYS B 825 31.99 32.36 -2.79
CA LYS B 825 31.07 32.57 -1.68
C LYS B 825 29.95 31.52 -1.65
N VAL B 826 29.42 31.15 -2.81
CA VAL B 826 28.36 30.16 -2.89
C VAL B 826 28.96 28.77 -2.68
N THR B 827 28.44 28.05 -1.69
CA THR B 827 28.92 26.71 -1.34
C THR B 827 27.86 25.68 -1.67
N LEU B 828 28.26 24.64 -2.40
CA LEU B 828 27.33 23.57 -2.78
C LEU B 828 27.16 22.59 -1.63
N PHE B 855 24.03 5.59 -6.27
CA PHE B 855 23.18 6.00 -5.17
C PHE B 855 21.90 5.17 -5.15
N ASN B 856 20.75 5.85 -5.18
CA ASN B 856 19.44 5.22 -5.11
C ASN B 856 18.57 5.73 -6.27
N GLY B 857 19.12 5.72 -7.47
CA GLY B 857 18.38 6.13 -8.64
C GLY B 857 18.37 7.61 -8.91
N LEU B 858 19.07 8.41 -8.12
CA LEU B 858 19.11 9.85 -8.32
C LEU B 858 20.41 10.23 -8.99
N THR B 859 20.30 10.93 -10.12
CA THR B 859 21.47 11.38 -10.87
C THR B 859 21.30 12.86 -11.19
N VAL B 860 22.44 13.54 -11.38
CA VAL B 860 22.47 14.96 -11.68
C VAL B 860 22.99 15.14 -13.10
N LEU B 861 22.14 15.66 -13.98
CA LEU B 861 22.55 15.93 -15.35
C LEU B 861 23.32 17.23 -15.41
N PRO B 862 24.53 17.23 -15.98
CA PRO B 862 25.30 18.46 -16.08
C PRO B 862 24.62 19.46 -17.00
N PRO B 863 24.73 20.76 -16.72
CA PRO B 863 24.11 21.77 -17.59
C PRO B 863 24.77 21.80 -18.95
N LEU B 864 23.97 22.17 -19.95
CA LEU B 864 24.48 22.28 -21.33
C LEU B 864 25.55 23.36 -21.45
N LEU B 865 25.34 24.50 -20.79
CA LEU B 865 26.30 25.58 -20.80
C LEU B 865 27.18 25.49 -19.57
N THR B 866 28.48 25.37 -19.77
CA THR B 866 29.39 25.29 -18.64
C THR B 866 29.65 26.68 -18.06
N ASP B 867 30.36 26.71 -16.93
CA ASP B 867 30.68 27.96 -16.26
C ASP B 867 31.57 28.84 -17.13
N GLU B 868 32.52 28.23 -17.83
CA GLU B 868 33.41 28.98 -18.71
C GLU B 868 32.63 29.62 -19.85
N MET B 869 31.67 28.87 -20.41
CA MET B 869 30.85 29.36 -21.51
C MET B 869 29.96 30.52 -21.07
N ILE B 870 29.35 30.41 -19.88
CA ILE B 870 28.54 31.49 -19.33
C ILE B 870 29.41 32.71 -19.03
N ALA B 871 30.62 32.48 -18.50
CA ALA B 871 31.54 33.57 -18.22
C ALA B 871 31.97 34.28 -19.50
N GLN B 872 32.14 33.51 -20.60
CA GLN B 872 32.52 34.13 -21.86
C GLN B 872 31.36 34.89 -22.49
N TYR B 873 30.12 34.40 -22.35
CA TYR B 873 28.94 35.20 -22.69
C TYR B 873 28.92 36.52 -21.93
N THR B 874 29.19 36.45 -20.62
CA THR B 874 29.20 37.65 -19.79
C THR B 874 30.29 38.61 -20.23
N SER B 875 31.47 38.08 -20.57
CA SER B 875 32.57 38.90 -21.07
C SER B 875 32.20 39.59 -22.38
N ALA B 876 31.53 38.86 -23.29
CA ALA B 876 31.07 39.44 -24.55
C ALA B 876 30.07 40.55 -24.30
N LEU B 877 29.13 40.34 -23.37
CA LEU B 877 28.14 41.37 -23.03
C LEU B 877 28.82 42.61 -22.46
N LEU B 878 29.82 42.42 -21.58
CA LEU B 878 30.56 43.54 -21.03
C LEU B 878 31.33 44.31 -22.09
N ALA B 879 32.02 43.58 -22.99
CA ALA B 879 32.77 44.22 -24.06
C ALA B 879 31.86 45.03 -24.98
N GLY B 880 30.72 44.43 -25.36
CA GLY B 880 29.77 45.14 -26.19
C GLY B 880 29.21 46.38 -25.52
N THR B 881 28.86 46.27 -24.23
CA THR B 881 28.31 47.39 -23.50
C THR B 881 29.33 48.52 -23.34
N ILE B 882 30.58 48.20 -23.02
CA ILE B 882 31.56 49.25 -22.76
C ILE B 882 32.20 49.76 -24.04
N THR B 883 31.98 49.10 -25.17
CA THR B 883 32.53 49.57 -26.43
C THR B 883 31.48 50.23 -27.32
N SER B 884 30.40 49.50 -27.61
CA SER B 884 29.39 49.95 -28.53
C SER B 884 28.15 50.55 -27.87
N GLY B 885 28.14 50.66 -26.54
CA GLY B 885 26.95 51.15 -25.86
C GLY B 885 25.79 50.18 -26.03
N TRP B 886 24.65 50.72 -26.47
CA TRP B 886 23.47 49.90 -26.73
C TRP B 886 23.27 49.55 -28.20
N THR B 887 24.21 49.93 -29.07
CA THR B 887 24.04 49.70 -30.49
C THR B 887 24.16 48.22 -30.84
N PHE B 888 25.00 47.47 -30.13
CA PHE B 888 25.15 46.05 -30.43
C PHE B 888 23.92 45.24 -30.06
N GLY B 889 23.07 45.74 -29.16
CA GLY B 889 21.84 45.04 -28.85
C GLY B 889 20.75 45.21 -29.88
N ALA B 890 20.86 46.23 -30.75
CA ALA B 890 19.91 46.48 -31.81
C ALA B 890 20.43 46.11 -33.19
N GLY B 891 21.59 45.47 -33.27
CA GLY B 891 22.15 45.12 -34.57
C GLY B 891 23.65 45.05 -34.53
N ALA B 892 24.30 45.65 -35.51
CA ALA B 892 25.76 45.64 -35.57
C ALA B 892 26.33 46.53 -34.48
N ALA B 893 27.43 46.07 -33.87
CA ALA B 893 28.09 46.87 -32.84
C ALA B 893 28.74 48.09 -33.47
N LEU B 894 28.57 49.24 -32.83
CA LEU B 894 29.06 50.51 -33.34
C LEU B 894 29.99 51.10 -32.30
N GLN B 895 31.28 51.17 -32.60
CA GLN B 895 32.26 51.70 -31.67
C GLN B 895 31.98 53.17 -31.39
N ILE B 896 32.22 53.59 -30.15
CA ILE B 896 31.98 54.95 -29.68
C ILE B 896 32.81 55.11 -28.41
N PRO B 897 33.48 56.25 -28.22
CA PRO B 897 34.24 56.47 -26.98
C PRO B 897 33.31 56.39 -25.78
N PHE B 898 33.82 55.83 -24.68
CA PHE B 898 32.98 55.60 -23.50
C PHE B 898 32.47 56.90 -22.88
N PRO B 899 33.25 57.98 -23.00
CA PRO B 899 32.78 59.28 -22.53
C PRO B 899 31.55 59.74 -23.30
N MET B 900 31.54 59.55 -24.62
CA MET B 900 30.39 59.94 -25.42
C MET B 900 29.18 59.06 -25.13
N GLN B 901 29.41 57.77 -24.86
CA GLN B 901 28.33 56.88 -24.48
C GLN B 901 27.71 57.32 -23.16
N MET B 902 28.55 57.71 -22.19
CA MET B 902 28.05 58.20 -20.92
C MET B 902 27.32 59.53 -21.08
N ALA B 903 27.75 60.37 -22.02
CA ALA B 903 27.03 61.60 -22.31
C ALA B 903 25.65 61.32 -22.89
N TYR B 904 25.56 60.30 -23.76
CA TYR B 904 24.27 59.87 -24.29
C TYR B 904 23.36 59.37 -23.18
N ARG B 905 23.92 58.58 -22.26
CA ARG B 905 23.15 58.05 -21.14
C ARG B 905 22.70 59.16 -20.19
N PHE B 906 23.54 60.17 -20.00
CA PHE B 906 23.16 61.35 -19.23
C PHE B 906 22.01 62.10 -19.91
N ASN B 907 22.07 62.24 -21.24
CA ASN B 907 20.98 62.84 -21.99
C ASN B 907 19.70 62.03 -21.87
N GLY B 908 19.81 60.70 -21.69
CA GLY B 908 18.64 59.87 -21.53
C GLY B 908 17.85 60.18 -20.26
N ILE B 909 18.54 60.50 -19.18
CA ILE B 909 17.89 60.77 -17.90
C ILE B 909 17.61 62.27 -17.75
N GLY B 910 17.77 63.02 -18.83
CA GLY B 910 17.45 64.44 -18.81
C GLY B 910 18.53 65.35 -18.29
N VAL B 911 19.80 64.95 -18.34
CA VAL B 911 20.92 65.76 -17.91
C VAL B 911 21.76 66.06 -19.14
N THR B 912 22.14 67.32 -19.34
CA THR B 912 22.86 67.68 -20.55
C THR B 912 24.27 67.09 -20.55
N GLN B 913 24.87 67.02 -21.74
CA GLN B 913 26.18 66.39 -21.92
C GLN B 913 27.30 67.15 -21.24
N ASN B 914 27.17 68.49 -21.17
CA ASN B 914 28.23 69.30 -20.58
C ASN B 914 28.43 68.98 -19.10
N VAL B 915 27.37 68.51 -18.42
CA VAL B 915 27.47 68.11 -17.01
C VAL B 915 28.45 66.94 -16.87
N LEU B 916 28.36 65.96 -17.76
CA LEU B 916 29.34 64.88 -17.78
C LEU B 916 30.73 65.41 -18.17
N TYR B 917 30.79 66.24 -19.22
CA TYR B 917 32.08 66.59 -19.80
C TYR B 917 32.91 67.50 -18.89
N GLU B 918 32.25 68.30 -18.04
CA GLU B 918 32.96 69.18 -17.12
C GLU B 918 33.19 68.54 -15.77
N ASN B 919 32.71 67.32 -15.55
CA ASN B 919 32.94 66.58 -14.32
C ASN B 919 33.33 65.14 -14.63
N GLN B 920 34.05 64.93 -15.73
CA GLN B 920 34.39 63.57 -16.18
C GLN B 920 35.26 62.84 -15.18
N LYS B 921 36.29 63.52 -14.65
CA LYS B 921 37.19 62.90 -13.69
C LYS B 921 36.47 62.54 -12.39
N LEU B 922 35.62 63.44 -11.91
CA LEU B 922 34.86 63.19 -10.68
C LEU B 922 33.91 62.01 -10.84
N ILE B 923 33.21 61.92 -11.97
CA ILE B 923 32.27 60.84 -12.20
C ILE B 923 33.02 59.51 -12.36
N ALA B 924 34.17 59.54 -13.04
CA ALA B 924 34.99 58.34 -13.16
C ALA B 924 35.49 57.87 -11.80
N ASN B 925 35.93 58.79 -10.94
CA ASN B 925 36.37 58.46 -9.60
C ASN B 925 35.22 57.91 -8.76
N GLN B 926 34.04 58.50 -8.89
CA GLN B 926 32.86 58.03 -8.16
C GLN B 926 32.46 56.62 -8.59
N PHE B 927 32.52 56.35 -9.90
CA PHE B 927 32.22 55.01 -10.40
C PHE B 927 33.24 53.99 -9.89
N ASN B 928 34.53 54.36 -9.92
CA ASN B 928 35.57 53.47 -9.42
C ASN B 928 35.42 53.18 -7.93
N SER B 929 35.09 54.22 -7.16
CA SER B 929 34.86 54.05 -5.73
C SER B 929 33.65 53.17 -5.46
N ALA B 930 32.57 53.35 -6.23
CA ALA B 930 31.38 52.53 -6.07
C ALA B 930 31.67 51.06 -6.36
N ILE B 931 32.46 50.79 -7.41
CA ILE B 931 32.87 49.42 -7.71
C ILE B 931 33.74 48.86 -6.58
N GLY B 932 34.58 49.72 -5.98
CA GLY B 932 35.38 49.30 -4.83
C GLY B 932 34.55 48.91 -3.63
N LYS B 933 33.53 49.71 -3.31
CA LYS B 933 32.61 49.33 -2.23
C LYS B 933 31.87 48.05 -2.56
N ILE B 934 31.55 47.82 -3.83
CA ILE B 934 30.88 46.59 -4.24
C ILE B 934 31.77 45.38 -3.95
N GLN B 935 33.05 45.46 -4.35
CA GLN B 935 33.94 44.32 -4.10
C GLN B 935 34.22 44.13 -2.61
N ASP B 936 34.30 45.23 -1.85
CA ASP B 936 34.50 45.11 -0.39
C ASP B 936 33.31 44.45 0.27
N SER B 937 32.09 44.80 -0.15
CA SER B 937 30.91 44.14 0.39
C SER B 937 30.86 42.67 0.00
N LEU B 938 31.22 42.34 -1.25
CA LEU B 938 31.23 40.95 -1.67
C LEU B 938 32.37 40.15 -1.06
N SER B 939 33.40 40.81 -0.51
CA SER B 939 34.52 40.08 0.06
C SER B 939 34.23 39.65 1.49
N SER B 940 33.85 40.60 2.35
CA SER B 940 33.68 40.33 3.78
C SER B 940 32.22 40.14 4.18
N THR B 941 31.34 41.05 3.77
CA THR B 941 29.94 41.00 4.20
C THR B 941 29.24 39.80 3.57
N PRO B 942 28.60 39.00 4.42
CA PRO B 942 27.87 37.82 3.97
C PRO B 942 26.40 38.17 3.82
N SER B 943 25.57 37.14 3.61
CA SER B 943 24.11 37.24 3.48
C SER B 943 23.69 38.12 2.30
N PRO B 944 24.53 38.17 1.26
CA PRO B 944 24.22 38.90 0.05
C PRO B 944 23.77 38.00 -1.09
N LEU B 945 24.26 36.76 -1.11
CA LEU B 945 23.90 35.80 -2.14
C LEU B 945 22.83 34.85 -1.63
N GLY B 946 21.90 35.39 -0.82
CA GLY B 946 20.92 34.58 -0.13
C GLY B 946 19.99 33.82 -1.03
N LYS B 947 19.64 34.40 -2.19
CA LYS B 947 18.68 33.77 -3.08
C LYS B 947 19.24 32.50 -3.71
N LEU B 948 20.45 32.57 -4.27
CA LEU B 948 21.06 31.39 -4.89
C LEU B 948 21.34 30.31 -3.87
N GLN B 949 21.85 30.70 -2.70
CA GLN B 949 22.12 29.75 -1.62
C GLN B 949 20.83 29.10 -1.15
N ASP B 950 19.75 29.89 -1.06
CA ASP B 950 18.45 29.36 -0.66
C ASP B 950 17.92 28.35 -1.67
N VAL B 951 18.11 28.63 -2.97
CA VAL B 951 17.68 27.72 -4.02
C VAL B 951 18.45 26.40 -3.92
N VAL B 952 19.77 26.50 -3.74
CA VAL B 952 20.63 25.31 -3.62
C VAL B 952 20.25 24.51 -2.39
N ASN B 953 20.01 25.20 -1.27
CA ASN B 953 19.64 24.55 -0.03
C ASN B 953 18.29 23.86 -0.14
N GLN B 954 17.33 24.49 -0.84
CA GLN B 954 16.02 23.87 -1.04
C GLN B 954 16.11 22.61 -1.87
N ASN B 955 16.90 22.65 -2.96
CA ASN B 955 17.07 21.46 -3.79
C ASN B 955 17.75 20.33 -3.02
N ALA B 956 18.83 20.67 -2.27
CA ALA B 956 19.54 19.66 -1.49
C ALA B 956 18.65 19.08 -0.40
N GLN B 957 17.85 19.92 0.25
CA GLN B 957 16.92 19.46 1.27
C GLN B 957 15.85 18.55 0.69
N ALA B 958 15.34 18.89 -0.50
CA ALA B 958 14.35 18.03 -1.15
C ALA B 958 14.93 16.67 -1.49
N LEU B 959 16.16 16.64 -2.04
CA LEU B 959 16.81 15.37 -2.35
C LEU B 959 17.07 14.55 -1.09
N ASN B 960 17.56 15.19 -0.03
CA ASN B 960 17.84 14.49 1.22
C ASN B 960 16.55 13.96 1.84
N THR B 961 15.47 14.74 1.77
CA THR B 961 14.18 14.31 2.27
C THR B 961 13.67 13.10 1.51
N LEU B 962 13.86 13.11 0.18
CA LEU B 962 13.47 11.96 -0.63
C LEU B 962 14.28 10.71 -0.24
N VAL B 963 15.60 10.86 -0.05
CA VAL B 963 16.44 9.72 0.31
C VAL B 963 16.06 9.18 1.70
N LYS B 964 15.82 10.08 2.67
CA LYS B 964 15.39 9.64 4.00
C LYS B 964 14.03 8.96 3.94
N GLN B 965 13.12 9.49 3.12
CA GLN B 965 11.79 8.93 3.01
C GLN B 965 11.82 7.55 2.34
N LEU B 966 12.85 7.27 1.53
CA LEU B 966 13.07 5.92 1.01
C LEU B 966 13.20 4.90 2.15
N SER B 967 13.72 5.32 3.29
CA SER B 967 13.98 4.43 4.42
C SER B 967 12.86 4.49 5.45
N SER B 968 11.63 4.67 4.99
CA SER B 968 10.45 4.70 5.85
C SER B 968 9.68 3.40 5.71
N ASN B 969 9.11 2.91 6.83
CA ASN B 969 8.41 1.64 6.81
C ASN B 969 7.09 1.71 6.04
N PHE B 970 6.36 2.83 6.18
CA PHE B 970 5.01 3.02 5.64
C PHE B 970 4.06 1.93 6.12
N GLY B 971 4.22 1.52 7.38
CA GLY B 971 3.41 0.47 7.95
C GLY B 971 3.86 -0.94 7.67
N ALA B 972 4.95 -1.13 6.92
CA ALA B 972 5.42 -2.47 6.62
C ALA B 972 6.24 -3.03 7.78
N ILE B 973 6.59 -4.31 7.67
CA ILE B 973 7.39 -4.99 8.70
C ILE B 973 8.79 -4.39 8.77
N SER B 974 9.40 -4.15 7.62
CA SER B 974 10.76 -3.63 7.56
C SER B 974 10.88 -2.70 6.36
N SER B 975 11.93 -1.89 6.38
CA SER B 975 12.18 -0.96 5.28
C SER B 975 13.03 -1.55 4.17
N VAL B 976 13.52 -2.77 4.33
CA VAL B 976 14.35 -3.44 3.33
C VAL B 976 13.58 -4.65 2.81
N LEU B 977 13.56 -4.81 1.50
CA LEU B 977 12.73 -5.82 0.86
C LEU B 977 13.32 -7.22 0.96
N ASN B 978 14.65 -7.35 0.98
CA ASN B 978 15.29 -8.67 1.05
C ASN B 978 14.94 -9.38 2.36
N ASP B 979 14.98 -8.65 3.47
CA ASP B 979 14.62 -9.22 4.76
C ASP B 979 13.15 -9.61 4.80
N ILE B 980 12.28 -8.78 4.18
CA ILE B 980 10.85 -9.08 4.10
C ILE B 980 10.61 -10.37 3.32
N LEU B 981 11.30 -10.54 2.19
CA LEU B 981 11.20 -11.76 1.40
C LEU B 981 11.70 -12.96 2.18
N SER B 982 12.81 -12.80 2.91
CA SER B 982 13.37 -13.91 3.68
C SER B 982 12.44 -14.34 4.82
N ARG B 983 11.88 -13.37 5.56
CA ARG B 983 11.10 -13.72 6.74
C ARG B 983 9.70 -14.22 6.42
N LEU B 984 9.07 -13.70 5.38
CA LEU B 984 7.64 -13.94 5.14
C LEU B 984 7.41 -14.88 3.97
N ASP B 985 6.24 -15.51 3.99
CA ASP B 985 5.77 -16.33 2.89
C ASP B 985 5.36 -15.39 1.74
N PRO B 986 5.28 -15.90 0.50
CA PRO B 986 5.02 -15.02 -0.68
C PRO B 986 3.76 -14.15 -0.59
N PRO B 987 2.57 -14.64 -0.04
CA PRO B 987 1.41 -13.72 0.02
C PRO B 987 1.61 -12.52 0.94
N GLU B 988 1.98 -12.77 2.20
CA GLU B 988 2.16 -11.68 3.17
C GLU B 988 3.31 -10.76 2.75
N ALA B 989 4.41 -11.34 2.26
CA ALA B 989 5.53 -10.53 1.77
C ALA B 989 5.10 -9.64 0.62
N GLU B 990 4.28 -10.19 -0.30
CA GLU B 990 3.77 -9.40 -1.41
C GLU B 990 2.89 -8.25 -0.93
N VAL B 991 2.06 -8.50 0.09
CA VAL B 991 1.19 -7.46 0.62
C VAL B 991 2.00 -6.31 1.24
N GLN B 992 3.00 -6.67 2.07
CA GLN B 992 3.86 -5.66 2.69
C GLN B 992 4.66 -4.89 1.66
N ILE B 993 5.17 -5.60 0.63
CA ILE B 993 5.91 -4.95 -0.44
C ILE B 993 5.02 -3.97 -1.18
N ASP B 994 3.76 -4.35 -1.44
CA ASP B 994 2.81 -3.47 -2.14
C ASP B 994 2.53 -2.21 -1.33
N ARG B 995 2.38 -2.33 -0.01
CA ARG B 995 2.21 -1.16 0.86
C ARG B 995 3.41 -0.23 0.76
N LEU B 996 4.62 -0.82 0.79
CA LEU B 996 5.85 -0.04 0.66
C LEU B 996 5.94 0.66 -0.69
N ILE B 997 5.50 -0.04 -1.77
CA ILE B 997 5.50 0.55 -3.11
C ILE B 997 4.61 1.77 -3.15
N THR B 998 3.39 1.66 -2.58
CA THR B 998 2.45 2.78 -2.56
C THR B 998 3.02 3.98 -1.82
N GLY B 999 3.62 3.74 -0.64
CA GLY B 999 4.20 4.84 0.12
C GLY B 999 5.35 5.53 -0.61
N ARG B 1000 6.26 4.74 -1.20
CA ARG B 1000 7.41 5.33 -1.88
C ARG B 1000 7.00 6.07 -3.15
N LEU B 1001 6.01 5.54 -3.88
CA LEU B 1001 5.50 6.26 -5.05
C LEU B 1001 4.82 7.56 -4.65
N GLN B 1002 4.09 7.56 -3.53
CA GLN B 1002 3.48 8.80 -3.02
C GLN B 1002 4.53 9.84 -2.69
N SER B 1003 5.63 9.41 -2.06
CA SER B 1003 6.74 10.32 -1.76
C SER B 1003 7.35 10.89 -3.04
N LEU B 1004 7.50 10.05 -4.06
CA LEU B 1004 8.04 10.51 -5.34
C LEU B 1004 7.11 11.51 -6.02
N GLN B 1005 5.79 11.28 -5.95
CA GLN B 1005 4.82 12.24 -6.51
C GLN B 1005 4.92 13.59 -5.81
N THR B 1006 5.02 13.59 -4.48
CA THR B 1006 5.16 14.85 -3.75
C THR B 1006 6.43 15.59 -4.14
N TYR B 1007 7.55 14.86 -4.26
CA TYR B 1007 8.81 15.48 -4.67
C TYR B 1007 8.72 16.07 -6.07
N VAL B 1008 8.11 15.34 -7.01
CA VAL B 1008 8.00 15.80 -8.40
C VAL B 1008 7.12 17.04 -8.48
N THR B 1009 6.02 17.08 -7.72
CA THR B 1009 5.14 18.25 -7.70
C THR B 1009 5.87 19.48 -7.13
N GLN B 1010 6.64 19.28 -6.04
CA GLN B 1010 7.41 20.38 -5.46
C GLN B 1010 8.45 20.89 -6.45
N GLN B 1011 9.12 19.97 -7.16
CA GLN B 1011 10.11 20.37 -8.18
C GLN B 1011 9.46 21.14 -9.31
N LEU B 1012 8.25 20.75 -9.71
CA LEU B 1012 7.55 21.47 -10.77
C LEU B 1012 7.20 22.90 -10.35
N ILE B 1013 6.72 23.06 -9.10
CA ILE B 1013 6.39 24.38 -8.58
C ILE B 1013 7.65 25.26 -8.46
N ARG B 1014 8.74 24.69 -7.94
CA ARG B 1014 10.00 25.41 -7.84
C ARG B 1014 10.55 25.78 -9.21
N ALA B 1015 10.39 24.88 -10.18
CA ALA B 1015 10.82 25.14 -11.55
C ALA B 1015 10.02 26.28 -12.16
N ALA B 1016 8.72 26.33 -11.88
CA ALA B 1016 7.90 27.45 -12.36
C ALA B 1016 8.38 28.77 -11.75
N GLU B 1017 8.68 28.77 -10.45
CA GLU B 1017 9.20 29.97 -9.80
C GLU B 1017 10.54 30.40 -10.37
N ILE B 1018 11.44 29.44 -10.59
CA ILE B 1018 12.75 29.73 -11.16
C ILE B 1018 12.62 30.20 -12.60
N ARG B 1019 11.66 29.65 -13.35
CA ARG B 1019 11.41 30.09 -14.71
C ARG B 1019 10.92 31.53 -14.75
N ALA B 1020 10.03 31.89 -13.81
CA ALA B 1020 9.58 33.28 -13.71
C ALA B 1020 10.75 34.21 -13.37
N SER B 1021 11.60 33.80 -12.44
CA SER B 1021 12.77 34.60 -12.08
C SER B 1021 13.73 34.75 -13.25
N ALA B 1022 13.92 33.67 -14.02
CA ALA B 1022 14.80 33.71 -15.18
C ALA B 1022 14.23 34.59 -16.28
N ASN B 1023 12.90 34.56 -16.47
CA ASN B 1023 12.27 35.46 -17.43
C ASN B 1023 12.47 36.91 -17.02
N LEU B 1024 12.32 37.20 -15.72
CA LEU B 1024 12.59 38.53 -15.21
C LEU B 1024 14.05 38.93 -15.43
N ALA B 1025 14.99 38.01 -15.19
CA ALA B 1025 16.42 38.28 -15.38
C ALA B 1025 16.75 38.53 -16.84
N ALA B 1026 16.14 37.77 -17.74
CA ALA B 1026 16.34 37.98 -19.18
C ALA B 1026 15.80 39.33 -19.61
N THR B 1027 14.63 39.71 -19.09
CA THR B 1027 14.07 41.03 -19.36
C THR B 1027 14.98 42.14 -18.84
N LYS B 1028 15.52 41.97 -17.63
CA LYS B 1028 16.43 42.96 -17.05
C LYS B 1028 17.71 43.08 -17.85
N MET B 1029 18.27 41.95 -18.28
CA MET B 1029 19.48 41.96 -19.11
C MET B 1029 19.22 42.66 -20.43
N SER B 1030 18.07 42.38 -21.04
CA SER B 1030 17.72 42.98 -22.32
C SER B 1030 17.49 44.48 -22.20
N GLU B 1031 16.80 44.92 -21.15
CA GLU B 1031 16.40 46.32 -21.06
C GLU B 1031 17.34 47.17 -20.22
N CYS B 1032 18.39 46.59 -19.65
CA CYS B 1032 19.28 47.40 -18.85
C CYS B 1032 20.74 47.21 -19.24
N VAL B 1033 21.09 46.04 -19.76
CA VAL B 1033 22.45 45.84 -20.24
C VAL B 1033 22.55 46.21 -21.71
N LEU B 1034 21.56 45.83 -22.51
CA LEU B 1034 21.54 46.13 -23.93
C LEU B 1034 20.94 47.50 -24.24
N GLY B 1035 20.56 48.25 -23.22
CA GLY B 1035 20.00 49.58 -23.43
C GLY B 1035 19.80 50.29 -22.11
N GLN B 1036 19.24 51.48 -22.19
CA GLN B 1036 18.94 52.30 -21.02
C GLN B 1036 17.43 52.25 -20.76
N SER B 1037 17.04 51.95 -19.53
CA SER B 1037 15.65 51.76 -19.19
C SER B 1037 15.09 53.00 -18.49
N LYS B 1038 13.97 53.50 -19.00
CA LYS B 1038 13.30 54.64 -18.39
C LYS B 1038 12.34 54.22 -17.28
N ARG B 1039 12.13 52.92 -17.06
CA ARG B 1039 11.24 52.48 -16.00
C ARG B 1039 11.86 52.77 -14.64
N VAL B 1040 11.03 53.23 -13.71
CA VAL B 1040 11.50 53.62 -12.40
C VAL B 1040 11.66 52.37 -11.55
N ASP B 1041 12.83 52.23 -10.91
CA ASP B 1041 13.20 51.18 -9.97
C ASP B 1041 13.26 49.79 -10.60
N PHE B 1042 13.20 49.69 -11.92
CA PHE B 1042 13.33 48.38 -12.56
C PHE B 1042 14.76 47.88 -12.50
N CYS B 1043 15.73 48.79 -12.54
CA CYS B 1043 17.16 48.48 -12.51
C CYS B 1043 17.88 49.35 -11.52
N GLY B 1044 17.38 49.42 -10.31
CA GLY B 1044 18.07 50.11 -9.24
C GLY B 1044 17.42 51.44 -8.92
N LYS B 1045 17.63 51.88 -7.69
CA LYS B 1045 17.08 53.16 -7.25
C LYS B 1045 17.81 54.29 -7.96
N GLY B 1046 17.09 55.34 -8.27
CA GLY B 1046 17.65 56.47 -8.99
C GLY B 1046 17.49 56.32 -10.49
N TYR B 1047 18.03 57.31 -11.19
CA TYR B 1047 17.98 57.35 -12.65
C TYR B 1047 19.00 56.40 -13.24
N HIS B 1048 18.52 55.37 -13.94
CA HIS B 1048 19.39 54.33 -14.46
C HIS B 1048 20.32 54.88 -15.53
N LEU B 1049 21.60 54.56 -15.42
CA LEU B 1049 22.58 54.95 -16.42
C LEU B 1049 23.02 53.77 -17.27
N MET B 1050 23.49 52.69 -16.65
CA MET B 1050 23.90 51.47 -17.35
C MET B 1050 23.88 50.33 -16.36
N SER B 1051 24.14 49.12 -16.86
CA SER B 1051 24.17 47.93 -16.02
C SER B 1051 25.22 46.97 -16.57
N PHE B 1052 25.78 46.18 -15.68
CA PHE B 1052 26.79 45.20 -16.03
C PHE B 1052 26.38 43.86 -15.44
N PRO B 1053 26.30 42.81 -16.26
CA PRO B 1053 25.99 41.49 -15.73
C PRO B 1053 27.25 40.80 -15.24
N GLN B 1054 27.06 39.87 -14.31
CA GLN B 1054 28.15 39.07 -13.81
C GLN B 1054 27.62 37.66 -13.61
N SER B 1055 28.44 36.68 -13.99
CA SER B 1055 28.01 35.30 -13.87
C SER B 1055 28.00 34.87 -12.41
N ALA B 1056 27.08 34.00 -12.08
CA ALA B 1056 26.90 33.40 -10.76
C ALA B 1056 26.73 31.91 -10.95
N PRO B 1057 27.00 31.09 -9.92
CA PRO B 1057 26.89 29.61 -10.09
C PRO B 1057 25.53 29.13 -10.57
N HIS B 1058 24.43 29.70 -10.09
CA HIS B 1058 23.11 29.29 -10.54
C HIS B 1058 22.23 30.50 -10.73
N GLY B 1059 22.82 31.57 -11.24
CA GLY B 1059 22.06 32.78 -11.42
C GLY B 1059 22.89 33.86 -12.08
N VAL B 1060 22.47 35.10 -11.91
CA VAL B 1060 23.15 36.26 -12.49
C VAL B 1060 23.16 37.38 -11.47
N VAL B 1061 24.16 38.25 -11.57
CA VAL B 1061 24.32 39.39 -10.69
C VAL B 1061 24.38 40.64 -11.57
N PHE B 1062 23.46 41.57 -11.35
CA PHE B 1062 23.43 42.82 -12.10
C PHE B 1062 24.00 43.92 -11.23
N LEU B 1063 25.01 44.61 -11.74
CA LEU B 1063 25.53 45.81 -11.11
C LEU B 1063 24.93 46.99 -11.85
N HIS B 1064 23.98 47.68 -11.22
CA HIS B 1064 23.27 48.79 -11.84
C HIS B 1064 23.96 50.08 -11.47
N VAL B 1065 24.41 50.81 -12.48
CA VAL B 1065 25.00 52.12 -12.30
C VAL B 1065 23.90 53.14 -12.51
N THR B 1066 23.62 53.94 -11.48
CA THR B 1066 22.52 54.87 -11.51
C THR B 1066 22.98 56.23 -11.04
N TYR B 1067 22.19 57.24 -11.36
CA TYR B 1067 22.48 58.62 -11.07
C TYR B 1067 21.57 59.03 -9.93
N VAL B 1068 22.15 59.50 -8.84
CA VAL B 1068 21.39 59.86 -7.65
C VAL B 1068 21.65 61.33 -7.37
N PRO B 1069 20.64 62.19 -7.44
CA PRO B 1069 20.86 63.60 -7.11
C PRO B 1069 21.18 63.80 -5.63
N ALA B 1070 21.88 64.88 -5.33
CA ALA B 1070 22.27 65.17 -3.96
C ALA B 1070 22.65 66.65 -3.85
N GLN B 1071 22.87 67.08 -2.61
CA GLN B 1071 23.21 68.48 -2.25
C GLN B 1071 22.16 69.45 -2.78
N GLU B 1072 20.96 69.30 -2.23
CA GLU B 1072 19.80 70.05 -2.68
C GLU B 1072 19.83 71.47 -2.16
N LYS B 1073 19.19 72.36 -2.90
CA LYS B 1073 19.08 73.75 -2.48
C LYS B 1073 17.71 74.28 -2.84
N ASN B 1074 17.22 75.19 -2.01
CA ASN B 1074 15.92 75.83 -2.23
C ASN B 1074 16.00 76.91 -3.30
N PHE B 1075 14.90 77.06 -4.03
CA PHE B 1075 14.75 78.14 -5.01
C PHE B 1075 13.29 78.52 -5.10
N THR B 1076 13.04 79.71 -5.63
CA THR B 1076 11.70 80.24 -5.87
C THR B 1076 11.38 80.22 -7.35
N THR B 1077 10.26 79.60 -7.71
CA THR B 1077 9.84 79.40 -9.08
C THR B 1077 8.64 80.26 -9.45
N ALA B 1078 8.24 80.13 -10.72
CA ALA B 1078 7.08 80.77 -11.30
C ALA B 1078 6.69 79.96 -12.52
N PRO B 1079 5.39 79.76 -12.77
CA PRO B 1079 4.96 78.98 -13.93
C PRO B 1079 5.40 79.55 -15.26
N ALA B 1080 5.48 80.87 -15.35
CA ALA B 1080 5.87 81.55 -16.57
C ALA B 1080 6.49 82.88 -16.21
N ILE B 1081 7.01 83.56 -17.23
CA ILE B 1081 7.61 84.87 -17.08
C ILE B 1081 6.80 85.85 -17.91
N CYS B 1082 6.39 86.95 -17.30
CA CYS B 1082 5.57 87.95 -17.96
C CYS B 1082 6.49 89.02 -18.51
N HIS B 1083 6.46 89.21 -19.83
CA HIS B 1083 7.29 90.22 -20.46
C HIS B 1083 6.58 90.72 -21.71
N ASP B 1084 6.50 92.04 -21.85
CA ASP B 1084 5.88 92.74 -22.99
C ASP B 1084 4.46 92.23 -23.21
N GLY B 1085 3.72 92.13 -22.09
CA GLY B 1085 2.34 91.66 -22.12
C GLY B 1085 2.16 90.23 -22.61
N LYS B 1086 3.22 89.43 -22.56
CA LYS B 1086 3.20 88.05 -23.06
C LYS B 1086 3.77 87.11 -22.01
N ALA B 1087 3.37 85.86 -22.11
CA ALA B 1087 3.80 84.82 -21.19
C ALA B 1087 4.84 83.94 -21.86
N HIS B 1088 5.97 83.74 -21.19
CA HIS B 1088 7.05 82.91 -21.70
C HIS B 1088 7.20 81.71 -20.79
N PHE B 1089 7.23 80.52 -21.38
CA PHE B 1089 7.39 79.26 -20.67
C PHE B 1089 8.71 78.62 -21.08
N PRO B 1090 9.39 77.92 -20.17
CA PRO B 1090 10.68 77.32 -20.52
C PRO B 1090 10.53 76.21 -21.55
N ARG B 1091 11.58 76.03 -22.34
CA ARG B 1091 11.55 75.01 -23.38
C ARG B 1091 11.80 73.62 -22.80
N GLU B 1092 12.97 73.41 -22.19
CA GLU B 1092 13.25 72.16 -21.49
C GLU B 1092 13.81 72.43 -20.11
N GLY B 1093 13.42 73.56 -19.49
CA GLY B 1093 13.94 73.90 -18.18
C GLY B 1093 12.88 74.41 -17.23
N VAL B 1094 13.28 75.23 -16.26
CA VAL B 1094 12.36 75.77 -15.27
C VAL B 1094 12.90 77.10 -14.79
N PHE B 1095 11.99 78.03 -14.50
CA PHE B 1095 12.38 79.33 -13.97
C PHE B 1095 12.61 79.19 -12.48
N VAL B 1096 13.77 79.67 -12.02
CA VAL B 1096 14.11 79.69 -10.60
C VAL B 1096 14.65 81.07 -10.29
N SER B 1097 14.71 81.38 -9.01
CA SER B 1097 15.28 82.64 -8.57
C SER B 1097 16.04 82.41 -7.29
N ASN B 1098 17.23 82.99 -7.21
CA ASN B 1098 18.07 82.91 -6.03
C ASN B 1098 17.74 84.00 -5.02
N GLY B 1099 16.77 84.85 -5.32
CA GLY B 1099 16.35 85.90 -4.42
C GLY B 1099 16.19 87.24 -5.09
N THR B 1100 17.03 87.53 -6.09
CA THR B 1100 16.99 88.82 -6.76
C THR B 1100 16.89 88.69 -8.28
N HIS B 1101 17.43 87.61 -8.83
CA HIS B 1101 17.47 87.44 -10.27
C HIS B 1101 16.82 86.11 -10.65
N TRP B 1102 16.28 86.04 -11.87
CA TRP B 1102 15.61 84.85 -12.36
C TRP B 1102 16.46 84.19 -13.44
N PHE B 1103 16.47 82.86 -13.43
CA PHE B 1103 17.25 82.08 -14.38
C PHE B 1103 16.45 80.88 -14.84
N VAL B 1104 16.93 80.24 -15.90
CA VAL B 1104 16.36 79.00 -16.42
C VAL B 1104 17.37 77.90 -16.16
N THR B 1105 16.93 76.83 -15.52
CA THR B 1105 17.83 75.74 -15.22
C THR B 1105 17.13 74.42 -15.55
N GLN B 1106 17.93 73.41 -15.85
CA GLN B 1106 17.37 72.09 -16.09
C GLN B 1106 16.91 71.48 -14.78
N ARG B 1107 15.99 70.53 -14.88
CA ARG B 1107 15.30 70.02 -13.70
C ARG B 1107 16.22 69.25 -12.77
N ASN B 1108 17.09 68.40 -13.31
CA ASN B 1108 17.84 67.45 -12.51
C ASN B 1108 19.21 67.97 -12.07
N PHE B 1109 19.59 69.18 -12.45
CA PHE B 1109 20.88 69.73 -12.08
C PHE B 1109 20.76 71.24 -12.08
N TYR B 1110 21.52 71.89 -11.20
CA TYR B 1110 21.42 73.34 -11.06
C TYR B 1110 22.44 73.98 -11.98
N GLU B 1111 21.99 74.41 -13.15
CA GLU B 1111 22.81 75.17 -14.10
C GLU B 1111 22.02 76.40 -14.52
N PRO B 1112 22.06 77.47 -13.71
CA PRO B 1112 21.31 78.68 -14.05
C PRO B 1112 21.81 79.33 -15.35
N GLN B 1113 20.86 79.86 -16.12
CA GLN B 1113 21.17 80.51 -17.38
C GLN B 1113 20.30 81.74 -17.55
N ILE B 1114 20.78 82.70 -18.33
CA ILE B 1114 20.04 83.93 -18.58
C ILE B 1114 18.79 83.63 -19.39
N ILE B 1115 17.66 84.18 -18.96
CA ILE B 1115 16.38 83.95 -19.63
C ILE B 1115 16.39 84.72 -20.95
N THR B 1116 16.42 84.01 -22.05
CA THR B 1116 16.41 84.61 -23.38
C THR B 1116 15.24 84.05 -24.17
N THR B 1117 15.20 84.38 -25.46
CA THR B 1117 14.17 83.86 -26.34
C THR B 1117 14.56 82.53 -26.96
N ASP B 1118 15.78 82.05 -26.73
CA ASP B 1118 16.24 80.79 -27.28
C ASP B 1118 15.94 79.61 -26.38
N ASN B 1119 15.44 79.85 -25.16
CA ASN B 1119 15.09 78.79 -24.24
C ASN B 1119 13.68 78.96 -23.70
N THR B 1120 12.93 79.93 -24.21
CA THR B 1120 11.55 80.17 -23.81
C THR B 1120 10.67 80.34 -25.04
N PHE B 1121 9.39 80.00 -24.89
CA PHE B 1121 8.42 80.14 -25.97
C PHE B 1121 7.21 80.88 -25.45
N VAL B 1122 6.59 81.66 -26.34
CA VAL B 1122 5.46 82.51 -26.00
C VAL B 1122 4.17 81.84 -26.42
N SER B 1123 3.24 81.68 -25.48
CA SER B 1123 1.97 81.03 -25.78
C SER B 1123 0.80 81.74 -25.11
N GLY B 1124 0.76 83.06 -25.15
CA GLY B 1124 -0.39 83.75 -24.64
C GLY B 1124 0.00 85.02 -23.93
N ASN B 1125 -0.91 85.51 -23.09
CA ASN B 1125 -0.75 86.75 -22.35
C ASN B 1125 -0.70 86.46 -20.85
N CYS B 1126 -0.67 87.52 -20.05
CA CYS B 1126 -0.43 87.44 -18.61
C CYS B 1126 -1.69 87.55 -17.78
N ASP B 1127 -2.82 87.01 -18.24
CA ASP B 1127 -4.06 87.10 -17.48
C ASP B 1127 -4.76 85.77 -17.23
N VAL B 1128 -4.17 84.66 -17.65
CA VAL B 1128 -4.78 83.35 -17.51
C VAL B 1128 -3.87 82.47 -16.67
N VAL B 1129 -2.57 82.77 -16.67
CA VAL B 1129 -1.62 81.97 -15.92
C VAL B 1129 -1.66 82.41 -14.46
N ILE B 1130 -1.80 81.44 -13.56
CA ILE B 1130 -1.83 81.72 -12.14
C ILE B 1130 -0.43 81.58 -11.59
N GLY B 1131 0.09 82.65 -11.01
CA GLY B 1131 1.43 82.64 -10.46
C GLY B 1131 2.50 83.27 -11.33
N ILE B 1132 2.14 83.91 -12.43
CA ILE B 1132 3.11 84.54 -13.31
C ILE B 1132 3.79 85.71 -12.59
N VAL B 1133 5.02 86.02 -13.01
CA VAL B 1133 5.80 87.09 -12.37
C VAL B 1133 6.38 87.98 -13.46
N ASN B 1134 6.39 89.28 -13.20
CA ASN B 1134 6.94 90.23 -14.14
C ASN B 1134 8.46 90.12 -14.18
N ASN B 1135 9.03 90.12 -15.37
CA ASN B 1135 10.47 90.00 -15.55
C ASN B 1135 10.80 90.46 -16.97
N THR B 1136 12.09 90.51 -17.27
CA THR B 1136 12.58 90.85 -18.61
C THR B 1136 13.20 89.61 -19.24
N VAL B 1137 13.03 89.49 -20.56
CA VAL B 1137 13.56 88.38 -21.34
C VAL B 1137 14.57 88.95 -22.31
N TYR B 1138 15.79 88.44 -22.26
CA TYR B 1138 16.87 88.91 -23.11
C TYR B 1138 16.60 88.54 -24.56
N ASP B 1139 16.91 89.46 -25.47
CA ASP B 1139 16.76 89.22 -26.90
C ASP B 1139 18.14 89.27 -27.54
N PRO B 1140 18.75 88.13 -27.88
CA PRO B 1140 20.10 88.16 -28.45
C PRO B 1140 20.13 88.52 -29.93
N LEU B 1141 19.36 89.52 -30.33
CA LEU B 1141 19.35 90.05 -31.69
C LEU B 1141 19.55 91.56 -31.71
N GLN B 1142 19.00 92.28 -30.73
CA GLN B 1142 19.18 93.73 -30.67
C GLN B 1142 20.64 94.16 -30.50
N PRO B 1143 21.47 93.59 -29.59
CA PRO B 1143 22.89 93.99 -29.56
C PRO B 1143 23.64 93.70 -30.86
N GLU B 1144 23.24 92.64 -31.59
CA GLU B 1144 23.87 92.32 -32.86
C GLU B 1144 23.64 93.41 -33.90
N LEU B 1145 22.42 93.95 -33.95
CA LEU B 1145 22.12 95.05 -34.88
C LEU B 1145 22.92 96.30 -34.54
N ASP B 1146 23.04 96.61 -33.25
CA ASP B 1146 23.78 97.79 -32.82
C ASP B 1146 25.28 97.60 -32.97
N GLN C 14 -67.57 -6.39 19.87
CA GLN C 14 -67.77 -6.87 18.51
C GLN C 14 -67.86 -5.71 17.53
N CYS C 15 -67.53 -5.97 16.26
CA CYS C 15 -67.58 -4.96 15.22
C CYS C 15 -68.46 -5.44 14.08
N VAL C 16 -69.36 -4.58 13.62
CA VAL C 16 -70.25 -4.88 12.50
C VAL C 16 -69.82 -4.02 11.32
N ASN C 17 -69.71 -4.65 10.15
CA ASN C 17 -69.28 -3.95 8.96
C ASN C 17 -70.35 -2.97 8.49
N LEU C 18 -69.94 -1.76 8.15
CA LEU C 18 -70.88 -0.70 7.86
C LEU C 18 -71.39 -0.84 6.43
N THR C 19 -72.71 -0.98 6.26
CA THR C 19 -73.30 -1.03 4.93
C THR C 19 -73.76 0.37 4.51
N THR C 20 -74.61 0.43 3.45
CA THR C 20 -75.31 1.62 2.92
C THR C 20 -74.35 2.78 2.61
N ARG C 21 -73.15 2.45 2.13
CA ARG C 21 -72.16 3.44 1.70
C ARG C 21 -71.75 3.11 0.27
N THR C 22 -72.14 3.99 -0.66
CA THR C 22 -71.83 3.82 -2.08
C THR C 22 -70.34 3.97 -2.34
N GLN C 23 -69.90 3.41 -3.48
CA GLN C 23 -68.51 3.50 -3.89
C GLN C 23 -68.32 4.72 -4.80
N LEU C 24 -67.19 5.40 -4.65
CA LEU C 24 -66.90 6.59 -5.42
C LEU C 24 -65.48 6.47 -5.97
N PRO C 25 -65.14 7.20 -7.04
CA PRO C 25 -63.75 7.17 -7.58
C PRO C 25 -62.75 7.72 -6.59
N PRO C 26 -61.53 7.18 -6.54
CA PRO C 26 -60.50 7.83 -5.72
C PRO C 26 -60.12 9.19 -6.28
N ALA C 27 -59.72 10.08 -5.38
CA ALA C 27 -59.37 11.45 -5.71
C ALA C 27 -57.92 11.74 -5.34
N TYR C 28 -57.25 12.51 -6.18
CA TYR C 28 -55.88 12.91 -5.92
C TYR C 28 -55.78 14.43 -5.94
N THR C 29 -54.86 14.95 -5.13
CA THR C 29 -54.65 16.39 -5.03
C THR C 29 -53.16 16.67 -4.94
N ASN C 30 -52.79 17.88 -5.33
CA ASN C 30 -51.40 18.31 -5.33
C ASN C 30 -51.06 18.94 -3.99
N SER C 31 -50.15 18.30 -3.25
CA SER C 31 -49.68 18.83 -1.97
C SER C 31 -48.56 19.84 -2.19
N PHE C 32 -48.72 21.04 -1.64
CA PHE C 32 -47.79 22.15 -1.90
C PHE C 32 -46.88 22.37 -0.69
N THR C 33 -45.60 22.04 -0.86
CA THR C 33 -44.50 22.27 0.09
C THR C 33 -44.83 21.69 1.47
N ARG C 34 -45.04 20.38 1.50
CA ARG C 34 -45.37 19.67 2.72
C ARG C 34 -44.51 18.42 2.85
N GLY C 35 -44.59 17.80 4.01
CA GLY C 35 -43.82 16.60 4.27
C GLY C 35 -42.39 16.88 4.66
N VAL C 36 -42.11 18.04 5.24
CA VAL C 36 -40.77 18.41 5.66
C VAL C 36 -40.70 18.33 7.19
N TYR C 37 -39.62 17.73 7.68
CA TYR C 37 -39.45 17.52 9.11
C TYR C 37 -37.98 17.66 9.47
N TYR C 38 -37.68 17.56 10.76
CA TYR C 38 -36.31 17.56 11.21
C TYR C 38 -35.70 16.19 10.98
N PRO C 39 -34.62 16.08 10.20
CA PRO C 39 -34.02 14.76 9.96
C PRO C 39 -33.26 14.22 11.16
N ASP C 40 -32.91 15.07 12.12
CA ASP C 40 -32.17 14.64 13.30
C ASP C 40 -32.44 15.62 14.44
N LYS C 41 -31.93 15.27 15.62
CA LYS C 41 -32.04 16.10 16.81
C LYS C 41 -30.84 17.01 17.03
N VAL C 42 -30.18 17.43 15.95
CA VAL C 42 -28.99 18.25 16.03
C VAL C 42 -29.37 19.71 15.84
N PHE C 43 -29.01 20.56 16.79
CA PHE C 43 -29.28 21.99 16.68
C PHE C 43 -28.33 22.62 15.66
N ARG C 44 -28.85 23.45 14.78
CA ARG C 44 -28.03 24.18 13.82
C ARG C 44 -28.51 25.62 13.73
N SER C 45 -27.57 26.57 13.77
CA SER C 45 -27.87 27.99 13.83
C SER C 45 -27.43 28.69 12.54
N SER C 46 -28.40 29.10 11.73
CA SER C 46 -28.22 29.89 10.50
C SER C 46 -27.24 29.21 9.54
N VAL C 47 -27.63 28.00 9.11
CA VAL C 47 -26.81 27.21 8.20
C VAL C 47 -27.72 26.61 7.14
N LEU C 48 -27.11 26.17 6.04
CA LEU C 48 -27.80 25.48 4.95
C LEU C 48 -27.24 24.06 4.89
N HIS C 49 -28.05 23.08 5.27
CA HIS C 49 -27.62 21.70 5.42
C HIS C 49 -28.32 20.82 4.40
N SER C 50 -27.54 20.03 3.67
CA SER C 50 -28.04 19.08 2.70
C SER C 50 -28.04 17.67 3.28
N THR C 51 -29.18 16.99 3.23
CA THR C 51 -29.27 15.65 3.78
C THR C 51 -30.20 14.79 2.94
N GLN C 52 -29.83 13.52 2.81
CA GLN C 52 -30.61 12.53 2.08
C GLN C 52 -31.38 11.69 3.10
N ASP C 53 -32.70 11.64 2.93
CA ASP C 53 -33.55 10.95 3.90
C ASP C 53 -34.89 10.70 3.19
N LEU C 54 -35.77 9.96 3.85
CA LEU C 54 -37.11 9.67 3.33
C LEU C 54 -37.97 10.91 3.52
N PHE C 55 -38.25 11.62 2.44
CA PHE C 55 -39.01 12.86 2.48
C PHE C 55 -40.15 12.81 1.46
N LEU C 56 -41.16 13.63 1.71
CA LEU C 56 -42.23 13.78 0.75
C LEU C 56 -41.80 14.79 -0.30
N PRO C 57 -41.84 14.44 -1.58
CA PRO C 57 -41.41 15.37 -2.63
C PRO C 57 -42.29 16.61 -2.68
N PHE C 58 -41.68 17.73 -3.03
CA PHE C 58 -42.45 18.96 -3.19
C PHE C 58 -43.39 18.84 -4.38
N PHE C 59 -44.54 19.50 -4.25
CA PHE C 59 -45.60 19.54 -5.27
C PHE C 59 -46.02 18.13 -5.69
N SER C 60 -46.14 17.25 -4.69
CA SER C 60 -46.42 15.85 -4.92
C SER C 60 -47.89 15.64 -5.21
N ASN C 61 -48.27 14.38 -5.41
CA ASN C 61 -49.66 14.01 -5.67
C ASN C 61 -50.08 12.99 -4.63
N VAL C 62 -50.98 13.39 -3.73
CA VAL C 62 -51.35 12.59 -2.58
C VAL C 62 -52.80 12.19 -2.72
N THR C 63 -53.17 11.09 -2.06
CA THR C 63 -54.53 10.59 -2.17
C THR C 63 -55.40 11.32 -1.16
N TRP C 64 -56.60 11.69 -1.59
CA TRP C 64 -57.49 12.51 -0.78
C TRP C 64 -58.68 11.66 -0.37
N PHE C 65 -59.10 11.78 0.88
CA PHE C 65 -60.30 11.13 1.34
C PHE C 65 -61.11 12.26 1.99
N HIS C 66 -62.40 12.39 1.64
CA HIS C 66 -63.31 13.40 2.20
C HIS C 66 -64.46 12.73 2.94
N ALA C 67 -64.75 13.12 4.18
CA ALA C 67 -65.77 12.37 4.91
C ALA C 67 -66.99 13.15 5.39
N ILE C 68 -67.32 14.27 4.75
CA ILE C 68 -68.45 15.11 5.18
C ILE C 68 -69.78 14.37 5.10
N THR C 76 -75.17 11.27 3.44
CA THR C 76 -73.99 10.65 4.03
C THR C 76 -72.78 10.79 3.11
N LYS C 77 -73.04 10.56 1.81
CA LYS C 77 -72.13 10.70 0.64
C LYS C 77 -70.85 9.87 0.93
N ARG C 78 -69.65 10.45 0.85
CA ARG C 78 -68.43 9.66 0.98
C ARG C 78 -68.17 9.25 2.42
N PHE C 79 -68.01 7.95 2.60
CA PHE C 79 -67.58 7.31 3.83
C PHE C 79 -66.52 6.35 3.29
N ASP C 80 -65.34 6.37 3.90
CA ASP C 80 -64.16 5.59 3.49
C ASP C 80 -63.54 4.80 4.61
N ASN C 81 -63.26 3.55 4.33
CA ASN C 81 -62.55 2.68 5.26
C ASN C 81 -61.44 2.11 4.40
N PRO C 82 -60.39 2.90 4.12
CA PRO C 82 -59.36 2.43 3.19
C PRO C 82 -58.20 1.72 3.86
N VAL C 83 -57.80 0.61 3.26
CA VAL C 83 -56.64 -0.14 3.71
C VAL C 83 -55.50 0.07 2.72
N LEU C 84 -54.40 0.64 3.19
CA LEU C 84 -53.28 0.98 2.31
C LEU C 84 -52.03 0.21 2.73
N PRO C 85 -51.09 -0.04 1.81
CA PRO C 85 -49.82 -0.66 2.20
C PRO C 85 -48.82 0.36 2.74
N PHE C 86 -47.74 -0.17 3.34
CA PHE C 86 -46.69 0.64 3.98
C PHE C 86 -45.35 0.20 3.37
N ASN C 87 -44.85 0.96 2.40
CA ASN C 87 -43.58 0.62 1.77
C ASN C 87 -42.38 1.12 2.57
N ASP C 88 -42.25 2.44 2.70
CA ASP C 88 -41.13 3.05 3.41
C ASP C 88 -41.52 4.17 4.36
N GLY C 89 -42.71 4.74 4.24
CA GLY C 89 -43.12 5.83 5.10
C GLY C 89 -44.44 6.43 4.68
N VAL C 90 -45.10 7.13 5.60
CA VAL C 90 -46.43 7.69 5.35
C VAL C 90 -46.45 9.14 5.80
N TYR C 91 -46.92 10.03 4.93
CA TYR C 91 -47.19 11.40 5.31
C TYR C 91 -48.70 11.57 5.45
N PHE C 92 -49.15 12.03 6.62
CA PHE C 92 -50.56 12.15 6.91
C PHE C 92 -50.90 13.59 7.25
N ALA C 93 -51.90 14.13 6.57
CA ALA C 93 -52.44 15.45 6.85
C ALA C 93 -53.91 15.31 7.21
N SER C 94 -54.40 16.19 8.09
CA SER C 94 -55.79 16.10 8.54
C SER C 94 -56.38 17.49 8.69
N THR C 95 -57.44 17.76 7.92
CA THR C 95 -58.25 18.97 8.05
C THR C 95 -59.57 18.57 8.70
N GLU C 96 -59.75 18.97 9.96
CA GLU C 96 -60.90 18.56 10.77
C GLU C 96 -61.28 19.69 11.71
N LYS C 97 -62.50 19.61 12.23
CA LYS C 97 -62.95 20.55 13.26
C LYS C 97 -63.65 19.86 14.43
N SER C 98 -63.81 18.54 14.39
CA SER C 98 -64.50 17.83 15.46
C SER C 98 -63.82 16.53 15.86
N ASN C 99 -62.54 16.35 15.51
CA ASN C 99 -61.73 15.18 15.88
C ASN C 99 -62.37 13.89 15.36
N ILE C 100 -62.66 13.87 14.05
CA ILE C 100 -63.28 12.70 13.45
C ILE C 100 -62.29 11.54 13.37
N ILE C 101 -61.09 11.78 12.84
CA ILE C 101 -60.11 10.70 12.84
C ILE C 101 -59.58 10.59 14.26
N ARG C 102 -59.16 9.42 14.61
CA ARG C 102 -58.61 9.29 15.95
C ARG C 102 -57.31 8.54 15.89
N GLY C 103 -57.20 7.56 15.01
CA GLY C 103 -56.04 6.72 15.09
C GLY C 103 -55.72 6.03 13.80
N TRP C 104 -54.81 5.06 13.91
CA TRP C 104 -54.27 4.31 12.78
C TRP C 104 -53.96 2.90 13.26
N ILE C 105 -53.83 1.96 12.33
CA ILE C 105 -53.50 0.57 12.64
C ILE C 105 -52.36 0.16 11.72
N PHE C 106 -51.35 -0.50 12.28
CA PHE C 106 -50.21 -0.96 11.49
C PHE C 106 -49.96 -2.44 11.73
N GLY C 107 -49.53 -3.13 10.69
CA GLY C 107 -49.22 -4.54 10.77
C GLY C 107 -48.99 -5.12 9.39
N THR C 108 -48.86 -6.44 9.36
CA THR C 108 -48.65 -7.18 8.12
C THR C 108 -49.88 -7.95 7.67
N THR C 109 -50.48 -8.73 8.58
CA THR C 109 -51.67 -9.51 8.26
C THR C 109 -52.94 -9.01 8.92
N LEU C 110 -52.83 -8.41 10.12
CA LEU C 110 -53.96 -7.85 10.89
C LEU C 110 -55.02 -8.89 11.22
N ASP C 111 -54.61 -10.16 11.35
CA ASP C 111 -55.51 -11.27 11.65
C ASP C 111 -54.92 -12.15 12.74
N SER C 112 -54.26 -11.53 13.73
CA SER C 112 -53.62 -12.16 14.89
C SER C 112 -52.48 -13.11 14.52
N LYS C 113 -52.06 -13.12 13.26
CA LYS C 113 -50.97 -13.98 12.81
C LYS C 113 -49.61 -13.30 12.89
N THR C 114 -49.58 -12.02 13.25
CA THR C 114 -48.33 -11.27 13.34
C THR C 114 -48.52 -10.13 14.31
N GLN C 115 -47.40 -9.56 14.73
CA GLN C 115 -47.41 -8.43 15.66
C GLN C 115 -48.07 -7.22 15.00
N SER C 116 -48.95 -6.53 15.75
CA SER C 116 -49.71 -5.41 15.19
C SER C 116 -49.71 -4.21 16.13
N LEU C 117 -49.51 -3.02 15.55
CA LEU C 117 -49.50 -1.75 16.27
C LEU C 117 -50.78 -0.95 15.96
N LEU C 118 -51.56 -0.61 16.98
CA LEU C 118 -52.81 0.14 16.80
C LEU C 118 -52.75 1.40 17.64
N ILE C 119 -53.18 2.51 17.07
CA ILE C 119 -53.29 3.77 17.80
C ILE C 119 -54.71 4.28 17.58
N VAL C 120 -55.32 4.87 18.62
CA VAL C 120 -56.64 5.50 18.59
C VAL C 120 -56.64 6.63 19.62
N ASN C 121 -57.29 7.74 19.26
CA ASN C 121 -57.32 8.92 20.14
C ASN C 121 -58.66 9.00 20.88
N ASN C 122 -58.88 8.11 21.85
CA ASN C 122 -60.06 8.31 22.69
C ASN C 122 -59.79 9.58 23.51
N ALA C 123 -60.87 10.24 23.95
CA ALA C 123 -60.74 11.55 24.62
C ALA C 123 -59.78 11.46 25.80
N THR C 124 -59.88 10.38 26.57
CA THR C 124 -59.05 10.20 27.75
C THR C 124 -57.55 10.14 27.37
N ASN C 125 -57.17 9.12 26.59
CA ASN C 125 -55.75 8.87 26.30
C ASN C 125 -55.46 8.01 25.08
N VAL C 126 -54.56 8.50 24.21
CA VAL C 126 -54.12 7.70 23.07
C VAL C 126 -53.46 6.43 23.58
N VAL C 127 -53.94 5.28 23.10
CA VAL C 127 -53.34 4.00 23.48
C VAL C 127 -52.60 3.40 22.29
N ILE C 128 -51.29 3.23 22.46
CA ILE C 128 -50.45 2.57 21.48
C ILE C 128 -50.10 1.19 22.03
N LYS C 129 -50.56 0.14 21.36
CA LYS C 129 -50.35 -1.22 21.83
C LYS C 129 -49.75 -2.06 20.72
N VAL C 130 -48.55 -2.61 20.94
CA VAL C 130 -47.97 -3.56 19.99
C VAL C 130 -48.35 -4.97 20.51
N CYS C 131 -49.53 -5.40 20.08
CA CYS C 131 -50.11 -6.67 20.54
C CYS C 131 -50.62 -7.47 19.35
N GLU C 132 -51.41 -8.52 19.60
CA GLU C 132 -52.00 -9.34 18.54
C GLU C 132 -53.52 -9.24 18.64
N PHE C 133 -54.12 -8.58 17.65
CA PHE C 133 -55.56 -8.38 17.58
C PHE C 133 -56.17 -9.05 16.36
N GLN C 134 -57.44 -9.41 16.49
CA GLN C 134 -58.21 -9.97 15.39
C GLN C 134 -59.00 -8.83 14.77
N PHE C 135 -58.32 -8.04 13.96
CA PHE C 135 -58.94 -6.88 13.32
C PHE C 135 -59.96 -7.33 12.29
N CYS C 136 -61.02 -6.56 12.17
CA CYS C 136 -62.07 -6.80 11.19
C CYS C 136 -61.98 -5.74 10.11
N ASN C 137 -62.89 -5.85 9.12
CA ASN C 137 -62.88 -5.07 7.88
C ASN C 137 -62.65 -3.58 8.08
N ASP C 138 -63.36 -2.98 9.04
CA ASP C 138 -63.29 -1.54 9.26
C ASP C 138 -63.52 -1.11 10.71
N PRO C 139 -62.45 -1.02 11.50
CA PRO C 139 -62.59 -0.51 12.87
C PRO C 139 -63.04 0.94 12.88
N PHE C 140 -63.83 1.31 13.89
CA PHE C 140 -64.26 2.70 14.02
C PHE C 140 -64.60 3.00 15.48
N LEU C 141 -64.97 4.26 15.71
CA LEU C 141 -65.45 4.76 17.00
C LEU C 141 -66.80 5.42 16.78
N GLY C 142 -67.53 5.61 17.88
CA GLY C 142 -68.85 6.21 17.76
C GLY C 142 -69.25 7.04 18.97
N VAL C 143 -69.64 8.30 18.71
CA VAL C 143 -70.02 9.25 19.75
C VAL C 143 -71.51 9.48 19.68
N TYR C 144 -72.19 9.31 20.82
CA TYR C 144 -73.63 9.53 20.88
C TYR C 144 -73.95 10.96 21.24
N TYR C 145 -74.93 11.54 20.56
CA TYR C 145 -75.44 12.87 20.85
C TYR C 145 -76.87 12.73 21.36
N HIS C 146 -77.15 13.36 22.50
CA HIS C 146 -78.45 13.29 23.15
C HIS C 146 -79.18 14.62 22.94
N LYS C 147 -80.43 14.56 22.50
CA LYS C 147 -81.20 15.79 22.32
C LYS C 147 -81.84 16.27 23.62
N ASN C 148 -81.92 15.40 24.62
CA ASN C 148 -82.52 15.77 25.90
C ASN C 148 -81.58 16.64 26.72
N ASN C 149 -80.28 16.35 26.67
CA ASN C 149 -79.27 17.07 27.41
C ASN C 149 -78.09 17.42 26.52
N LYS C 150 -77.43 18.54 26.81
CA LYS C 150 -76.30 18.97 25.97
C LYS C 150 -75.06 18.25 26.48
N SER C 151 -74.69 17.14 25.82
CA SER C 151 -73.50 16.38 26.19
C SER C 151 -73.12 15.38 25.11
N TRP C 152 -71.84 15.35 24.76
CA TRP C 152 -71.33 14.40 23.78
C TRP C 152 -70.31 13.51 24.47
N MET C 153 -70.47 12.20 24.34
CA MET C 153 -69.52 11.23 24.88
C MET C 153 -69.35 10.10 23.88
N GLU C 154 -68.12 9.60 23.79
CA GLU C 154 -67.86 8.42 22.96
C GLU C 154 -68.48 7.20 23.62
N SER C 155 -69.20 6.41 22.83
CA SER C 155 -69.91 5.25 23.33
C SER C 155 -69.45 3.95 22.69
N GLU C 156 -69.35 3.91 21.37
CA GLU C 156 -69.06 2.68 20.66
C GLU C 156 -67.57 2.61 20.32
N PHE C 157 -66.99 1.43 20.52
CA PHE C 157 -65.58 1.17 20.22
C PHE C 157 -65.56 -0.23 19.61
N ARG C 158 -65.48 -0.30 18.29
CA ARG C 158 -65.53 -1.55 17.55
C ARG C 158 -64.26 -1.64 16.71
N VAL C 159 -63.19 -2.15 17.31
CA VAL C 159 -61.91 -2.24 16.61
C VAL C 159 -61.43 -3.68 16.55
N TYR C 160 -61.24 -4.29 17.71
CA TYR C 160 -60.72 -5.64 17.80
C TYR C 160 -61.64 -6.50 18.66
N SER C 161 -61.54 -7.81 18.47
CA SER C 161 -62.34 -8.76 19.21
C SER C 161 -61.55 -9.54 20.23
N SER C 162 -60.22 -9.53 20.15
CA SER C 162 -59.39 -10.28 21.09
C SER C 162 -58.00 -9.66 21.16
N ALA C 163 -57.30 -9.97 22.24
CA ALA C 163 -55.92 -9.51 22.44
C ALA C 163 -55.20 -10.62 23.21
N ASN C 164 -54.48 -11.48 22.50
CA ASN C 164 -53.89 -12.67 23.12
C ASN C 164 -52.49 -12.38 23.68
N ASN C 165 -51.57 -11.93 22.84
CA ASN C 165 -50.16 -11.75 23.23
C ASN C 165 -49.79 -10.28 23.07
N CYS C 166 -49.84 -9.53 24.17
CA CYS C 166 -49.52 -8.11 24.18
C CYS C 166 -48.13 -7.85 24.73
N THR C 167 -47.40 -6.93 24.07
CA THR C 167 -46.02 -6.64 24.47
C THR C 167 -45.83 -5.27 25.09
N PHE C 168 -46.30 -4.19 24.43
CA PHE C 168 -46.11 -2.82 24.89
C PHE C 168 -47.45 -2.13 25.01
N GLU C 169 -47.80 -1.67 26.20
CA GLU C 169 -49.01 -0.90 26.43
C GLU C 169 -48.59 0.47 26.93
N TYR C 170 -49.17 1.54 26.37
CA TYR C 170 -48.84 2.89 26.79
C TYR C 170 -50.07 3.65 27.27
N VAL C 171 -49.89 4.43 28.33
CA VAL C 171 -50.94 5.26 28.93
C VAL C 171 -50.39 6.68 29.11
N SER C 172 -51.14 7.67 28.62
CA SER C 172 -50.86 9.09 28.80
C SER C 172 -51.75 9.65 29.92
N GLN C 173 -51.55 11.00 30.27
CA GLN C 173 -52.45 11.39 31.35
C GLN C 173 -53.77 11.90 30.73
N PRO C 174 -54.91 11.65 31.39
CA PRO C 174 -56.24 11.94 30.78
C PRO C 174 -56.42 13.37 30.26
N PHE C 175 -56.90 13.48 29.02
CA PHE C 175 -57.25 14.77 28.44
C PHE C 175 -58.74 14.80 28.17
N LEU C 176 -59.22 15.94 27.67
CA LEU C 176 -60.60 16.10 27.23
C LEU C 176 -60.63 16.85 25.92
N MET C 177 -61.32 16.30 24.93
CA MET C 177 -61.56 16.97 23.66
C MET C 177 -63.02 17.41 23.60
N ASP C 178 -63.27 18.45 22.77
CA ASP C 178 -64.58 19.08 22.65
C ASP C 178 -65.71 18.09 22.38
N LEU C 179 -65.46 17.07 21.54
CA LEU C 179 -66.38 15.98 21.19
C LEU C 179 -67.63 16.44 20.42
N GLU C 180 -67.77 17.74 20.20
CA GLU C 180 -68.87 18.34 19.46
C GLU C 180 -68.41 18.78 18.07
N GLY C 181 -69.37 18.79 17.14
CA GLY C 181 -69.08 19.19 15.78
C GLY C 181 -69.42 20.64 15.51
N LYS C 182 -68.40 21.49 15.42
CA LYS C 182 -68.60 22.90 15.14
C LYS C 182 -69.10 23.10 13.72
N GLN C 183 -69.94 24.12 13.53
CA GLN C 183 -70.51 24.43 12.23
C GLN C 183 -69.66 25.51 11.56
N GLY C 184 -69.25 25.25 10.31
CA GLY C 184 -68.43 26.16 9.54
C GLY C 184 -67.23 25.45 8.97
N ASN C 185 -66.21 26.23 8.63
CA ASN C 185 -64.98 25.67 8.09
C ASN C 185 -64.15 25.00 9.18
N PHE C 186 -63.18 24.19 8.74
CA PHE C 186 -62.32 23.47 9.67
C PHE C 186 -61.39 24.46 10.39
N LYS C 187 -61.11 24.18 11.67
CA LYS C 187 -60.23 25.02 12.46
C LYS C 187 -59.08 24.23 13.09
N ASN C 188 -58.79 23.05 12.57
CA ASN C 188 -57.73 22.19 13.11
C ASN C 188 -57.01 21.55 11.94
N LEU C 189 -55.69 21.69 11.94
CA LEU C 189 -54.84 21.04 10.95
C LEU C 189 -53.79 20.24 11.71
N ARG C 190 -53.75 18.94 11.45
CA ARG C 190 -52.83 18.02 12.10
C ARG C 190 -51.99 17.38 11.00
N GLU C 191 -50.68 17.45 11.15
CA GLU C 191 -49.77 16.92 10.15
C GLU C 191 -48.86 15.89 10.80
N PHE C 192 -48.75 14.72 10.18
CA PHE C 192 -48.03 13.60 10.75
C PHE C 192 -47.14 12.94 9.70
N VAL C 193 -46.01 12.40 10.17
CA VAL C 193 -45.12 11.61 9.33
C VAL C 193 -44.84 10.31 10.08
N PHE C 194 -45.10 9.18 9.44
CA PHE C 194 -44.85 7.87 10.03
C PHE C 194 -43.73 7.18 9.26
N LYS C 195 -42.70 6.75 9.99
CA LYS C 195 -41.56 6.06 9.41
C LYS C 195 -41.21 4.84 10.25
N ASN C 196 -40.57 3.85 9.60
CA ASN C 196 -40.13 2.63 10.29
C ASN C 196 -38.73 2.29 9.80
N ILE C 197 -37.72 2.66 10.57
CA ILE C 197 -36.32 2.47 10.18
C ILE C 197 -35.55 1.87 11.35
N ASP C 198 -34.75 0.83 11.04
CA ASP C 198 -33.83 0.18 11.99
C ASP C 198 -34.56 -0.36 13.23
N GLY C 199 -35.78 -0.84 13.03
CA GLY C 199 -36.59 -1.33 14.12
C GLY C 199 -37.26 -0.27 14.95
N TYR C 200 -37.10 1.00 14.60
CA TYR C 200 -37.74 2.11 15.31
C TYR C 200 -38.86 2.69 14.47
N PHE C 201 -40.02 2.86 15.08
CA PHE C 201 -41.20 3.45 14.44
C PHE C 201 -41.31 4.89 14.92
N LYS C 202 -41.06 5.84 14.03
CA LYS C 202 -40.99 7.26 14.38
C LYS C 202 -42.25 7.98 13.91
N ILE C 203 -42.86 8.73 14.81
CA ILE C 203 -44.03 9.55 14.52
C ILE C 203 -43.64 11.00 14.80
N TYR C 204 -43.81 11.86 13.80
CA TYR C 204 -43.53 13.28 13.94
C TYR C 204 -44.84 14.03 13.81
N SER C 205 -45.08 14.99 14.69
CA SER C 205 -46.37 15.65 14.77
C SER C 205 -46.24 17.17 14.75
N LYS C 206 -47.30 17.82 14.29
CA LYS C 206 -47.42 19.26 14.28
C LYS C 206 -48.89 19.64 14.27
N HIS C 207 -49.25 20.64 15.07
CA HIS C 207 -50.62 21.12 15.17
C HIS C 207 -50.65 22.57 14.69
N THR C 208 -51.66 22.92 13.88
CA THR C 208 -51.76 24.24 13.28
C THR C 208 -53.21 24.68 13.19
N PRO C 209 -53.52 25.94 13.49
CA PRO C 209 -54.83 26.50 13.12
C PRO C 209 -54.95 26.70 11.62
N ILE C 210 -56.18 26.62 11.13
CA ILE C 210 -56.46 26.73 9.69
C ILE C 210 -57.80 27.44 9.50
N ASN C 211 -57.82 28.39 8.57
CA ASN C 211 -59.05 29.05 8.14
C ASN C 211 -59.09 29.07 6.61
N LEU C 212 -59.55 27.97 6.01
CA LEU C 212 -59.68 27.80 4.57
C LEU C 212 -60.43 26.50 4.31
N VAL C 213 -61.12 26.44 3.16
CA VAL C 213 -62.13 25.40 2.96
C VAL C 213 -61.49 24.08 2.52
N ARG C 214 -60.82 24.04 1.36
CA ARG C 214 -60.47 22.77 0.73
C ARG C 214 -59.15 22.89 -0.02
N ASP C 215 -58.66 21.73 -0.47
CA ASP C 215 -57.56 21.57 -1.42
C ASP C 215 -56.21 22.00 -0.82
N LEU C 216 -55.98 21.63 0.46
CA LEU C 216 -54.68 21.65 1.14
C LEU C 216 -53.96 23.00 1.05
N PRO C 217 -54.37 24.00 1.84
CA PRO C 217 -53.77 25.34 1.76
C PRO C 217 -52.26 25.35 1.98
N GLN C 218 -51.59 26.22 1.23
CA GLN C 218 -50.14 26.30 1.21
C GLN C 218 -49.60 26.81 2.56
N GLY C 219 -48.29 26.75 2.68
CA GLY C 219 -47.58 27.15 3.88
C GLY C 219 -46.44 26.21 4.20
N PHE C 220 -45.53 26.66 5.04
CA PHE C 220 -44.37 25.90 5.44
C PHE C 220 -44.34 25.75 6.95
N SER C 221 -44.06 24.54 7.42
CA SER C 221 -44.02 24.24 8.84
C SER C 221 -43.20 22.98 9.06
N ALA C 222 -42.07 23.10 9.74
CA ALA C 222 -41.27 21.93 10.08
C ALA C 222 -41.98 21.09 11.12
N LEU C 223 -41.83 19.77 11.01
CA LEU C 223 -42.53 18.84 11.88
C LEU C 223 -41.59 18.42 13.02
N GLU C 224 -41.87 18.92 14.21
CA GLU C 224 -41.09 18.53 15.38
C GLU C 224 -41.38 17.07 15.72
N PRO C 225 -40.38 16.30 16.13
CA PRO C 225 -40.60 14.91 16.53
C PRO C 225 -41.51 14.79 17.75
N LEU C 226 -42.31 13.74 17.75
CA LEU C 226 -43.28 13.48 18.82
C LEU C 226 -42.91 12.26 19.64
N VAL C 227 -42.70 11.12 19.00
CA VAL C 227 -42.45 9.87 19.71
C VAL C 227 -41.65 8.95 18.80
N ASP C 228 -40.95 8.01 19.41
CA ASP C 228 -40.17 7.00 18.71
C ASP C 228 -40.41 5.72 19.49
N LEU C 229 -41.19 4.80 18.92
CA LEU C 229 -41.57 3.58 19.59
C LEU C 229 -40.57 2.48 19.28
N PRO C 230 -39.77 2.04 20.25
CA PRO C 230 -38.84 0.93 20.02
C PRO C 230 -39.55 -0.41 19.90
N ILE C 231 -40.35 -0.59 18.85
CA ILE C 231 -41.13 -1.82 18.75
C ILE C 231 -40.35 -2.95 18.09
N GLY C 232 -39.55 -2.65 17.07
CA GLY C 232 -38.79 -3.67 16.36
C GLY C 232 -39.65 -4.68 15.64
N ILE C 233 -40.73 -4.22 14.98
CA ILE C 233 -41.65 -5.09 14.25
C ILE C 233 -41.70 -4.67 12.78
N ASN C 234 -42.40 -5.47 11.98
CA ASN C 234 -42.54 -5.24 10.55
C ASN C 234 -43.92 -4.69 10.23
N ILE C 235 -43.94 -3.56 9.52
CA ILE C 235 -45.16 -2.90 9.10
C ILE C 235 -45.15 -2.82 7.59
N THR C 236 -46.14 -3.43 6.95
CA THR C 236 -46.28 -3.42 5.50
C THR C 236 -47.64 -2.93 5.02
N ARG C 237 -48.58 -2.62 5.93
CA ARG C 237 -49.92 -2.23 5.54
C ARG C 237 -50.56 -1.41 6.67
N PHE C 238 -51.39 -0.41 6.31
CA PHE C 238 -51.96 0.43 7.37
C PHE C 238 -53.35 0.90 6.97
N GLN C 239 -54.30 0.85 7.92
CA GLN C 239 -55.64 1.31 7.64
C GLN C 239 -55.95 2.51 8.54
N THR C 240 -56.42 3.61 7.95
CA THR C 240 -56.82 4.79 8.72
C THR C 240 -58.10 4.49 9.51
N LEU C 241 -58.17 5.01 10.74
CA LEU C 241 -59.35 4.82 11.60
C LEU C 241 -60.12 6.14 11.74
N LEU C 242 -61.42 6.10 11.44
CA LEU C 242 -62.30 7.26 11.51
C LEU C 242 -63.50 7.01 12.42
N ALA C 243 -63.72 7.92 13.38
CA ALA C 243 -64.90 7.85 14.25
C ALA C 243 -66.15 8.30 13.49
N LEU C 244 -67.32 8.09 14.10
CA LEU C 244 -68.57 8.56 13.53
C LEU C 244 -69.43 9.19 14.63
N HIS C 245 -70.56 9.76 14.22
CA HIS C 245 -71.50 10.42 15.11
C HIS C 245 -72.86 9.77 14.99
N ARG C 246 -73.57 9.64 16.11
CA ARG C 246 -74.91 9.08 16.12
C ARG C 246 -75.82 9.96 16.98
N SER C 247 -77.02 10.23 16.48
CA SER C 247 -77.98 11.07 17.18
C SER C 247 -79.39 10.49 17.09
N GLY C 252 -82.18 4.23 13.28
CA GLY C 252 -82.68 3.02 13.90
C GLY C 252 -81.58 2.01 14.21
N ASP C 253 -81.32 1.13 13.25
CA ASP C 253 -80.29 0.12 13.42
C ASP C 253 -78.90 0.77 13.40
N SER C 254 -77.95 0.12 14.07
CA SER C 254 -76.58 0.61 14.11
C SER C 254 -75.90 0.57 12.74
N SER C 255 -76.40 -0.25 11.82
CA SER C 255 -75.85 -0.34 10.47
C SER C 255 -76.45 0.70 9.52
N SER C 256 -77.38 1.52 9.99
CA SER C 256 -77.98 2.57 9.15
C SER C 256 -77.97 3.94 9.80
N GLY C 257 -78.19 4.02 11.10
CA GLY C 257 -78.38 5.29 11.78
C GLY C 257 -77.13 5.96 12.33
N TRP C 258 -76.30 6.54 11.46
CA TRP C 258 -75.15 7.30 11.93
C TRP C 258 -75.04 8.59 11.11
N THR C 259 -74.30 9.54 11.67
CA THR C 259 -73.95 10.78 10.97
C THR C 259 -72.43 10.83 10.86
N ALA C 260 -71.94 11.19 9.68
CA ALA C 260 -70.49 11.14 9.46
C ALA C 260 -69.79 12.30 10.16
N GLY C 261 -70.14 13.53 9.82
CA GLY C 261 -69.42 14.68 10.34
C GLY C 261 -68.24 15.05 9.44
N ALA C 262 -68.12 16.33 9.12
CA ALA C 262 -67.16 16.79 8.13
C ALA C 262 -65.72 16.58 8.59
N ALA C 263 -64.89 16.07 7.66
CA ALA C 263 -63.47 15.79 7.87
C ALA C 263 -62.84 15.40 6.53
N ALA C 264 -61.52 15.57 6.46
CA ALA C 264 -60.76 15.19 5.27
C ALA C 264 -59.33 14.87 5.67
N TYR C 265 -58.82 13.72 5.22
CA TYR C 265 -57.47 13.30 5.55
C TYR C 265 -56.71 12.94 4.28
N TYR C 266 -55.43 13.34 4.22
CA TYR C 266 -54.59 13.15 3.05
C TYR C 266 -53.54 12.09 3.33
N VAL C 267 -53.25 11.25 2.33
CA VAL C 267 -52.24 10.20 2.45
C VAL C 267 -51.23 10.33 1.33
N GLY C 268 -49.95 10.36 1.68
CA GLY C 268 -48.89 10.41 0.69
C GLY C 268 -47.76 9.50 1.11
N TYR C 269 -46.89 9.19 0.14
CA TYR C 269 -45.79 8.26 0.35
C TYR C 269 -44.47 9.02 0.31
N LEU C 270 -43.56 8.66 1.21
CA LEU C 270 -42.25 9.26 1.27
C LEU C 270 -41.29 8.52 0.35
N GLN C 271 -40.31 9.24 -0.17
CA GLN C 271 -39.32 8.68 -1.07
C GLN C 271 -37.93 9.10 -0.60
N PRO C 272 -36.90 8.29 -0.90
CA PRO C 272 -35.54 8.69 -0.53
C PRO C 272 -35.06 9.84 -1.40
N ARG C 273 -34.98 11.03 -0.81
CA ARG C 273 -34.69 12.24 -1.56
C ARG C 273 -33.64 13.06 -0.82
N THR C 274 -32.92 13.89 -1.56
CA THR C 274 -31.93 14.81 -1.02
C THR C 274 -32.55 16.19 -0.85
N PHE C 275 -32.50 16.71 0.37
CA PHE C 275 -33.14 17.98 0.71
C PHE C 275 -32.11 18.96 1.25
N LEU C 276 -32.24 20.23 0.84
CA LEU C 276 -31.46 21.32 1.40
C LEU C 276 -32.32 22.07 2.39
N LEU C 277 -31.92 22.09 3.66
CA LEU C 277 -32.71 22.69 4.72
C LEU C 277 -32.02 23.93 5.26
N LYS C 278 -32.82 24.97 5.49
CA LYS C 278 -32.34 26.22 6.08
C LYS C 278 -32.69 26.19 7.56
N TYR C 279 -31.68 25.98 8.40
CA TYR C 279 -31.85 25.93 9.84
C TYR C 279 -31.72 27.35 10.37
N ASN C 280 -32.78 27.89 10.97
CA ASN C 280 -32.71 29.25 11.51
C ASN C 280 -31.87 29.27 12.78
N GLU C 281 -31.53 30.49 13.23
CA GLU C 281 -30.77 30.68 14.47
C GLU C 281 -31.53 30.21 15.70
N ASN C 282 -32.85 30.09 15.61
CA ASN C 282 -33.69 29.51 16.65
C ASN C 282 -33.66 27.98 16.58
N GLY C 283 -32.98 27.41 15.57
CA GLY C 283 -32.93 25.98 15.39
C GLY C 283 -34.07 25.35 14.64
N THR C 284 -34.90 26.15 13.98
CA THR C 284 -36.03 25.62 13.23
C THR C 284 -35.78 25.77 11.74
N ILE C 285 -36.48 24.94 10.97
CA ILE C 285 -36.37 24.95 9.52
C ILE C 285 -37.51 25.80 8.97
N THR C 286 -37.16 26.74 8.09
CA THR C 286 -38.14 27.62 7.47
C THR C 286 -38.23 27.49 5.95
N ASP C 287 -37.15 27.08 5.28
CA ASP C 287 -37.12 26.95 3.83
C ASP C 287 -36.42 25.65 3.44
N ALA C 288 -36.86 25.08 2.32
CA ALA C 288 -36.32 23.80 1.88
C ALA C 288 -36.31 23.73 0.36
N VAL C 289 -35.41 22.90 -0.18
CA VAL C 289 -35.26 22.69 -1.62
C VAL C 289 -35.24 21.18 -1.87
N ASP C 290 -36.02 20.73 -2.86
CA ASP C 290 -36.12 19.31 -3.17
C ASP C 290 -34.88 18.76 -3.86
N CYS C 291 -34.03 19.62 -4.43
CA CYS C 291 -32.75 19.33 -5.08
C CYS C 291 -32.91 18.61 -6.42
N ALA C 292 -34.12 18.19 -6.76
CA ALA C 292 -34.40 17.58 -8.05
C ALA C 292 -35.76 17.96 -8.62
N LEU C 293 -36.50 18.86 -7.97
CA LEU C 293 -37.83 19.22 -8.44
C LEU C 293 -37.75 20.03 -9.74
N ASP C 294 -36.87 21.01 -9.77
CA ASP C 294 -36.66 21.88 -10.92
C ASP C 294 -35.16 22.08 -11.13
N PRO C 295 -34.74 22.43 -12.36
CA PRO C 295 -33.31 22.77 -12.57
C PRO C 295 -32.80 23.92 -11.70
N LEU C 296 -33.64 24.92 -11.44
CA LEU C 296 -33.25 25.99 -10.52
C LEU C 296 -33.07 25.47 -9.10
N SER C 297 -33.94 24.57 -8.65
CA SER C 297 -33.80 23.96 -7.34
C SER C 297 -32.53 23.13 -7.26
N GLU C 298 -32.22 22.39 -8.32
CA GLU C 298 -30.98 21.61 -8.36
C GLU C 298 -29.76 22.52 -8.30
N THR C 299 -29.81 23.67 -9.00
CA THR C 299 -28.72 24.64 -8.95
C THR C 299 -28.54 25.23 -7.55
N LYS C 300 -29.65 25.58 -6.89
CA LYS C 300 -29.58 26.07 -5.51
C LYS C 300 -29.00 25.03 -4.58
N CYS C 301 -29.42 23.78 -4.75
CA CYS C 301 -28.96 22.69 -3.88
C CYS C 301 -27.48 22.41 -4.08
N THR C 302 -27.01 22.41 -5.34
CA THR C 302 -25.60 22.15 -5.59
C THR C 302 -24.71 23.34 -5.28
N LEU C 303 -25.25 24.56 -5.23
CA LEU C 303 -24.48 25.71 -4.82
C LEU C 303 -24.57 26.02 -3.34
N LYS C 304 -25.38 25.25 -2.59
CA LYS C 304 -25.56 25.39 -1.14
C LYS C 304 -26.00 26.80 -0.76
N SER C 305 -26.89 27.38 -1.57
CA SER C 305 -27.39 28.73 -1.34
C SER C 305 -28.82 28.81 -1.85
N PHE C 306 -29.67 29.54 -1.12
CA PHE C 306 -31.04 29.74 -1.54
C PHE C 306 -31.19 30.80 -2.63
N THR C 307 -30.15 31.58 -2.89
CA THR C 307 -30.14 32.52 -4.01
C THR C 307 -28.94 32.21 -4.90
N VAL C 308 -29.12 32.36 -6.20
CA VAL C 308 -28.08 32.05 -7.18
C VAL C 308 -27.83 33.30 -8.01
N GLU C 309 -26.55 33.63 -8.20
CA GLU C 309 -26.16 34.76 -9.03
C GLU C 309 -26.34 34.42 -10.50
N LYS C 310 -26.47 35.46 -11.32
CA LYS C 310 -26.66 35.28 -12.75
C LYS C 310 -25.43 34.66 -13.39
N GLY C 311 -25.65 33.62 -14.19
CA GLY C 311 -24.56 32.92 -14.82
C GLY C 311 -24.97 31.51 -15.18
N ILE C 312 -23.98 30.70 -15.51
CA ILE C 312 -24.16 29.31 -15.89
C ILE C 312 -23.42 28.43 -14.89
N TYR C 313 -24.06 27.34 -14.48
CA TYR C 313 -23.48 26.43 -13.51
C TYR C 313 -23.60 24.99 -14.00
N GLN C 314 -22.50 24.25 -13.93
CA GLN C 314 -22.51 22.84 -14.27
C GLN C 314 -23.27 22.08 -13.17
N THR C 315 -24.49 21.68 -13.48
CA THR C 315 -25.41 21.19 -12.46
C THR C 315 -25.34 19.68 -12.27
N SER C 316 -25.60 18.91 -13.31
CA SER C 316 -25.75 17.47 -13.16
C SER C 316 -25.21 16.78 -14.42
N ASN C 317 -25.51 15.49 -14.53
CA ASN C 317 -25.09 14.67 -15.66
C ASN C 317 -26.30 13.93 -16.23
N PHE C 318 -26.42 13.92 -17.55
CA PHE C 318 -27.50 13.22 -18.23
C PHE C 318 -26.97 11.90 -18.79
N ARG C 319 -27.65 10.80 -18.48
CA ARG C 319 -27.30 9.47 -18.97
C ARG C 319 -28.56 8.72 -19.37
N VAL C 320 -28.49 8.00 -20.47
CA VAL C 320 -29.63 7.22 -20.96
C VAL C 320 -29.69 5.88 -20.24
N GLN C 321 -30.77 5.66 -19.50
CA GLN C 321 -30.92 4.41 -18.75
C GLN C 321 -31.29 3.26 -19.70
N PRO C 322 -30.81 2.04 -19.43
CA PRO C 322 -31.18 0.90 -20.28
C PRO C 322 -32.61 0.45 -20.05
N THR C 323 -33.14 -0.29 -21.02
CA THR C 323 -34.49 -0.83 -20.98
C THR C 323 -34.57 -2.34 -21.13
N GLU C 324 -33.76 -2.93 -22.01
CA GLU C 324 -33.91 -4.32 -22.40
C GLU C 324 -32.98 -5.23 -21.59
N SER C 325 -31.68 -5.10 -21.84
CA SER C 325 -30.50 -5.71 -21.18
C SER C 325 -30.16 -7.13 -21.59
N ILE C 326 -30.83 -7.71 -22.58
CA ILE C 326 -30.52 -9.04 -23.10
C ILE C 326 -30.12 -8.87 -24.56
N VAL C 327 -28.92 -9.33 -24.94
CA VAL C 327 -28.48 -9.27 -26.34
C VAL C 327 -27.94 -10.67 -26.68
N ARG C 328 -27.58 -10.90 -27.96
CA ARG C 328 -27.20 -12.22 -28.46
C ARG C 328 -25.99 -12.83 -27.77
N PHE C 329 -26.18 -14.08 -27.40
CA PHE C 329 -25.16 -14.95 -26.85
C PHE C 329 -25.18 -16.20 -27.72
N PRO C 330 -24.03 -16.64 -28.26
CA PRO C 330 -24.05 -17.80 -29.15
C PRO C 330 -24.18 -19.08 -28.34
N ASN C 331 -25.16 -19.89 -28.72
CA ASN C 331 -25.47 -21.11 -27.99
C ASN C 331 -25.55 -22.29 -28.95
N ILE C 332 -25.17 -23.45 -28.44
CA ILE C 332 -25.24 -24.71 -29.16
C ILE C 332 -25.98 -25.69 -28.29
N ALA C 333 -26.55 -26.73 -28.91
CA ALA C 333 -27.35 -27.66 -28.13
C ALA C 333 -26.50 -28.65 -27.35
N ASN C 334 -25.19 -28.72 -27.62
CA ASN C 334 -24.31 -29.68 -26.96
C ASN C 334 -24.25 -29.38 -25.46
N LEU C 335 -24.28 -30.45 -24.67
CA LEU C 335 -24.29 -30.36 -23.22
C LEU C 335 -22.95 -30.85 -22.69
N CYS C 336 -22.30 -30.04 -21.87
CA CYS C 336 -20.98 -30.39 -21.35
C CYS C 336 -21.05 -31.64 -20.50
N PRO C 337 -20.07 -32.50 -20.59
CA PRO C 337 -20.14 -33.75 -19.85
C PRO C 337 -19.52 -33.62 -18.47
N PHE C 338 -20.04 -32.65 -17.69
CA PHE C 338 -19.67 -32.56 -16.29
C PHE C 338 -20.12 -33.81 -15.55
N GLY C 339 -21.24 -34.40 -15.98
CA GLY C 339 -21.72 -35.63 -15.37
C GLY C 339 -20.76 -36.80 -15.49
N GLU C 340 -20.05 -36.93 -16.63
CA GLU C 340 -19.04 -37.98 -16.73
C GLU C 340 -17.97 -37.80 -15.66
N VAL C 341 -17.27 -36.66 -15.64
CA VAL C 341 -16.18 -36.46 -14.66
C VAL C 341 -16.73 -36.53 -13.24
N PHE C 342 -17.85 -35.86 -12.95
CA PHE C 342 -18.36 -35.85 -11.58
C PHE C 342 -18.82 -37.24 -11.15
N ASN C 343 -19.48 -37.99 -12.03
CA ASN C 343 -19.98 -39.32 -11.71
C ASN C 343 -19.20 -40.41 -12.46
N ALA C 344 -17.89 -40.27 -12.54
CA ALA C 344 -17.07 -41.33 -13.12
C ALA C 344 -16.92 -42.46 -12.13
N THR C 345 -16.83 -43.68 -12.66
CA THR C 345 -16.68 -44.85 -11.81
C THR C 345 -15.36 -44.80 -11.05
N ARG C 346 -14.28 -44.54 -11.77
CA ARG C 346 -12.94 -44.52 -11.20
C ARG C 346 -12.31 -43.14 -11.32
N PHE C 347 -11.60 -42.71 -10.28
CA PHE C 347 -10.86 -41.45 -10.29
C PHE C 347 -9.38 -41.73 -10.18
N ALA C 348 -8.60 -40.94 -10.91
CA ALA C 348 -7.17 -41.12 -10.94
C ALA C 348 -6.55 -40.66 -9.61
N SER C 349 -5.35 -41.15 -9.33
CA SER C 349 -4.61 -40.79 -8.13
C SER C 349 -4.10 -39.36 -8.21
N VAL C 350 -3.75 -38.79 -7.04
CA VAL C 350 -3.34 -37.38 -6.97
C VAL C 350 -2.09 -37.12 -7.80
N TYR C 351 -1.11 -38.04 -7.75
CA TYR C 351 0.12 -37.87 -8.52
C TYR C 351 -0.18 -37.91 -10.02
N ALA C 352 -1.01 -38.86 -10.46
CA ALA C 352 -1.45 -38.93 -11.85
C ALA C 352 -2.77 -38.20 -12.01
N TRP C 353 -2.73 -36.87 -11.87
CA TRP C 353 -3.99 -36.11 -11.91
C TRP C 353 -4.52 -36.09 -13.34
N ASN C 354 -5.64 -36.77 -13.56
CA ASN C 354 -6.23 -36.83 -14.89
C ASN C 354 -6.82 -35.48 -15.28
N ARG C 355 -6.63 -35.10 -16.53
CA ARG C 355 -7.23 -33.87 -17.02
C ARG C 355 -8.19 -34.18 -18.16
N LYS C 356 -9.33 -33.50 -18.17
CA LYS C 356 -10.31 -33.58 -19.24
C LYS C 356 -10.60 -32.17 -19.71
N ARG C 357 -10.83 -32.03 -20.99
CA ARG C 357 -11.18 -30.74 -21.57
C ARG C 357 -12.67 -30.61 -21.88
N ILE C 358 -13.29 -29.62 -21.25
CA ILE C 358 -14.67 -29.26 -21.49
C ILE C 358 -14.65 -28.22 -22.61
N SER C 359 -15.00 -28.62 -23.83
CA SER C 359 -14.93 -27.76 -25.01
C SER C 359 -16.21 -27.80 -25.86
N ASN C 360 -16.60 -26.63 -26.38
CA ASN C 360 -17.70 -26.46 -27.37
C ASN C 360 -19.03 -27.06 -26.92
N CYS C 361 -19.36 -26.83 -25.66
CA CYS C 361 -20.65 -27.23 -25.11
C CYS C 361 -21.16 -26.22 -24.10
N VAL C 362 -22.49 -26.09 -24.00
CA VAL C 362 -23.03 -25.25 -22.94
C VAL C 362 -22.93 -26.02 -21.63
N ALA C 363 -22.86 -25.31 -20.51
CA ALA C 363 -22.58 -25.93 -19.24
C ALA C 363 -23.71 -25.66 -18.27
N ASP C 364 -23.90 -26.58 -17.33
CA ASP C 364 -24.93 -26.43 -16.30
C ASP C 364 -24.25 -26.37 -14.94
N TYR C 365 -23.66 -25.21 -14.64
CA TYR C 365 -22.97 -25.02 -13.37
C TYR C 365 -23.95 -25.04 -12.20
N SER C 366 -25.22 -24.79 -12.45
CA SER C 366 -26.22 -24.67 -11.40
C SER C 366 -26.69 -26.01 -10.85
N VAL C 367 -26.56 -27.11 -11.60
CA VAL C 367 -26.87 -28.42 -11.04
C VAL C 367 -25.90 -28.77 -9.92
N LEU C 368 -24.65 -28.33 -10.06
CA LEU C 368 -23.62 -28.52 -9.05
C LEU C 368 -23.97 -27.75 -7.78
N TYR C 369 -24.33 -26.47 -7.94
CA TYR C 369 -24.71 -25.62 -6.81
C TYR C 369 -25.96 -26.15 -6.12
N ASN C 370 -26.92 -26.67 -6.89
CA ASN C 370 -28.17 -27.14 -6.30
C ASN C 370 -28.11 -28.60 -5.88
N SER C 371 -26.95 -29.25 -6.06
CA SER C 371 -26.81 -30.61 -5.55
C SER C 371 -26.52 -30.62 -4.07
N ALA C 372 -25.57 -29.78 -3.63
CA ALA C 372 -25.20 -29.52 -2.23
C ALA C 372 -24.62 -30.72 -1.50
N SER C 373 -24.42 -31.84 -2.19
CA SER C 373 -23.87 -33.04 -1.58
C SER C 373 -22.36 -33.00 -1.50
N PHE C 374 -21.74 -32.12 -2.27
CA PHE C 374 -20.29 -32.01 -2.30
C PHE C 374 -19.79 -31.42 -0.99
N SER C 375 -18.78 -32.07 -0.40
CA SER C 375 -18.24 -31.64 0.90
C SER C 375 -17.62 -30.24 0.85
N THR C 376 -16.82 -29.97 -0.17
CA THR C 376 -16.17 -28.68 -0.34
C THR C 376 -16.54 -28.23 -1.74
N PHE C 377 -17.03 -27.00 -1.88
CA PHE C 377 -17.32 -26.58 -3.23
C PHE C 377 -16.77 -25.15 -3.43
N LYS C 378 -15.70 -24.84 -2.70
CA LYS C 378 -15.02 -23.54 -2.73
C LYS C 378 -14.62 -23.09 -4.12
N CYS C 379 -14.87 -21.81 -4.42
CA CYS C 379 -14.53 -21.22 -5.71
C CYS C 379 -13.69 -19.97 -5.48
N TYR C 380 -12.60 -19.84 -6.24
CA TYR C 380 -11.67 -18.74 -6.11
C TYR C 380 -11.71 -17.87 -7.37
N GLY C 381 -11.73 -16.56 -7.17
CA GLY C 381 -11.86 -15.64 -8.28
C GLY C 381 -13.26 -15.55 -8.83
N VAL C 382 -13.80 -16.66 -9.34
CA VAL C 382 -15.20 -16.71 -9.77
C VAL C 382 -16.11 -16.72 -8.53
N SER C 383 -17.28 -16.10 -8.65
CA SER C 383 -18.26 -16.14 -7.56
C SER C 383 -19.14 -17.40 -7.63
N PRO C 384 -19.48 -17.93 -6.45
CA PRO C 384 -20.41 -19.06 -6.38
C PRO C 384 -21.86 -18.57 -6.36
N THR C 385 -22.79 -19.44 -5.97
CA THR C 385 -24.23 -19.12 -5.80
C THR C 385 -24.90 -18.60 -7.09
N LYS C 386 -24.68 -19.34 -8.19
CA LYS C 386 -25.24 -19.23 -9.56
C LYS C 386 -24.52 -18.19 -10.42
N LEU C 387 -23.46 -17.55 -9.94
CA LEU C 387 -22.70 -16.63 -10.78
C LEU C 387 -21.59 -17.32 -11.57
N ASN C 388 -21.38 -18.62 -11.37
CA ASN C 388 -20.35 -19.34 -12.12
C ASN C 388 -20.71 -19.52 -13.59
N ASP C 389 -21.99 -19.34 -13.97
CA ASP C 389 -22.40 -19.61 -15.35
C ASP C 389 -22.04 -18.44 -16.26
N LEU C 390 -20.73 -18.23 -16.42
CA LEU C 390 -20.17 -17.23 -17.29
C LEU C 390 -19.17 -17.92 -18.21
N CYS C 391 -19.05 -17.44 -19.45
CA CYS C 391 -18.21 -18.06 -20.46
C CYS C 391 -16.71 -18.07 -20.15
N PHE C 392 -16.06 -19.21 -20.47
CA PHE C 392 -14.63 -19.45 -20.34
C PHE C 392 -14.03 -19.96 -21.65
N THR C 393 -12.76 -19.60 -21.92
CA THR C 393 -12.06 -20.11 -23.13
C THR C 393 -11.91 -21.61 -23.05
N ASN C 394 -11.42 -22.07 -21.93
CA ASN C 394 -11.26 -23.50 -21.67
C ASN C 394 -11.70 -23.78 -20.25
N VAL C 395 -12.44 -24.85 -20.08
CA VAL C 395 -12.74 -25.36 -18.76
C VAL C 395 -11.88 -26.60 -18.61
N TYR C 396 -10.99 -26.57 -17.63
CA TYR C 396 -10.05 -27.66 -17.39
C TYR C 396 -10.54 -28.35 -16.12
N ALA C 397 -10.79 -29.65 -16.21
CA ALA C 397 -11.18 -30.41 -15.03
C ALA C 397 -10.05 -31.36 -14.69
N ASP C 398 -9.67 -31.38 -13.42
CA ASP C 398 -8.71 -32.36 -12.93
C ASP C 398 -9.32 -33.03 -11.71
N SER C 399 -9.33 -34.37 -11.73
CA SER C 399 -9.97 -35.13 -10.67
C SER C 399 -8.98 -36.04 -9.98
N PHE C 400 -9.01 -36.05 -8.64
CA PHE C 400 -8.18 -36.95 -7.88
C PHE C 400 -8.88 -37.31 -6.57
N VAL C 401 -8.45 -38.43 -5.98
CA VAL C 401 -8.95 -38.91 -4.69
C VAL C 401 -7.86 -38.63 -3.65
N ILE C 402 -8.15 -37.72 -2.74
CA ILE C 402 -7.19 -37.27 -1.73
C ILE C 402 -7.77 -37.58 -0.34
N ARG C 403 -6.93 -37.43 0.69
CA ARG C 403 -7.35 -37.59 2.07
C ARG C 403 -8.12 -36.35 2.50
N GLY C 404 -9.03 -36.53 3.47
CA GLY C 404 -9.87 -35.43 3.93
C GLY C 404 -9.06 -34.29 4.53
N ASP C 405 -8.02 -34.63 5.30
CA ASP C 405 -7.21 -33.62 5.97
C ASP C 405 -6.43 -32.77 4.97
N GLU C 406 -6.08 -33.34 3.81
CA GLU C 406 -5.26 -32.66 2.83
C GLU C 406 -6.05 -31.76 1.88
N VAL C 407 -7.36 -31.61 2.10
CA VAL C 407 -8.23 -30.83 1.22
C VAL C 407 -7.78 -29.36 1.21
N ARG C 408 -7.36 -28.86 2.38
CA ARG C 408 -6.98 -27.46 2.53
C ARG C 408 -5.81 -27.09 1.63
N GLN C 409 -4.83 -28.00 1.50
CA GLN C 409 -3.60 -27.72 0.76
C GLN C 409 -3.85 -27.42 -0.72
N ILE C 410 -4.96 -27.93 -1.27
CA ILE C 410 -5.27 -27.78 -2.69
C ILE C 410 -5.46 -26.32 -3.07
N ALA C 411 -5.88 -25.48 -2.12
CA ALA C 411 -6.09 -24.05 -2.32
C ALA C 411 -4.83 -23.35 -2.86
N PRO C 412 -4.98 -22.26 -3.62
CA PRO C 412 -3.80 -21.54 -4.12
C PRO C 412 -2.97 -20.94 -3.00
N GLY C 413 -1.66 -20.83 -3.26
CA GLY C 413 -0.70 -20.31 -2.31
C GLY C 413 -0.58 -21.03 -0.99
N GLN C 414 -1.14 -22.23 -0.90
CA GLN C 414 -1.03 -23.07 0.29
C GLN C 414 0.04 -24.13 0.05
N THR C 415 0.68 -24.57 1.14
CA THR C 415 1.81 -25.48 1.08
C THR C 415 1.55 -26.72 1.93
N GLY C 416 2.11 -27.83 1.47
CA GLY C 416 1.94 -29.12 2.11
C GLY C 416 2.61 -30.17 1.25
N LYS C 417 2.44 -31.44 1.63
CA LYS C 417 3.02 -32.52 0.82
C LYS C 417 2.33 -32.63 -0.54
N ILE C 418 0.99 -32.65 -0.56
CA ILE C 418 0.25 -32.77 -1.81
C ILE C 418 0.53 -31.57 -2.69
N ALA C 419 0.50 -30.37 -2.09
CA ALA C 419 0.64 -29.12 -2.83
C ALA C 419 1.97 -29.06 -3.56
N ASP C 420 3.06 -29.48 -2.92
CA ASP C 420 4.38 -29.31 -3.53
C ASP C 420 4.88 -30.55 -4.24
N TYR C 421 4.29 -31.72 -4.02
CA TYR C 421 4.78 -32.94 -4.63
C TYR C 421 3.77 -33.64 -5.53
N ASN C 422 2.48 -33.34 -5.42
CA ASN C 422 1.46 -34.00 -6.21
C ASN C 422 0.72 -33.04 -7.12
N TYR C 423 0.10 -32.00 -6.57
CA TYR C 423 -0.69 -31.06 -7.37
C TYR C 423 -0.64 -29.68 -6.73
N LYS C 424 -0.26 -28.68 -7.51
CA LYS C 424 -0.25 -27.29 -7.08
C LYS C 424 -1.30 -26.52 -7.87
N LEU C 425 -1.68 -25.35 -7.36
CA LEU C 425 -2.61 -24.47 -8.04
C LEU C 425 -1.97 -23.10 -8.23
N PRO C 426 -2.20 -22.45 -9.38
CA PRO C 426 -1.68 -21.09 -9.58
C PRO C 426 -2.31 -20.13 -8.59
N ASP C 427 -1.54 -19.10 -8.21
CA ASP C 427 -1.96 -18.17 -7.18
C ASP C 427 -3.25 -17.44 -7.53
N ASP C 428 -3.40 -17.02 -8.79
CA ASP C 428 -4.64 -16.37 -9.21
C ASP C 428 -5.84 -17.32 -9.12
N PHE C 429 -5.69 -18.54 -9.65
CA PHE C 429 -6.67 -19.65 -9.62
C PHE C 429 -8.09 -19.19 -9.94
N THR C 430 -8.34 -18.77 -11.16
CA THR C 430 -9.72 -18.46 -11.53
C THR C 430 -10.38 -19.80 -11.76
N GLY C 431 -11.15 -20.25 -10.77
CA GLY C 431 -11.80 -21.55 -10.87
C GLY C 431 -12.37 -21.98 -9.53
N CYS C 432 -12.66 -23.27 -9.42
CA CYS C 432 -13.29 -23.82 -8.23
C CYS C 432 -12.58 -25.08 -7.76
N VAL C 433 -12.68 -25.34 -6.46
CA VAL C 433 -12.21 -26.58 -5.85
C VAL C 433 -13.45 -27.32 -5.36
N ILE C 434 -13.66 -28.54 -5.87
CA ILE C 434 -14.86 -29.31 -5.54
C ILE C 434 -14.44 -30.63 -4.91
N ALA C 435 -15.01 -30.95 -3.75
CA ALA C 435 -14.71 -32.21 -3.07
C ALA C 435 -15.99 -32.82 -2.50
N TRP C 436 -16.02 -34.14 -2.41
CA TRP C 436 -17.11 -34.84 -1.73
C TRP C 436 -16.56 -36.14 -1.16
N ASN C 437 -17.20 -36.62 -0.09
CA ASN C 437 -16.70 -37.80 0.62
C ASN C 437 -17.14 -39.08 -0.08
N SER C 438 -16.17 -39.80 -0.63
CA SER C 438 -16.39 -41.05 -1.34
C SER C 438 -16.15 -42.28 -0.48
N ASN C 439 -16.53 -42.23 0.81
CA ASN C 439 -16.19 -43.30 1.74
C ASN C 439 -16.80 -44.64 1.33
N ASN C 440 -18.06 -44.65 0.90
CA ASN C 440 -18.63 -45.90 0.41
C ASN C 440 -17.97 -46.35 -0.90
N LEU C 441 -17.81 -45.43 -1.86
CA LEU C 441 -17.32 -45.79 -3.17
C LEU C 441 -15.82 -46.11 -3.18
N ASP C 442 -15.01 -45.28 -2.51
CA ASP C 442 -13.56 -45.40 -2.63
C ASP C 442 -12.86 -45.99 -1.41
N SER C 443 -13.57 -46.60 -0.47
CA SER C 443 -12.94 -47.36 0.59
C SER C 443 -13.38 -48.82 0.47
N LYS C 444 -12.42 -49.73 0.56
CA LYS C 444 -12.66 -51.16 0.40
C LYS C 444 -12.20 -51.85 1.67
N VAL C 445 -12.89 -52.95 2.03
CA VAL C 445 -12.62 -53.67 3.27
C VAL C 445 -11.19 -54.20 3.25
N GLY C 446 -10.48 -53.99 4.35
CA GLY C 446 -9.07 -54.33 4.44
C GLY C 446 -8.17 -53.27 3.85
N GLY C 447 -8.73 -52.17 3.38
CA GLY C 447 -8.09 -51.00 2.80
C GLY C 447 -7.97 -51.12 1.29
N ASN C 448 -8.06 -49.98 0.62
CA ASN C 448 -7.81 -49.90 -0.81
C ASN C 448 -6.52 -49.10 -1.01
N TYR C 449 -5.55 -49.72 -1.65
CA TYR C 449 -4.25 -49.11 -1.88
C TYR C 449 -4.06 -48.74 -3.34
N ASN C 450 -5.17 -48.47 -4.04
CA ASN C 450 -5.13 -48.08 -5.43
C ASN C 450 -4.88 -46.60 -5.62
N TYR C 451 -4.85 -45.82 -4.54
CA TYR C 451 -4.65 -44.37 -4.61
C TYR C 451 -3.31 -44.06 -3.97
N LEU C 452 -2.50 -43.29 -4.68
CA LEU C 452 -1.12 -43.00 -4.30
C LEU C 452 -0.79 -41.51 -4.27
N TYR C 453 -0.01 -41.11 -3.25
CA TYR C 453 0.52 -39.75 -3.15
C TYR C 453 2.06 -39.78 -3.11
N ARG C 454 2.69 -38.74 -3.65
CA ARG C 454 4.15 -38.65 -3.70
C ARG C 454 4.66 -38.07 -2.39
N LEU C 455 5.06 -38.96 -1.45
CA LEU C 455 5.56 -38.52 -0.15
C LEU C 455 6.81 -37.64 -0.27
N PHE C 456 7.76 -38.06 -1.11
CA PHE C 456 9.03 -37.34 -1.27
C PHE C 456 9.36 -37.16 -2.75
N ARG C 457 10.03 -36.04 -3.03
CA ARG C 457 10.48 -35.69 -4.36
C ARG C 457 11.62 -34.70 -4.17
N LYS C 458 12.50 -34.61 -5.18
CA LYS C 458 13.70 -33.77 -5.08
C LYS C 458 13.36 -32.30 -4.90
N SER C 459 12.33 -31.81 -5.59
CA SER C 459 11.99 -30.41 -5.58
C SER C 459 10.48 -30.25 -5.65
N ASN C 460 10.01 -29.05 -5.38
CA ASN C 460 8.60 -28.76 -5.58
C ASN C 460 8.31 -28.66 -7.07
N LEU C 461 7.03 -28.64 -7.42
CA LEU C 461 6.66 -28.70 -8.82
C LEU C 461 6.38 -27.31 -9.37
N LYS C 462 6.02 -27.29 -10.65
CA LYS C 462 5.53 -26.12 -11.35
C LYS C 462 4.07 -25.92 -10.93
N PRO C 463 3.43 -24.78 -11.31
CA PRO C 463 2.01 -24.60 -10.90
C PRO C 463 1.12 -25.76 -11.34
N PHE C 464 1.31 -26.25 -12.57
CA PHE C 464 0.66 -27.47 -13.04
C PHE C 464 1.77 -28.42 -13.49
N GLU C 465 1.73 -29.67 -13.01
CA GLU C 465 2.77 -30.65 -13.33
C GLU C 465 2.38 -32.08 -12.96
N ARG C 466 2.47 -33.00 -13.93
CA ARG C 466 2.17 -34.42 -13.71
C ARG C 466 3.45 -35.24 -13.76
N ASP C 467 4.04 -35.52 -12.59
CA ASP C 467 5.23 -36.36 -12.50
C ASP C 467 4.79 -37.80 -12.32
N ILE C 468 5.08 -38.65 -13.32
CA ILE C 468 4.76 -40.07 -13.26
C ILE C 468 6.04 -40.89 -13.04
N SER C 469 7.16 -40.23 -12.78
CA SER C 469 8.43 -40.92 -12.59
C SER C 469 8.42 -41.80 -11.35
N THR C 470 9.01 -42.99 -11.47
CA THR C 470 9.14 -43.91 -10.35
C THR C 470 10.59 -44.04 -9.89
N GLU C 471 11.44 -43.09 -10.28
CA GLU C 471 12.85 -43.09 -9.92
C GLU C 471 13.00 -42.96 -8.41
N ILE C 472 13.84 -43.80 -7.81
CA ILE C 472 13.96 -43.86 -6.35
C ILE C 472 14.47 -42.53 -5.82
N TYR C 473 13.72 -41.94 -4.87
CA TYR C 473 14.12 -40.68 -4.27
C TYR C 473 15.40 -40.88 -3.47
N GLN C 474 16.29 -39.91 -3.53
CA GLN C 474 17.60 -40.02 -2.90
C GLN C 474 17.67 -39.20 -1.62
N ALA C 475 18.02 -39.85 -0.51
CA ALA C 475 18.11 -39.20 0.79
C ALA C 475 19.52 -39.34 1.39
N GLY C 476 20.49 -39.86 0.63
CA GLY C 476 21.82 -40.07 1.15
C GLY C 476 22.83 -39.99 0.02
N SER C 477 24.11 -39.95 0.41
CA SER C 477 25.24 -39.94 -0.53
C SER C 477 25.17 -41.06 -1.56
N THR C 478 24.81 -42.26 -1.12
CA THR C 478 24.81 -43.43 -1.97
C THR C 478 23.74 -43.32 -3.06
N PRO C 479 24.06 -43.64 -4.32
CA PRO C 479 23.03 -43.64 -5.37
C PRO C 479 21.94 -44.67 -5.20
N CYS C 480 22.29 -45.88 -4.74
CA CYS C 480 21.45 -47.06 -4.46
C CYS C 480 21.07 -47.78 -5.74
N ASN C 481 21.53 -47.30 -6.90
CA ASN C 481 21.27 -47.88 -8.24
C ASN C 481 19.79 -48.04 -8.51
N GLY C 482 19.00 -47.07 -8.03
CA GLY C 482 17.55 -47.06 -8.18
C GLY C 482 16.89 -48.27 -7.59
N VAL C 483 17.39 -48.74 -6.44
CA VAL C 483 16.80 -49.85 -5.70
C VAL C 483 16.65 -49.38 -4.26
N GLU C 484 15.67 -49.95 -3.56
CA GLU C 484 15.29 -49.59 -2.21
C GLU C 484 16.40 -49.97 -1.22
N GLY C 485 17.15 -48.98 -0.76
CA GLY C 485 18.15 -49.21 0.26
C GLY C 485 18.05 -48.20 1.39
N PHE C 486 19.07 -48.16 2.26
CA PHE C 486 19.12 -47.12 3.28
C PHE C 486 19.27 -45.76 2.62
N ASN C 487 18.49 -44.78 3.10
CA ASN C 487 18.53 -43.38 2.66
C ASN C 487 18.16 -43.26 1.18
N CYS C 488 17.27 -44.15 0.71
CA CYS C 488 16.71 -44.14 -0.64
C CYS C 488 15.52 -45.08 -0.74
N TYR C 489 14.36 -44.49 -0.82
CA TYR C 489 13.08 -45.19 -0.81
C TYR C 489 12.27 -44.83 -2.05
N PHE C 490 11.19 -45.57 -2.25
CA PHE C 490 10.27 -45.28 -3.33
C PHE C 490 9.62 -43.93 -3.08
N PRO C 491 9.73 -42.97 -4.02
CA PRO C 491 9.14 -41.63 -3.81
C PRO C 491 7.65 -41.69 -3.61
N LEU C 492 7.03 -42.62 -4.32
CA LEU C 492 5.60 -42.83 -4.29
C LEU C 492 5.24 -43.57 -2.99
N GLN C 493 4.21 -43.10 -2.28
CA GLN C 493 3.71 -43.77 -1.08
C GLN C 493 2.19 -43.95 -1.11
N SER C 494 1.72 -45.09 -0.64
CA SER C 494 0.30 -45.43 -0.64
C SER C 494 -0.52 -44.63 0.39
N TYR C 495 -1.85 -44.63 0.17
CA TYR C 495 -2.84 -44.06 1.09
C TYR C 495 -3.44 -45.09 2.06
N GLY C 496 -4.28 -45.97 1.55
CA GLY C 496 -4.76 -47.02 2.40
C GLY C 496 -6.05 -46.64 3.10
N PHE C 497 -7.03 -46.10 2.37
CA PHE C 497 -8.31 -45.74 2.97
C PHE C 497 -9.02 -46.97 3.51
N GLN C 498 -9.55 -46.87 4.73
CA GLN C 498 -10.24 -48.00 5.32
C GLN C 498 -11.70 -47.63 5.55
N PRO C 499 -12.62 -48.60 5.44
CA PRO C 499 -14.06 -48.27 5.57
C PRO C 499 -14.42 -47.68 6.92
N THR C 500 -13.91 -48.27 7.99
CA THR C 500 -14.07 -47.72 9.34
C THR C 500 -12.79 -46.94 9.65
N ASN C 501 -12.86 -45.63 9.46
CA ASN C 501 -11.70 -44.75 9.61
C ASN C 501 -12.22 -43.34 9.87
N GLY C 502 -11.31 -42.45 10.28
CA GLY C 502 -11.68 -41.09 10.60
C GLY C 502 -12.05 -40.34 9.33
N VAL C 503 -12.85 -39.27 9.49
CA VAL C 503 -13.22 -38.41 8.36
C VAL C 503 -11.97 -37.79 7.72
N GLY C 504 -10.97 -37.44 8.54
CA GLY C 504 -9.69 -37.00 8.01
C GLY C 504 -9.00 -38.08 7.20
N TYR C 505 -9.26 -39.35 7.54
CA TYR C 505 -8.63 -40.50 6.91
C TYR C 505 -9.57 -41.24 5.95
N GLN C 506 -10.65 -40.59 5.48
CA GLN C 506 -11.53 -41.20 4.49
C GLN C 506 -11.36 -40.53 3.13
N PRO C 507 -11.59 -41.26 2.03
CA PRO C 507 -11.33 -40.67 0.71
C PRO C 507 -12.35 -39.62 0.32
N TYR C 508 -11.85 -38.52 -0.22
CA TYR C 508 -12.68 -37.48 -0.77
C TYR C 508 -12.44 -37.43 -2.27
N ARG C 509 -13.48 -37.69 -3.07
CA ARG C 509 -13.32 -37.47 -4.50
C ARG C 509 -13.25 -35.97 -4.74
N VAL C 510 -12.18 -35.52 -5.40
CA VAL C 510 -11.95 -34.10 -5.59
C VAL C 510 -11.84 -33.82 -7.07
N VAL C 511 -12.70 -32.93 -7.58
CA VAL C 511 -12.60 -32.41 -8.93
C VAL C 511 -12.18 -30.94 -8.80
N VAL C 512 -11.03 -30.59 -9.33
CA VAL C 512 -10.59 -29.20 -9.31
C VAL C 512 -10.87 -28.60 -10.68
N LEU C 513 -11.68 -27.55 -10.72
CA LEU C 513 -12.08 -26.95 -11.98
C LEU C 513 -11.35 -25.62 -12.13
N SER C 514 -10.57 -25.47 -13.19
CA SER C 514 -9.94 -24.19 -13.49
C SER C 514 -10.68 -23.54 -14.65
N PHE C 515 -10.76 -22.22 -14.63
CA PHE C 515 -11.50 -21.45 -15.62
C PHE C 515 -10.63 -20.34 -16.19
N GLU C 516 -10.19 -20.48 -17.44
CA GLU C 516 -9.45 -19.41 -18.09
C GLU C 516 -10.43 -18.33 -18.52
N LEU C 517 -10.15 -17.08 -18.13
CA LEU C 517 -11.08 -15.97 -18.32
C LEU C 517 -10.64 -15.04 -19.46
N LEU C 518 -9.77 -15.52 -20.35
CA LEU C 518 -9.42 -14.73 -21.53
C LEU C 518 -10.66 -14.39 -22.34
N HIS C 519 -11.55 -15.37 -22.50
CA HIS C 519 -12.87 -15.43 -23.14
C HIS C 519 -12.85 -15.32 -24.66
N ALA C 520 -11.67 -15.17 -25.29
CA ALA C 520 -11.59 -15.03 -26.74
C ALA C 520 -12.12 -16.24 -27.54
N PRO C 521 -11.73 -17.51 -27.25
CA PRO C 521 -12.39 -18.62 -27.98
C PRO C 521 -13.88 -18.82 -27.72
N ALA C 522 -14.36 -18.62 -26.48
CA ALA C 522 -15.78 -18.73 -26.12
C ALA C 522 -16.34 -20.15 -26.29
N THR C 523 -15.57 -21.17 -25.92
CA THR C 523 -16.01 -22.55 -26.17
C THR C 523 -17.22 -22.92 -25.31
N VAL C 524 -17.27 -22.50 -24.03
CA VAL C 524 -18.30 -22.92 -23.08
C VAL C 524 -19.05 -21.68 -22.63
N CYS C 525 -20.38 -21.77 -22.58
CA CYS C 525 -21.20 -20.61 -22.28
C CYS C 525 -22.54 -21.05 -21.72
N GLY C 526 -23.00 -20.39 -20.66
CA GLY C 526 -24.30 -20.65 -20.05
C GLY C 526 -25.46 -20.53 -21.04
N PRO C 527 -26.37 -21.52 -21.04
CA PRO C 527 -27.56 -21.44 -21.90
C PRO C 527 -28.66 -20.48 -21.44
N LYS C 528 -28.36 -19.58 -20.51
CA LYS C 528 -29.41 -18.71 -19.96
C LYS C 528 -29.82 -17.61 -20.93
N LYS C 529 -28.85 -16.91 -21.52
CA LYS C 529 -29.14 -15.79 -22.40
C LYS C 529 -29.76 -16.26 -23.72
N SER C 530 -30.30 -15.29 -24.46
CA SER C 530 -30.92 -15.51 -25.76
C SER C 530 -30.54 -14.37 -26.69
N THR C 531 -30.95 -14.47 -27.95
CA THR C 531 -30.54 -13.45 -28.92
C THR C 531 -31.43 -12.21 -28.87
N ASN C 532 -32.75 -12.41 -28.86
CA ASN C 532 -33.80 -11.39 -28.71
C ASN C 532 -33.85 -10.31 -29.78
N LEU C 533 -32.94 -10.34 -30.77
CA LEU C 533 -32.94 -9.46 -31.95
C LEU C 533 -32.97 -7.97 -31.60
N VAL C 534 -32.03 -7.53 -30.78
CA VAL C 534 -32.00 -6.17 -30.26
C VAL C 534 -30.89 -5.37 -30.93
N LYS C 535 -31.24 -4.20 -31.45
CA LYS C 535 -30.24 -3.31 -32.04
C LYS C 535 -30.68 -1.86 -31.87
N ASN C 536 -29.72 -0.95 -32.04
CA ASN C 536 -29.93 0.52 -32.06
C ASN C 536 -30.70 1.06 -30.85
N LYS C 537 -30.43 0.50 -29.67
CA LYS C 537 -31.02 1.01 -28.44
C LYS C 537 -30.05 0.76 -27.29
N CYS C 538 -30.05 1.67 -26.30
CA CYS C 538 -29.23 1.45 -25.10
C CYS C 538 -29.70 0.21 -24.38
N VAL C 539 -28.86 -0.81 -24.44
CA VAL C 539 -29.13 -2.14 -23.92
C VAL C 539 -27.87 -2.61 -23.19
N ASN C 540 -27.99 -3.72 -22.45
CA ASN C 540 -26.83 -4.31 -21.78
C ASN C 540 -26.32 -5.48 -22.60
N PHE C 541 -25.38 -5.20 -23.52
CA PHE C 541 -24.78 -6.24 -24.35
C PHE C 541 -24.14 -7.34 -23.51
N ASN C 542 -24.15 -8.55 -24.06
CA ASN C 542 -23.56 -9.70 -23.39
C ASN C 542 -23.36 -10.79 -24.45
N PHE C 543 -22.12 -11.02 -24.85
CA PHE C 543 -21.86 -11.95 -25.94
C PHE C 543 -20.92 -13.08 -25.59
N ASN C 544 -20.03 -12.89 -24.61
CA ASN C 544 -19.08 -13.91 -24.20
C ASN C 544 -18.96 -13.96 -22.68
N GLY C 545 -19.99 -13.50 -21.97
CA GLY C 545 -19.96 -13.45 -20.52
C GLY C 545 -19.32 -12.21 -19.96
N LEU C 546 -18.96 -11.25 -20.83
CA LEU C 546 -18.44 -9.96 -20.40
C LEU C 546 -19.60 -8.96 -20.48
N THR C 547 -20.12 -8.57 -19.32
CA THR C 547 -21.28 -7.70 -19.29
C THR C 547 -20.86 -6.24 -19.47
N GLY C 548 -21.80 -5.45 -19.97
CA GLY C 548 -21.58 -4.02 -20.18
C GLY C 548 -22.87 -3.42 -20.67
N THR C 549 -22.87 -2.08 -20.83
CA THR C 549 -24.03 -1.32 -21.30
C THR C 549 -23.67 -0.47 -22.51
N GLY C 550 -24.62 -0.35 -23.45
CA GLY C 550 -24.42 0.48 -24.62
C GLY C 550 -25.35 0.09 -25.76
N VAL C 551 -25.23 0.84 -26.86
CA VAL C 551 -26.13 0.67 -28.02
C VAL C 551 -25.45 -0.23 -29.03
N LEU C 552 -26.14 -1.30 -29.45
CA LEU C 552 -25.60 -2.12 -30.51
C LEU C 552 -25.77 -1.39 -31.84
N THR C 553 -24.80 -1.59 -32.73
CA THR C 553 -24.80 -0.90 -34.01
C THR C 553 -24.29 -1.86 -35.08
N GLU C 554 -24.79 -1.71 -36.31
CA GLU C 554 -24.31 -2.50 -37.43
C GLU C 554 -22.82 -2.20 -37.62
N SER C 555 -22.06 -3.22 -38.01
CA SER C 555 -20.62 -3.10 -38.10
C SER C 555 -20.16 -3.27 -39.54
N ASN C 556 -19.48 -2.25 -40.07
CA ASN C 556 -18.87 -2.32 -41.39
C ASN C 556 -17.44 -2.86 -41.39
N LYS C 557 -16.81 -3.00 -40.22
CA LYS C 557 -15.46 -3.55 -40.19
C LYS C 557 -15.50 -5.06 -40.43
N LYS C 558 -14.38 -5.58 -40.92
CA LYS C 558 -14.26 -6.98 -41.27
C LYS C 558 -13.37 -7.68 -40.25
N PHE C 559 -13.90 -8.73 -39.63
CA PHE C 559 -13.16 -9.54 -38.68
C PHE C 559 -12.53 -10.72 -39.42
N LEU C 560 -12.00 -11.66 -38.65
CA LEU C 560 -11.39 -12.89 -39.12
C LEU C 560 -12.07 -14.06 -38.42
N PRO C 561 -12.04 -15.26 -39.00
CA PRO C 561 -12.68 -16.43 -38.36
C PRO C 561 -12.16 -16.72 -36.96
N PHE C 562 -10.88 -16.46 -36.69
CA PHE C 562 -10.32 -16.71 -35.38
C PHE C 562 -10.57 -15.55 -34.41
N GLN C 563 -11.09 -14.43 -34.90
CA GLN C 563 -11.33 -13.25 -34.07
C GLN C 563 -12.79 -13.18 -33.66
N GLN C 564 -13.02 -12.95 -32.37
CA GLN C 564 -14.34 -12.78 -31.79
C GLN C 564 -14.57 -11.34 -31.34
N PHE C 565 -13.66 -10.80 -30.55
CA PHE C 565 -13.68 -9.44 -30.01
C PHE C 565 -12.79 -8.48 -30.76
N GLY C 566 -13.11 -7.20 -30.59
CA GLY C 566 -12.31 -6.15 -31.12
C GLY C 566 -12.25 -4.98 -30.17
N ARG C 567 -11.04 -4.61 -29.78
CA ARG C 567 -10.83 -3.54 -28.82
C ARG C 567 -10.04 -2.44 -29.51
N ASP C 568 -10.53 -1.21 -29.40
CA ASP C 568 -9.86 -0.03 -29.90
C ASP C 568 -8.89 0.46 -28.84
N ILE C 569 -8.42 1.70 -29.00
CA ILE C 569 -7.56 2.36 -28.02
C ILE C 569 -8.30 2.36 -26.66
N ALA C 570 -7.51 2.32 -25.57
CA ALA C 570 -7.87 2.24 -24.12
C ALA C 570 -8.20 0.82 -23.69
N ASP C 571 -8.02 -0.18 -24.56
CA ASP C 571 -8.22 -1.61 -24.26
C ASP C 571 -9.63 -1.87 -23.72
N THR C 572 -10.62 -1.23 -24.34
CA THR C 572 -12.02 -1.40 -23.99
C THR C 572 -12.74 -2.06 -25.16
N THR C 573 -13.81 -2.81 -24.84
CA THR C 573 -14.56 -3.54 -25.85
C THR C 573 -15.23 -2.58 -26.81
N ASP C 574 -14.96 -2.77 -28.11
CA ASP C 574 -15.53 -1.93 -29.15
C ASP C 574 -16.39 -2.71 -30.14
N ALA C 575 -15.92 -3.86 -30.61
CA ALA C 575 -16.69 -4.66 -31.55
C ALA C 575 -16.65 -6.10 -31.09
N VAL C 576 -17.82 -6.75 -31.13
CA VAL C 576 -17.95 -8.12 -30.68
C VAL C 576 -18.82 -8.95 -31.63
N ARG C 577 -18.27 -10.11 -32.05
CA ARG C 577 -18.79 -11.10 -33.03
C ARG C 577 -20.30 -11.06 -33.27
N ILE C 584 -20.92 -9.53 -37.16
CA ILE C 584 -20.10 -8.63 -36.36
C ILE C 584 -20.93 -7.43 -35.95
N LEU C 585 -20.92 -7.11 -34.67
CA LEU C 585 -21.67 -5.97 -34.13
C LEU C 585 -20.71 -5.01 -33.43
N ASP C 586 -20.98 -3.71 -33.58
CA ASP C 586 -20.21 -2.66 -32.94
C ASP C 586 -20.89 -2.22 -31.64
N ILE C 587 -20.07 -1.95 -30.62
CA ILE C 587 -20.58 -1.49 -29.34
C ILE C 587 -20.31 0.00 -29.22
N THR C 588 -21.37 0.78 -29.19
CA THR C 588 -21.28 2.23 -29.01
C THR C 588 -22.16 2.64 -27.84
N PRO C 589 -21.60 3.10 -26.72
CA PRO C 589 -22.43 3.45 -25.55
C PRO C 589 -23.42 4.56 -25.87
N CYS C 590 -24.61 4.47 -25.24
CA CYS C 590 -25.68 5.44 -25.50
C CYS C 590 -25.27 6.83 -25.02
N SER C 591 -25.97 7.84 -25.54
CA SER C 591 -25.61 9.23 -25.35
C SER C 591 -25.59 9.64 -23.89
N PHE C 592 -24.54 10.36 -23.51
CA PHE C 592 -24.40 10.89 -22.16
C PHE C 592 -23.59 12.17 -22.22
N GLY C 593 -23.72 12.98 -21.18
CA GLY C 593 -23.00 14.24 -21.13
C GLY C 593 -23.34 15.01 -19.89
N GLY C 594 -22.97 16.29 -19.91
CA GLY C 594 -23.24 17.19 -18.80
C GLY C 594 -24.49 18.01 -18.98
N VAL C 595 -24.97 18.58 -17.87
CA VAL C 595 -26.18 19.41 -17.85
C VAL C 595 -25.86 20.69 -17.09
N SER C 596 -26.02 21.82 -17.76
CA SER C 596 -25.79 23.12 -17.13
C SER C 596 -27.10 23.90 -17.08
N VAL C 597 -27.17 24.84 -16.14
CA VAL C 597 -28.35 25.68 -15.94
C VAL C 597 -27.95 27.13 -16.13
N ILE C 598 -28.67 27.82 -17.01
CA ILE C 598 -28.46 29.24 -17.28
C ILE C 598 -29.61 29.99 -16.62
N THR C 599 -29.28 30.88 -15.70
CA THR C 599 -30.31 31.62 -15.00
C THR C 599 -29.90 33.08 -14.92
N PRO C 600 -30.87 34.00 -14.96
CA PRO C 600 -30.55 35.42 -14.74
C PRO C 600 -30.44 35.78 -13.26
N GLY C 601 -30.57 34.81 -12.36
CA GLY C 601 -30.52 35.07 -10.94
C GLY C 601 -31.90 35.11 -10.33
N THR C 602 -32.05 34.61 -9.11
CA THR C 602 -33.34 34.61 -8.42
C THR C 602 -33.82 36.00 -8.06
N ASN C 603 -32.92 36.99 -8.13
CA ASN C 603 -33.28 38.37 -7.85
C ASN C 603 -34.31 38.91 -8.83
N THR C 604 -34.16 38.55 -10.11
CA THR C 604 -35.01 39.10 -11.17
C THR C 604 -36.10 38.15 -11.64
N SER C 605 -35.83 36.84 -11.65
CA SER C 605 -36.81 35.89 -12.17
C SER C 605 -36.46 34.51 -11.63
N ASN C 606 -37.29 33.54 -12.01
CA ASN C 606 -37.08 32.15 -11.64
C ASN C 606 -36.98 31.26 -12.85
N GLN C 607 -37.19 31.78 -14.05
CA GLN C 607 -37.08 31.00 -15.26
C GLN C 607 -35.61 30.64 -15.49
N VAL C 608 -35.37 29.43 -15.97
CA VAL C 608 -34.03 28.93 -16.22
C VAL C 608 -34.01 28.25 -17.58
N ALA C 609 -32.80 28.10 -18.11
CA ALA C 609 -32.61 27.34 -19.33
C ALA C 609 -31.60 26.24 -19.06
N VAL C 610 -31.77 25.12 -19.75
CA VAL C 610 -30.95 23.94 -19.52
C VAL C 610 -30.13 23.70 -20.77
N LEU C 611 -28.82 23.58 -20.60
CA LEU C 611 -27.90 23.36 -21.70
C LEU C 611 -27.35 21.95 -21.55
N TYR C 612 -27.54 21.13 -22.59
CA TYR C 612 -26.95 19.81 -22.67
C TYR C 612 -25.76 19.89 -23.60
N GLN C 613 -24.56 19.72 -23.05
CA GLN C 613 -23.33 19.85 -23.82
C GLN C 613 -22.92 18.50 -24.40
N ASP C 614 -22.41 18.54 -25.65
CA ASP C 614 -21.94 17.37 -26.40
C ASP C 614 -23.02 16.31 -26.56
N VAL C 615 -24.29 16.73 -26.63
CA VAL C 615 -25.41 15.83 -26.76
C VAL C 615 -26.32 16.35 -27.86
N ASN C 616 -26.57 15.50 -28.86
CA ASN C 616 -27.55 15.79 -29.91
C ASN C 616 -28.89 15.31 -29.38
N CYS C 617 -29.62 16.22 -28.74
CA CYS C 617 -30.81 15.88 -27.98
C CYS C 617 -32.08 15.84 -28.84
N THR C 618 -31.95 15.65 -30.15
CA THR C 618 -33.11 15.41 -30.99
C THR C 618 -33.80 14.09 -30.65
N GLU C 619 -33.01 13.07 -30.26
CA GLU C 619 -33.58 11.80 -29.82
C GLU C 619 -34.39 11.98 -28.53
N VAL C 620 -33.88 12.78 -27.61
CA VAL C 620 -34.57 13.03 -26.34
C VAL C 620 -35.15 14.44 -26.33
N ASN C 641 -39.21 25.18 -27.42
CA ASN C 641 -37.98 25.96 -27.42
C ASN C 641 -36.74 25.09 -27.40
N VAL C 642 -36.34 24.61 -28.58
CA VAL C 642 -35.18 23.76 -28.73
C VAL C 642 -34.22 24.47 -29.67
N PHE C 643 -32.97 24.63 -29.24
CA PHE C 643 -31.93 25.26 -30.03
C PHE C 643 -30.71 24.36 -30.02
N GLN C 644 -30.00 24.33 -31.15
CA GLN C 644 -28.80 23.52 -31.29
C GLN C 644 -27.63 24.43 -31.64
N THR C 645 -26.54 24.31 -30.87
CA THR C 645 -25.32 25.06 -31.08
C THR C 645 -24.15 24.09 -31.08
N ARG C 646 -22.97 24.58 -31.45
CA ARG C 646 -21.77 23.74 -31.45
C ARG C 646 -21.42 23.28 -30.03
N ALA C 647 -21.89 24.00 -29.01
CA ALA C 647 -21.68 23.62 -27.61
C ALA C 647 -22.70 22.62 -27.12
N GLY C 648 -23.65 22.20 -27.95
CA GLY C 648 -24.65 21.24 -27.54
C GLY C 648 -26.05 21.64 -27.91
N CYS C 649 -26.99 21.53 -26.98
CA CYS C 649 -28.34 21.98 -27.26
C CYS C 649 -28.87 22.70 -26.04
N LEU C 650 -29.80 23.61 -26.27
CA LEU C 650 -30.33 24.45 -25.21
C LEU C 650 -31.84 24.38 -25.23
N ILE C 651 -32.43 24.21 -24.06
CA ILE C 651 -33.88 24.06 -23.91
C ILE C 651 -34.36 25.13 -22.96
N GLY C 652 -35.40 25.85 -23.35
CA GLY C 652 -35.98 26.87 -22.51
C GLY C 652 -35.59 28.29 -22.87
N ALA C 653 -34.80 28.50 -23.92
CA ALA C 653 -34.41 29.82 -24.36
C ALA C 653 -34.81 30.03 -25.81
N GLU C 654 -35.34 31.20 -26.12
CA GLU C 654 -35.74 31.52 -27.48
C GLU C 654 -34.57 32.10 -28.24
N HIS C 655 -34.29 31.55 -29.42
CA HIS C 655 -33.17 32.01 -30.23
C HIS C 655 -33.57 33.26 -31.01
N VAL C 656 -32.91 34.38 -30.70
CA VAL C 656 -33.14 35.65 -31.38
C VAL C 656 -31.98 35.90 -32.33
N ASN C 657 -32.29 36.50 -33.48
CA ASN C 657 -31.29 36.78 -34.50
C ASN C 657 -30.63 38.14 -34.36
N ASN C 658 -30.66 38.74 -33.16
CA ASN C 658 -30.00 40.01 -32.93
C ASN C 658 -28.58 39.78 -32.42
N SER C 659 -27.88 40.88 -32.13
CA SER C 659 -26.50 40.85 -31.66
C SER C 659 -26.37 41.79 -30.47
N TYR C 660 -26.23 41.23 -29.27
CA TYR C 660 -26.07 42.00 -28.05
C TYR C 660 -24.76 41.59 -27.38
N GLU C 661 -24.33 42.42 -26.43
CA GLU C 661 -23.17 42.09 -25.62
C GLU C 661 -23.45 40.87 -24.73
N CYS C 662 -22.44 40.03 -24.54
CA CYS C 662 -22.60 38.80 -23.80
C CYS C 662 -22.88 39.08 -22.32
N ASP C 663 -23.87 38.37 -21.78
CA ASP C 663 -24.22 38.47 -20.38
C ASP C 663 -23.92 37.17 -19.65
N ILE C 664 -24.44 36.05 -20.15
CA ILE C 664 -24.14 34.73 -19.61
C ILE C 664 -23.44 33.93 -20.69
N PRO C 665 -22.14 33.67 -20.56
CA PRO C 665 -21.40 32.98 -21.61
C PRO C 665 -21.75 31.49 -21.72
N ILE C 666 -22.39 31.13 -22.83
CA ILE C 666 -22.74 29.73 -23.07
C ILE C 666 -21.60 29.00 -23.78
N GLY C 667 -21.10 29.59 -24.87
CA GLY C 667 -19.98 29.03 -25.59
C GLY C 667 -20.21 29.08 -27.08
N ALA C 668 -19.13 28.86 -27.85
CA ALA C 668 -19.15 28.85 -29.32
C ALA C 668 -19.70 30.16 -29.88
N GLY C 669 -19.35 31.27 -29.24
CA GLY C 669 -19.83 32.57 -29.65
C GLY C 669 -21.26 32.89 -29.31
N ILE C 670 -21.93 32.06 -28.51
CA ILE C 670 -23.33 32.20 -28.16
C ILE C 670 -23.44 32.53 -26.68
N CYS C 671 -24.25 33.54 -26.35
CA CYS C 671 -24.53 33.89 -24.96
C CYS C 671 -26.03 34.00 -24.74
N ALA C 672 -26.41 34.16 -23.49
CA ALA C 672 -27.80 34.26 -23.09
C ALA C 672 -28.01 35.45 -22.18
N SER C 673 -29.21 36.02 -22.27
CA SER C 673 -29.56 37.18 -21.47
C SER C 673 -31.06 37.19 -21.23
N TYR C 674 -31.48 37.94 -20.22
CA TYR C 674 -32.90 38.06 -19.88
C TYR C 674 -33.54 39.21 -20.65
N SER C 691 -38.62 36.36 -20.12
CA SER C 691 -38.15 35.38 -21.09
C SER C 691 -36.63 35.43 -21.23
N ILE C 692 -36.01 34.27 -21.37
CA ILE C 692 -34.57 34.16 -21.54
C ILE C 692 -34.29 33.95 -23.02
N ILE C 693 -33.42 34.79 -23.59
CA ILE C 693 -33.09 34.70 -25.00
C ILE C 693 -31.62 34.32 -25.15
N ALA C 694 -31.32 33.65 -26.25
CA ALA C 694 -29.97 33.26 -26.61
C ALA C 694 -29.66 33.83 -27.98
N TYR C 695 -28.45 34.37 -28.13
CA TYR C 695 -28.06 35.07 -29.34
C TYR C 695 -26.57 34.87 -29.57
N THR C 696 -26.08 35.48 -30.63
CA THR C 696 -24.66 35.46 -30.96
C THR C 696 -24.04 36.74 -30.42
N MET C 697 -22.81 36.62 -29.90
CA MET C 697 -22.13 37.74 -29.27
C MET C 697 -21.92 38.88 -30.24
N SER C 698 -22.11 40.09 -29.75
CA SER C 698 -21.79 41.29 -30.51
C SER C 698 -20.38 41.72 -30.14
N LEU C 699 -19.47 41.67 -31.11
CA LEU C 699 -18.05 41.86 -30.82
C LEU C 699 -17.73 43.30 -30.44
N GLY C 700 -18.61 44.22 -30.76
CA GLY C 700 -18.43 45.61 -30.41
C GLY C 700 -19.09 46.49 -31.46
N ALA C 701 -19.03 47.79 -31.21
CA ALA C 701 -19.57 48.76 -32.16
C ALA C 701 -18.72 48.75 -33.42
N GLU C 702 -19.37 48.67 -34.57
CA GLU C 702 -18.67 48.60 -35.85
C GLU C 702 -18.67 49.98 -36.47
N ASN C 703 -17.48 50.52 -36.71
CA ASN C 703 -17.32 51.81 -37.35
C ASN C 703 -16.15 51.78 -38.31
N SER C 704 -16.25 52.57 -39.37
CA SER C 704 -15.20 52.70 -40.37
C SER C 704 -14.50 54.04 -40.17
N VAL C 705 -13.19 53.99 -39.94
CA VAL C 705 -12.41 55.21 -39.79
C VAL C 705 -12.29 55.89 -41.14
N ALA C 706 -12.54 57.20 -41.17
CA ALA C 706 -12.47 57.94 -42.43
C ALA C 706 -11.02 58.15 -42.85
N TYR C 707 -10.34 57.07 -43.21
CA TYR C 707 -8.95 57.13 -43.60
C TYR C 707 -8.81 57.65 -45.02
N SER C 708 -7.91 58.60 -45.19
CA SER C 708 -7.53 59.09 -46.49
C SER C 708 -6.18 59.75 -46.33
N ASN C 709 -5.47 59.88 -47.44
CA ASN C 709 -4.21 60.59 -47.42
C ASN C 709 -4.52 62.08 -47.23
N ASN C 710 -3.49 62.83 -46.83
CA ASN C 710 -3.52 64.26 -46.51
C ASN C 710 -4.70 64.72 -45.64
N SER C 711 -5.13 63.85 -44.74
CA SER C 711 -6.20 64.17 -43.80
C SER C 711 -5.86 63.60 -42.44
N ILE C 712 -6.10 64.40 -41.39
CA ILE C 712 -5.79 63.99 -40.03
C ILE C 712 -6.97 64.39 -39.16
N ALA C 713 -7.10 63.75 -38.00
CA ALA C 713 -8.02 64.15 -36.97
C ALA C 713 -7.19 64.57 -35.76
N ILE C 714 -7.37 65.81 -35.31
CA ILE C 714 -6.61 66.37 -34.19
C ILE C 714 -7.58 66.75 -33.10
N PRO C 715 -7.38 66.30 -31.86
CA PRO C 715 -8.28 66.68 -30.78
C PRO C 715 -8.15 68.16 -30.44
N THR C 716 -9.26 68.74 -30.02
CA THR C 716 -9.30 70.13 -29.59
C THR C 716 -9.65 70.26 -28.11
N ASN C 717 -9.78 69.16 -27.40
CA ASN C 717 -10.11 69.17 -25.98
C ASN C 717 -9.56 67.92 -25.32
N PHE C 718 -9.51 67.94 -24.01
CA PHE C 718 -8.94 66.89 -23.19
C PHE C 718 -9.95 66.46 -22.13
N THR C 719 -9.74 65.26 -21.62
CA THR C 719 -10.53 64.72 -20.54
C THR C 719 -9.58 64.10 -19.53
N ILE C 720 -9.79 64.40 -18.25
CA ILE C 720 -9.02 63.82 -17.17
C ILE C 720 -9.82 62.65 -16.62
N SER C 721 -9.29 61.45 -16.76
CA SER C 721 -9.98 60.22 -16.42
C SER C 721 -9.26 59.53 -15.29
N VAL C 722 -10.00 59.12 -14.26
CA VAL C 722 -9.46 58.36 -13.16
C VAL C 722 -9.98 56.93 -13.29
N THR C 723 -9.08 55.97 -13.40
CA THR C 723 -9.41 54.57 -13.58
C THR C 723 -8.96 53.79 -12.36
N THR C 724 -9.84 52.97 -11.83
CA THR C 724 -9.58 52.17 -10.64
C THR C 724 -9.15 50.78 -11.06
N GLU C 725 -8.00 50.34 -10.55
CA GLU C 725 -7.51 48.99 -10.79
C GLU C 725 -7.24 48.34 -9.44
N ILE C 726 -7.61 47.08 -9.31
CA ILE C 726 -7.52 46.34 -8.06
C ILE C 726 -6.57 45.18 -8.29
N LEU C 727 -5.61 45.03 -7.39
CA LEU C 727 -4.63 43.96 -7.51
C LEU C 727 -4.42 43.31 -6.15
N PRO C 728 -4.65 41.99 -6.01
CA PRO C 728 -4.33 41.32 -4.75
C PRO C 728 -2.84 41.38 -4.45
N VAL C 729 -2.51 41.52 -3.17
CA VAL C 729 -1.12 41.64 -2.77
C VAL C 729 -0.76 40.44 -1.91
N SER C 730 -1.72 39.92 -1.16
CA SER C 730 -1.47 38.83 -0.24
C SER C 730 -2.76 38.11 0.07
N MET C 731 -2.62 36.96 0.72
CA MET C 731 -3.75 36.15 1.15
C MET C 731 -3.56 35.80 2.62
N THR C 732 -4.59 35.18 3.20
CA THR C 732 -4.57 34.79 4.61
C THR C 732 -3.50 33.73 4.85
N LYS C 733 -2.70 33.92 5.90
CA LYS C 733 -1.65 32.97 6.27
C LYS C 733 -2.25 31.93 7.21
N THR C 734 -2.33 30.69 6.74
CA THR C 734 -2.91 29.59 7.49
C THR C 734 -1.84 28.54 7.78
N SER C 735 -1.79 28.08 9.02
CA SER C 735 -0.87 27.04 9.43
C SER C 735 -1.67 25.83 9.88
N VAL C 736 -1.30 24.65 9.41
CA VAL C 736 -1.99 23.41 9.71
C VAL C 736 -1.00 22.48 10.36
N ASP C 737 -1.33 21.98 11.55
CA ASP C 737 -0.51 20.99 12.22
C ASP C 737 -1.04 19.62 11.81
N CYS C 738 -0.23 18.88 11.04
CA CYS C 738 -0.67 17.60 10.51
C CYS C 738 -0.88 16.56 11.60
N THR C 739 -0.06 16.60 12.66
CA THR C 739 -0.20 15.65 13.75
C THR C 739 -1.56 15.80 14.42
N MET C 740 -1.97 17.04 14.69
CA MET C 740 -3.27 17.26 15.30
C MET C 740 -4.41 17.08 14.30
N TYR C 741 -4.20 17.48 13.04
CA TYR C 741 -5.26 17.37 12.03
C TYR C 741 -5.59 15.92 11.74
N ILE C 742 -4.57 15.11 11.45
CA ILE C 742 -4.80 13.72 11.07
C ILE C 742 -5.25 12.90 12.28
N CYS C 743 -4.58 13.06 13.42
CA CYS C 743 -4.85 12.21 14.58
C CYS C 743 -5.83 12.83 15.57
N GLY C 744 -5.51 13.99 16.12
CA GLY C 744 -6.38 14.57 17.12
C GLY C 744 -6.26 13.97 18.50
N ASP C 745 -5.07 14.13 19.11
CA ASP C 745 -4.76 13.68 20.47
C ASP C 745 -4.89 12.16 20.63
N SER C 746 -4.08 11.43 19.87
CA SER C 746 -4.03 9.99 19.96
C SER C 746 -2.57 9.57 19.81
N THR C 747 -1.96 9.11 20.91
CA THR C 747 -0.55 8.76 20.89
C THR C 747 -0.28 7.56 19.98
N GLU C 748 -1.19 6.59 19.98
CA GLU C 748 -1.05 5.42 19.11
C GLU C 748 -1.21 5.78 17.64
N CYS C 749 -2.13 6.72 17.32
CA CYS C 749 -2.27 7.20 15.95
C CYS C 749 -0.99 7.89 15.49
N SER C 750 -0.41 8.73 16.37
CA SER C 750 0.86 9.39 16.05
C SER C 750 1.97 8.37 15.87
N ASN C 751 2.03 7.35 16.74
CA ASN C 751 3.05 6.31 16.62
C ASN C 751 2.91 5.56 15.31
N LEU C 752 1.67 5.27 14.89
CA LEU C 752 1.45 4.71 13.56
C LEU C 752 1.86 5.68 12.46
N LEU C 753 1.73 6.97 12.71
CA LEU C 753 2.07 7.97 11.70
C LEU C 753 3.58 8.12 11.54
N LEU C 754 4.37 7.88 12.60
CA LEU C 754 5.83 7.95 12.47
C LEU C 754 6.37 7.01 11.41
N GLN C 755 5.72 5.85 11.19
CA GLN C 755 6.19 4.95 10.15
C GLN C 755 5.93 5.49 8.75
N TYR C 756 5.14 6.55 8.60
CA TYR C 756 4.91 7.17 7.30
C TYR C 756 6.04 8.10 6.89
N GLY C 757 7.00 8.35 7.76
CA GLY C 757 8.11 9.19 7.40
C GLY C 757 7.85 10.65 7.70
N SER C 758 8.62 11.49 7.02
CA SER C 758 8.56 12.94 7.21
C SER C 758 7.69 13.53 6.12
N PHE C 759 6.37 13.44 6.31
CA PHE C 759 5.40 14.15 5.50
C PHE C 759 4.91 15.41 6.16
N CYS C 760 4.66 15.35 7.48
CA CYS C 760 4.19 16.51 8.22
C CYS C 760 5.20 17.65 8.22
N THR C 761 6.48 17.33 8.32
CA THR C 761 7.53 18.35 8.25
C THR C 761 7.50 19.08 6.92
N GLN C 762 7.33 18.34 5.82
CA GLN C 762 7.26 18.94 4.49
C GLN C 762 6.07 19.88 4.36
N LEU C 763 4.89 19.45 4.84
CA LEU C 763 3.68 20.27 4.76
C LEU C 763 3.81 21.53 5.62
N ASN C 764 4.35 21.39 6.83
CA ASN C 764 4.53 22.56 7.69
C ASN C 764 5.52 23.53 7.08
N ARG C 765 6.61 23.01 6.49
CA ARG C 765 7.59 23.86 5.84
C ARG C 765 6.99 24.60 4.64
N ALA C 766 6.16 23.90 3.86
CA ALA C 766 5.49 24.53 2.72
C ALA C 766 4.54 25.64 3.15
N LEU C 767 3.76 25.40 4.20
CA LEU C 767 2.83 26.41 4.70
C LEU C 767 3.56 27.61 5.30
N THR C 768 4.65 27.36 6.04
CA THR C 768 5.46 28.45 6.58
C THR C 768 6.09 29.26 5.46
N GLY C 769 6.55 28.59 4.40
CA GLY C 769 7.09 29.28 3.25
C GLY C 769 6.04 30.16 2.57
N ILE C 770 4.80 29.66 2.50
CA ILE C 770 3.70 30.46 1.95
C ILE C 770 3.46 31.69 2.79
N ALA C 771 3.44 31.54 4.13
CA ALA C 771 3.18 32.68 5.02
C ALA C 771 4.28 33.74 4.93
N VAL C 772 5.55 33.32 4.95
CA VAL C 772 6.64 34.29 4.83
C VAL C 772 6.65 34.90 3.44
N GLU C 773 6.18 34.15 2.42
CA GLU C 773 6.04 34.70 1.08
C GLU C 773 4.99 35.81 1.05
N GLN C 774 3.86 35.62 1.73
CA GLN C 774 2.83 36.67 1.80
C GLN C 774 3.35 37.92 2.49
N ASP C 775 4.10 37.74 3.58
CA ASP C 775 4.71 38.89 4.25
C ASP C 775 5.68 39.61 3.32
N LYS C 776 6.46 38.84 2.56
CA LYS C 776 7.43 39.42 1.63
C LYS C 776 6.72 40.20 0.52
N ASN C 777 5.62 39.66 -0.03
CA ASN C 777 4.87 40.38 -1.07
C ASN C 777 4.28 41.69 -0.55
N THR C 778 3.71 41.66 0.65
CA THR C 778 3.17 42.89 1.23
C THR C 778 4.27 43.93 1.43
N GLN C 779 5.43 43.49 1.94
CA GLN C 779 6.57 44.38 2.15
C GLN C 779 7.07 44.98 0.84
N GLU C 780 7.17 44.16 -0.21
CA GLU C 780 7.66 44.66 -1.50
C GLU C 780 6.68 45.65 -2.11
N VAL C 781 5.38 45.40 -1.99
CA VAL C 781 4.40 46.30 -2.60
C VAL C 781 4.33 47.62 -1.85
N PHE C 782 4.28 47.57 -0.51
CA PHE C 782 3.90 48.77 0.24
C PHE C 782 5.06 49.50 0.91
N ALA C 783 6.22 48.88 1.08
CA ALA C 783 7.36 49.51 1.75
C ALA C 783 8.41 49.94 0.74
N GLN C 784 7.94 50.46 -0.40
CA GLN C 784 8.84 50.93 -1.45
C GLN C 784 9.71 52.07 -0.94
N VAL C 785 9.12 52.99 -0.19
CA VAL C 785 9.86 54.13 0.33
C VAL C 785 10.44 53.78 1.69
N LYS C 786 11.46 54.53 2.09
CA LYS C 786 12.13 54.34 3.36
C LYS C 786 11.86 55.48 4.34
N GLN C 787 11.11 56.49 3.94
CA GLN C 787 10.77 57.62 4.78
C GLN C 787 9.28 57.86 4.72
N ILE C 788 8.72 58.32 5.83
CA ILE C 788 7.28 58.55 5.94
C ILE C 788 7.06 60.05 5.73
N TYR C 789 6.79 60.44 4.49
CA TYR C 789 6.52 61.83 4.19
C TYR C 789 5.14 62.22 4.69
N LYS C 790 5.00 63.49 5.04
CA LYS C 790 3.76 64.02 5.60
C LYS C 790 3.30 65.22 4.78
N THR C 791 2.00 65.28 4.56
CA THR C 791 1.41 66.38 3.82
C THR C 791 1.52 67.67 4.64
N PRO C 792 1.66 68.83 3.98
CA PRO C 792 1.70 70.09 4.72
C PRO C 792 0.37 70.37 5.39
N PRO C 793 0.37 71.13 6.50
CA PRO C 793 -0.90 71.43 7.18
C PRO C 793 -1.89 72.21 6.31
N ILE C 794 -1.39 73.04 5.41
CA ILE C 794 -2.23 73.80 4.50
C ILE C 794 -2.25 73.09 3.15
N LYS C 795 -3.43 72.97 2.56
CA LYS C 795 -3.61 72.28 1.29
C LYS C 795 -3.83 73.35 0.22
N ASP C 796 -2.77 73.67 -0.51
CA ASP C 796 -2.81 74.65 -1.60
C ASP C 796 -2.14 73.95 -2.77
N PHE C 797 -2.91 73.21 -3.54
CA PHE C 797 -2.37 72.46 -4.67
C PHE C 797 -2.86 72.99 -6.00
N GLY C 798 -3.10 74.30 -6.09
CA GLY C 798 -3.55 74.90 -7.33
C GLY C 798 -4.96 74.57 -7.73
N GLY C 799 -5.82 74.23 -6.77
CA GLY C 799 -7.19 73.87 -7.03
C GLY C 799 -7.47 72.38 -6.99
N PHE C 800 -6.44 71.55 -7.09
CA PHE C 800 -6.62 70.12 -6.99
C PHE C 800 -7.00 69.74 -5.56
N ASN C 801 -7.97 68.82 -5.45
CA ASN C 801 -8.48 68.37 -4.17
C ASN C 801 -8.05 66.92 -3.95
N PHE C 802 -7.36 66.67 -2.84
CA PHE C 802 -6.92 65.33 -2.48
C PHE C 802 -7.45 64.90 -1.13
N SER C 803 -8.46 65.60 -0.61
CA SER C 803 -8.98 65.29 0.72
C SER C 803 -9.62 63.91 0.78
N GLN C 804 -10.13 63.42 -0.34
CA GLN C 804 -10.76 62.12 -0.35
C GLN C 804 -9.76 60.97 -0.37
N ILE C 805 -8.50 61.22 -0.75
CA ILE C 805 -7.49 60.18 -0.73
C ILE C 805 -6.48 60.37 0.40
N LEU C 806 -6.35 61.56 0.95
CA LEU C 806 -5.48 61.78 2.10
C LEU C 806 -6.19 61.44 3.40
N PRO C 807 -5.44 61.12 4.46
CA PRO C 807 -6.08 60.84 5.77
C PRO C 807 -6.85 62.03 6.30
N ASP C 808 -7.95 61.74 6.98
CA ASP C 808 -8.86 62.75 7.51
C ASP C 808 -8.69 62.95 9.02
N PRO C 809 -9.07 64.11 9.55
CA PRO C 809 -8.94 64.35 11.00
C PRO C 809 -9.79 63.45 11.89
N SER C 810 -10.82 62.79 11.35
CA SER C 810 -11.67 61.90 12.14
C SER C 810 -10.90 60.72 12.71
N LYS C 811 -9.81 60.31 12.05
CA LYS C 811 -8.89 59.23 12.43
C LYS C 811 -9.61 57.89 12.64
N PRO C 812 -10.17 57.27 11.57
CA PRO C 812 -10.65 55.89 11.72
C PRO C 812 -9.50 54.91 11.46
N SER C 813 -8.65 54.79 12.49
CA SER C 813 -7.36 54.10 12.43
C SER C 813 -6.45 54.71 11.36
N LYS C 814 -6.51 56.05 11.26
CA LYS C 814 -5.69 56.87 10.34
C LYS C 814 -5.86 56.44 8.88
N ARG C 815 -7.10 56.48 8.42
CA ARG C 815 -7.46 55.96 7.11
C ARG C 815 -8.27 56.98 6.33
N SER C 816 -8.09 56.99 5.01
CA SER C 816 -8.80 57.93 4.15
C SER C 816 -10.22 57.44 3.88
N PHE C 817 -11.03 58.33 3.27
CA PHE C 817 -12.44 58.01 3.01
C PHE C 817 -12.58 56.91 1.96
N ILE C 818 -11.79 56.96 0.90
CA ILE C 818 -11.85 55.92 -0.14
C ILE C 818 -11.47 54.58 0.45
N GLU C 819 -10.38 54.56 1.22
CA GLU C 819 -9.95 53.33 1.88
C GLU C 819 -10.99 52.85 2.91
N ASP C 820 -11.73 53.79 3.52
CA ASP C 820 -12.85 53.42 4.38
C ASP C 820 -13.93 52.69 3.59
N LEU C 821 -14.24 53.19 2.39
CA LEU C 821 -15.23 52.53 1.53
C LEU C 821 -14.77 51.14 1.14
N LEU C 822 -13.51 51.01 0.75
CA LEU C 822 -12.97 49.70 0.38
C LEU C 822 -12.96 48.73 1.56
N PHE C 823 -12.56 49.20 2.75
CA PHE C 823 -12.54 48.31 3.90
C PHE C 823 -13.94 47.94 4.37
N ASN C 824 -14.96 48.71 4.00
CA ASN C 824 -16.32 48.35 4.31
C ASN C 824 -17.02 47.56 3.22
N LYS C 825 -16.42 47.44 2.03
CA LYS C 825 -17.03 46.71 0.94
C LYS C 825 -16.60 45.24 0.85
N VAL C 826 -15.70 44.78 1.72
CA VAL C 826 -15.22 43.41 1.69
C VAL C 826 -15.60 42.73 3.00
N THR C 827 -16.30 41.61 2.91
CA THR C 827 -16.74 40.83 4.07
C THR C 827 -15.89 39.57 4.19
N LEU C 828 -15.35 39.33 5.38
CA LEU C 828 -14.52 38.16 5.62
C LEU C 828 -15.37 36.96 6.03
N PHE C 855 -9.73 24.84 14.51
CA PHE C 855 -10.18 24.19 15.73
C PHE C 855 -9.69 22.74 15.75
N ASN C 856 -9.12 22.31 14.63
CA ASN C 856 -8.59 20.96 14.47
C ASN C 856 -7.17 21.04 13.94
N GLY C 857 -6.37 21.90 14.56
CA GLY C 857 -5.03 22.14 14.09
C GLY C 857 -4.91 23.29 13.13
N LEU C 858 -5.97 24.10 12.98
CA LEU C 858 -5.99 25.21 12.05
C LEU C 858 -5.71 26.49 12.81
N THR C 859 -4.70 27.24 12.39
CA THR C 859 -4.36 28.52 12.97
C THR C 859 -4.21 29.56 11.88
N VAL C 860 -4.54 30.81 12.21
CA VAL C 860 -4.44 31.94 11.28
C VAL C 860 -3.36 32.87 11.81
N LEU C 861 -2.21 32.87 11.17
CA LEU C 861 -1.11 33.74 11.57
C LEU C 861 -1.41 35.19 11.20
N PRO C 862 -1.37 36.13 12.15
CA PRO C 862 -1.64 37.53 11.81
C PRO C 862 -0.54 38.11 10.92
N PRO C 863 -0.89 39.04 10.04
CA PRO C 863 0.14 39.65 9.18
C PRO C 863 1.12 40.49 9.97
N LEU C 864 2.36 40.55 9.46
CA LEU C 864 3.39 41.35 10.11
C LEU C 864 3.04 42.83 10.10
N LEU C 865 2.52 43.33 8.98
CA LEU C 865 2.12 44.72 8.84
C LEU C 865 0.61 44.82 9.06
N THR C 866 0.20 45.61 10.03
CA THR C 866 -1.23 45.76 10.29
C THR C 866 -1.83 46.72 9.28
N ASP C 867 -3.15 46.88 9.34
CA ASP C 867 -3.86 47.74 8.39
C ASP C 867 -3.45 49.20 8.54
N GLU C 868 -3.24 49.65 9.79
CA GLU C 868 -2.85 51.03 10.02
C GLU C 868 -1.46 51.34 9.45
N MET C 869 -0.53 50.37 9.55
CA MET C 869 0.80 50.57 8.99
C MET C 869 0.78 50.63 7.47
N ILE C 870 -0.04 49.77 6.84
CA ILE C 870 -0.20 49.80 5.39
C ILE C 870 -0.82 51.12 4.96
N ALA C 871 -1.80 51.60 5.73
CA ALA C 871 -2.42 52.89 5.46
C ALA C 871 -1.40 54.03 5.59
N GLN C 872 -0.52 53.95 6.58
CA GLN C 872 0.54 54.94 6.74
C GLN C 872 1.53 54.92 5.57
N TYR C 873 1.89 53.72 5.09
CA TYR C 873 2.72 53.59 3.90
C TYR C 873 2.09 54.24 2.68
N THR C 874 0.80 53.96 2.46
CA THR C 874 0.10 54.57 1.34
C THR C 874 0.01 56.08 1.49
N SER C 875 -0.25 56.57 2.71
CA SER C 875 -0.32 58.00 2.94
C SER C 875 1.01 58.68 2.67
N ALA C 876 2.12 58.04 3.07
CA ALA C 876 3.44 58.55 2.77
C ALA C 876 3.70 58.59 1.26
N LEU C 877 3.24 57.55 0.54
CA LEU C 877 3.40 57.54 -0.92
C LEU C 877 2.61 58.68 -1.55
N LEU C 878 1.37 58.91 -1.09
CA LEU C 878 0.57 60.04 -1.57
C LEU C 878 1.23 61.37 -1.27
N ALA C 879 1.75 61.55 -0.05
CA ALA C 879 2.39 62.81 0.33
C ALA C 879 3.61 63.09 -0.54
N GLY C 880 4.45 62.06 -0.74
CA GLY C 880 5.60 62.22 -1.60
C GLY C 880 5.22 62.52 -3.03
N THR C 881 4.20 61.83 -3.55
CA THR C 881 3.77 62.04 -4.92
C THR C 881 3.21 63.45 -5.14
N ILE C 882 2.43 63.95 -4.18
CA ILE C 882 1.80 65.26 -4.38
C ILE C 882 2.69 66.42 -3.97
N THR C 883 3.76 66.18 -3.23
CA THR C 883 4.65 67.27 -2.86
C THR C 883 5.99 67.27 -3.58
N SER C 884 6.36 66.17 -4.22
CA SER C 884 7.66 66.08 -4.84
C SER C 884 7.66 65.40 -6.21
N GLY C 885 6.50 65.04 -6.74
CA GLY C 885 6.44 64.32 -8.02
C GLY C 885 7.10 62.97 -7.93
N TRP C 886 7.95 62.68 -8.91
CA TRP C 886 8.72 61.44 -8.96
C TRP C 886 10.13 61.58 -8.42
N THR C 887 10.49 62.74 -7.89
CA THR C 887 11.85 62.94 -7.39
C THR C 887 12.14 62.07 -6.18
N PHE C 888 11.17 61.91 -5.28
CA PHE C 888 11.39 61.09 -4.09
C PHE C 888 11.56 59.62 -4.41
N GLY C 889 11.07 59.15 -5.56
CA GLY C 889 11.30 57.76 -5.94
C GLY C 889 12.72 57.48 -6.37
N ALA C 890 13.45 58.49 -6.84
CA ALA C 890 14.82 58.34 -7.27
C ALA C 890 15.85 58.75 -6.23
N GLY C 891 15.41 59.15 -5.04
CA GLY C 891 16.32 59.59 -4.01
C GLY C 891 15.69 60.54 -3.01
N ALA C 892 16.36 61.64 -2.69
CA ALA C 892 15.81 62.62 -1.77
C ALA C 892 14.64 63.35 -2.41
N ALA C 893 13.63 63.66 -1.59
CA ALA C 893 12.44 64.33 -2.12
C ALA C 893 12.78 65.77 -2.46
N LEU C 894 12.37 66.19 -3.64
CA LEU C 894 12.54 67.55 -4.13
C LEU C 894 11.17 68.20 -4.20
N GLN C 895 10.89 69.13 -3.29
CA GLN C 895 9.60 69.80 -3.26
C GLN C 895 9.39 70.58 -4.55
N ILE C 896 8.14 70.59 -5.02
CA ILE C 896 7.75 71.23 -6.28
C ILE C 896 6.24 71.45 -6.21
N PRO C 897 5.76 72.64 -6.59
CA PRO C 897 4.32 72.89 -6.61
C PRO C 897 3.61 71.98 -7.59
N PHE C 898 2.35 71.64 -7.27
CA PHE C 898 1.61 70.69 -8.09
C PHE C 898 1.35 71.19 -9.51
N PRO C 899 1.36 72.51 -9.72
CA PRO C 899 1.17 73.06 -11.06
C PRO C 899 2.34 72.66 -11.96
N MET C 900 3.58 72.89 -11.51
CA MET C 900 4.72 72.50 -12.34
C MET C 900 4.90 71.00 -12.42
N GLN C 901 4.48 70.24 -11.41
CA GLN C 901 4.49 68.79 -11.54
C GLN C 901 3.54 68.32 -12.63
N MET C 902 2.32 68.88 -12.67
CA MET C 902 1.38 68.55 -13.72
C MET C 902 1.88 69.00 -15.09
N ALA C 903 2.55 70.15 -15.15
CA ALA C 903 3.14 70.63 -16.40
C ALA C 903 4.22 69.67 -16.90
N TYR C 904 5.05 69.17 -15.98
CA TYR C 904 6.07 68.19 -16.36
C TYR C 904 5.44 66.91 -16.87
N ARG C 905 4.37 66.47 -16.22
CA ARG C 905 3.70 65.24 -16.65
C ARG C 905 3.05 65.41 -18.02
N PHE C 906 2.52 66.61 -18.29
CA PHE C 906 2.01 66.90 -19.63
C PHE C 906 3.14 66.87 -20.65
N ASN C 907 4.32 67.40 -20.30
CA ASN C 907 5.48 67.27 -21.18
C ASN C 907 5.84 65.80 -21.37
N GLY C 908 5.60 64.98 -20.35
CA GLY C 908 5.83 63.56 -20.45
C GLY C 908 4.95 62.91 -21.49
N ILE C 909 3.73 63.40 -21.66
CA ILE C 909 2.84 62.81 -22.65
C ILE C 909 2.83 63.62 -23.95
N GLY C 910 3.82 64.49 -24.16
CA GLY C 910 3.93 65.21 -25.41
C GLY C 910 3.02 66.41 -25.58
N VAL C 911 2.54 66.98 -24.48
CA VAL C 911 1.68 68.16 -24.49
C VAL C 911 2.43 69.28 -23.79
N THR C 912 2.45 70.46 -24.38
CA THR C 912 3.24 71.53 -23.78
C THR C 912 2.60 72.03 -22.48
N GLN C 913 3.41 72.73 -21.67
CA GLN C 913 2.97 73.19 -20.36
C GLN C 913 1.91 74.26 -20.44
N ASN C 914 1.93 75.06 -21.51
CA ASN C 914 0.96 76.13 -21.65
C ASN C 914 -0.46 75.60 -21.74
N VAL C 915 -0.63 74.37 -22.25
CA VAL C 915 -1.95 73.73 -22.28
C VAL C 915 -2.47 73.55 -20.86
N LEU C 916 -1.61 73.12 -19.95
CA LEU C 916 -2.01 73.01 -18.54
C LEU C 916 -2.29 74.39 -17.95
N TYR C 917 -1.40 75.35 -18.17
CA TYR C 917 -1.52 76.64 -17.49
C TYR C 917 -2.71 77.46 -18.00
N GLU C 918 -3.10 77.27 -19.27
CA GLU C 918 -4.28 77.95 -19.80
C GLU C 918 -5.56 77.41 -19.20
N ASN C 919 -5.59 76.12 -18.88
CA ASN C 919 -6.80 75.46 -18.39
C ASN C 919 -6.52 74.75 -17.08
N GLN C 920 -5.82 75.44 -16.17
CA GLN C 920 -5.52 74.86 -14.87
C GLN C 920 -6.78 74.61 -14.05
N LYS C 921 -7.69 75.60 -14.03
CA LYS C 921 -8.94 75.47 -13.30
C LYS C 921 -9.82 74.36 -13.86
N LEU C 922 -9.90 74.27 -15.20
CA LEU C 922 -10.68 73.21 -15.84
C LEU C 922 -10.11 71.83 -15.54
N ILE C 923 -8.77 71.71 -15.58
CA ILE C 923 -8.12 70.44 -15.27
C ILE C 923 -8.38 70.04 -13.83
N ALA C 924 -8.28 71.01 -12.91
CA ALA C 924 -8.55 70.73 -11.49
C ALA C 924 -10.00 70.30 -11.28
N ASN C 925 -10.94 70.98 -11.95
CA ASN C 925 -12.35 70.61 -11.84
C ASN C 925 -12.62 69.23 -12.40
N GLN C 926 -12.00 68.89 -13.54
CA GLN C 926 -12.17 67.57 -14.13
C GLN C 926 -11.61 66.49 -13.22
N PHE C 927 -10.45 66.74 -12.61
CA PHE C 927 -9.86 65.79 -11.67
C PHE C 927 -10.74 65.58 -10.45
N ASN C 928 -11.29 66.68 -9.89
CA ASN C 928 -12.19 66.59 -8.74
C ASN C 928 -13.46 65.82 -9.08
N SER C 929 -14.02 66.08 -10.27
CA SER C 929 -15.21 65.37 -10.72
C SER C 929 -14.93 63.88 -10.89
N ALA C 930 -13.75 63.54 -11.42
CA ALA C 930 -13.38 62.15 -11.58
C ALA C 930 -13.23 61.45 -10.24
N ILE C 931 -12.64 62.12 -9.24
CA ILE C 931 -12.52 61.56 -7.90
C ILE C 931 -13.91 61.34 -7.29
N GLY C 932 -14.82 62.30 -7.50
CA GLY C 932 -16.18 62.13 -7.03
C GLY C 932 -16.91 60.97 -7.68
N LYS C 933 -16.69 60.76 -8.98
CA LYS C 933 -17.28 59.64 -9.68
C LYS C 933 -16.76 58.30 -9.16
N ILE C 934 -15.45 58.24 -8.85
CA ILE C 934 -14.89 57.03 -8.25
C ILE C 934 -15.51 56.78 -6.88
N GLN C 935 -15.71 57.85 -6.10
CA GLN C 935 -16.39 57.76 -4.80
C GLN C 935 -17.80 57.17 -4.95
N ASP C 936 -18.57 57.71 -5.90
CA ASP C 936 -19.95 57.25 -6.11
C ASP C 936 -19.98 55.81 -6.58
N SER C 937 -19.06 55.43 -7.47
CA SER C 937 -19.01 54.05 -7.95
C SER C 937 -18.68 53.07 -6.83
N LEU C 938 -17.74 53.45 -5.95
CA LEU C 938 -17.41 52.60 -4.82
C LEU C 938 -18.56 52.50 -3.82
N SER C 939 -19.30 53.60 -3.65
CA SER C 939 -20.39 53.59 -2.68
C SER C 939 -21.60 52.80 -3.17
N SER C 940 -21.96 52.95 -4.44
CA SER C 940 -23.19 52.35 -4.96
C SER C 940 -22.97 51.00 -5.63
N THR C 941 -22.13 50.95 -6.66
CA THR C 941 -21.93 49.74 -7.44
C THR C 941 -21.27 48.65 -6.61
N PRO C 942 -21.78 47.42 -6.71
CA PRO C 942 -21.25 46.30 -5.96
C PRO C 942 -20.32 45.49 -6.86
N SER C 943 -19.63 44.53 -6.23
CA SER C 943 -18.68 43.61 -6.88
C SER C 943 -17.54 44.36 -7.57
N PRO C 944 -17.20 45.55 -7.07
CA PRO C 944 -16.07 46.29 -7.62
C PRO C 944 -14.75 45.68 -7.19
N LEU C 945 -14.71 45.07 -6.01
CA LEU C 945 -13.52 44.44 -5.45
C LEU C 945 -13.61 42.94 -5.58
N GLY C 946 -14.13 42.48 -6.73
CA GLY C 946 -14.43 41.08 -6.94
C GLY C 946 -13.20 40.18 -6.91
N LYS C 947 -12.03 40.73 -7.24
CA LYS C 947 -10.81 39.91 -7.26
C LYS C 947 -10.42 39.49 -5.85
N LEU C 948 -10.39 40.45 -4.93
CA LEU C 948 -10.06 40.15 -3.54
C LEU C 948 -11.10 39.25 -2.90
N GLN C 949 -12.38 39.50 -3.23
CA GLN C 949 -13.45 38.64 -2.75
C GLN C 949 -13.30 37.22 -3.28
N ASP C 950 -12.93 37.08 -4.54
CA ASP C 950 -12.70 35.76 -5.11
C ASP C 950 -11.54 35.05 -4.42
N VAL C 951 -10.48 35.80 -4.10
CA VAL C 951 -9.32 35.21 -3.42
C VAL C 951 -9.71 34.69 -2.04
N VAL C 952 -10.40 35.53 -1.26
CA VAL C 952 -10.80 35.12 0.09
C VAL C 952 -11.85 34.01 0.05
N ASN C 953 -12.75 34.03 -0.95
CA ASN C 953 -13.73 32.96 -1.12
C ASN C 953 -13.07 31.64 -1.45
N GLN C 954 -12.05 31.66 -2.33
CA GLN C 954 -11.32 30.45 -2.66
C GLN C 954 -10.60 29.89 -1.45
N ASN C 955 -9.98 30.77 -0.66
CA ASN C 955 -9.30 30.33 0.57
C ASN C 955 -10.30 29.72 1.55
N ALA C 956 -11.45 30.39 1.74
CA ALA C 956 -12.48 29.89 2.64
C ALA C 956 -13.05 28.56 2.17
N GLN C 957 -13.24 28.41 0.86
CA GLN C 957 -13.73 27.15 0.30
C GLN C 957 -12.71 26.04 0.51
N ALA C 958 -11.43 26.34 0.35
CA ALA C 958 -10.38 25.36 0.58
C ALA C 958 -10.35 24.90 2.04
N LEU C 959 -10.43 25.85 2.97
CA LEU C 959 -10.47 25.48 4.39
C LEU C 959 -11.72 24.68 4.75
N ASN C 960 -12.87 25.08 4.20
CA ASN C 960 -14.12 24.36 4.45
C ASN C 960 -14.07 22.95 3.89
N THR C 961 -13.46 22.80 2.70
CA THR C 961 -13.29 21.48 2.11
C THR C 961 -12.38 20.61 2.96
N LEU C 962 -11.30 21.20 3.50
CA LEU C 962 -10.40 20.47 4.38
C LEU C 962 -11.13 19.99 5.65
N VAL C 963 -11.93 20.88 6.25
CA VAL C 963 -12.69 20.51 7.45
C VAL C 963 -13.70 19.41 7.14
N LYS C 964 -14.39 19.52 5.99
CA LYS C 964 -15.35 18.50 5.59
C LYS C 964 -14.67 17.15 5.33
N GLN C 965 -13.51 17.17 4.68
CA GLN C 965 -12.76 15.94 4.44
C GLN C 965 -12.28 15.32 5.73
N LEU C 966 -12.08 16.12 6.78
CA LEU C 966 -11.72 15.59 8.08
C LEU C 966 -12.79 14.63 8.61
N SER C 967 -14.06 14.93 8.34
CA SER C 967 -15.18 14.12 8.82
C SER C 967 -15.67 13.13 7.77
N SER C 968 -14.79 12.64 6.92
CA SER C 968 -15.13 11.65 5.90
C SER C 968 -14.70 10.27 6.36
N ASN C 969 -15.43 9.25 5.90
CA ASN C 969 -15.20 7.89 6.38
C ASN C 969 -13.88 7.31 5.87
N PHE C 970 -13.49 7.63 4.61
CA PHE C 970 -12.24 7.15 4.00
C PHE C 970 -12.15 5.63 3.96
N GLY C 971 -13.29 4.97 3.75
CA GLY C 971 -13.30 3.53 3.66
C GLY C 971 -13.26 2.79 4.99
N ALA C 972 -13.27 3.51 6.11
CA ALA C 972 -13.24 2.87 7.41
C ALA C 972 -14.65 2.52 7.86
N ILE C 973 -14.80 2.08 9.10
CA ILE C 973 -16.12 1.77 9.62
C ILE C 973 -16.82 3.05 10.08
N SER C 974 -16.05 4.02 10.57
CA SER C 974 -16.61 5.29 11.03
C SER C 974 -15.58 6.39 10.78
N SER C 975 -16.08 7.62 10.69
CA SER C 975 -15.21 8.77 10.46
C SER C 975 -14.57 9.31 11.73
N VAL C 976 -14.94 8.78 12.89
CA VAL C 976 -14.40 9.21 14.18
C VAL C 976 -13.47 8.11 14.68
N LEU C 977 -12.33 8.53 15.25
CA LEU C 977 -11.28 7.59 15.63
C LEU C 977 -11.43 7.09 17.05
N ASN C 978 -11.99 7.91 17.94
CA ASN C 978 -12.22 7.49 19.33
C ASN C 978 -13.17 6.31 19.41
N ASP C 979 -14.23 6.33 18.59
CA ASP C 979 -15.16 5.20 18.53
C ASP C 979 -14.47 3.96 17.98
N ILE C 980 -13.53 4.12 17.05
CA ILE C 980 -12.75 2.99 16.56
C ILE C 980 -11.93 2.39 17.71
N LEU C 981 -11.31 3.25 18.51
CA LEU C 981 -10.56 2.80 19.67
C LEU C 981 -11.44 2.11 20.71
N SER C 982 -12.67 2.60 20.87
CA SER C 982 -13.61 2.03 21.83
C SER C 982 -14.38 0.83 21.30
N ARG C 983 -14.42 0.62 19.99
CA ARG C 983 -15.19 -0.45 19.39
C ARG C 983 -14.30 -1.50 18.75
N LEU C 984 -13.00 -1.39 18.95
CA LEU C 984 -12.08 -2.38 18.44
C LEU C 984 -10.96 -2.49 19.46
N ASP C 985 -10.32 -3.65 19.51
CA ASP C 985 -9.15 -3.80 20.35
C ASP C 985 -8.02 -3.04 19.65
N PRO C 986 -6.88 -2.79 20.31
CA PRO C 986 -5.77 -2.08 19.62
C PRO C 986 -5.32 -2.76 18.33
N PRO C 987 -5.12 -4.11 18.25
CA PRO C 987 -4.63 -4.68 16.98
C PRO C 987 -5.55 -4.43 15.79
N GLU C 988 -6.85 -4.71 15.93
CA GLU C 988 -7.77 -4.53 14.80
C GLU C 988 -7.91 -3.06 14.46
N ALA C 989 -7.97 -2.20 15.50
CA ALA C 989 -8.20 -0.77 15.32
C ALA C 989 -7.11 -0.13 14.49
N GLU C 990 -5.84 -0.55 14.71
CA GLU C 990 -4.69 0.03 14.00
C GLU C 990 -4.94 0.12 12.49
N VAL C 991 -5.49 -0.96 11.92
CA VAL C 991 -5.81 -1.03 10.48
C VAL C 991 -6.73 0.11 10.06
N GLN C 992 -7.82 0.33 10.81
CA GLN C 992 -8.77 1.41 10.51
C GLN C 992 -8.12 2.77 10.70
N ILE C 993 -7.29 2.91 11.73
CA ILE C 993 -6.55 4.14 11.99
C ILE C 993 -5.61 4.44 10.83
N ASP C 994 -4.94 3.41 10.32
CA ASP C 994 -4.03 3.53 9.19
C ASP C 994 -4.78 4.00 7.95
N ARG C 995 -5.97 3.43 7.73
CA ARG C 995 -6.80 3.82 6.58
C ARG C 995 -7.22 5.29 6.69
N LEU C 996 -7.66 5.72 7.88
CA LEU C 996 -8.04 7.12 8.10
C LEU C 996 -6.85 8.06 7.94
N ILE C 997 -5.67 7.64 8.43
CA ILE C 997 -4.45 8.43 8.31
C ILE C 997 -4.10 8.64 6.85
N THR C 998 -4.19 7.56 6.04
CA THR C 998 -3.90 7.66 4.62
C THR C 998 -4.85 8.63 3.93
N GLY C 999 -6.15 8.53 4.24
CA GLY C 999 -7.12 9.43 3.62
C GLY C 999 -6.93 10.89 3.99
N ARG C 1000 -6.73 11.16 5.29
CA ARG C 1000 -6.54 12.54 5.74
C ARG C 1000 -5.22 13.12 5.24
N LEU C 1001 -4.17 12.30 5.18
CA LEU C 1001 -2.89 12.75 4.62
C LEU C 1001 -3.04 13.11 3.16
N GLN C 1002 -3.80 12.30 2.40
CA GLN C 1002 -4.04 12.61 0.99
C GLN C 1002 -4.79 13.92 0.84
N SER C 1003 -5.81 14.13 1.68
CA SER C 1003 -6.59 15.38 1.65
C SER C 1003 -5.71 16.58 1.98
N LEU C 1004 -4.87 16.45 3.00
CA LEU C 1004 -3.98 17.54 3.40
C LEU C 1004 -2.95 17.86 2.33
N GLN C 1005 -2.39 16.83 1.67
CA GLN C 1005 -1.44 17.06 0.59
C GLN C 1005 -2.10 17.76 -0.59
N THR C 1006 -3.33 17.37 -0.90
CA THR C 1006 -4.08 18.04 -1.96
C THR C 1006 -4.32 19.51 -1.63
N TYR C 1007 -4.71 19.79 -0.38
CA TYR C 1007 -4.93 21.18 0.04
C TYR C 1007 -3.64 22.01 0.00
N VAL C 1008 -2.53 21.43 0.45
CA VAL C 1008 -1.24 22.13 0.46
C VAL C 1008 -0.76 22.43 -0.96
N THR C 1009 -0.92 21.47 -1.88
CA THR C 1009 -0.53 21.68 -3.27
C THR C 1009 -1.36 22.79 -3.91
N GLN C 1010 -2.68 22.78 -3.66
CA GLN C 1010 -3.55 23.84 -4.18
C GLN C 1010 -3.16 25.19 -3.61
N GLN C 1011 -2.84 25.23 -2.31
CA GLN C 1011 -2.41 26.48 -1.66
C GLN C 1011 -1.11 26.99 -2.24
N LEU C 1012 -0.19 26.08 -2.57
CA LEU C 1012 1.08 26.48 -3.17
C LEU C 1012 0.86 27.11 -4.55
N ILE C 1013 -0.02 26.51 -5.35
CA ILE C 1013 -0.34 27.07 -6.67
C ILE C 1013 -1.01 28.44 -6.54
N ARG C 1014 -1.97 28.55 -5.60
CA ARG C 1014 -2.65 29.83 -5.38
C ARG C 1014 -1.69 30.89 -4.87
N ALA C 1015 -0.73 30.49 -4.01
CA ALA C 1015 0.27 31.41 -3.51
C ALA C 1015 1.19 31.89 -4.61
N ALA C 1016 1.54 31.01 -5.56
CA ALA C 1016 2.33 31.42 -6.70
C ALA C 1016 1.58 32.44 -7.55
N GLU C 1017 0.28 32.21 -7.76
CA GLU C 1017 -0.54 33.17 -8.50
C GLU C 1017 -0.63 34.52 -7.78
N ILE C 1018 -0.82 34.50 -6.46
CA ILE C 1018 -0.88 35.72 -5.66
C ILE C 1018 0.46 36.45 -5.68
N ARG C 1019 1.56 35.69 -5.66
CA ARG C 1019 2.90 36.27 -5.73
C ARG C 1019 3.13 36.95 -7.06
N ALA C 1020 2.66 36.33 -8.16
CA ALA C 1020 2.76 36.97 -9.47
C ALA C 1020 1.96 38.27 -9.51
N SER C 1021 0.74 38.25 -8.93
CA SER C 1021 -0.08 39.45 -8.89
C SER C 1021 0.56 40.55 -8.05
N ALA C 1022 1.19 40.18 -6.93
CA ALA C 1022 1.85 41.15 -6.08
C ALA C 1022 3.12 41.71 -6.72
N ASN C 1023 3.88 40.88 -7.45
CA ASN C 1023 5.02 41.38 -8.21
C ASN C 1023 4.55 42.39 -9.24
N LEU C 1024 3.44 42.09 -9.91
CA LEU C 1024 2.85 43.03 -10.84
C LEU C 1024 2.44 44.32 -10.14
N ALA C 1025 1.82 44.22 -8.96
CA ALA C 1025 1.39 45.39 -8.19
C ALA C 1025 2.56 46.25 -7.77
N ALA C 1026 3.65 45.61 -7.32
CA ALA C 1026 4.84 46.35 -6.91
C ALA C 1026 5.48 47.04 -8.11
N THR C 1027 5.48 46.39 -9.26
CA THR C 1027 5.99 47.02 -10.48
C THR C 1027 5.12 48.21 -10.89
N LYS C 1028 3.80 48.07 -10.77
CA LYS C 1028 2.89 49.18 -11.06
C LYS C 1028 3.10 50.34 -10.11
N MET C 1029 3.31 50.05 -8.82
CA MET C 1029 3.64 51.10 -7.86
C MET C 1029 4.96 51.77 -8.21
N SER C 1030 5.94 50.97 -8.66
CA SER C 1030 7.28 51.48 -8.90
C SER C 1030 7.32 52.43 -10.09
N GLU C 1031 6.76 52.03 -11.24
CA GLU C 1031 6.83 52.99 -12.35
C GLU C 1031 5.48 53.62 -12.69
N CYS C 1032 4.53 53.65 -11.76
CA CYS C 1032 3.32 54.43 -12.03
C CYS C 1032 3.01 55.38 -10.88
N VAL C 1033 3.40 55.05 -9.66
CA VAL C 1033 3.26 55.95 -8.54
C VAL C 1033 4.53 56.73 -8.30
N LEU C 1034 5.68 56.06 -8.39
CA LEU C 1034 6.98 56.69 -8.19
C LEU C 1034 7.50 57.36 -9.45
N GLY C 1035 6.73 57.33 -10.54
CA GLY C 1035 7.14 57.95 -11.78
C GLY C 1035 6.02 57.87 -12.79
N GLN C 1036 6.29 58.42 -13.97
CA GLN C 1036 5.34 58.42 -15.08
C GLN C 1036 5.73 57.33 -16.08
N SER C 1037 4.76 56.54 -16.50
CA SER C 1037 5.01 55.39 -17.37
C SER C 1037 4.58 55.71 -18.79
N LYS C 1038 5.47 55.46 -19.75
CA LYS C 1038 5.16 55.62 -21.15
C LYS C 1038 4.57 54.36 -21.76
N ARG C 1039 4.49 53.28 -21.01
CA ARG C 1039 3.93 52.04 -21.53
C ARG C 1039 2.43 52.22 -21.77
N VAL C 1040 1.96 51.67 -22.88
CA VAL C 1040 0.57 51.85 -23.27
C VAL C 1040 -0.28 50.84 -22.51
N ASP C 1041 -1.36 51.33 -21.88
CA ASP C 1041 -2.37 50.57 -21.16
C ASP C 1041 -1.82 49.85 -19.93
N PHE C 1042 -0.60 50.16 -19.51
CA PHE C 1042 -0.05 49.53 -18.32
C PHE C 1042 -0.70 50.07 -17.05
N CYS C 1043 -0.92 51.38 -17.02
CA CYS C 1043 -1.49 52.06 -15.87
C CYS C 1043 -2.63 52.97 -16.28
N GLY C 1044 -3.56 52.44 -17.04
CA GLY C 1044 -4.73 53.21 -17.41
C GLY C 1044 -4.97 53.25 -18.90
N LYS C 1045 -6.20 53.50 -19.29
CA LYS C 1045 -6.55 53.61 -20.71
C LYS C 1045 -6.37 55.06 -21.09
N GLY C 1046 -5.30 55.36 -21.80
CA GLY C 1046 -4.97 56.70 -22.22
C GLY C 1046 -3.56 57.06 -21.88
N TYR C 1047 -3.21 58.31 -22.10
CA TYR C 1047 -1.88 58.82 -21.78
C TYR C 1047 -1.78 59.03 -20.28
N HIS C 1048 -0.94 58.21 -19.64
CA HIS C 1048 -0.83 58.22 -18.19
C HIS C 1048 -0.21 59.50 -17.68
N LEU C 1049 -0.82 60.09 -16.66
CA LEU C 1049 -0.27 61.27 -16.00
C LEU C 1049 0.34 60.94 -14.66
N MET C 1050 -0.42 60.29 -13.77
CA MET C 1050 0.09 59.86 -12.47
C MET C 1050 -0.87 58.80 -11.93
N SER C 1051 -0.57 58.30 -10.74
CA SER C 1051 -1.39 57.28 -10.13
C SER C 1051 -1.38 57.49 -8.63
N PHE C 1052 -2.43 56.97 -7.97
CA PHE C 1052 -2.57 57.08 -6.53
C PHE C 1052 -2.85 55.71 -5.94
N PRO C 1053 -2.06 55.24 -4.99
CA PRO C 1053 -2.32 53.94 -4.37
C PRO C 1053 -3.20 54.04 -3.14
N GLN C 1054 -4.05 53.03 -2.95
CA GLN C 1054 -4.89 52.96 -1.76
C GLN C 1054 -4.86 51.54 -1.24
N SER C 1055 -5.05 51.40 0.07
CA SER C 1055 -5.00 50.08 0.66
C SER C 1055 -6.30 49.35 0.39
N ALA C 1056 -6.26 48.04 0.60
CA ALA C 1056 -7.44 47.18 0.48
C ALA C 1056 -7.17 45.98 1.37
N PRO C 1057 -8.24 45.32 1.94
CA PRO C 1057 -8.07 44.25 2.96
C PRO C 1057 -6.98 43.21 2.72
N HIS C 1058 -6.78 42.82 1.47
CA HIS C 1058 -5.69 41.93 1.13
C HIS C 1058 -5.06 42.32 -0.20
N GLY C 1059 -5.04 43.61 -0.52
CA GLY C 1059 -4.51 44.03 -1.79
C GLY C 1059 -4.33 45.53 -1.87
N VAL C 1060 -4.12 46.00 -3.09
CA VAL C 1060 -3.89 47.41 -3.37
C VAL C 1060 -4.84 47.86 -4.47
N VAL C 1061 -5.11 49.17 -4.50
CA VAL C 1061 -5.97 49.79 -5.49
C VAL C 1061 -5.28 51.03 -6.02
N PHE C 1062 -5.11 51.09 -7.35
CA PHE C 1062 -4.47 52.21 -8.02
C PHE C 1062 -5.52 53.06 -8.71
N LEU C 1063 -5.53 54.35 -8.40
CA LEU C 1063 -6.34 55.31 -9.14
C LEU C 1063 -5.44 55.99 -10.16
N HIS C 1064 -5.59 55.62 -11.42
CA HIS C 1064 -4.73 56.12 -12.48
C HIS C 1064 -5.35 57.38 -13.07
N VAL C 1065 -4.63 58.48 -12.97
CA VAL C 1065 -5.03 59.72 -13.61
C VAL C 1065 -4.41 59.75 -14.99
N THR C 1066 -5.23 59.85 -16.01
CA THR C 1066 -4.78 59.72 -17.38
C THR C 1066 -5.38 60.83 -18.22
N TYR C 1067 -4.74 61.07 -19.34
CA TYR C 1067 -5.14 62.11 -20.27
C TYR C 1067 -5.81 61.41 -21.44
N VAL C 1068 -6.99 61.90 -21.81
CA VAL C 1068 -7.76 61.32 -22.89
C VAL C 1068 -8.08 62.45 -23.85
N PRO C 1069 -7.67 62.36 -25.11
CA PRO C 1069 -8.07 63.37 -26.10
C PRO C 1069 -9.57 63.28 -26.37
N ALA C 1070 -10.14 64.39 -26.76
CA ALA C 1070 -11.57 64.44 -27.05
C ALA C 1070 -11.84 65.62 -27.95
N GLN C 1071 -13.03 65.60 -28.57
CA GLN C 1071 -13.52 66.63 -29.49
C GLN C 1071 -12.54 66.83 -30.66
N GLU C 1072 -12.34 65.75 -31.42
CA GLU C 1072 -11.44 65.79 -32.55
C GLU C 1072 -12.07 66.51 -33.74
N LYS C 1073 -11.21 67.06 -34.59
CA LYS C 1073 -11.65 67.76 -35.78
C LYS C 1073 -10.79 67.35 -36.96
N ASN C 1074 -11.38 67.39 -38.15
CA ASN C 1074 -10.68 67.03 -39.37
C ASN C 1074 -9.81 68.19 -39.86
N PHE C 1075 -8.66 67.86 -40.42
CA PHE C 1075 -7.74 68.84 -40.97
C PHE C 1075 -7.05 68.23 -42.18
N THR C 1076 -6.57 69.10 -43.07
CA THR C 1076 -5.84 68.70 -44.25
C THR C 1076 -4.34 68.90 -44.02
N THR C 1077 -3.56 67.86 -44.26
CA THR C 1077 -2.13 67.86 -43.94
C THR C 1077 -1.27 67.74 -45.19
N ALA C 1078 0.04 67.82 -44.95
CA ALA C 1078 1.08 67.68 -45.94
C ALA C 1078 2.32 67.21 -45.21
N PRO C 1079 3.07 66.27 -45.80
CA PRO C 1079 4.32 65.82 -45.17
C PRO C 1079 5.34 66.93 -44.96
N ALA C 1080 5.39 67.89 -45.87
CA ALA C 1080 6.35 68.96 -45.80
C ALA C 1080 5.79 70.18 -46.51
N ILE C 1081 6.52 71.28 -46.45
CA ILE C 1081 6.13 72.54 -47.07
C ILE C 1081 7.22 72.95 -48.05
N CYS C 1082 6.82 73.27 -49.28
CA CYS C 1082 7.77 73.70 -50.29
C CYS C 1082 7.84 75.22 -50.29
N HIS C 1083 9.01 75.75 -49.96
CA HIS C 1083 9.23 77.18 -49.96
C HIS C 1083 10.64 77.43 -50.47
N ASP C 1084 10.74 78.33 -51.46
CA ASP C 1084 12.01 78.72 -52.10
C ASP C 1084 12.76 77.51 -52.64
N GLY C 1085 12.01 76.55 -53.20
CA GLY C 1085 12.61 75.34 -53.73
C GLY C 1085 13.20 74.42 -52.68
N LYS C 1086 12.75 74.51 -51.43
CA LYS C 1086 13.27 73.73 -50.33
C LYS C 1086 12.13 73.08 -49.57
N ALA C 1087 12.42 71.93 -48.95
CA ALA C 1087 11.44 71.17 -48.21
C ALA C 1087 11.61 71.44 -46.72
N HIS C 1088 10.54 71.86 -46.07
CA HIS C 1088 10.55 72.17 -44.64
C HIS C 1088 9.69 71.15 -43.90
N PHE C 1089 10.25 70.60 -42.84
CA PHE C 1089 9.57 69.66 -41.98
C PHE C 1089 9.48 70.23 -40.57
N PRO C 1090 8.37 70.01 -39.86
CA PRO C 1090 8.25 70.57 -38.51
C PRO C 1090 9.18 69.85 -37.53
N ARG C 1091 9.73 70.61 -36.59
CA ARG C 1091 10.58 70.03 -35.55
C ARG C 1091 9.79 69.09 -34.66
N GLU C 1092 8.64 69.54 -34.18
CA GLU C 1092 7.71 68.65 -33.48
C GLU C 1092 6.31 69.09 -33.87
N GLY C 1093 5.45 68.11 -34.07
CA GLY C 1093 4.10 68.44 -34.46
C GLY C 1093 3.71 67.99 -35.85
N VAL C 1094 2.82 68.75 -36.49
CA VAL C 1094 2.29 68.38 -37.80
C VAL C 1094 1.79 69.64 -38.50
N PHE C 1095 1.94 69.66 -39.82
CA PHE C 1095 1.37 70.71 -40.65
C PHE C 1095 -0.10 70.41 -40.93
N VAL C 1096 -0.97 71.39 -40.68
CA VAL C 1096 -2.39 71.22 -40.89
C VAL C 1096 -2.92 72.41 -41.65
N SER C 1097 -4.11 72.24 -42.23
CA SER C 1097 -4.79 73.29 -42.95
C SER C 1097 -6.27 73.25 -42.60
N ASN C 1098 -6.84 74.43 -42.36
CA ASN C 1098 -8.26 74.53 -42.05
C ASN C 1098 -9.10 74.82 -43.28
N GLY C 1099 -8.50 74.74 -44.46
CA GLY C 1099 -9.23 74.96 -45.70
C GLY C 1099 -8.60 76.03 -46.56
N THR C 1100 -8.08 77.07 -45.93
CA THR C 1100 -7.47 78.18 -46.65
C THR C 1100 -6.03 78.43 -46.24
N HIS C 1101 -5.72 78.35 -44.96
CA HIS C 1101 -4.39 78.66 -44.45
C HIS C 1101 -3.76 77.42 -43.84
N TRP C 1102 -2.43 77.37 -43.88
CA TRP C 1102 -1.67 76.27 -43.34
C TRP C 1102 -0.99 76.70 -42.05
N PHE C 1103 -1.12 75.88 -41.01
CA PHE C 1103 -0.50 76.14 -39.73
C PHE C 1103 0.27 74.91 -39.28
N VAL C 1104 1.01 75.07 -38.20
CA VAL C 1104 1.73 73.98 -37.55
C VAL C 1104 1.23 73.90 -36.11
N THR C 1105 0.89 72.69 -35.68
CA THR C 1105 0.36 72.49 -34.34
C THR C 1105 1.08 71.31 -33.72
N GLN C 1106 0.63 70.83 -32.57
CA GLN C 1106 1.17 69.63 -31.95
C GLN C 1106 0.20 68.49 -32.14
N ARG C 1107 0.69 67.27 -31.91
CA ARG C 1107 -0.07 66.08 -32.28
C ARG C 1107 -1.27 65.86 -31.37
N ASN C 1108 -1.09 66.05 -30.06
CA ASN C 1108 -2.09 65.68 -29.08
C ASN C 1108 -3.05 66.81 -28.72
N PHE C 1109 -2.87 68.01 -29.26
CA PHE C 1109 -3.75 69.12 -28.98
C PHE C 1109 -3.73 70.07 -30.16
N TYR C 1110 -4.78 70.85 -30.28
CA TYR C 1110 -4.90 71.78 -31.39
C TYR C 1110 -4.44 73.16 -30.94
N GLU C 1111 -3.19 73.48 -31.28
CA GLU C 1111 -2.61 74.80 -31.00
C GLU C 1111 -2.03 75.29 -32.32
N PRO C 1112 -2.86 75.83 -33.22
CA PRO C 1112 -2.37 76.26 -34.53
C PRO C 1112 -1.45 77.46 -34.44
N GLN C 1113 -0.29 77.35 -35.07
CA GLN C 1113 0.68 78.43 -35.13
C GLN C 1113 1.16 78.58 -36.56
N ILE C 1114 1.53 79.81 -36.93
CA ILE C 1114 1.99 80.08 -38.30
C ILE C 1114 3.31 79.35 -38.54
N ILE C 1115 3.51 78.95 -39.80
CA ILE C 1115 4.73 78.23 -40.16
C ILE C 1115 5.89 79.21 -40.18
N THR C 1116 6.94 78.88 -39.44
CA THR C 1116 8.08 79.75 -39.24
C THR C 1116 9.35 78.91 -39.34
N THR C 1117 10.48 79.58 -39.64
CA THR C 1117 11.76 78.88 -39.70
C THR C 1117 12.23 78.39 -38.34
N ASP C 1118 11.65 78.89 -37.24
CA ASP C 1118 12.07 78.47 -35.91
C ASP C 1118 11.59 77.06 -35.58
N ASN C 1119 10.35 76.73 -35.94
CA ASN C 1119 9.79 75.42 -35.64
C ASN C 1119 9.82 74.47 -36.82
N THR C 1120 10.55 74.81 -37.89
CA THR C 1120 10.70 73.96 -39.06
C THR C 1120 12.18 73.88 -39.44
N PHE C 1121 12.56 72.78 -40.08
CA PHE C 1121 13.93 72.58 -40.53
C PHE C 1121 13.91 72.14 -41.99
N VAL C 1122 14.98 72.50 -42.70
CA VAL C 1122 15.11 72.24 -44.13
C VAL C 1122 16.01 71.03 -44.34
N SER C 1123 15.54 70.07 -45.12
CA SER C 1123 16.32 68.86 -45.39
C SER C 1123 16.21 68.41 -46.83
N GLY C 1124 16.29 69.34 -47.79
CA GLY C 1124 16.29 68.95 -49.18
C GLY C 1124 15.42 69.85 -50.02
N ASN C 1125 14.96 69.30 -51.15
CA ASN C 1125 14.12 70.02 -52.11
C ASN C 1125 12.75 69.36 -52.17
N CYS C 1126 11.92 69.86 -53.08
CA CYS C 1126 10.54 69.42 -53.22
C CYS C 1126 10.34 68.39 -54.32
N ASP C 1127 11.41 67.89 -54.92
CA ASP C 1127 11.31 66.94 -56.02
C ASP C 1127 11.32 65.49 -55.58
N VAL C 1128 11.39 65.22 -54.28
CA VAL C 1128 11.49 63.84 -53.81
C VAL C 1128 10.37 63.51 -52.82
N VAL C 1129 9.84 64.51 -52.13
CA VAL C 1129 8.83 64.26 -51.10
C VAL C 1129 7.49 64.02 -51.79
N ILE C 1130 6.84 62.91 -51.44
CA ILE C 1130 5.53 62.57 -51.98
C ILE C 1130 4.49 63.27 -51.12
N GLY C 1131 3.68 64.13 -51.75
CA GLY C 1131 2.69 64.90 -51.04
C GLY C 1131 3.08 66.31 -50.69
N ILE C 1132 4.15 66.84 -51.29
CA ILE C 1132 4.62 68.19 -50.98
C ILE C 1132 3.55 69.22 -51.36
N VAL C 1133 3.45 70.27 -50.56
CA VAL C 1133 2.45 71.32 -50.76
C VAL C 1133 3.15 72.67 -50.74
N ASN C 1134 2.89 73.48 -51.76
CA ASN C 1134 3.46 74.82 -51.86
C ASN C 1134 2.86 75.72 -50.80
N ASN C 1135 3.72 76.49 -50.12
CA ASN C 1135 3.29 77.46 -49.11
C ASN C 1135 4.48 78.37 -48.83
N THR C 1136 4.20 79.46 -48.14
CA THR C 1136 5.23 80.39 -47.70
C THR C 1136 5.58 80.13 -46.24
N VAL C 1137 6.85 80.36 -45.91
CA VAL C 1137 7.37 80.18 -44.57
C VAL C 1137 7.81 81.53 -44.07
N TYR C 1138 7.23 81.96 -42.95
CA TYR C 1138 7.53 83.27 -42.41
C TYR C 1138 8.91 83.26 -41.74
N ASP C 1139 9.72 84.25 -42.07
CA ASP C 1139 11.04 84.39 -41.48
C ASP C 1139 11.01 85.57 -40.53
N PRO C 1140 11.20 85.36 -39.22
CA PRO C 1140 11.16 86.46 -38.24
C PRO C 1140 12.48 87.22 -38.13
N LEU C 1141 13.08 87.52 -39.26
CA LEU C 1141 14.32 88.29 -39.33
C LEU C 1141 14.22 89.46 -40.30
N GLN C 1142 13.50 89.28 -41.42
CA GLN C 1142 13.31 90.37 -42.37
C GLN C 1142 12.57 91.58 -41.78
N PRO C 1143 11.45 91.46 -41.05
CA PRO C 1143 10.84 92.67 -40.46
C PRO C 1143 11.75 93.40 -39.47
N GLU C 1144 12.58 92.66 -38.74
CA GLU C 1144 13.52 93.28 -37.79
C GLU C 1144 14.55 94.14 -38.53
N LEU C 1145 15.07 93.65 -39.66
CA LEU C 1145 16.02 94.44 -40.44
C LEU C 1145 15.37 95.69 -41.02
N ASP C 1146 14.14 95.57 -41.50
CA ASP C 1146 13.43 96.71 -42.08
C ASP C 1146 12.70 97.50 -41.01
N VAL D 2 41.44 -61.62 49.09
CA VAL D 2 41.82 -63.02 49.23
C VAL D 2 42.54 -63.26 50.56
N GLN D 3 43.37 -62.30 50.98
CA GLN D 3 44.03 -62.32 52.28
C GLN D 3 43.73 -61.01 52.99
N LEU D 4 43.29 -61.09 54.24
CA LEU D 4 42.85 -59.92 55.00
C LEU D 4 43.60 -59.88 56.33
N VAL D 5 44.89 -59.57 56.29
CA VAL D 5 45.66 -59.39 57.51
C VAL D 5 45.10 -58.20 58.29
N GLN D 6 44.84 -58.41 59.58
CA GLN D 6 44.24 -57.34 60.36
C GLN D 6 45.12 -57.06 61.58
N SER D 7 44.60 -56.34 62.56
CA SER D 7 45.38 -56.11 63.77
C SER D 7 45.34 -57.38 64.61
N GLY D 8 46.36 -57.57 65.44
CA GLY D 8 46.45 -58.79 66.21
C GLY D 8 46.04 -58.70 67.67
N ALA D 9 46.60 -57.74 68.39
CA ALA D 9 46.33 -57.59 69.81
C ALA D 9 46.47 -56.13 70.19
N GLU D 10 45.74 -55.70 71.22
CA GLU D 10 45.72 -54.30 71.62
C GLU D 10 46.04 -54.17 73.10
N VAL D 11 47.00 -53.31 73.42
CA VAL D 11 47.38 -53.03 74.81
C VAL D 11 46.71 -51.72 75.19
N LYS D 12 45.46 -51.80 75.69
CA LYS D 12 44.68 -50.59 75.94
C LYS D 12 44.14 -50.58 77.36
N LYS D 13 44.64 -49.64 78.18
CA LYS D 13 44.17 -49.47 79.55
C LYS D 13 42.70 -49.04 79.50
N PRO D 14 41.86 -49.48 80.46
CA PRO D 14 40.41 -49.20 80.37
C PRO D 14 40.06 -47.72 80.18
N GLY D 15 39.16 -47.46 79.24
CA GLY D 15 38.77 -46.13 78.87
C GLY D 15 39.56 -45.53 77.71
N SER D 16 40.61 -46.21 77.26
CA SER D 16 41.48 -45.72 76.20
C SER D 16 41.06 -46.30 74.85
N SER D 17 40.90 -45.43 73.86
CA SER D 17 40.36 -45.81 72.57
C SER D 17 41.41 -46.57 71.74
N VAL D 18 40.94 -47.31 70.75
CA VAL D 18 41.81 -48.08 69.87
C VAL D 18 41.20 -48.12 68.47
N LYS D 19 42.06 -48.25 67.45
CA LYS D 19 41.63 -48.39 66.06
C LYS D 19 42.26 -49.64 65.48
N VAL D 20 41.44 -50.45 64.76
CA VAL D 20 41.85 -51.73 64.20
C VAL D 20 42.24 -51.47 62.75
N SER D 21 43.13 -52.29 62.17
CA SER D 21 43.69 -52.03 60.85
C SER D 21 43.55 -53.22 59.89
N CYS D 22 42.33 -53.71 59.64
CA CYS D 22 42.16 -54.79 58.67
C CYS D 22 42.59 -54.34 57.27
N LYS D 23 43.45 -55.12 56.64
CA LYS D 23 44.01 -54.77 55.34
C LYS D 23 43.33 -55.56 54.23
N ALA D 24 42.75 -54.85 53.27
CA ALA D 24 42.13 -55.50 52.12
C ALA D 24 43.15 -55.67 51.00
N SER D 25 43.10 -56.81 50.34
CA SER D 25 43.91 -57.07 49.16
C SER D 25 43.33 -56.33 47.96
N GLY D 26 44.10 -56.27 46.87
CA GLY D 26 43.68 -55.51 45.70
C GLY D 26 42.40 -56.08 45.13
N GLY D 27 41.43 -55.20 44.87
CA GLY D 27 40.16 -55.60 44.32
C GLY D 27 39.15 -56.10 45.35
N THR D 28 39.50 -56.09 46.64
CA THR D 28 38.63 -56.60 47.69
C THR D 28 37.66 -55.54 48.21
N PHE D 29 38.16 -54.32 48.46
CA PHE D 29 37.35 -53.27 49.08
C PHE D 29 36.19 -52.85 48.17
N ASN D 30 36.46 -52.62 46.88
CA ASN D 30 35.43 -52.10 45.99
C ASN D 30 34.33 -53.13 45.75
N THR D 31 34.72 -54.36 45.39
CA THR D 31 33.75 -55.38 45.02
C THR D 31 32.94 -55.87 46.22
N TYR D 32 33.57 -56.02 47.38
CA TYR D 32 32.91 -56.63 48.53
C TYR D 32 32.87 -55.65 49.69
N ALA D 33 31.79 -55.73 50.48
CA ALA D 33 31.72 -54.97 51.72
C ALA D 33 32.57 -55.67 52.79
N ILE D 34 32.87 -54.96 53.87
CA ILE D 34 33.66 -55.52 54.96
C ILE D 34 32.80 -55.52 56.22
N ASN D 35 32.77 -56.66 56.91
CA ASN D 35 31.92 -56.85 58.07
C ASN D 35 32.77 -57.13 59.30
N TRP D 36 32.26 -56.74 60.47
CA TRP D 36 32.94 -56.92 61.74
C TRP D 36 32.16 -57.79 62.71
N VAL D 37 32.86 -58.75 63.32
CA VAL D 37 32.26 -59.73 64.23
C VAL D 37 33.03 -59.70 65.55
N ARG D 38 32.30 -59.63 66.68
CA ARG D 38 32.97 -59.40 67.96
C ARG D 38 33.78 -60.62 68.43
N GLN D 39 33.19 -61.82 68.38
CA GLN D 39 33.80 -63.07 68.89
C GLN D 39 34.33 -62.91 70.33
N ALA D 40 33.40 -62.62 71.24
CA ALA D 40 33.76 -62.35 72.63
C ALA D 40 34.42 -63.59 73.25
N PRO D 41 35.32 -63.41 74.24
CA PRO D 41 36.09 -64.54 74.78
C PRO D 41 35.20 -65.61 75.40
N GLY D 42 35.48 -66.86 75.02
CA GLY D 42 34.67 -67.99 75.47
C GLY D 42 33.19 -67.86 75.19
N GLN D 43 32.83 -67.35 74.01
CA GLN D 43 31.45 -67.02 73.71
C GLN D 43 31.32 -67.05 72.19
N GLY D 44 30.15 -66.69 71.67
CA GLY D 44 29.83 -66.82 70.27
C GLY D 44 30.25 -65.62 69.44
N LEU D 45 29.74 -65.59 68.21
CA LEU D 45 30.07 -64.58 67.23
C LEU D 45 28.92 -63.59 67.13
N GLU D 46 29.24 -62.29 67.13
CA GLU D 46 28.23 -61.23 67.15
C GLU D 46 28.48 -60.29 65.97
N TRP D 47 27.46 -60.05 65.13
CA TRP D 47 27.67 -59.26 63.93
C TRP D 47 27.60 -57.79 64.32
N MET D 48 28.75 -57.10 64.34
CA MET D 48 28.76 -55.68 64.68
C MET D 48 28.18 -54.79 63.59
N GLY D 49 28.50 -55.05 62.33
CA GLY D 49 28.02 -54.20 61.27
C GLY D 49 28.85 -54.39 60.01
N ARG D 50 28.58 -53.51 59.03
CA ARG D 50 29.23 -53.59 57.72
C ARG D 50 29.76 -52.24 57.26
N ILE D 51 30.84 -52.28 56.49
CA ILE D 51 31.38 -51.11 55.80
C ILE D 51 31.26 -51.33 54.30
N ILE D 52 30.54 -50.44 53.63
CA ILE D 52 30.49 -50.40 52.17
C ILE D 52 31.58 -49.38 51.78
N PRO D 53 32.77 -49.83 51.37
CA PRO D 53 33.88 -48.86 51.17
C PRO D 53 33.69 -47.82 50.09
N MET D 54 33.27 -48.20 48.87
CA MET D 54 33.12 -47.24 47.76
C MET D 54 32.21 -46.07 48.12
N PHE D 55 31.09 -46.32 48.79
CA PHE D 55 30.15 -45.25 49.11
C PHE D 55 30.23 -44.82 50.56
N GLY D 56 31.20 -45.36 51.32
CA GLY D 56 31.41 -44.98 52.71
C GLY D 56 30.22 -45.16 53.62
N ILE D 57 29.45 -46.23 53.43
CA ILE D 57 28.22 -46.44 54.18
C ILE D 57 28.49 -47.47 55.26
N ALA D 58 28.25 -47.10 56.52
CA ALA D 58 28.36 -48.00 57.65
C ALA D 58 27.07 -47.97 58.45
N ASN D 59 26.48 -49.13 58.67
CA ASN D 59 25.25 -49.29 59.45
C ASN D 59 25.48 -50.31 60.55
N TYR D 60 24.99 -50.00 61.73
CA TYR D 60 25.27 -50.79 62.93
C TYR D 60 24.02 -51.42 63.52
N ALA D 61 24.26 -52.45 64.31
CA ALA D 61 23.19 -53.09 65.04
C ALA D 61 22.83 -52.18 66.23
N GLN D 62 21.67 -52.44 66.85
CA GLN D 62 21.23 -51.62 67.97
C GLN D 62 22.22 -51.62 69.13
N LYS D 63 22.81 -52.79 69.41
CA LYS D 63 23.70 -52.96 70.56
C LYS D 63 24.94 -52.08 70.46
N PHE D 64 25.61 -52.09 69.30
CA PHE D 64 26.90 -51.42 69.17
C PHE D 64 26.82 -49.97 68.72
N GLN D 65 25.62 -49.43 68.53
CA GLN D 65 25.48 -48.05 68.04
C GLN D 65 26.02 -47.05 69.06
N GLY D 66 26.85 -46.13 68.58
CA GLY D 66 27.40 -45.08 69.41
C GLY D 66 28.64 -45.46 70.19
N THR D 67 29.03 -46.74 70.16
CA THR D 67 30.16 -47.24 70.92
C THR D 67 31.36 -47.59 70.06
N VAL D 68 31.16 -47.74 68.75
CA VAL D 68 32.19 -48.18 67.81
C VAL D 68 32.05 -47.34 66.55
N THR D 69 33.17 -47.07 65.86
CA THR D 69 33.18 -46.31 64.62
C THR D 69 33.87 -47.11 63.53
N PHE D 70 33.22 -47.25 62.36
CA PHE D 70 33.80 -47.98 61.23
C PHE D 70 34.29 -46.98 60.19
N THR D 71 35.53 -47.11 59.76
CA THR D 71 36.08 -46.27 58.70
C THR D 71 36.87 -47.14 57.74
N ALA D 72 36.88 -46.77 56.47
CA ALA D 72 37.71 -47.49 55.51
C ALA D 72 38.38 -46.50 54.58
N ASP D 73 39.59 -46.84 54.17
CA ASP D 73 40.42 -45.96 53.34
C ASP D 73 40.42 -46.50 51.92
N LYS D 74 39.83 -45.71 50.99
CA LYS D 74 39.73 -46.13 49.60
C LYS D 74 41.11 -46.31 48.99
N SER D 75 42.00 -45.35 49.24
CA SER D 75 43.40 -45.50 48.91
C SER D 75 44.06 -46.28 50.05
N THR D 76 44.93 -47.23 49.70
CA THR D 76 45.68 -48.21 50.50
C THR D 76 44.82 -49.42 50.84
N SER D 77 43.51 -49.41 50.53
CA SER D 77 42.56 -50.51 50.69
C SER D 77 42.63 -51.15 52.07
N THR D 78 42.44 -50.32 53.10
CA THR D 78 42.56 -50.79 54.47
C THR D 78 41.28 -50.46 55.22
N ALA D 79 40.83 -51.40 56.05
CA ALA D 79 39.60 -51.28 56.83
C ALA D 79 39.95 -50.97 58.27
N TYR D 80 39.22 -50.02 58.85
CA TYR D 80 39.49 -49.57 60.20
C TYR D 80 38.24 -49.59 61.07
N MET D 81 38.43 -49.95 62.33
CA MET D 81 37.34 -49.89 63.30
C MET D 81 37.83 -49.22 64.56
N GLU D 82 37.08 -48.23 65.04
CA GLU D 82 37.46 -47.44 66.21
C GLU D 82 36.55 -47.77 67.38
N LEU D 83 37.13 -48.06 68.53
CA LEU D 83 36.39 -48.29 69.76
C LEU D 83 36.40 -47.00 70.57
N SER D 84 35.21 -46.54 70.99
CA SER D 84 35.08 -45.24 71.64
C SER D 84 35.90 -45.16 72.93
N SER D 85 35.83 -46.21 73.74
CA SER D 85 36.61 -46.36 74.96
C SER D 85 36.53 -47.83 75.32
N LEU D 86 37.44 -48.27 76.18
CA LEU D 86 37.40 -49.67 76.61
C LEU D 86 36.52 -49.80 77.84
N ARG D 87 35.29 -50.23 77.62
CA ARG D 87 34.42 -50.67 78.69
C ARG D 87 34.90 -52.07 79.08
N TYR D 88 34.56 -52.51 80.31
CA TYR D 88 35.11 -53.76 80.84
C TYR D 88 34.71 -54.98 80.00
N GLU D 89 33.47 -55.01 79.50
CA GLU D 89 33.03 -56.13 78.67
C GLU D 89 33.56 -56.06 77.24
N ASP D 90 34.16 -54.94 76.82
CA ASP D 90 34.58 -54.76 75.43
C ASP D 90 35.74 -55.67 75.03
N THR D 91 36.37 -56.37 75.98
CA THR D 91 37.40 -57.36 75.66
C THR D 91 36.83 -58.42 74.73
N ALA D 92 37.59 -58.76 73.67
CA ALA D 92 37.11 -59.60 72.57
C ALA D 92 38.16 -59.94 71.53
N VAL D 93 37.74 -60.65 70.47
CA VAL D 93 38.61 -60.98 69.35
C VAL D 93 37.89 -60.53 68.09
N TYR D 94 38.01 -59.25 67.75
CA TYR D 94 37.32 -58.70 66.59
C TYR D 94 37.81 -59.31 65.29
N TYR D 95 36.88 -59.52 64.37
CA TYR D 95 37.16 -60.19 63.11
C TYR D 95 36.64 -59.35 61.96
N CYS D 96 37.37 -59.34 60.85
CA CYS D 96 36.95 -58.58 59.67
C CYS D 96 36.81 -59.59 58.54
N ALA D 97 35.70 -59.47 57.82
CA ALA D 97 35.42 -60.45 56.78
C ALA D 97 34.59 -59.78 55.69
N ARG D 98 34.60 -60.39 54.48
CA ARG D 98 34.00 -59.76 53.31
C ARG D 98 32.82 -60.50 52.70
N SER D 99 31.80 -59.72 52.32
CA SER D 99 30.59 -60.19 51.66
C SER D 99 30.25 -59.23 50.52
N ALA D 100 29.45 -59.70 49.56
CA ALA D 100 29.13 -58.91 48.37
C ALA D 100 27.75 -58.29 48.54
N TYR D 101 27.67 -56.96 48.44
CA TYR D 101 26.38 -56.30 48.51
C TYR D 101 25.51 -56.62 47.30
N TYR D 102 26.12 -56.80 46.11
CA TYR D 102 25.36 -57.05 44.88
C TYR D 102 24.46 -58.28 45.00
N SER D 103 23.20 -58.14 44.58
CA SER D 103 22.22 -59.21 44.64
C SER D 103 22.33 -60.21 43.51
N GLU D 104 23.12 -59.91 42.47
CA GLU D 104 23.17 -60.80 41.33
C GLU D 104 24.10 -61.99 41.56
N SER D 105 24.80 -62.01 42.68
CA SER D 105 25.60 -63.14 43.11
C SER D 105 25.10 -63.53 44.48
N SER D 106 25.00 -64.84 44.73
CA SER D 106 24.72 -65.34 46.07
C SER D 106 25.73 -64.72 47.03
N GLY D 107 25.23 -63.90 47.95
CA GLY D 107 26.10 -63.12 48.79
C GLY D 107 25.46 -62.81 50.11
N TYR D 108 26.11 -61.89 50.85
CA TYR D 108 25.82 -61.31 52.17
C TYR D 108 26.28 -62.26 53.26
N TYR D 109 26.95 -63.34 52.87
CA TYR D 109 27.51 -64.33 53.78
C TYR D 109 29.00 -64.09 53.76
N LEU D 110 29.60 -64.25 54.92
CA LEU D 110 30.98 -63.90 55.17
C LEU D 110 31.90 -64.87 54.40
N ASP D 111 32.51 -64.42 53.29
CA ASP D 111 33.34 -65.33 52.47
C ASP D 111 34.68 -65.70 53.13
N TYR D 112 35.48 -64.70 53.50
CA TYR D 112 36.83 -64.95 54.01
C TYR D 112 37.08 -64.04 55.21
N TRP D 113 37.93 -64.48 56.14
CA TRP D 113 38.11 -63.80 57.43
C TRP D 113 39.58 -63.51 57.75
N GLY D 114 39.82 -62.49 58.58
CA GLY D 114 41.16 -62.15 59.04
C GLY D 114 41.60 -62.97 60.26
N GLN D 115 42.80 -62.65 60.81
CA GLN D 115 43.26 -63.50 61.93
C GLN D 115 42.55 -63.17 63.23
N GLY D 116 42.13 -61.92 63.42
CA GLY D 116 41.44 -61.51 64.64
C GLY D 116 42.26 -60.55 65.48
N THR D 117 41.57 -59.57 66.07
CA THR D 117 42.16 -58.49 66.86
C THR D 117 41.70 -58.59 68.31
N LEU D 118 42.66 -58.70 69.22
CA LEU D 118 42.38 -58.90 70.63
C LEU D 118 42.53 -57.59 71.41
N VAL D 119 41.44 -57.09 71.99
CA VAL D 119 41.55 -55.93 72.86
C VAL D 119 41.33 -56.44 74.28
N THR D 120 42.13 -55.93 75.22
CA THR D 120 42.06 -56.29 76.64
C THR D 120 42.47 -55.06 77.44
N VAL D 121 42.41 -55.21 78.78
CA VAL D 121 42.92 -54.21 79.72
C VAL D 121 44.40 -53.95 79.51
N SER D 122 45.17 -55.01 79.29
CA SER D 122 46.58 -54.91 78.95
C SER D 122 46.76 -55.65 77.63
N SER D 123 47.98 -56.06 77.30
CA SER D 123 48.38 -56.83 76.10
C SER D 123 47.32 -57.64 75.33
N GLU E 1 14.75 -58.53 64.09
CA GLU E 1 15.63 -59.37 64.88
C GLU E 1 15.29 -60.84 64.65
N ILE E 2 16.33 -61.68 64.48
CA ILE E 2 16.16 -63.12 64.33
C ILE E 2 17.03 -63.81 65.36
N VAL E 3 16.47 -64.85 65.98
CA VAL E 3 17.16 -65.64 66.99
C VAL E 3 17.51 -66.98 66.34
N LEU E 4 18.58 -67.62 66.83
CA LEU E 4 18.93 -68.96 66.38
C LEU E 4 19.35 -69.78 67.59
N THR E 5 18.86 -71.02 67.64
CA THR E 5 19.25 -71.99 68.66
C THR E 5 19.81 -73.24 68.02
N GLN E 6 21.09 -73.53 68.27
CA GLN E 6 21.63 -74.81 67.83
C GLN E 6 21.18 -75.91 68.78
N SER E 7 20.78 -77.05 68.21
CA SER E 7 20.19 -78.09 69.05
C SER E 7 21.27 -79.04 69.61
N PRO E 8 22.23 -79.61 68.80
CA PRO E 8 23.25 -80.47 69.43
C PRO E 8 24.36 -79.59 69.97
N GLY E 9 24.25 -79.12 71.22
CA GLY E 9 25.20 -78.15 71.75
C GLY E 9 26.65 -78.59 71.81
N THR E 10 26.90 -79.86 72.16
CA THR E 10 28.29 -80.29 72.38
C THR E 10 28.43 -81.80 72.19
N LEU E 11 29.50 -82.22 71.50
CA LEU E 11 29.89 -83.63 71.38
C LEU E 11 31.24 -83.78 72.09
N SER E 12 31.24 -84.45 73.23
CA SER E 12 32.45 -84.56 74.05
C SER E 12 33.53 -85.43 73.42
N LEU E 13 33.15 -86.54 72.80
CA LEU E 13 34.07 -87.56 72.31
C LEU E 13 33.77 -87.87 70.86
N SER E 14 34.76 -88.51 70.18
CA SER E 14 34.72 -88.92 68.78
C SER E 14 34.20 -90.32 68.45
N PRO E 15 32.91 -90.56 68.16
CA PRO E 15 32.53 -91.88 67.63
C PRO E 15 32.59 -91.96 66.12
N GLY E 16 32.84 -90.85 65.44
CA GLY E 16 32.90 -90.75 63.99
C GLY E 16 31.61 -90.85 63.21
N GLU E 17 30.45 -90.97 63.85
CA GLU E 17 29.20 -91.09 63.09
C GLU E 17 28.81 -89.72 62.56
N ARG E 18 27.99 -89.73 61.51
CA ARG E 18 27.46 -88.49 60.95
C ARG E 18 26.60 -87.78 61.99
N ALA E 19 26.74 -86.46 62.07
CA ALA E 19 25.97 -85.66 63.01
C ALA E 19 25.08 -84.69 62.25
N THR E 20 23.81 -84.61 62.67
CA THR E 20 22.80 -83.75 62.03
C THR E 20 22.62 -82.48 62.85
N LEU E 21 23.60 -81.59 62.68
CA LEU E 21 23.63 -80.29 63.34
C LEU E 21 22.44 -79.43 62.92
N SER E 22 21.84 -78.74 63.89
CA SER E 22 20.60 -78.03 63.61
C SER E 22 20.59 -76.59 64.10
N CYS E 23 19.74 -75.79 63.46
CA CYS E 23 19.49 -74.39 63.79
C CYS E 23 17.99 -74.15 63.60
N ARG E 24 17.39 -73.39 64.51
CA ARG E 24 15.97 -73.02 64.39
C ARG E 24 15.80 -71.55 64.71
N ALA E 25 14.82 -70.92 64.08
CA ALA E 25 14.64 -69.48 64.18
C ALA E 25 13.19 -69.12 64.51
N SER E 26 13.03 -67.99 65.20
CA SER E 26 11.72 -67.54 65.66
C SER E 26 10.80 -67.27 64.47
N GLN E 27 11.31 -66.55 63.47
CA GLN E 27 10.64 -66.37 62.20
C GLN E 27 11.41 -67.18 61.18
N SER E 28 10.67 -67.91 60.33
CA SER E 28 11.25 -68.85 59.38
C SER E 28 12.25 -68.15 58.46
N VAL E 29 13.38 -68.82 58.23
CA VAL E 29 14.40 -68.29 57.32
C VAL E 29 13.79 -68.07 55.95
N SER E 30 13.93 -66.85 55.44
CA SER E 30 13.28 -66.47 54.20
C SER E 30 14.28 -66.55 53.07
N GLY E 31 13.90 -67.27 52.01
CA GLY E 31 14.72 -67.38 50.81
C GLY E 31 16.05 -68.05 51.09
N SER E 32 16.09 -68.93 52.09
CA SER E 32 17.28 -69.63 52.57
C SER E 32 18.46 -68.69 52.75
N TYR E 33 18.26 -67.59 53.48
CA TYR E 33 19.40 -66.74 53.80
C TYR E 33 20.15 -67.17 55.05
N LEU E 34 20.73 -68.36 54.99
CA LEU E 34 21.44 -68.94 56.12
C LEU E 34 22.80 -69.41 55.61
N ALA E 35 23.76 -69.51 56.52
CA ALA E 35 25.10 -69.97 56.20
C ALA E 35 25.65 -70.75 57.37
N TRP E 36 26.65 -71.59 57.11
CA TRP E 36 27.33 -72.29 58.18
C TRP E 36 28.79 -71.86 58.16
N TYR E 37 29.48 -72.05 59.29
CA TYR E 37 30.85 -71.60 59.42
C TYR E 37 31.69 -72.61 60.19
N GLN E 38 32.95 -72.76 59.78
CA GLN E 38 33.91 -73.64 60.44
C GLN E 38 34.93 -72.79 61.18
N GLN E 39 34.88 -72.81 62.51
CA GLN E 39 35.81 -72.08 63.36
C GLN E 39 36.71 -73.08 64.09
N LYS E 40 37.83 -73.44 63.45
CA LYS E 40 38.79 -74.33 64.09
C LYS E 40 39.43 -73.59 65.26
N PRO E 41 39.85 -74.32 66.31
CA PRO E 41 40.40 -73.65 67.51
C PRO E 41 41.61 -72.78 67.19
N GLY E 42 41.61 -71.58 67.74
CA GLY E 42 42.75 -70.69 67.56
C GLY E 42 42.74 -69.98 66.24
N GLN E 43 41.65 -70.04 65.47
CA GLN E 43 41.57 -69.53 64.11
C GLN E 43 40.19 -68.93 63.87
N ALA E 44 40.08 -68.24 62.74
CA ALA E 44 38.86 -67.55 62.34
C ALA E 44 37.87 -68.51 61.71
N PRO E 45 36.58 -68.17 61.73
CA PRO E 45 35.60 -69.02 61.04
C PRO E 45 35.82 -69.01 59.55
N SER E 46 35.52 -70.14 58.93
CA SER E 46 35.60 -70.33 57.49
C SER E 46 34.21 -70.72 57.01
N LEU E 47 33.76 -70.08 55.92
CA LEU E 47 32.47 -70.40 55.32
C LEU E 47 32.40 -71.88 54.94
N LEU E 48 31.29 -72.52 55.28
CA LEU E 48 31.09 -73.92 54.92
C LEU E 48 29.98 -74.13 53.92
N ILE E 49 28.95 -73.27 53.93
CA ILE E 49 27.79 -73.45 53.07
C ILE E 49 27.09 -72.10 53.02
N TYR E 50 26.31 -71.89 51.96
CA TYR E 50 25.47 -70.71 51.87
C TYR E 50 24.14 -71.14 51.28
N GLY E 51 23.20 -70.20 51.20
CA GLY E 51 21.85 -70.52 50.78
C GLY E 51 21.26 -71.54 51.74
N ALA E 52 20.67 -72.60 51.19
CA ALA E 52 20.28 -73.72 52.03
C ALA E 52 21.32 -74.84 51.96
N SER E 53 21.64 -75.29 50.75
CA SER E 53 22.53 -76.42 50.56
C SER E 53 23.76 -76.13 49.70
N SER E 54 23.90 -74.92 49.14
CA SER E 54 25.00 -74.61 48.22
C SER E 54 26.35 -74.74 48.91
N ARG E 55 27.25 -75.53 48.34
CA ARG E 55 28.52 -75.82 49.00
C ARG E 55 29.50 -74.68 48.79
N ALA E 56 30.74 -74.87 49.23
CA ALA E 56 31.72 -73.80 49.21
C ALA E 56 32.98 -74.24 48.49
N THR E 57 33.75 -73.25 48.02
CA THR E 57 35.02 -73.51 47.37
C THR E 57 36.07 -74.02 48.36
N GLY E 58 36.66 -75.16 48.05
CA GLY E 58 37.66 -75.81 48.87
C GLY E 58 37.12 -76.62 50.04
N ILE E 59 35.81 -76.67 50.20
CA ILE E 59 35.15 -77.48 51.22
C ILE E 59 34.48 -78.65 50.54
N PRO E 60 34.79 -79.90 50.93
CA PRO E 60 34.27 -81.08 50.24
C PRO E 60 32.75 -81.18 50.36
N ASP E 61 32.15 -81.82 49.35
CA ASP E 61 30.69 -81.94 49.31
C ASP E 61 30.15 -82.95 50.32
N ARG E 62 31.04 -83.59 51.11
CA ARG E 62 30.60 -84.40 52.24
C ARG E 62 29.77 -83.55 53.20
N PHE E 63 30.17 -82.28 53.38
CA PHE E 63 29.38 -81.35 54.17
C PHE E 63 28.13 -81.01 53.38
N SER E 64 26.97 -81.40 53.89
CA SER E 64 25.74 -81.22 53.13
C SER E 64 24.65 -80.57 53.97
N GLY E 65 24.12 -79.47 53.47
CA GLY E 65 22.96 -78.86 54.10
C GLY E 65 21.69 -79.57 53.69
N SER E 66 20.68 -79.51 54.54
CA SER E 66 19.38 -80.06 54.16
C SER E 66 18.30 -79.31 54.95
N GLY E 67 18.03 -78.07 54.54
CA GLY E 67 17.06 -77.26 55.25
C GLY E 67 16.10 -76.57 54.31
N SER E 68 14.98 -76.18 54.90
CA SER E 68 13.95 -75.34 54.29
C SER E 68 13.18 -74.76 55.45
N GLY E 69 12.48 -73.66 55.19
CA GLY E 69 11.67 -73.00 56.21
C GLY E 69 12.57 -72.60 57.36
N THR E 70 12.43 -73.29 58.49
CA THR E 70 13.38 -73.16 59.60
C THR E 70 14.58 -74.04 59.26
N ASP E 71 15.50 -73.50 58.45
CA ASP E 71 16.68 -74.21 57.93
C ASP E 71 17.48 -74.84 59.05
N PHE E 72 17.67 -76.18 58.99
CA PHE E 72 18.16 -76.85 60.18
C PHE E 72 19.14 -78.01 59.97
N THR E 73 19.80 -78.16 58.83
CA THR E 73 20.66 -79.33 58.75
C THR E 73 22.04 -79.02 58.17
N LEU E 74 23.07 -79.56 58.84
CA LEU E 74 24.42 -79.64 58.30
C LEU E 74 24.90 -81.06 58.57
N THR E 75 25.13 -81.83 57.51
CA THR E 75 25.49 -83.24 57.62
C THR E 75 26.88 -83.44 57.03
N ILE E 76 27.57 -84.46 57.52
CA ILE E 76 28.88 -84.84 57.02
C ILE E 76 28.86 -86.35 56.79
N SER E 77 29.56 -86.80 55.73
CA SER E 77 29.55 -88.23 55.40
C SER E 77 30.18 -89.08 56.50
N ARG E 78 31.32 -88.62 57.02
CA ARG E 78 31.99 -89.28 58.13
C ARG E 78 32.65 -88.18 58.94
N LEU E 79 32.77 -88.39 60.24
CA LEU E 79 33.29 -87.35 61.13
C LEU E 79 34.78 -87.56 61.34
N GLU E 80 35.60 -86.73 60.68
CA GLU E 80 37.05 -86.79 60.85
C GLU E 80 37.45 -86.26 62.22
N PRO E 81 38.44 -86.87 62.88
CA PRO E 81 38.95 -86.31 64.15
C PRO E 81 39.48 -84.88 64.04
N GLU E 82 40.28 -84.59 63.02
CA GLU E 82 40.80 -83.24 62.81
C GLU E 82 39.68 -82.25 62.59
N ASP E 83 38.64 -82.67 61.86
CA ASP E 83 37.50 -81.85 61.49
C ASP E 83 36.45 -81.81 62.61
N PHE E 84 36.83 -81.11 63.69
CA PHE E 84 36.01 -80.91 64.91
C PHE E 84 35.96 -79.44 65.30
N ALA E 85 35.39 -78.60 64.46
CA ALA E 85 35.37 -77.19 64.76
C ALA E 85 33.96 -76.82 65.21
N VAL E 86 33.88 -75.81 66.09
CA VAL E 86 32.58 -75.24 66.43
C VAL E 86 31.93 -74.74 65.15
N TYR E 87 30.69 -75.13 64.95
CA TYR E 87 29.99 -74.80 63.73
C TYR E 87 28.89 -73.80 64.04
N TYR E 88 28.88 -72.69 63.31
CA TYR E 88 27.98 -71.59 63.58
C TYR E 88 27.00 -71.43 62.43
N CYS E 89 25.90 -70.76 62.72
CA CYS E 89 24.87 -70.44 61.75
C CYS E 89 24.80 -68.92 61.73
N GLN E 90 24.31 -68.37 60.62
CA GLN E 90 24.12 -66.92 60.57
C GLN E 90 23.13 -66.58 59.49
N GLN E 91 22.17 -65.77 59.86
CA GLN E 91 21.18 -65.26 58.94
C GLN E 91 21.67 -63.94 58.37
N TYR E 92 21.49 -63.75 57.07
CA TYR E 92 21.81 -62.47 56.45
C TYR E 92 20.58 -61.65 56.07
N VAL E 93 19.44 -61.85 56.76
CA VAL E 93 18.22 -61.09 56.50
C VAL E 93 18.46 -59.72 57.16
N ASN E 94 17.50 -58.80 57.05
CA ASN E 94 17.61 -57.41 57.54
C ASN E 94 17.83 -57.31 59.05
N SER E 95 17.66 -58.41 59.79
CA SER E 95 17.87 -58.50 61.23
C SER E 95 19.36 -58.29 61.54
N PRO E 96 19.75 -58.11 62.82
CA PRO E 96 21.18 -57.80 63.12
C PRO E 96 22.22 -58.81 62.67
N ARG E 97 21.83 -60.04 62.27
CA ARG E 97 22.68 -61.10 61.71
C ARG E 97 23.45 -61.85 62.78
N THR E 98 23.03 -61.71 64.04
CA THR E 98 23.66 -62.39 65.17
C THR E 98 23.67 -63.90 64.96
N PHE E 99 24.88 -64.45 64.91
CA PHE E 99 25.14 -65.88 64.81
C PHE E 99 24.45 -66.71 65.90
N GLY E 100 24.30 -68.01 65.66
CA GLY E 100 23.93 -68.93 66.71
C GLY E 100 24.98 -69.08 67.81
N GLN E 101 24.73 -69.95 68.77
CA GLN E 101 25.65 -70.06 69.90
C GLN E 101 26.72 -71.11 69.71
N GLY E 102 26.70 -71.83 68.58
CA GLY E 102 27.74 -72.81 68.31
C GLY E 102 27.30 -74.20 68.68
N THR E 103 27.55 -75.18 67.81
CA THR E 103 27.08 -76.53 68.05
C THR E 103 28.18 -77.55 68.32
N LYS E 104 29.46 -77.21 68.13
CA LYS E 104 30.51 -78.17 68.47
C LYS E 104 31.59 -77.43 69.29
N LEU E 105 31.24 -77.06 70.50
CA LEU E 105 32.16 -76.41 71.43
C LEU E 105 32.48 -77.39 72.54
N GLU E 106 33.76 -77.74 72.67
CA GLU E 106 34.20 -78.72 73.65
C GLU E 106 33.97 -78.24 75.08
N VAL F 2 -46.46 -45.88 16.91
CA VAL F 2 -46.34 -47.34 16.85
C VAL F 2 -47.71 -48.02 16.94
N GLN F 3 -48.61 -47.47 17.76
CA GLN F 3 -49.99 -47.93 17.85
C GLN F 3 -50.91 -46.72 17.71
N LEU F 4 -51.88 -46.82 16.81
CA LEU F 4 -52.78 -45.71 16.50
C LEU F 4 -54.24 -46.14 16.61
N VAL F 5 -54.64 -46.54 17.82
CA VAL F 5 -56.02 -46.99 18.05
C VAL F 5 -56.97 -45.82 17.83
N GLN F 6 -58.00 -46.04 17.00
CA GLN F 6 -58.88 -44.95 16.61
C GLN F 6 -60.33 -45.21 17.00
N SER F 7 -61.24 -44.45 16.41
CA SER F 7 -62.66 -44.52 16.72
C SER F 7 -63.25 -45.83 16.22
N GLY F 8 -64.30 -46.29 16.89
CA GLY F 8 -64.92 -47.57 16.58
C GLY F 8 -66.02 -47.51 15.54
N ALA F 9 -67.28 -47.37 15.97
CA ALA F 9 -68.39 -47.37 15.04
C ALA F 9 -69.41 -46.33 15.46
N GLU F 10 -69.92 -45.60 14.46
CA GLU F 10 -70.77 -44.43 14.66
C GLU F 10 -72.21 -44.74 14.29
N VAL F 11 -73.12 -44.63 15.26
CA VAL F 11 -74.55 -44.75 14.97
C VAL F 11 -75.05 -43.36 14.57
N LYS F 12 -74.70 -42.91 13.38
CA LYS F 12 -75.05 -41.56 12.96
C LYS F 12 -76.18 -41.55 11.94
N LYS F 13 -77.33 -41.03 12.34
CA LYS F 13 -78.50 -40.91 11.47
C LYS F 13 -78.14 -39.94 10.33
N PRO F 14 -78.64 -40.16 9.09
CA PRO F 14 -78.23 -39.33 7.95
C PRO F 14 -78.39 -37.83 8.18
N GLY F 15 -77.33 -37.10 7.83
CA GLY F 15 -77.27 -35.67 8.03
C GLY F 15 -76.62 -35.25 9.34
N SER F 16 -76.33 -36.19 10.23
CA SER F 16 -75.77 -35.92 11.55
C SER F 16 -74.25 -36.05 11.51
N SER F 17 -73.56 -35.04 12.01
CA SER F 17 -72.10 -34.97 11.92
C SER F 17 -71.45 -35.91 12.93
N VAL F 18 -70.18 -36.24 12.68
CA VAL F 18 -69.42 -37.12 13.56
C VAL F 18 -67.96 -36.71 13.53
N LYS F 19 -67.25 -36.96 14.64
CA LYS F 19 -65.83 -36.71 14.74
C LYS F 19 -65.11 -38.00 15.15
N VAL F 20 -63.98 -38.28 14.50
CA VAL F 20 -63.19 -39.49 14.71
C VAL F 20 -62.09 -39.14 15.69
N SER F 21 -61.58 -40.12 16.45
CA SER F 21 -60.47 -39.89 17.38
C SER F 21 -59.33 -40.92 17.19
N CYS F 22 -58.49 -40.73 16.18
CA CYS F 22 -57.29 -41.55 16.07
C CYS F 22 -56.28 -41.10 17.11
N LYS F 23 -55.72 -42.05 17.87
CA LYS F 23 -54.86 -41.71 18.99
C LYS F 23 -53.40 -42.00 18.65
N ALA F 24 -52.58 -40.95 18.62
CA ALA F 24 -51.16 -41.11 18.32
C ALA F 24 -50.39 -41.48 19.58
N SER F 25 -49.44 -42.39 19.43
CA SER F 25 -48.53 -42.75 20.50
C SER F 25 -47.49 -41.66 20.68
N GLY F 26 -46.75 -41.74 21.80
CA GLY F 26 -45.77 -40.71 22.11
C GLY F 26 -44.71 -40.64 21.02
N GLY F 27 -44.44 -39.43 20.54
CA GLY F 27 -43.46 -39.23 19.51
C GLY F 27 -43.98 -39.46 18.10
N THR F 28 -45.22 -39.95 17.95
CA THR F 28 -45.81 -40.09 16.62
C THR F 28 -46.09 -38.72 16.01
N PHE F 29 -46.63 -37.80 16.79
CA PHE F 29 -47.00 -36.49 16.25
C PHE F 29 -45.74 -35.68 16.05
N ASN F 30 -45.87 -34.61 15.26
CA ASN F 30 -44.83 -33.66 14.82
C ASN F 30 -43.84 -34.35 13.89
N THR F 31 -43.28 -35.49 14.29
CA THR F 31 -42.27 -36.13 13.48
C THR F 31 -42.86 -36.85 12.27
N TYR F 32 -44.15 -37.20 12.31
CA TYR F 32 -44.83 -37.82 11.18
C TYR F 32 -46.23 -37.22 11.01
N ALA F 33 -46.59 -36.89 9.77
CA ALA F 33 -47.94 -36.44 9.47
C ALA F 33 -48.91 -37.62 9.56
N ILE F 34 -50.20 -37.32 9.65
CA ILE F 34 -51.25 -38.34 9.74
C ILE F 34 -52.16 -38.22 8.53
N ASN F 35 -52.47 -39.36 7.89
CA ASN F 35 -53.22 -39.40 6.64
C ASN F 35 -54.52 -40.15 6.85
N TRP F 36 -55.57 -39.73 6.12
CA TRP F 36 -56.88 -40.34 6.20
C TRP F 36 -57.31 -40.97 4.89
N VAL F 37 -57.78 -42.22 4.95
CA VAL F 37 -58.17 -43.00 3.78
C VAL F 37 -59.59 -43.53 4.03
N ARG F 38 -60.48 -43.33 3.05
CA ARG F 38 -61.90 -43.65 3.24
C ARG F 38 -62.19 -45.15 3.35
N GLN F 39 -61.59 -45.97 2.48
CA GLN F 39 -61.86 -47.43 2.40
C GLN F 39 -63.36 -47.75 2.36
N ALA F 40 -64.02 -47.26 1.30
CA ALA F 40 -65.46 -47.41 1.17
C ALA F 40 -65.84 -48.90 1.11
N PRO F 41 -67.05 -49.26 1.58
CA PRO F 41 -67.43 -50.68 1.68
C PRO F 41 -67.41 -51.41 0.34
N GLY F 42 -66.79 -52.58 0.33
CA GLY F 42 -66.63 -53.37 -0.88
C GLY F 42 -65.99 -52.63 -2.04
N GLN F 43 -64.96 -51.84 -1.75
CA GLN F 43 -64.37 -50.96 -2.75
C GLN F 43 -62.93 -50.68 -2.30
N GLY F 44 -62.23 -49.81 -3.03
CA GLY F 44 -60.82 -49.58 -2.83
C GLY F 44 -60.54 -48.50 -1.80
N LEU F 45 -59.28 -48.08 -1.76
CA LEU F 45 -58.79 -47.11 -0.79
C LEU F 45 -58.62 -45.77 -1.49
N GLU F 46 -59.24 -44.72 -0.96
CA GLU F 46 -59.15 -43.39 -1.55
C GLU F 46 -58.64 -42.43 -0.48
N TRP F 47 -57.53 -41.76 -0.79
CA TRP F 47 -56.93 -40.78 0.12
C TRP F 47 -57.87 -39.60 0.32
N MET F 48 -57.97 -39.13 1.56
CA MET F 48 -58.78 -37.96 1.87
C MET F 48 -57.97 -36.73 2.24
N GLY F 49 -56.73 -36.89 2.64
CA GLY F 49 -55.86 -35.76 2.91
C GLY F 49 -54.92 -36.08 4.05
N ARG F 50 -54.18 -35.05 4.48
CA ARG F 50 -53.19 -35.20 5.53
C ARG F 50 -53.30 -34.09 6.54
N ILE F 51 -52.96 -34.42 7.79
CA ILE F 51 -52.83 -33.45 8.87
C ILE F 51 -51.38 -33.42 9.34
N ILE F 52 -50.76 -32.26 9.24
CA ILE F 52 -49.44 -31.96 9.77
C ILE F 52 -49.67 -31.40 11.18
N PRO F 53 -49.47 -32.19 12.24
CA PRO F 53 -49.86 -31.71 13.58
C PRO F 53 -49.11 -30.49 14.10
N MET F 54 -47.77 -30.48 14.03
CA MET F 54 -46.97 -29.38 14.57
C MET F 54 -47.34 -28.03 13.96
N PHE F 55 -47.69 -28.00 12.67
CA PHE F 55 -47.98 -26.76 11.98
C PHE F 55 -49.46 -26.64 11.63
N GLY F 56 -50.30 -27.59 12.06
CA GLY F 56 -51.74 -27.57 11.84
C GLY F 56 -52.20 -27.53 10.40
N ILE F 57 -51.31 -27.82 9.45
CA ILE F 57 -51.61 -27.73 8.04
C ILE F 57 -52.40 -28.95 7.59
N ALA F 58 -53.59 -28.71 7.04
CA ALA F 58 -54.40 -29.79 6.47
C ALA F 58 -54.78 -29.44 5.04
N ASN F 59 -54.47 -30.35 4.12
CA ASN F 59 -54.81 -30.21 2.71
C ASN F 59 -55.55 -31.48 2.28
N TYR F 60 -56.76 -31.32 1.78
CA TYR F 60 -57.62 -32.47 1.53
C TYR F 60 -57.68 -32.79 0.04
N ALA F 61 -58.13 -34.01 -0.24
CA ALA F 61 -58.37 -34.43 -1.62
C ALA F 61 -59.57 -33.67 -2.18
N GLN F 62 -59.60 -33.52 -3.51
CA GLN F 62 -60.62 -32.70 -4.17
C GLN F 62 -62.03 -33.23 -3.93
N LYS F 63 -62.20 -34.56 -3.96
CA LYS F 63 -63.51 -35.17 -3.78
C LYS F 63 -64.08 -34.84 -2.40
N PHE F 64 -63.21 -34.82 -1.40
CA PHE F 64 -63.58 -34.61 -0.02
C PHE F 64 -63.55 -33.14 0.40
N GLN F 65 -63.30 -32.20 -0.51
CA GLN F 65 -63.13 -30.81 -0.11
C GLN F 65 -64.47 -30.18 0.25
N GLY F 66 -64.47 -29.40 1.32
CA GLY F 66 -65.69 -28.82 1.86
C GLY F 66 -66.59 -29.78 2.61
N THR F 67 -66.27 -31.08 2.64
CA THR F 67 -67.12 -32.08 3.25
C THR F 67 -66.50 -32.68 4.50
N VAL F 68 -65.19 -32.52 4.71
CA VAL F 68 -64.52 -33.14 5.85
C VAL F 68 -63.53 -32.12 6.42
N THR F 69 -63.34 -32.17 7.74
CA THR F 69 -62.42 -31.28 8.44
C THR F 69 -61.42 -32.12 9.22
N PHE F 70 -60.13 -31.82 9.07
CA PHE F 70 -59.08 -32.54 9.79
C PHE F 70 -58.57 -31.66 10.91
N THR F 71 -58.54 -32.20 12.12
CA THR F 71 -58.00 -31.49 13.27
C THR F 71 -57.14 -32.45 14.07
N ALA F 72 -56.09 -31.91 14.70
CA ALA F 72 -55.27 -32.73 15.57
C ALA F 72 -54.91 -31.93 16.81
N ASP F 73 -54.82 -32.63 17.93
CA ASP F 73 -54.57 -32.01 19.22
C ASP F 73 -53.12 -32.26 19.60
N LYS F 74 -52.33 -31.18 19.68
CA LYS F 74 -50.91 -31.29 19.98
C LYS F 74 -50.71 -31.88 21.37
N SER F 75 -51.48 -31.39 22.34
CA SER F 75 -51.54 -32.01 23.65
C SER F 75 -52.56 -33.12 23.56
N THR F 76 -52.23 -34.28 24.16
CA THR F 76 -52.90 -35.58 24.22
C THR F 76 -52.61 -36.41 22.97
N SER F 77 -51.94 -35.83 21.95
CA SER F 77 -51.48 -36.50 20.73
C SER F 77 -52.58 -37.34 20.06
N THR F 78 -53.70 -36.68 19.75
CA THR F 78 -54.84 -37.37 19.20
C THR F 78 -55.23 -36.72 17.89
N ALA F 79 -55.59 -37.54 16.90
CA ALA F 79 -55.96 -37.09 15.56
C ALA F 79 -57.47 -37.17 15.41
N TYR F 80 -58.05 -36.14 14.83
CA TYR F 80 -59.50 -36.05 14.70
C TYR F 80 -59.91 -35.75 13.27
N MET F 81 -61.01 -36.35 12.84
CA MET F 81 -61.57 -36.04 11.54
C MET F 81 -63.07 -35.82 11.69
N GLU F 82 -63.57 -34.71 11.15
CA GLU F 82 -64.97 -34.33 11.27
C GLU F 82 -65.68 -34.49 9.93
N LEU F 83 -66.81 -35.16 9.94
CA LEU F 83 -67.66 -35.31 8.76
C LEU F 83 -68.77 -34.27 8.86
N SER F 84 -68.95 -33.46 7.80
CA SER F 84 -69.89 -32.33 7.85
C SER F 84 -71.32 -32.79 8.12
N SER F 85 -71.74 -33.87 7.45
CA SER F 85 -73.03 -34.51 7.65
C SER F 85 -72.92 -35.88 7.02
N LEU F 86 -73.85 -36.77 7.35
CA LEU F 86 -73.81 -38.10 6.75
C LEU F 86 -74.63 -38.06 5.46
N ARG F 87 -73.94 -37.93 4.34
CA ARG F 87 -74.53 -38.16 3.04
C ARG F 87 -74.64 -39.68 2.87
N TYR F 88 -75.53 -40.14 1.97
CA TYR F 88 -75.80 -41.57 1.87
C TYR F 88 -74.56 -42.37 1.44
N GLU F 89 -73.75 -41.82 0.53
CA GLU F 89 -72.55 -42.54 0.11
C GLU F 89 -71.41 -42.44 1.12
N ASP F 90 -71.52 -41.57 2.13
CA ASP F 90 -70.43 -41.34 3.08
C ASP F 90 -70.14 -42.53 3.99
N THR F 91 -70.99 -43.57 3.97
CA THR F 91 -70.73 -44.81 4.70
C THR F 91 -69.41 -45.40 4.25
N ALA F 92 -68.58 -45.81 5.22
CA ALA F 92 -67.19 -46.24 4.98
C ALA F 92 -66.48 -46.73 6.22
N VAL F 93 -65.20 -47.09 6.07
CA VAL F 93 -64.35 -47.50 7.19
C VAL F 93 -63.08 -46.66 7.11
N TYR F 94 -63.14 -45.46 7.69
CA TYR F 94 -62.04 -44.51 7.63
C TYR F 94 -60.80 -45.03 8.36
N TYR F 95 -59.63 -44.71 7.81
CA TYR F 95 -58.36 -45.23 8.30
C TYR F 95 -57.38 -44.09 8.53
N CYS F 96 -56.57 -44.21 9.58
CA CYS F 96 -55.59 -43.19 9.92
C CYS F 96 -54.21 -43.84 9.89
N ALA F 97 -53.24 -43.15 9.31
CA ALA F 97 -51.91 -43.71 9.17
C ALA F 97 -50.88 -42.60 9.22
N ARG F 98 -49.66 -42.94 9.65
CA ARG F 98 -48.63 -41.94 9.87
C ARG F 98 -47.56 -42.01 8.80
N SER F 99 -47.25 -40.85 8.22
CA SER F 99 -46.18 -40.71 7.25
C SER F 99 -45.27 -39.54 7.60
N ALA F 100 -43.96 -39.77 7.56
CA ALA F 100 -43.01 -38.71 7.88
C ALA F 100 -43.06 -37.63 6.82
N TYR F 101 -43.12 -36.36 7.23
CA TYR F 101 -43.34 -35.31 6.26
C TYR F 101 -42.16 -34.36 6.14
N TYR F 102 -41.07 -34.59 6.85
CA TYR F 102 -39.95 -33.66 6.84
C TYR F 102 -39.22 -33.55 5.49
N SER F 103 -39.52 -34.42 4.51
CA SER F 103 -38.91 -34.50 3.18
C SER F 103 -37.40 -34.78 3.19
N GLU F 104 -36.81 -35.05 4.37
CA GLU F 104 -35.39 -35.38 4.48
C GLU F 104 -35.03 -36.65 3.73
N SER F 105 -35.89 -37.63 3.78
CA SER F 105 -35.72 -38.93 3.17
C SER F 105 -37.00 -39.23 2.44
N SER F 106 -36.92 -40.21 1.55
CA SER F 106 -38.11 -40.68 0.89
C SER F 106 -39.09 -41.15 1.95
N GLY F 107 -40.29 -40.63 1.87
CA GLY F 107 -41.34 -40.92 2.84
C GLY F 107 -42.59 -40.83 2.05
N TYR F 108 -43.65 -40.25 2.65
CA TYR F 108 -44.94 -39.96 2.00
C TYR F 108 -45.71 -41.23 1.68
N TYR F 109 -45.16 -42.37 2.03
CA TYR F 109 -45.77 -43.68 2.02
C TYR F 109 -46.29 -43.95 3.41
N LEU F 110 -47.62 -44.04 3.52
CA LEU F 110 -48.28 -44.38 4.78
C LEU F 110 -47.64 -45.65 5.32
N ASP F 111 -47.34 -45.69 6.61
CA ASP F 111 -46.61 -46.83 7.14
C ASP F 111 -47.47 -47.71 8.04
N TYR F 112 -47.81 -47.24 9.23
CA TYR F 112 -48.59 -48.03 10.16
C TYR F 112 -50.01 -47.47 10.17
N TRP F 113 -50.99 -48.33 10.43
CA TRP F 113 -52.39 -47.94 10.27
C TRP F 113 -53.20 -48.27 11.53
N GLY F 114 -54.28 -47.50 11.72
CA GLY F 114 -55.22 -47.76 12.80
C GLY F 114 -56.24 -48.83 12.45
N GLN F 115 -57.00 -49.27 13.46
CA GLN F 115 -57.95 -50.38 13.29
C GLN F 115 -59.03 -50.05 12.25
N GLY F 116 -59.55 -48.82 12.27
CA GLY F 116 -60.58 -48.39 11.35
C GLY F 116 -61.83 -47.85 12.01
N THR F 117 -62.37 -46.76 11.47
CA THR F 117 -63.56 -46.12 12.01
C THR F 117 -64.71 -46.36 11.04
N LEU F 118 -65.70 -47.14 11.47
CA LEU F 118 -66.87 -47.42 10.66
C LEU F 118 -67.97 -46.38 10.88
N VAL F 119 -68.58 -45.94 9.79
CA VAL F 119 -69.69 -45.00 9.84
C VAL F 119 -70.75 -45.54 8.89
N THR F 120 -72.02 -45.27 9.21
CA THR F 120 -73.23 -45.76 8.54
C THR F 120 -74.42 -44.93 9.02
N VAL F 121 -75.59 -45.25 8.45
CA VAL F 121 -76.87 -44.69 8.87
C VAL F 121 -77.18 -45.02 10.32
N SER F 122 -76.89 -46.26 10.73
CA SER F 122 -77.01 -46.67 12.12
C SER F 122 -75.65 -47.21 12.52
N SER F 123 -75.60 -48.02 13.58
CA SER F 123 -74.39 -48.70 14.14
C SER F 123 -73.16 -48.89 13.23
N GLU G 1 -55.99 -35.78 -11.52
CA GLU G 1 -55.97 -37.17 -11.05
C GLU G 1 -55.11 -38.03 -11.95
N ILE G 2 -54.19 -38.78 -11.37
CA ILE G 2 -53.38 -39.74 -12.14
C ILE G 2 -53.83 -41.14 -11.74
N VAL G 3 -54.35 -41.88 -12.69
CA VAL G 3 -54.94 -43.19 -12.44
C VAL G 3 -53.92 -44.32 -12.47
N LEU G 4 -54.19 -45.34 -11.67
CA LEU G 4 -53.39 -46.55 -11.56
C LEU G 4 -54.31 -47.72 -11.86
N THR G 5 -53.80 -48.72 -12.57
CA THR G 5 -54.56 -49.92 -12.94
C THR G 5 -53.84 -51.21 -12.58
N GLN G 6 -54.20 -51.85 -11.45
CA GLN G 6 -53.67 -53.19 -11.21
C GLN G 6 -54.15 -54.15 -12.30
N SER G 7 -53.22 -54.90 -12.88
CA SER G 7 -53.58 -55.72 -14.04
C SER G 7 -54.11 -57.10 -13.65
N PRO G 8 -53.41 -57.95 -12.81
CA PRO G 8 -54.03 -59.23 -12.44
C PRO G 8 -55.13 -59.02 -11.42
N GLY G 9 -56.35 -58.76 -11.89
CA GLY G 9 -57.42 -58.39 -10.99
C GLY G 9 -57.79 -59.44 -9.95
N THR G 10 -57.71 -60.72 -10.29
CA THR G 10 -58.13 -61.79 -9.37
C THR G 10 -57.06 -62.89 -9.29
N LEU G 11 -55.84 -62.54 -8.89
CA LEU G 11 -54.76 -63.53 -8.88
C LEU G 11 -54.89 -64.59 -7.77
N SER G 12 -55.36 -64.25 -6.56
CA SER G 12 -55.29 -65.22 -5.45
C SER G 12 -56.36 -66.29 -5.54
N LEU G 13 -56.09 -67.29 -6.35
CA LEU G 13 -56.98 -68.43 -6.54
C LEU G 13 -56.39 -69.63 -5.81
N SER G 14 -55.61 -69.33 -4.75
CA SER G 14 -54.78 -70.25 -3.96
C SER G 14 -53.73 -70.94 -4.84
N PRO G 15 -53.06 -70.28 -5.80
CA PRO G 15 -52.17 -71.02 -6.70
C PRO G 15 -50.88 -71.54 -6.07
N GLY G 16 -50.52 -71.07 -4.88
CA GLY G 16 -49.24 -71.43 -4.24
C GLY G 16 -48.04 -71.23 -5.15
N GLU G 17 -48.03 -70.12 -5.89
CA GLU G 17 -46.99 -69.85 -6.89
C GLU G 17 -46.63 -68.38 -6.85
N ARG G 18 -45.48 -68.06 -7.45
CA ARG G 18 -45.03 -66.68 -7.54
C ARG G 18 -46.02 -65.83 -8.33
N ALA G 19 -46.32 -64.65 -7.80
CA ALA G 19 -47.26 -63.75 -8.43
C ALA G 19 -46.54 -62.64 -9.19
N THR G 20 -47.20 -62.13 -10.23
CA THR G 20 -46.70 -61.02 -11.03
C THR G 20 -47.54 -59.73 -10.96
N LEU G 21 -47.81 -59.26 -9.74
CA LEU G 21 -48.68 -58.10 -9.50
C LEU G 21 -48.20 -56.85 -10.24
N SER G 22 -49.12 -56.18 -10.92
CA SER G 22 -48.75 -55.06 -11.76
C SER G 22 -49.55 -53.81 -11.44
N CYS G 23 -49.02 -52.68 -11.89
CA CYS G 23 -49.65 -51.36 -11.79
C CYS G 23 -49.12 -50.52 -12.95
N ARG G 24 -50.00 -49.75 -13.59
CA ARG G 24 -49.57 -48.84 -14.65
C ARG G 24 -50.26 -47.50 -14.47
N ALA G 25 -49.58 -46.43 -14.86
CA ALA G 25 -50.04 -45.08 -14.62
C ALA G 25 -49.99 -44.28 -15.90
N SER G 26 -50.88 -43.28 -16.00
CA SER G 26 -51.01 -42.46 -17.21
C SER G 26 -49.72 -41.70 -17.49
N GLN G 27 -49.17 -41.05 -16.48
CA GLN G 27 -47.86 -40.43 -16.53
C GLN G 27 -46.92 -41.25 -15.67
N SER G 28 -45.72 -41.49 -16.19
CA SER G 28 -44.73 -42.38 -15.60
C SER G 28 -44.39 -41.96 -14.17
N VAL G 29 -44.30 -42.98 -13.29
CA VAL G 29 -43.94 -42.76 -11.89
C VAL G 29 -42.58 -42.07 -11.82
N SER G 30 -42.55 -40.87 -11.25
CA SER G 30 -41.31 -40.13 -11.17
C SER G 30 -40.58 -40.45 -9.88
N GLY G 31 -39.33 -40.88 -10.01
CA GLY G 31 -38.46 -41.14 -8.89
C GLY G 31 -38.94 -42.26 -8.00
N SER G 32 -39.56 -43.30 -8.59
CA SER G 32 -40.07 -44.49 -7.91
C SER G 32 -40.89 -44.15 -6.67
N TYR G 33 -41.81 -43.21 -6.82
CA TYR G 33 -42.71 -42.88 -5.70
C TYR G 33 -43.98 -43.73 -5.68
N LEU G 34 -43.80 -45.03 -5.49
CA LEU G 34 -44.90 -45.97 -5.42
C LEU G 34 -44.73 -46.79 -4.14
N ALA G 35 -45.83 -47.42 -3.71
CA ALA G 35 -45.82 -48.32 -2.54
C ALA G 35 -47.09 -49.15 -2.43
N TRP G 36 -46.93 -50.46 -2.22
CA TRP G 36 -48.06 -51.38 -2.13
C TRP G 36 -48.54 -51.44 -0.68
N TYR G 37 -49.77 -51.93 -0.47
CA TYR G 37 -50.32 -52.04 0.88
C TYR G 37 -51.05 -53.37 1.07
N GLN G 38 -50.49 -54.25 1.91
CA GLN G 38 -51.11 -55.54 2.24
C GLN G 38 -52.34 -55.33 3.12
N GLN G 39 -53.52 -55.43 2.52
CA GLN G 39 -54.78 -55.39 3.27
C GLN G 39 -55.29 -56.81 3.48
N LYS G 40 -55.02 -57.36 4.66
CA LYS G 40 -55.56 -58.66 4.99
C LYS G 40 -57.05 -58.52 5.30
N PRO G 41 -57.86 -59.54 5.00
CA PRO G 41 -59.33 -59.43 5.22
C PRO G 41 -59.71 -59.20 6.67
N GLY G 42 -60.45 -58.12 6.90
CA GLY G 42 -60.89 -57.74 8.23
C GLY G 42 -59.92 -56.87 8.99
N GLN G 43 -58.89 -56.33 8.34
CA GLN G 43 -57.82 -55.59 8.99
C GLN G 43 -57.38 -54.44 8.09
N ALA G 44 -56.55 -53.58 8.66
CA ALA G 44 -56.09 -52.41 7.95
C ALA G 44 -54.93 -52.81 7.03
N PRO G 45 -54.69 -52.03 5.97
CA PRO G 45 -53.54 -52.34 5.12
C PRO G 45 -52.23 -52.14 5.86
N SER G 46 -51.25 -52.97 5.52
CA SER G 46 -49.91 -52.87 6.07
C SER G 46 -48.97 -52.70 4.90
N LEU G 47 -48.07 -51.72 4.99
CA LEU G 47 -47.14 -51.43 3.90
C LEU G 47 -46.28 -52.64 3.58
N LEU G 48 -46.13 -52.93 2.30
CA LEU G 48 -45.24 -53.99 1.87
C LEU G 48 -43.90 -53.47 1.42
N ILE G 49 -43.88 -52.48 0.52
CA ILE G 49 -42.64 -51.97 -0.05
C ILE G 49 -42.83 -50.47 -0.26
N TYR G 50 -41.72 -49.75 -0.27
CA TYR G 50 -41.70 -48.35 -0.65
C TYR G 50 -40.66 -48.18 -1.75
N GLY G 51 -40.56 -46.96 -2.27
CA GLY G 51 -39.70 -46.70 -3.41
C GLY G 51 -40.10 -47.56 -4.60
N ALA G 52 -39.13 -48.20 -5.23
CA ALA G 52 -39.45 -49.19 -6.26
C ALA G 52 -39.36 -50.60 -5.69
N SER G 53 -38.21 -50.93 -5.09
CA SER G 53 -37.93 -52.26 -4.61
C SER G 53 -37.60 -52.31 -3.12
N SER G 54 -37.54 -51.16 -2.45
CA SER G 54 -37.12 -51.10 -1.04
C SER G 54 -38.06 -51.91 -0.16
N ARG G 55 -37.49 -52.79 0.67
CA ARG G 55 -38.30 -53.70 1.47
C ARG G 55 -38.81 -52.99 2.71
N ALA G 56 -39.47 -53.73 3.61
CA ALA G 56 -40.10 -53.16 4.78
C ALA G 56 -39.66 -53.91 6.03
N THR G 57 -39.78 -53.23 7.17
CA THR G 57 -39.48 -53.84 8.46
C THR G 57 -40.53 -54.87 8.86
N GLY G 58 -40.08 -56.09 9.16
CA GLY G 58 -40.95 -57.19 9.53
C GLY G 58 -41.63 -57.90 8.38
N ILE G 59 -41.36 -57.47 7.16
CA ILE G 59 -41.84 -58.06 5.92
C ILE G 59 -40.68 -58.76 5.22
N PRO G 60 -40.79 -60.07 4.96
CA PRO G 60 -39.67 -60.84 4.39
C PRO G 60 -39.27 -60.38 2.99
N ASP G 61 -37.97 -60.57 2.68
CA ASP G 61 -37.44 -60.15 1.40
C ASP G 61 -37.86 -61.02 0.24
N ARG G 62 -38.65 -62.07 0.51
CA ARG G 62 -39.23 -62.91 -0.53
C ARG G 62 -40.14 -62.10 -1.44
N PHE G 63 -41.04 -61.30 -0.86
CA PHE G 63 -41.82 -60.34 -1.64
C PHE G 63 -40.86 -59.36 -2.30
N SER G 64 -40.83 -59.30 -3.63
CA SER G 64 -39.86 -58.44 -4.30
C SER G 64 -40.50 -57.57 -5.35
N GLY G 65 -40.23 -56.26 -5.28
CA GLY G 65 -40.64 -55.35 -6.32
C GLY G 65 -39.65 -55.37 -7.46
N SER G 66 -40.12 -55.04 -8.65
CA SER G 66 -39.19 -54.91 -9.78
C SER G 66 -39.78 -53.95 -10.81
N GLY G 67 -39.73 -52.65 -10.51
CA GLY G 67 -40.31 -51.68 -11.40
C GLY G 67 -39.39 -50.51 -11.66
N SER G 68 -39.69 -49.83 -12.76
CA SER G 68 -39.09 -48.58 -13.16
C SER G 68 -40.07 -47.96 -14.13
N GLY G 69 -39.94 -46.64 -14.32
CA GLY G 69 -40.81 -45.91 -15.24
C GLY G 69 -42.25 -46.09 -14.79
N THR G 70 -43.04 -46.86 -15.55
CA THR G 70 -44.37 -47.27 -15.10
C THR G 70 -44.18 -48.44 -14.16
N ASP G 71 -43.89 -48.13 -12.88
CA ASP G 71 -43.57 -49.12 -11.84
C ASP G 71 -44.67 -50.17 -11.76
N PHE G 72 -44.29 -51.43 -11.97
CA PHE G 72 -45.31 -52.44 -12.21
C PHE G 72 -45.04 -53.84 -11.64
N THR G 73 -44.15 -54.03 -10.69
CA THR G 73 -43.96 -55.41 -10.26
C THR G 73 -43.90 -55.56 -8.75
N LEU G 74 -44.60 -56.58 -8.26
CA LEU G 74 -44.50 -57.05 -6.88
C LEU G 74 -44.48 -58.57 -7.01
N THR G 75 -43.33 -59.18 -6.72
CA THR G 75 -43.12 -60.60 -6.95
C THR G 75 -42.85 -61.30 -5.63
N ILE G 76 -43.84 -62.04 -5.19
CA ILE G 76 -43.75 -62.87 -4.01
C ILE G 76 -43.11 -64.20 -4.44
N SER G 77 -41.84 -64.42 -4.05
CA SER G 77 -41.11 -65.57 -4.57
C SER G 77 -41.75 -66.91 -4.21
N ARG G 78 -42.12 -67.10 -2.95
CA ARG G 78 -42.85 -68.29 -2.53
C ARG G 78 -44.19 -67.85 -1.95
N LEU G 79 -45.28 -68.30 -2.56
CA LEU G 79 -46.58 -68.01 -2.01
C LEU G 79 -46.88 -68.78 -0.73
N GLU G 80 -46.57 -68.14 0.41
CA GLU G 80 -46.83 -68.68 1.75
C GLU G 80 -48.30 -69.03 1.95
N PRO G 81 -48.61 -69.91 2.93
CA PRO G 81 -50.01 -70.31 3.14
C PRO G 81 -50.96 -69.16 3.46
N GLU G 82 -50.49 -68.10 4.11
CA GLU G 82 -51.37 -67.02 4.52
C GLU G 82 -51.37 -65.81 3.59
N ASP G 83 -50.44 -65.73 2.63
CA ASP G 83 -50.31 -64.53 1.81
C ASP G 83 -51.38 -64.52 0.73
N PHE G 84 -52.60 -64.17 1.13
CA PHE G 84 -53.69 -64.04 0.18
C PHE G 84 -54.49 -62.77 0.50
N ALA G 85 -53.79 -61.64 0.46
CA ALA G 85 -54.38 -60.37 0.84
C ALA G 85 -54.25 -59.43 -0.34
N VAL G 86 -55.26 -58.57 -0.50
CA VAL G 86 -55.22 -57.55 -1.55
C VAL G 86 -54.10 -56.56 -1.28
N TYR G 87 -53.30 -56.28 -2.32
CA TYR G 87 -52.21 -55.33 -2.23
C TYR G 87 -52.54 -54.06 -3.01
N TYR G 88 -52.53 -52.92 -2.34
CA TYR G 88 -52.96 -51.65 -2.91
C TYR G 88 -51.80 -50.75 -3.29
N CYS G 89 -51.65 -50.48 -4.58
CA CYS G 89 -50.65 -49.54 -5.08
C CYS G 89 -50.99 -48.13 -4.61
N GLN G 90 -49.98 -47.28 -4.50
CA GLN G 90 -50.24 -45.89 -4.21
C GLN G 90 -49.20 -45.03 -4.91
N GLN G 91 -49.62 -43.83 -5.31
CA GLN G 91 -48.77 -42.93 -6.05
C GLN G 91 -48.71 -41.57 -5.39
N TYR G 92 -47.50 -41.01 -5.24
CA TYR G 92 -47.32 -39.69 -4.63
C TYR G 92 -46.38 -38.79 -5.45
N VAL G 93 -46.80 -38.43 -6.68
CA VAL G 93 -46.00 -37.54 -7.52
C VAL G 93 -46.92 -36.38 -7.95
N ASN G 94 -47.22 -35.48 -7.01
CA ASN G 94 -48.17 -34.38 -7.10
C ASN G 94 -49.60 -34.86 -7.27
N SER G 95 -49.81 -35.99 -7.05
CA SER G 95 -51.07 -36.69 -7.03
C SER G 95 -51.60 -36.67 -5.61
N PRO G 96 -52.90 -36.63 -5.41
CA PRO G 96 -53.41 -36.65 -4.04
C PRO G 96 -53.37 -38.06 -3.43
N ARG G 97 -52.17 -38.66 -3.43
CA ARG G 97 -51.85 -39.96 -2.82
C ARG G 97 -52.82 -41.04 -3.30
N THR G 98 -53.07 -41.04 -4.60
CA THR G 98 -54.06 -41.91 -5.20
C THR G 98 -53.63 -43.37 -5.17
N PHE G 99 -54.62 -44.25 -5.17
CA PHE G 99 -54.40 -45.68 -5.04
C PHE G 99 -54.93 -46.40 -6.28
N GLY G 100 -54.64 -47.70 -6.34
CA GLY G 100 -55.19 -48.57 -7.35
C GLY G 100 -56.45 -49.23 -6.82
N GLN G 101 -56.95 -50.20 -7.59
CA GLN G 101 -58.24 -50.76 -7.22
C GLN G 101 -58.10 -51.99 -6.33
N GLY G 102 -57.09 -52.82 -6.57
CA GLY G 102 -56.91 -54.03 -5.81
C GLY G 102 -56.54 -55.21 -6.68
N THR G 103 -55.49 -55.96 -6.33
CA THR G 103 -55.03 -57.01 -7.23
C THR G 103 -55.16 -58.42 -6.67
N LYS G 104 -54.65 -58.72 -5.49
CA LYS G 104 -54.72 -60.11 -5.02
C LYS G 104 -56.06 -60.43 -4.36
N LEU G 105 -57.01 -60.95 -5.14
CA LEU G 105 -58.32 -61.39 -4.65
C LEU G 105 -58.69 -62.68 -5.38
N GLU G 106 -59.62 -63.42 -4.79
CA GLU G 106 -60.11 -64.68 -5.37
C GLU G 106 -60.62 -64.59 -6.81
N VAL H 2 0.12 -64.42 0.54
CA VAL H 2 0.13 -65.39 1.62
C VAL H 2 0.60 -66.77 1.13
N GLN H 3 0.24 -67.14 -0.09
CA GLN H 3 0.74 -68.35 -0.73
C GLN H 3 1.26 -67.99 -2.11
N LEU H 4 2.49 -68.39 -2.39
CA LEU H 4 3.18 -68.05 -3.64
C LEU H 4 3.73 -69.30 -4.28
N VAL H 5 2.85 -70.23 -4.69
CA VAL H 5 3.21 -71.50 -5.33
C VAL H 5 4.17 -71.26 -6.48
N GLN H 6 5.08 -72.19 -6.70
CA GLN H 6 6.15 -72.03 -7.66
C GLN H 6 6.00 -73.06 -8.78
N SER H 7 6.57 -72.76 -9.94
CA SER H 7 6.49 -73.66 -11.08
C SER H 7 7.32 -74.92 -10.83
N GLY H 8 6.96 -76.00 -11.51
CA GLY H 8 7.66 -77.26 -11.38
C GLY H 8 9.03 -77.24 -12.04
N ALA H 9 9.82 -78.28 -11.71
CA ALA H 9 11.18 -78.40 -12.23
C ALA H 9 11.19 -78.46 -13.75
N GLU H 10 12.17 -77.79 -14.35
CA GLU H 10 12.24 -77.64 -15.80
C GLU H 10 13.34 -78.51 -16.40
N VAL H 11 12.98 -79.24 -17.46
CA VAL H 11 13.92 -80.10 -18.19
C VAL H 11 14.48 -79.25 -19.33
N LYS H 12 15.55 -78.50 -19.07
CA LYS H 12 16.08 -77.59 -20.08
C LYS H 12 17.48 -77.96 -20.52
N LYS H 13 17.62 -78.42 -21.76
CA LYS H 13 18.90 -78.75 -22.35
C LYS H 13 19.75 -77.48 -22.43
N PRO H 14 21.08 -77.56 -22.23
CA PRO H 14 21.92 -76.35 -22.18
C PRO H 14 21.74 -75.42 -23.38
N GLY H 15 21.58 -74.13 -23.09
CA GLY H 15 21.33 -73.13 -24.10
C GLY H 15 19.87 -72.84 -24.36
N SER H 16 18.95 -73.63 -23.79
CA SER H 16 17.52 -73.50 -24.02
C SER H 16 16.89 -72.67 -22.92
N SER H 17 16.11 -71.67 -23.31
CA SER H 17 15.55 -70.71 -22.37
C SER H 17 14.38 -71.30 -21.61
N VAL H 18 14.07 -70.68 -20.46
CA VAL H 18 12.98 -71.12 -19.60
C VAL H 18 12.37 -69.89 -18.93
N LYS H 19 11.08 -69.96 -18.59
CA LYS H 19 10.45 -68.91 -17.82
C LYS H 19 9.65 -69.50 -16.65
N VAL H 20 10.04 -69.11 -15.42
CA VAL H 20 9.42 -69.62 -14.19
C VAL H 20 8.05 -68.95 -14.01
N SER H 21 7.17 -69.58 -13.20
CA SER H 21 5.81 -69.07 -12.98
C SER H 21 5.45 -69.01 -11.49
N CYS H 22 5.87 -67.96 -10.80
CA CYS H 22 5.47 -67.73 -9.41
C CYS H 22 4.06 -67.13 -9.38
N LYS H 23 3.16 -67.74 -8.60
CA LYS H 23 1.76 -67.33 -8.60
C LYS H 23 1.41 -66.59 -7.32
N ALA H 24 1.03 -65.32 -7.46
CA ALA H 24 0.66 -64.51 -6.30
C ALA H 24 -0.79 -64.73 -5.88
N SER H 25 -1.00 -64.77 -4.58
CA SER H 25 -2.35 -64.79 -4.05
C SER H 25 -2.92 -63.38 -4.15
N GLY H 26 -4.24 -63.27 -3.95
CA GLY H 26 -4.93 -61.99 -4.12
C GLY H 26 -4.40 -60.91 -3.19
N GLY H 27 -4.13 -59.72 -3.73
CA GLY H 27 -3.63 -58.65 -2.90
C GLY H 27 -2.13 -58.63 -2.68
N THR H 28 -1.37 -59.55 -3.29
CA THR H 28 0.06 -59.63 -3.04
C THR H 28 0.88 -58.72 -3.95
N PHE H 29 0.59 -58.73 -5.26
CA PHE H 29 1.38 -57.95 -6.22
C PHE H 29 1.27 -56.45 -6.03
N ASN H 30 0.05 -55.92 -5.91
CA ASN H 30 -0.14 -54.48 -5.87
C ASN H 30 0.52 -53.88 -4.63
N THR H 31 0.27 -54.48 -3.48
CA THR H 31 0.82 -53.96 -2.24
C THR H 31 2.32 -54.19 -2.12
N TYR H 32 2.79 -55.39 -2.48
CA TYR H 32 4.16 -55.78 -2.23
C TYR H 32 4.95 -56.14 -3.50
N ALA H 33 6.25 -55.85 -3.48
CA ALA H 33 7.19 -56.23 -4.53
C ALA H 33 7.54 -57.71 -4.45
N ILE H 34 7.99 -58.27 -5.57
CA ILE H 34 8.46 -59.65 -5.65
C ILE H 34 9.93 -59.71 -6.05
N ASN H 35 10.74 -60.46 -5.28
CA ASN H 35 12.17 -60.54 -5.47
C ASN H 35 12.64 -61.98 -5.67
N TRP H 36 13.67 -62.15 -6.49
CA TRP H 36 14.22 -63.44 -6.90
C TRP H 36 15.62 -63.69 -6.34
N VAL H 37 15.79 -64.86 -5.72
CA VAL H 37 17.06 -65.28 -5.13
C VAL H 37 17.48 -66.58 -5.83
N ARG H 38 18.78 -66.73 -6.11
CA ARG H 38 19.22 -67.88 -6.89
C ARG H 38 19.20 -69.19 -6.11
N GLN H 39 19.74 -69.20 -4.88
CA GLN H 39 19.90 -70.41 -4.05
C GLN H 39 20.58 -71.55 -4.83
N ALA H 40 21.82 -71.28 -5.24
CA ALA H 40 22.59 -72.21 -6.06
C ALA H 40 22.82 -73.52 -5.29
N PRO H 41 22.94 -74.66 -6.01
CA PRO H 41 23.03 -75.97 -5.32
C PRO H 41 24.24 -76.08 -4.40
N GLY H 42 23.97 -76.55 -3.19
CA GLY H 42 25.01 -76.65 -2.15
C GLY H 42 25.75 -75.37 -1.88
N GLN H 43 25.03 -74.25 -1.84
CA GLN H 43 25.67 -72.94 -1.75
C GLN H 43 24.63 -71.98 -1.15
N GLY H 44 24.97 -70.70 -1.06
CA GLY H 44 24.17 -69.70 -0.38
C GLY H 44 23.12 -69.07 -1.27
N LEU H 45 22.56 -67.96 -0.77
CA LEU H 45 21.48 -67.24 -1.42
C LEU H 45 22.01 -65.97 -2.06
N GLU H 46 21.62 -65.72 -3.33
CA GLU H 46 22.11 -64.58 -4.10
C GLU H 46 20.92 -63.80 -4.64
N TRP H 47 20.91 -62.48 -4.45
CA TRP H 47 19.75 -61.65 -4.81
C TRP H 47 19.83 -61.21 -6.27
N MET H 48 19.00 -61.85 -7.10
CA MET H 48 18.96 -61.52 -8.52
C MET H 48 18.34 -60.14 -8.78
N GLY H 49 17.26 -59.82 -8.10
CA GLY H 49 16.58 -58.56 -8.33
C GLY H 49 15.18 -58.58 -7.77
N ARG H 50 14.42 -57.53 -8.10
CA ARG H 50 13.06 -57.33 -7.61
C ARG H 50 12.12 -56.94 -8.74
N ILE H 51 10.85 -57.31 -8.59
CA ILE H 51 9.79 -56.88 -9.51
C ILE H 51 8.80 -56.01 -8.74
N ILE H 52 8.56 -54.81 -9.25
CA ILE H 52 7.48 -53.96 -8.77
C ILE H 52 6.28 -54.25 -9.68
N PRO H 53 5.28 -54.99 -9.22
CA PRO H 53 4.18 -55.40 -10.11
C PRO H 53 3.10 -54.37 -10.35
N MET H 54 3.24 -53.14 -9.88
CA MET H 54 2.27 -52.09 -10.18
C MET H 54 2.80 -51.10 -11.22
N PHE H 55 4.07 -50.72 -11.09
CA PHE H 55 4.67 -49.77 -12.01
C PHE H 55 5.60 -50.45 -13.00
N GLY H 56 5.62 -51.79 -13.00
CA GLY H 56 6.42 -52.59 -13.93
C GLY H 56 7.91 -52.30 -13.89
N ILE H 57 8.46 -52.06 -12.71
CA ILE H 57 9.85 -51.69 -12.56
C ILE H 57 10.62 -52.91 -12.07
N ALA H 58 11.65 -53.30 -12.83
CA ALA H 58 12.53 -54.39 -12.44
C ALA H 58 13.98 -53.91 -12.52
N ASN H 59 14.71 -54.07 -11.41
CA ASN H 59 16.11 -53.69 -11.32
C ASN H 59 16.91 -54.90 -10.84
N TYR H 60 18.04 -55.15 -11.49
CA TYR H 60 18.83 -56.34 -11.28
C TYR H 60 20.20 -55.98 -10.75
N ALA H 61 20.85 -56.97 -10.14
CA ALA H 61 22.20 -56.78 -9.64
C ALA H 61 23.16 -56.80 -10.82
N GLN H 62 24.40 -56.36 -10.58
CA GLN H 62 25.41 -56.29 -11.65
C GLN H 62 25.68 -57.67 -12.26
N LYS H 63 25.72 -58.70 -11.42
CA LYS H 63 26.06 -60.05 -11.86
C LYS H 63 25.05 -60.58 -12.87
N PHE H 64 23.76 -60.44 -12.57
CA PHE H 64 22.73 -61.08 -13.39
C PHE H 64 22.22 -60.20 -14.53
N GLN H 65 22.77 -58.99 -14.70
CA GLN H 65 22.27 -58.08 -15.73
C GLN H 65 22.52 -58.65 -17.13
N GLY H 66 21.49 -58.63 -17.96
CA GLY H 66 21.58 -59.10 -19.32
C GLY H 66 21.41 -60.60 -19.49
N THR H 67 21.33 -61.35 -18.39
CA THR H 67 21.22 -62.80 -18.40
C THR H 67 19.85 -63.30 -18.00
N VAL H 68 19.05 -62.45 -17.36
CA VAL H 68 17.74 -62.84 -16.84
C VAL H 68 16.75 -61.70 -17.08
N THR H 69 15.48 -62.07 -17.34
CA THR H 69 14.42 -61.10 -17.58
C THR H 69 13.29 -61.34 -16.59
N PHE H 70 12.86 -60.27 -15.93
CA PHE H 70 11.77 -60.32 -14.95
C PHE H 70 10.51 -59.73 -15.55
N THR H 71 9.41 -60.48 -15.51
CA THR H 71 8.12 -59.98 -15.98
C THR H 71 7.05 -60.39 -14.97
N ALA H 72 6.02 -59.56 -14.83
CA ALA H 72 4.90 -59.93 -13.98
C ALA H 72 3.61 -59.50 -14.66
N ASP H 73 2.58 -60.30 -14.45
CA ASP H 73 1.28 -60.10 -15.09
C ASP H 73 0.32 -59.52 -14.07
N LYS H 74 -0.12 -58.27 -14.30
CA LYS H 74 -1.01 -57.60 -13.37
C LYS H 74 -2.33 -58.36 -13.26
N SER H 75 -2.89 -58.74 -14.40
CA SER H 75 -4.03 -59.65 -14.44
C SER H 75 -3.49 -61.07 -14.33
N THR H 76 -4.17 -61.90 -13.51
CA THR H 76 -3.91 -63.29 -13.11
C THR H 76 -2.90 -63.35 -11.97
N SER H 77 -2.28 -62.24 -11.60
CA SER H 77 -1.35 -62.10 -10.46
C SER H 77 -0.27 -63.18 -10.43
N THR H 78 0.48 -63.28 -11.52
CA THR H 78 1.51 -64.31 -11.63
C THR H 78 2.85 -63.64 -11.95
N ALA H 79 3.91 -64.14 -11.32
CA ALA H 79 5.27 -63.62 -11.45
C ALA H 79 6.09 -64.53 -12.35
N TYR H 80 6.86 -63.94 -13.24
CA TYR H 80 7.63 -64.70 -14.21
C TYR H 80 9.09 -64.24 -14.21
N MET H 81 10.00 -65.20 -14.40
CA MET H 81 11.40 -64.92 -14.55
C MET H 81 11.89 -65.70 -15.75
N GLU H 82 12.57 -65.02 -16.67
CA GLU H 82 13.05 -65.64 -17.91
C GLU H 82 14.55 -65.76 -17.87
N LEU H 83 15.07 -66.94 -18.18
CA LEU H 83 16.50 -67.18 -18.28
C LEU H 83 16.86 -67.13 -19.76
N SER H 84 17.88 -66.31 -20.11
CA SER H 84 18.22 -66.06 -21.50
C SER H 84 18.61 -67.34 -22.23
N SER H 85 19.43 -68.17 -21.57
CA SER H 85 19.84 -69.48 -22.04
C SER H 85 20.38 -70.19 -20.82
N LEU H 86 20.49 -71.51 -20.91
CA LEU H 86 21.06 -72.25 -19.78
C LEU H 86 22.56 -72.34 -19.96
N ARG H 87 23.29 -71.48 -19.26
CA ARG H 87 24.72 -71.61 -19.10
C ARG H 87 24.95 -72.72 -18.09
N TYR H 88 26.15 -73.32 -18.11
CA TYR H 88 26.41 -74.51 -17.28
C TYR H 88 26.28 -74.22 -15.78
N GLU H 89 26.73 -73.05 -15.33
CA GLU H 89 26.61 -72.73 -13.91
C GLU H 89 25.19 -72.29 -13.51
N ASP H 90 24.30 -72.04 -14.47
CA ASP H 90 22.96 -71.52 -14.18
C ASP H 90 22.05 -72.50 -13.45
N THR H 91 22.46 -73.76 -13.30
CA THR H 91 21.71 -74.73 -12.50
C THR H 91 21.54 -74.20 -11.08
N ALA H 92 20.31 -74.30 -10.55
CA ALA H 92 19.93 -73.68 -9.28
C ALA H 92 18.50 -73.97 -8.83
N VAL H 93 18.10 -73.38 -7.71
CA VAL H 93 16.73 -73.53 -7.21
C VAL H 93 16.19 -72.12 -6.94
N TYR H 94 15.68 -71.48 -8.00
CA TYR H 94 15.19 -70.11 -7.91
C TYR H 94 13.98 -69.99 -7.00
N TYR H 95 13.92 -68.88 -6.26
CA TYR H 95 12.89 -68.65 -5.26
C TYR H 95 12.28 -67.27 -5.47
N CYS H 96 10.99 -67.12 -5.23
CA CYS H 96 10.31 -65.85 -5.38
C CYS H 96 9.76 -65.48 -4.01
N ALA H 97 9.97 -64.25 -3.59
CA ALA H 97 9.54 -63.85 -2.28
C ALA H 97 8.97 -62.45 -2.33
N ARG H 98 8.42 -62.01 -1.20
CA ARG H 98 7.73 -60.74 -1.09
C ARG H 98 8.71 -59.63 -0.66
N SER H 99 8.27 -58.38 -0.75
CA SER H 99 9.10 -57.24 -0.33
C SER H 99 8.19 -56.09 0.09
N ALA H 100 8.77 -54.98 0.54
CA ALA H 100 7.97 -53.82 0.89
C ALA H 100 7.92 -52.73 -0.18
N TYR H 101 9.09 -52.39 -0.77
CA TYR H 101 9.28 -51.38 -1.83
C TYR H 101 8.65 -50.02 -1.48
N TYR H 102 8.76 -49.61 -0.22
CA TYR H 102 8.11 -48.41 0.29
C TYR H 102 9.01 -47.59 1.19
N SER H 103 8.51 -46.40 1.52
CA SER H 103 9.20 -45.44 2.37
C SER H 103 8.89 -45.60 3.85
N GLU H 104 7.62 -45.43 4.23
CA GLU H 104 7.16 -45.58 5.62
C GLU H 104 7.64 -46.89 6.24
N SER H 105 7.54 -48.00 5.49
CA SER H 105 8.08 -49.29 5.90
C SER H 105 9.37 -49.50 5.12
N SER H 106 10.49 -49.27 5.79
CA SER H 106 11.81 -49.34 5.17
C SER H 106 12.49 -50.68 5.37
N GLY H 107 11.79 -51.66 5.93
CA GLY H 107 12.33 -53.00 6.05
C GLY H 107 12.07 -53.65 4.72
N TYR H 108 13.10 -53.89 3.91
CA TYR H 108 12.86 -54.51 2.63
C TYR H 108 13.28 -55.97 2.69
N TYR H 109 12.59 -56.70 3.56
CA TYR H 109 12.78 -58.13 3.75
C TYR H 109 11.79 -59.01 3.00
N LEU H 110 12.19 -60.28 2.85
CA LEU H 110 11.46 -61.28 2.06
C LEU H 110 10.40 -61.91 2.97
N ASP H 111 9.15 -61.45 2.81
CA ASP H 111 8.08 -61.84 3.73
C ASP H 111 7.70 -63.32 3.60
N TYR H 112 7.42 -63.78 2.37
CA TYR H 112 6.95 -65.14 2.15
C TYR H 112 7.65 -65.73 0.93
N TRP H 113 8.21 -66.93 1.07
CA TRP H 113 8.99 -67.56 0.01
C TRP H 113 8.22 -68.72 -0.62
N GLY H 114 8.31 -68.87 -1.95
CA GLY H 114 7.67 -69.98 -2.63
C GLY H 114 8.43 -71.30 -2.46
N GLN H 115 7.85 -72.38 -3.01
CA GLN H 115 8.47 -73.70 -2.87
C GLN H 115 9.82 -73.83 -3.59
N GLY H 116 9.97 -73.21 -4.76
CA GLY H 116 11.21 -73.26 -5.54
C GLY H 116 11.12 -74.09 -6.81
N THR H 117 11.95 -73.73 -7.79
CA THR H 117 12.00 -74.40 -9.09
C THR H 117 13.43 -74.85 -9.35
N LEU H 118 13.59 -76.12 -9.72
CA LEU H 118 14.90 -76.70 -9.96
C LEU H 118 15.18 -76.72 -11.46
N VAL H 119 16.14 -75.92 -11.90
CA VAL H 119 16.55 -75.95 -13.29
C VAL H 119 17.90 -76.64 -13.33
N THR H 120 18.17 -77.35 -14.43
CA THR H 120 19.33 -78.20 -14.67
C THR H 120 19.40 -78.49 -16.16
N VAL H 121 20.43 -79.24 -16.54
CA VAL H 121 20.61 -79.75 -17.91
C VAL H 121 19.44 -80.63 -18.31
N SER H 122 18.97 -81.48 -17.40
CA SER H 122 17.78 -82.29 -17.61
C SER H 122 16.82 -81.96 -16.49
N SER H 123 15.86 -82.84 -16.22
CA SER H 123 14.84 -82.77 -15.14
C SER H 123 15.10 -81.88 -13.92
N GLU I 1 30.08 -52.31 -2.32
CA GLU I 1 29.36 -53.52 -1.99
C GLU I 1 29.75 -54.03 -0.61
N ILE I 2 28.74 -54.12 0.25
CA ILE I 2 28.88 -54.53 1.64
C ILE I 2 28.79 -56.06 1.75
N VAL I 3 29.95 -56.68 1.89
CA VAL I 3 30.03 -58.13 2.11
C VAL I 3 29.68 -58.44 3.56
N LEU I 4 29.10 -59.62 3.77
CA LEU I 4 28.75 -60.08 5.10
C LEU I 4 29.47 -61.40 5.30
N THR I 5 30.06 -61.56 6.47
CA THR I 5 30.71 -62.81 6.83
C THR I 5 30.08 -63.33 8.10
N GLN I 6 29.45 -64.49 8.02
CA GLN I 6 28.97 -65.11 9.24
C GLN I 6 30.15 -65.78 9.92
N SER I 7 30.27 -65.60 11.22
CA SER I 7 31.48 -66.08 11.87
C SER I 7 31.36 -67.53 12.31
N PRO I 8 30.29 -67.98 13.03
CA PRO I 8 30.26 -69.40 13.39
C PRO I 8 29.70 -70.24 12.25
N GLY I 9 30.59 -70.75 11.39
CA GLY I 9 30.18 -71.60 10.29
C GLY I 9 29.59 -72.95 10.65
N THR I 10 30.06 -73.58 11.73
CA THR I 10 29.56 -74.90 12.14
C THR I 10 29.71 -75.04 13.67
N LEU I 11 29.57 -73.94 14.41
CA LEU I 11 29.63 -74.00 15.87
C LEU I 11 28.54 -74.89 16.46
N SER I 12 27.44 -75.07 15.72
CA SER I 12 26.26 -75.75 16.24
C SER I 12 26.54 -77.20 16.58
N LEU I 13 27.06 -77.97 15.62
CA LEU I 13 27.46 -79.39 15.79
C LEU I 13 26.36 -80.17 16.53
N SER I 14 25.13 -80.08 16.00
CA SER I 14 23.93 -80.60 16.64
C SER I 14 23.80 -80.01 18.05
N PRO I 15 23.67 -78.68 18.16
CA PRO I 15 23.78 -78.00 19.46
C PRO I 15 22.64 -78.33 20.41
N GLY I 16 22.97 -78.44 21.69
CA GLY I 16 21.97 -78.57 22.73
C GLY I 16 21.97 -77.36 23.65
N GLU I 17 22.59 -76.26 23.22
CA GLU I 17 22.80 -75.08 24.05
C GLU I 17 22.47 -73.80 23.29
N ARG I 18 22.33 -72.70 24.05
CA ARG I 18 22.04 -71.39 23.47
C ARG I 18 23.18 -70.98 22.53
N ALA I 19 22.84 -70.28 21.46
CA ALA I 19 23.80 -69.95 20.43
C ALA I 19 24.04 -68.45 20.33
N THR I 20 25.12 -68.11 19.63
CA THR I 20 25.55 -66.73 19.39
C THR I 20 25.99 -66.54 17.92
N LEU I 21 25.07 -66.84 17.01
CA LEU I 21 25.27 -66.65 15.58
C LEU I 21 25.61 -65.20 15.25
N SER I 22 26.56 -65.01 14.34
CA SER I 22 27.07 -63.68 14.07
C SER I 22 27.18 -63.35 12.59
N CYS I 23 27.15 -62.05 12.30
CA CYS I 23 27.33 -61.49 10.96
C CYS I 23 28.15 -60.21 11.11
N ARG I 24 29.10 -59.98 10.21
CA ARG I 24 29.88 -58.74 10.22
C ARG I 24 30.02 -58.19 8.81
N ALA I 25 30.08 -56.87 8.71
CA ALA I 25 30.05 -56.20 7.41
C ALA I 25 31.16 -55.18 7.27
N SER I 26 31.59 -54.97 5.99
CA SER I 26 32.71 -54.08 5.68
C SER I 26 32.42 -52.63 6.07
N GLN I 27 31.24 -52.14 5.72
CA GLN I 27 30.73 -50.84 6.15
C GLN I 27 29.60 -51.12 7.14
N SER I 28 29.56 -50.36 8.22
CA SER I 28 28.60 -50.63 9.29
C SER I 28 27.16 -50.60 8.74
N VAL I 29 26.36 -51.60 9.14
CA VAL I 29 24.95 -51.65 8.74
C VAL I 29 24.26 -50.40 9.26
N SER I 30 23.71 -49.59 8.35
CA SER I 30 23.08 -48.34 8.74
C SER I 30 21.60 -48.50 9.03
N GLY I 31 21.19 -48.05 10.21
CA GLY I 31 19.78 -48.05 10.58
C GLY I 31 19.17 -49.43 10.70
N SER I 32 19.96 -50.43 11.14
CA SER I 32 19.53 -51.82 11.34
C SER I 32 18.74 -52.36 10.14
N TYR I 33 19.28 -52.21 8.94
CA TYR I 33 18.62 -52.77 7.77
C TYR I 33 19.00 -54.23 7.54
N LEU I 34 18.88 -55.08 8.57
CA LEU I 34 19.31 -56.47 8.48
C LEU I 34 18.11 -57.38 8.75
N ALA I 35 18.24 -58.64 8.34
CA ALA I 35 17.24 -59.66 8.59
C ALA I 35 17.92 -61.00 8.78
N TRP I 36 17.22 -61.93 9.41
CA TRP I 36 17.69 -63.30 9.55
C TRP I 36 16.67 -64.22 8.88
N TYR I 37 17.11 -65.43 8.54
CA TYR I 37 16.24 -66.33 7.79
C TYR I 37 16.41 -67.77 8.28
N GLN I 38 15.31 -68.52 8.27
CA GLN I 38 15.29 -69.94 8.68
C GLN I 38 15.07 -70.82 7.46
N GLN I 39 16.15 -71.47 7.00
CA GLN I 39 16.11 -72.34 5.82
C GLN I 39 16.17 -73.79 6.28
N LYS I 40 14.99 -74.36 6.52
CA LYS I 40 14.89 -75.75 6.93
C LYS I 40 15.22 -76.63 5.71
N PRO I 41 15.98 -77.72 5.88
CA PRO I 41 16.43 -78.52 4.72
C PRO I 41 15.28 -78.96 3.82
N GLY I 42 15.47 -78.81 2.52
CA GLY I 42 14.48 -79.24 1.57
C GLY I 42 13.33 -78.27 1.42
N GLN I 43 13.46 -77.07 1.98
CA GLN I 43 12.40 -76.07 2.04
C GLN I 43 13.01 -74.68 1.87
N ALA I 44 12.14 -73.72 1.68
CA ALA I 44 12.53 -72.34 1.46
C ALA I 44 12.85 -71.64 2.78
N PRO I 45 13.66 -70.59 2.74
CA PRO I 45 13.91 -69.81 3.95
C PRO I 45 12.66 -69.11 4.46
N SER I 46 12.58 -68.98 5.77
CA SER I 46 11.49 -68.29 6.45
C SER I 46 12.11 -67.14 7.24
N LEU I 47 11.51 -65.96 7.12
CA LEU I 47 11.97 -64.79 7.86
C LEU I 47 11.98 -65.05 9.36
N LEU I 48 13.06 -64.65 10.02
CA LEU I 48 13.17 -64.82 11.45
C LEU I 48 13.17 -63.52 12.23
N ILE I 49 13.67 -62.45 11.62
CA ILE I 49 13.82 -61.17 12.33
C ILE I 49 13.97 -60.10 11.27
N TYR I 50 13.64 -58.87 11.63
CA TYR I 50 13.89 -57.72 10.77
C TYR I 50 14.39 -56.62 11.67
N GLY I 51 14.76 -55.49 11.06
CA GLY I 51 15.39 -54.42 11.81
C GLY I 51 16.66 -54.94 12.46
N ALA I 52 16.83 -54.65 13.74
CA ALA I 52 17.89 -55.28 14.51
C ALA I 52 17.36 -56.44 15.32
N SER I 53 16.35 -56.18 16.14
CA SER I 53 15.82 -57.17 17.05
C SER I 53 14.33 -57.48 16.87
N SER I 54 13.63 -56.79 15.98
CA SER I 54 12.17 -56.95 15.83
C SER I 54 11.83 -58.38 15.42
N ARG I 55 10.94 -59.02 16.18
CA ARG I 55 10.67 -60.44 15.95
C ARG I 55 9.68 -60.60 14.79
N ALA I 56 9.23 -61.82 14.56
CA ALA I 56 8.40 -62.11 13.40
C ALA I 56 7.11 -62.82 13.82
N THR I 57 6.11 -62.74 12.96
CA THR I 57 4.84 -63.41 13.18
C THR I 57 4.97 -64.93 13.07
N GLY I 58 4.54 -65.63 14.11
CA GLY I 58 4.61 -67.08 14.20
C GLY I 58 5.95 -67.63 14.62
N ILE I 59 6.92 -66.77 14.87
CA ILE I 59 8.25 -67.13 15.36
C ILE I 59 8.37 -66.70 16.81
N PRO I 60 8.66 -67.63 17.73
CA PRO I 60 8.69 -67.30 19.17
C PRO I 60 9.78 -66.30 19.51
N ASP I 61 9.53 -65.53 20.59
CA ASP I 61 10.48 -64.49 20.98
C ASP I 61 11.75 -65.05 21.61
N ARG I 62 11.85 -66.38 21.73
CA ARG I 62 13.08 -67.04 22.14
C ARG I 62 14.20 -66.75 21.14
N PHE I 63 13.84 -66.50 19.88
CA PHE I 63 14.75 -66.07 18.84
C PHE I 63 14.98 -64.59 19.10
N SER I 64 16.21 -64.20 19.43
CA SER I 64 16.42 -62.82 19.82
C SER I 64 17.63 -62.21 19.13
N GLY I 65 17.41 -61.09 18.45
CA GLY I 65 18.51 -60.33 17.91
C GLY I 65 19.14 -59.48 18.98
N SER I 66 20.43 -59.17 18.81
CA SER I 66 21.08 -58.25 19.72
C SER I 66 22.24 -57.60 18.95
N GLY I 67 21.91 -56.68 18.04
CA GLY I 67 22.92 -56.06 17.24
C GLY I 67 22.74 -54.56 17.16
N SER I 68 23.85 -53.91 16.81
CA SER I 68 23.93 -52.50 16.48
C SER I 68 25.21 -52.37 15.68
N GLY I 69 25.30 -51.28 14.91
CA GLY I 69 26.48 -51.04 14.10
C GLY I 69 26.69 -52.18 13.13
N THR I 70 27.71 -53.00 13.39
CA THR I 70 27.89 -54.25 12.67
C THR I 70 26.97 -55.29 13.29
N ASP I 71 25.69 -55.26 12.86
CA ASP I 71 24.61 -56.11 13.39
C ASP I 71 25.01 -57.58 13.33
N PHE I 72 24.98 -58.25 14.49
CA PHE I 72 25.64 -59.55 14.55
C PHE I 72 24.98 -60.59 15.45
N THR I 73 23.71 -60.50 15.85
CA THR I 73 23.30 -61.53 16.80
C THR I 73 21.96 -62.19 16.51
N LEU I 74 21.93 -63.52 16.65
CA LEU I 74 20.71 -64.32 16.67
C LEU I 74 20.92 -65.34 17.79
N THR I 75 20.14 -65.21 18.88
CA THR I 75 20.32 -65.95 20.13
C THR I 75 19.13 -66.85 20.43
N ILE I 76 19.36 -68.17 20.42
CA ILE I 76 18.33 -69.15 20.72
C ILE I 76 18.33 -69.34 22.23
N SER I 77 17.34 -68.77 22.94
CA SER I 77 17.37 -68.80 24.41
C SER I 77 17.28 -70.22 24.98
N ARG I 78 16.29 -70.99 24.54
CA ARG I 78 16.13 -72.40 24.89
C ARG I 78 16.09 -73.18 23.58
N LEU I 79 17.09 -74.01 23.35
CA LEU I 79 17.18 -74.77 22.10
C LEU I 79 16.21 -75.96 22.00
N GLU I 80 15.44 -76.04 20.86
CA GLU I 80 14.47 -77.05 20.41
C GLU I 80 14.99 -77.80 19.17
N PRO I 81 14.77 -79.12 19.09
CA PRO I 81 15.28 -79.91 17.95
C PRO I 81 14.76 -79.52 16.57
N GLU I 82 13.45 -79.22 16.44
CA GLU I 82 12.87 -78.85 15.15
C GLU I 82 13.44 -77.57 14.55
N ASP I 83 13.87 -76.60 15.38
CA ASP I 83 14.33 -75.33 14.81
C ASP I 83 15.65 -75.41 14.06
N PHE I 84 16.36 -76.54 14.07
CA PHE I 84 17.66 -76.63 13.42
C PHE I 84 17.48 -76.36 11.94
N ALA I 85 18.29 -75.42 11.42
CA ALA I 85 18.24 -74.95 10.05
C ALA I 85 19.35 -73.94 9.82
N VAL I 86 20.01 -74.01 8.66
CA VAL I 86 20.99 -73.00 8.27
C VAL I 86 20.34 -71.62 8.34
N TYR I 87 21.01 -70.70 9.02
CA TYR I 87 20.48 -69.36 9.22
C TYR I 87 21.27 -68.37 8.39
N TYR I 88 20.55 -67.52 7.65
CA TYR I 88 21.15 -66.58 6.72
C TYR I 88 20.89 -65.14 7.17
N CYS I 89 21.78 -64.24 6.73
CA CYS I 89 21.68 -62.82 7.00
C CYS I 89 21.49 -62.12 5.67
N GLN I 90 20.94 -60.90 5.71
CA GLN I 90 20.74 -60.09 4.51
C GLN I 90 20.64 -58.62 4.92
N GLN I 91 21.36 -57.74 4.21
CA GLN I 91 21.47 -56.31 4.50
C GLN I 91 20.86 -55.45 3.40
N TYR I 92 20.03 -54.50 3.81
CA TYR I 92 19.39 -53.57 2.87
C TYR I 92 20.09 -52.23 2.83
N VAL I 93 21.35 -52.18 3.24
CA VAL I 93 22.15 -50.96 3.19
C VAL I 93 23.05 -51.04 1.97
N ASN I 94 22.72 -50.23 0.97
CA ASN I 94 23.47 -49.97 -0.25
C ASN I 94 23.54 -51.16 -1.20
N SER I 95 23.87 -52.34 -0.64
CA SER I 95 24.04 -53.62 -1.30
C SER I 95 22.85 -54.02 -2.14
N PRO I 96 23.06 -54.77 -3.21
CA PRO I 96 21.92 -55.31 -3.95
C PRO I 96 21.32 -56.46 -3.15
N ARG I 97 20.85 -56.20 -1.91
CA ARG I 97 20.22 -57.13 -0.97
C ARG I 97 20.97 -58.46 -0.88
N THR I 98 22.27 -58.37 -0.61
CA THR I 98 23.14 -59.54 -0.64
C THR I 98 22.97 -60.32 0.67
N PHE I 99 23.33 -61.60 0.62
CA PHE I 99 23.19 -62.51 1.75
C PHE I 99 24.54 -62.98 2.24
N GLY I 100 24.55 -63.55 3.46
CA GLY I 100 25.73 -64.19 3.99
C GLY I 100 25.82 -65.63 3.53
N GLN I 101 26.84 -66.33 4.02
CA GLN I 101 27.10 -67.68 3.55
C GLN I 101 26.46 -68.77 4.41
N GLY I 102 25.75 -68.42 5.46
CA GLY I 102 25.04 -69.43 6.24
C GLY I 102 25.85 -69.91 7.43
N THR I 103 25.22 -69.98 8.61
CA THR I 103 25.94 -70.34 9.82
C THR I 103 25.62 -71.72 10.38
N LYS I 104 24.47 -72.31 10.06
CA LYS I 104 24.13 -73.60 10.66
C LYS I 104 23.94 -74.66 9.58
N LEU I 105 24.93 -74.77 8.69
CA LEU I 105 24.92 -75.76 7.62
C LEU I 105 25.74 -76.97 8.05
N GLU I 106 25.19 -78.16 7.83
CA GLU I 106 25.89 -79.40 8.13
C GLU I 106 27.08 -79.61 7.21
C1 NAG J . 24.34 -18.21 -37.79
C2 NAG J . 25.48 -17.28 -38.13
C3 NAG J . 26.73 -17.69 -37.36
C4 NAG J . 26.44 -17.96 -35.88
C5 NAG J . 25.07 -18.63 -35.62
C6 NAG J . 24.63 -18.49 -34.18
C7 NAG J . 26.14 -18.20 -40.38
C8 NAG J . 26.33 -17.82 -41.82
N2 NAG J . 25.74 -17.21 -39.57
O3 NAG J . 27.71 -16.68 -37.49
O4 NAG J . 27.37 -18.96 -35.47
O5 NAG J . 24.03 -18.07 -36.43
O6 NAG J . 24.66 -19.74 -33.50
O7 NAG J . 26.32 -19.36 -40.00
C1 NAG J . 28.66 -18.60 -34.90
C2 NAG J . 29.78 -18.93 -35.94
C3 NAG J . 31.16 -18.63 -35.37
C4 NAG J . 31.21 -17.18 -34.90
C5 NAG J . 30.04 -16.88 -33.93
C6 NAG J . 29.98 -15.42 -33.52
C7 NAG J . 29.71 -21.52 -36.25
C8 NAG J . 29.90 -21.85 -34.79
N2 NAG J . 29.68 -20.22 -36.64
O3 NAG J . 32.13 -18.83 -36.39
O4 NAG J . 32.44 -16.92 -34.24
O5 NAG J . 28.77 -17.19 -34.53
O6 NAG J . 28.66 -14.91 -33.61
O7 NAG J . 29.59 -22.42 -37.08
C1 NAG K . 18.71 -47.88 -39.50
C2 NAG K . 18.03 -49.21 -39.22
C3 NAG K . 17.61 -49.29 -37.75
C4 NAG K . 18.80 -49.03 -36.84
C5 NAG K . 19.49 -47.71 -37.24
C6 NAG K . 20.78 -47.45 -36.48
C7 NAG K . 16.78 -50.40 -41.00
C8 NAG K . 17.95 -51.35 -41.10
N2 NAG K . 16.88 -49.42 -40.09
O3 NAG K . 17.05 -50.59 -37.50
O4 NAG K . 18.39 -48.91 -35.49
O5 NAG K . 19.83 -47.74 -38.63
O6 NAG K . 21.70 -46.72 -37.28
O7 NAG K . 15.79 -50.53 -41.71
C1 NAG K . 18.74 -50.10 -34.76
C2 NAG K . 19.23 -49.72 -33.36
C3 NAG K . 19.53 -50.99 -32.55
C4 NAG K . 18.33 -51.91 -32.53
C5 NAG K . 17.85 -52.20 -33.96
C6 NAG K . 16.58 -53.02 -34.01
C7 NAG K . 20.64 -47.85 -32.63
C8 NAG K . 21.90 -47.08 -32.86
N2 NAG K . 20.42 -48.89 -33.44
O3 NAG K . 19.89 -50.62 -31.23
O4 NAG K . 18.65 -53.14 -31.89
O5 NAG K . 17.58 -50.97 -34.64
O6 NAG K . 15.52 -52.28 -34.61
O7 NAG K . 19.85 -47.55 -31.73
C1 NAG L . 10.35 -33.49 -21.21
C2 NAG L . 10.48 -32.75 -19.88
C3 NAG L . 11.95 -32.44 -19.59
C4 NAG L . 12.79 -33.71 -19.67
C5 NAG L . 12.57 -34.39 -21.02
C6 NAG L . 13.28 -35.73 -21.14
C7 NAG L . 8.50 -31.44 -19.25
C8 NAG L . 7.82 -30.11 -19.34
N2 NAG L . 9.69 -31.53 -19.86
O3 NAG L . 12.06 -31.85 -18.30
O4 NAG L . 14.17 -33.38 -19.52
O5 NAG L . 11.17 -34.66 -21.21
O6 NAG L . 14.19 -35.73 -22.24
O7 NAG L . 8.00 -32.39 -18.66
C1 NAG L . 14.67 -33.91 -18.26
C2 NAG L . 16.15 -33.56 -18.13
C3 NAG L . 16.70 -34.06 -16.80
C4 NAG L . 15.85 -33.56 -15.64
C5 NAG L . 14.38 -33.90 -15.86
C6 NAG L . 13.46 -33.32 -14.82
C7 NAG L . 17.20 -33.41 -20.35
C8 NAG L . 18.00 -34.13 -21.39
N2 NAG L . 16.92 -34.10 -19.24
O3 NAG L . 18.05 -33.63 -16.64
O4 NAG L . 16.29 -34.15 -14.42
O5 NAG L . 13.94 -33.38 -17.13
O6 NAG L . 12.20 -33.98 -14.80
O7 NAG L . 16.82 -32.25 -20.51
C1 NAG M . 18.85 -9.82 58.92
C2 NAG M . 18.85 -11.30 59.32
C3 NAG M . 17.71 -12.03 58.61
C4 NAG M . 16.37 -11.34 58.87
C5 NAG M . 16.48 -9.85 58.50
C6 NAG M . 15.24 -9.06 58.85
C7 NAG M . 20.89 -12.55 59.96
C8 NAG M . 20.35 -12.56 61.37
N2 NAG M . 20.13 -11.94 59.04
O3 NAG M . 17.68 -13.38 59.05
O4 NAG M . 15.34 -11.93 58.10
O5 NAG M . 17.57 -9.24 59.21
O6 NAG M . 15.46 -8.22 59.98
O7 NAG M . 21.95 -13.07 59.67
C1 NAG M . 14.50 -12.75 58.92
C2 NAG M . 13.06 -12.65 58.43
C3 NAG M . 12.16 -13.59 59.23
C4 NAG M . 12.71 -15.01 59.21
C5 NAG M . 14.16 -15.02 59.66
C6 NAG M . 14.82 -16.38 59.59
C7 NAG M . 11.81 -10.57 57.89
C8 NAG M . 11.51 -9.19 58.39
N2 NAG M . 12.64 -11.28 58.66
O3 NAG M . 10.87 -13.58 58.65
O4 NAG M . 11.94 -15.84 60.08
O5 NAG M . 14.94 -14.12 58.85
O6 NAG M . 15.73 -16.46 58.52
O7 NAG M . 11.35 -11.00 56.85
C1 NAG N . 37.33 -14.98 42.24
C2 NAG N . 38.20 -15.92 43.08
C3 NAG N . 38.68 -17.09 42.23
C4 NAG N . 37.51 -17.79 41.55
C5 NAG N . 36.67 -16.77 40.77
C6 NAG N . 35.42 -17.37 40.17
C7 NAG N . 39.48 -15.05 44.98
C8 NAG N . 40.70 -14.29 45.41
N2 NAG N . 39.33 -15.22 43.67
O3 NAG N . 39.39 -18.02 43.05
O4 NAG N . 37.98 -18.81 40.68
O5 NAG N . 36.25 -15.72 41.65
O6 NAG N . 34.71 -18.15 41.11
O7 NAG N . 38.67 -15.48 45.79
C1 NAG N . 37.59 -20.11 41.17
C2 NAG N . 37.95 -21.16 40.11
C3 NAG N . 37.57 -22.55 40.61
C4 NAG N . 38.19 -22.83 41.97
C5 NAG N . 37.83 -21.72 42.95
C6 NAG N . 38.52 -21.87 44.29
C7 NAG N . 37.94 -20.51 37.71
C8 NAG N . 39.44 -20.41 37.80
N2 NAG N . 37.29 -20.87 38.84
O3 NAG N . 38.00 -23.53 39.66
O4 NAG N . 37.72 -24.07 42.47
O5 NAG N . 38.24 -20.44 42.41
O6 NAG N . 39.93 -21.75 44.16
O7 NAG N . 37.33 -20.28 36.68
C1 NAG O . -68.28 -7.67 6.61
C2 NAG O . -69.45 -8.43 7.25
C3 NAG O . -70.19 -9.28 6.18
C4 NAG O . -69.50 -9.27 4.81
C5 NAG O . -69.09 -7.85 4.35
C6 NAG O . -70.17 -7.15 3.57
C7 NAG O . -69.47 -9.18 9.60
C8 NAG O . -70.53 -8.13 9.86
N2 NAG O . -69.00 -9.26 8.35
O3 NAG O . -71.53 -8.82 6.06
O4 NAG O . -68.41 -10.19 4.73
O5 NAG O . -68.75 -6.98 5.46
O6 NAG O . -69.93 -7.21 2.17
O7 NAG O . -69.05 -9.90 10.50
C1 NAG O . -68.83 -11.55 4.83
C2 NAG O . -68.05 -12.35 3.78
C3 NAG O . -68.42 -13.83 3.85
C4 NAG O . -68.24 -14.36 5.27
C5 NAG O . -69.02 -13.49 6.26
C6 NAG O . -68.79 -13.89 7.70
C7 NAG O . -67.29 -11.60 1.57
C8 NAG O . -67.71 -11.05 0.23
N2 NAG O . -68.28 -11.82 2.44
O3 NAG O . -67.60 -14.56 2.95
O4 NAG O . -68.72 -15.70 5.34
O5 NAG O . -68.60 -12.13 6.14
O6 NAG O . -67.64 -13.26 8.23
O7 NAG O . -66.12 -11.85 1.83
C1 NAG P . -59.60 5.23 28.38
C2 NAG P . -60.94 4.79 27.90
C3 NAG P . -61.26 3.39 28.41
C4 NAG P . -60.03 2.47 28.51
C5 NAG P . -58.64 3.15 28.50
C6 NAG P . -57.58 2.34 27.82
C7 NAG P . -62.70 6.45 27.46
C8 NAG P . -63.73 7.36 28.06
N2 NAG P . -61.97 5.73 28.32
O3 NAG P . -62.24 2.79 27.57
O4 NAG P . -60.12 1.69 29.70
O5 NAG P . -58.67 4.43 27.84
O6 NAG P . -58.02 1.87 26.55
O7 NAG P . -62.55 6.36 26.24
C1 NAG P . -60.56 0.36 29.41
C2 NAG P . -59.79 -0.59 30.32
C3 NAG P . -60.25 -2.04 30.09
C4 NAG P . -61.75 -2.15 30.26
C5 NAG P . -62.46 -1.12 29.36
C6 NAG P . -63.96 -1.08 29.57
C7 NAG P . -57.49 0.09 30.94
C8 NAG P . -58.07 0.65 32.22
N2 NAG P . -58.35 -0.48 30.09
O3 NAG P . -59.60 -2.90 31.02
O4 NAG P . -62.20 -3.45 29.92
O5 NAG P . -61.97 0.20 29.64
O6 NAG P . -64.29 -0.44 30.78
O7 NAG P . -56.29 0.16 30.71
C1 NAG Q . -7.85 -3.33 -46.85
C2 NAG Q . -9.00 -4.07 -47.54
C3 NAG Q . -9.22 -3.50 -48.94
C4 NAG Q . -9.42 -1.98 -48.88
C5 NAG Q . -8.25 -1.33 -48.13
C6 NAG Q . -8.44 0.16 -47.93
C7 NAG Q . -9.69 -6.43 -47.60
C8 NAG Q . -9.22 -7.85 -47.66
N2 NAG Q . -8.73 -5.50 -47.59
O3 NAG Q . -10.37 -4.10 -49.52
O4 NAG Q . -9.49 -1.45 -50.19
O5 NAG Q . -8.12 -1.91 -46.83
O6 NAG Q . -7.19 0.83 -47.90
O7 NAG Q . -10.88 -6.14 -47.56
C1 NAG R . 40.59 -15.33 11.11
C2 NAG R . 41.05 -14.73 12.45
C3 NAG R . 42.57 -14.62 12.47
C4 NAG R . 43.20 -15.98 12.17
C5 NAG R . 42.63 -16.57 10.88
C6 NAG R . 43.11 -17.98 10.61
C7 NAG R . 39.68 -13.24 13.80
C8 NAG R . 39.11 -11.86 13.96
N2 NAG R . 40.43 -13.44 12.72
O3 NAG R . 43.01 -14.13 13.73
O4 NAG R . 44.60 -15.83 12.02
O5 NAG R . 41.19 -16.63 10.95
O6 NAG R . 42.54 -18.90 11.54
O7 NAG R . 39.48 -14.12 14.63
C1 NAG S . 11.44 12.36 -45.83
C2 NAG S . 11.67 11.28 -46.89
C3 NAG S . 11.38 11.83 -48.28
C4 NAG S . 9.98 12.45 -48.33
C5 NAG S . 9.82 13.49 -47.23
C6 NAG S . 8.42 14.04 -47.14
C7 NAG S . 13.33 9.48 -47.07
C8 NAG S . 14.78 9.12 -46.95
N2 NAG S . 13.03 10.76 -46.82
O3 NAG S . 11.48 10.79 -49.25
O4 NAG S . 9.78 13.08 -49.60
O5 NAG S . 10.10 12.88 -45.94
O6 NAG S . 7.86 13.87 -45.85
O7 NAG S . 12.48 8.66 -47.38
C1 NAG T . 42.67 19.14 -33.38
C2 NAG T . 42.81 18.72 -34.86
C3 NAG T . 43.90 19.54 -35.55
C4 NAG T . 43.63 21.03 -35.37
C5 NAG T . 43.48 21.38 -33.89
C6 NAG T . 43.08 22.82 -33.67
C7 NAG T . 42.14 16.38 -35.22
C8 NAG T . 42.62 14.96 -35.30
N2 NAG T . 43.10 17.30 -34.97
O3 NAG T . 43.91 19.22 -36.94
O4 NAG T . 44.70 21.80 -35.93
O5 NAG T . 42.43 20.58 -33.32
O6 NAG T . 41.70 23.02 -33.94
O7 NAG T . 40.97 16.68 -35.37
C1 NAG U . 43.34 59.00 -27.21
C2 NAG U . 43.61 60.48 -26.92
C3 NAG U . 44.98 60.88 -27.46
C4 NAG U . 46.06 59.94 -26.91
C5 NAG U . 45.68 58.49 -27.20
C6 NAG U . 46.65 57.49 -26.60
C7 NAG U . 41.51 61.75 -26.87
C8 NAG U . 40.55 62.58 -27.67
N2 NAG U . 42.58 61.31 -27.54
O3 NAG U . 45.27 62.22 -27.07
O4 NAG U . 47.31 60.23 -27.53
O5 NAG U . 44.39 58.20 -26.66
O6 NAG U . 46.61 56.25 -27.30
O7 NAG U . 41.31 61.49 -25.69
C1 NAG V . 20.56 51.11 -48.95
C2 NAG V . 21.21 51.91 -50.09
C3 NAG V . 20.36 51.83 -51.35
C4 NAG V . 20.08 50.38 -51.72
C5 NAG V . 19.47 49.64 -50.53
C6 NAG V . 19.29 48.16 -50.78
C7 NAG V . 22.48 54.02 -50.05
C8 NAG V . 22.52 55.42 -49.55
N2 NAG V . 21.41 53.30 -49.68
O3 NAG V . 21.03 52.48 -52.42
O4 NAG V . 19.19 50.32 -52.83
O5 NAG V . 20.34 49.76 -49.39
O6 NAG V . 19.17 47.44 -49.56
O7 NAG V . 23.37 53.54 -50.74
C1 NAG W . 36.36 50.96 -39.17
C2 NAG W . 37.84 50.60 -39.15
C3 NAG W . 38.03 49.11 -39.38
C4 NAG W . 37.20 48.30 -38.39
C5 NAG W . 35.74 48.75 -38.44
C6 NAG W . 34.87 48.08 -37.40
C7 NAG W . 39.85 51.72 -40.02
C8 NAG W . 40.44 52.50 -41.16
N2 NAG W . 38.57 51.37 -40.15
O3 NAG W . 39.41 48.76 -39.23
O4 NAG W . 37.28 46.91 -38.70
O5 NAG W . 35.65 50.17 -38.20
O6 NAG W . 33.49 48.33 -37.63
O7 NAG W . 40.51 51.42 -39.03
C1 NAG X . 34.43 64.52 -46.22
C2 NAG X . 35.51 65.17 -47.04
C3 NAG X . 35.04 66.57 -47.40
C4 NAG X . 33.72 66.47 -48.17
C5 NAG X . 32.71 65.53 -47.48
C6 NAG X . 31.58 65.14 -48.42
C7 NAG X . 37.78 64.36 -46.63
C8 NAG X . 39.06 64.59 -45.92
N2 NAG X . 36.80 65.23 -46.37
O3 NAG X . 36.03 67.22 -48.19
O4 NAG X . 33.14 67.77 -48.28
O5 NAG X . 33.32 64.29 -47.05
O6 NAG X . 31.98 65.27 -49.77
O7 NAG X . 37.61 63.41 -47.39
C1 NAG Y . 43.00 75.86 -30.23
C2 NAG Y . 44.23 75.03 -29.84
C3 NAG Y . 44.87 75.59 -28.57
C4 NAG Y . 45.16 77.09 -28.74
C5 NAG Y . 43.90 77.82 -29.16
C6 NAG Y . 44.13 79.28 -29.46
C7 NAG Y . 44.63 72.63 -30.13
C8 NAG Y . 44.12 71.25 -29.87
N2 NAG Y . 43.89 73.63 -29.67
O3 NAG Y . 46.08 74.89 -28.30
O4 NAG Y . 45.62 77.62 -27.51
O5 NAG Y . 43.37 77.24 -30.37
O6 NAG Y . 43.58 79.65 -30.72
O7 NAG Y . 45.66 72.83 -30.77
C1 NAG Z . -2.19 -44.96 -66.22
C2 NAG Z . -1.53 -46.32 -65.89
C3 NAG Z . -2.28 -47.01 -64.76
C4 NAG Z . -2.40 -46.09 -63.55
C5 NAG Z . -3.02 -44.75 -63.97
C6 NAG Z . -3.08 -43.74 -62.85
C7 NAG Z . -0.43 -47.95 -67.37
C8 NAG Z . -0.55 -48.76 -68.62
N2 NAG Z . -1.48 -47.16 -67.07
O3 NAG Z . -1.58 -48.19 -64.39
O4 NAG Z . -3.21 -46.69 -62.55
O5 NAG Z . -2.24 -44.17 -65.01
O6 NAG Z . -3.42 -42.45 -63.32
O7 NAG Z . 0.56 -48.01 -66.64
C1 NAG AA . 37.34 6.41 -15.31
C2 NAG AA . 38.32 5.34 -15.79
C3 NAG AA . 39.72 5.93 -15.92
C4 NAG AA . 39.70 7.18 -16.79
C5 NAG AA . 38.67 8.17 -16.27
C6 NAG AA . 38.50 9.38 -17.17
C7 NAG AA . 38.52 2.94 -15.28
C8 NAG AA . 38.50 1.90 -14.21
N2 NAG AA . 38.33 4.20 -14.88
O3 NAG AA . 40.60 4.96 -16.48
O4 NAG AA . 40.99 7.79 -16.79
O5 NAG AA . 37.38 7.54 -16.20
O6 NAG AA . 38.99 10.55 -16.55
O7 NAG AA . 38.71 2.65 -16.46
C1 NAG BA . -1.12 -49.82 -23.98
C2 NAG BA . -1.58 -50.21 -22.56
C3 NAG BA . -2.28 -51.58 -22.57
C4 NAG BA . -1.57 -52.61 -23.44
C5 NAG BA . -1.18 -52.02 -24.80
C6 NAG BA . -1.72 -52.81 -25.97
C7 NAG BA . -0.03 -49.10 -21.02
C8 NAG BA . 1.13 -49.29 -20.09
N2 NAG BA . -0.47 -50.20 -21.63
O3 NAG BA . -3.63 -51.42 -23.00
O4 NAG BA . -0.40 -53.08 -22.78
O5 NAG BA . -1.71 -50.69 -24.92
O6 NAG BA . -0.71 -53.05 -26.94
O7 NAG BA . -0.55 -48.02 -21.19
C1 NAG CA . 33.14 -34.91 13.06
C2 NAG CA . 32.13 -35.91 12.95
C3 NAG CA . 32.89 -37.26 13.76
C4 NAG CA . 33.37 -37.27 15.24
C5 NAG CA . 34.03 -35.96 15.41
C6 NAG CA . 34.98 -35.71 16.56
C7 NAG CA . 30.10 -35.15 11.52
C8 NAG CA . 31.09 -35.19 10.42
N2 NAG CA . 30.51 -35.60 12.80
O3 NAG CA . 34.06 -37.42 13.02
O4 NAG CA . 32.77 -38.00 16.37
O5 NAG CA . 34.43 -35.45 14.12
O6 NAG CA . 34.22 -35.23 17.67
O7 NAG CA . 28.95 -34.85 11.18
C1 NAG DA . 0.06 43.53 -52.84
C2 NAG DA . -0.23 44.27 -54.15
C3 NAG DA . -1.22 43.46 -54.98
C4 NAG DA . -0.81 42.00 -55.11
C5 NAG DA . -0.50 41.41 -53.74
C6 NAG DA . 0.05 40.01 -53.81
C7 NAG DA . -0.16 46.70 -54.41
C8 NAG DA . -0.79 48.00 -54.05
N2 NAG DA . -0.73 45.61 -53.90
O3 NAG DA . -1.32 44.06 -56.28
O4 NAG DA . -1.86 41.25 -55.70
O5 NAG DA . 0.52 42.22 -53.11
O6 NAG DA . 1.47 40.00 -53.74
O7 NAG DA . 0.85 46.63 -55.12
C1 NAG EA . 41.55 11.13 14.96
C2 NAG EA . 41.69 12.39 14.07
C3 NAG EA . 43.15 12.85 13.97
C4 NAG EA . 43.76 12.98 15.35
C5 NAG EA . 43.57 11.69 16.15
C6 NAG EA . 44.09 11.77 17.57
C7 NAG EA . 41.14 11.55 11.65
C8 NAG EA . 42.20 10.45 11.62
N2 NAG EA . 41.00 12.33 12.77
O3 NAG EA . 43.20 14.09 13.29
O4 NAG EA . 45.15 13.26 15.24
O5 NAG EA . 42.17 11.37 16.24
O6 NAG EA . 44.17 10.49 18.15
O7 NAG EA . 40.40 11.72 10.69
C1 NAG FA . -7.26 36.65 28.35
C2 NAG FA . -7.98 37.77 27.59
C3 NAG FA . -8.31 38.93 28.51
C4 NAG FA . -9.08 38.44 29.73
C5 NAG FA . -8.32 37.31 30.42
C6 NAG FA . -9.09 36.68 31.56
C7 NAG FA . -7.64 38.32 25.20
C8 NAG FA . -9.07 37.93 24.96
N2 NAG FA . -7.19 38.22 26.45
O3 NAG FA . -9.07 39.89 27.81
O4 NAG FA . -9.27 39.51 30.66
O5 NAG FA . -8.07 36.25 29.48
O6 NAG FA . -10.43 37.14 31.61
O7 NAG FA . -6.92 38.71 24.29
C1 NAG GA . 4.71 53.16 28.16
C2 NAG GA . 5.13 53.00 29.62
C3 NAG GA . 3.90 52.65 30.47
C4 NAG GA . 2.80 53.69 30.27
C5 NAG GA . 2.49 53.84 28.78
C6 NAG GA . 1.49 54.94 28.49
C7 NAG GA . 7.42 52.23 30.01
C8 NAG GA . 8.34 51.05 30.11
N2 NAG GA . 6.14 51.96 29.75
O3 NAG GA . 4.28 52.60 31.84
O4 NAG GA . 1.62 53.29 30.95
O5 NAG GA . 3.68 54.17 28.06
O6 NAG GA . 0.62 55.16 29.60
O7 NAG GA . 7.83 53.38 30.15
C1 NAG HA . 30.10 67.20 -5.32
C2 NAG HA . 30.97 68.36 -4.81
C3 NAG HA . 32.45 67.98 -4.90
C4 NAG HA . 32.72 66.67 -4.18
C5 NAG HA . 31.79 65.58 -4.73
C6 NAG HA . 31.92 64.27 -3.98
C7 NAG HA . 30.83 69.90 -6.79
C8 NAG HA . 30.46 71.29 -7.20
N2 NAG HA . 30.68 69.61 -5.48
O3 NAG HA . 33.23 69.03 -4.32
O4 NAG HA . 34.08 66.28 -4.37
O5 NAG HA . 30.42 66.00 -4.59
O6 NAG HA . 30.67 63.62 -3.85
O7 NAG HA . 31.25 69.08 -7.61
C1 NAG IA . 14.91 76.97 1.89
C2 NAG IA . 14.17 78.32 1.94
C3 NAG IA . 14.86 79.28 2.92
C4 NAG IA . 15.02 78.62 4.28
C5 NAG IA . 15.75 77.30 4.14
C6 NAG IA . 15.86 76.54 5.45
C7 NAG IA . 13.14 79.78 0.22
C8 NAG IA . 13.26 80.29 -1.19
N2 NAG IA . 14.09 78.93 0.62
O3 NAG IA . 14.12 80.48 3.04
O4 NAG IA . 15.75 79.48 5.14
O5 NAG IA . 15.04 76.44 3.23
O6 NAG IA . 14.58 76.36 6.05
O7 NAG IA . 12.23 80.12 0.96
C1 NAG JA . 21.85 85.84 -7.17
C2 NAG JA . 22.95 86.28 -6.21
C3 NAG JA . 23.55 87.62 -6.64
C4 NAG JA . 24.00 87.56 -8.09
C5 NAG JA . 22.86 87.07 -8.99
C6 NAG JA . 23.28 86.88 -10.42
C7 NAG JA . 21.53 87.08 -4.30
C8 NAG JA . 21.28 86.90 -2.83
N2 NAG JA . 22.50 86.32 -4.82
O3 NAG JA . 24.64 87.95 -5.80
O4 NAG JA . 24.42 88.85 -8.52
O5 NAG JA . 22.38 85.81 -8.52
O6 NAG JA . 24.30 85.91 -10.54
O7 NAG JA . 20.87 87.88 -4.96
C1 NAG KA . 3.24 93.44 -13.89
C2 NAG KA . 2.43 93.68 -12.62
C3 NAG KA . 1.01 94.13 -12.97
C4 NAG KA . 1.05 95.33 -13.91
C5 NAG KA . 1.91 95.02 -15.13
C6 NAG KA . 2.11 96.21 -16.04
C7 NAG KA . 3.04 92.39 -10.62
C8 NAG KA . 2.89 91.09 -9.89
N2 NAG KA . 2.40 92.49 -11.79
O3 NAG KA . 0.30 94.46 -11.79
O4 NAG KA . -0.27 95.64 -14.35
O5 NAG KA . 3.23 94.62 -14.70
O6 NAG KA . 3.32 96.11 -16.77
O7 NAG KA . 3.71 93.31 -10.17
C1 NAG LA . 15.94 16.22 43.21
C2 NAG LA . 15.53 17.57 42.62
C3 NAG LA . 14.00 17.70 42.60
C4 NAG LA . 13.34 16.49 41.95
C5 NAG LA . 13.84 15.22 42.60
C6 NAG LA . 13.30 13.94 42.01
C7 NAG LA . 16.61 19.74 43.28
C8 NAG LA . 16.76 20.11 41.84
N2 NAG LA . 16.05 18.55 43.55
O3 NAG LA . 13.66 18.86 41.86
O4 NAG LA . 11.92 16.58 42.10
O5 NAG LA . 15.27 15.16 42.51
O6 NAG LA . 13.38 12.88 42.97
O7 NAG LA . 16.98 20.48 44.18
C1 NAG MA . 51.35 -12.16 54.67
C2 NAG MA . 50.92 -12.97 55.90
C3 NAG MA . 49.91 -14.04 55.50
C4 NAG MA . 48.75 -13.43 54.73
C5 NAG MA . 49.27 -12.60 53.55
C6 NAG MA . 48.18 -11.87 52.81
C7 NAG MA . 52.12 -13.74 57.90
C8 NAG MA . 53.38 -14.36 58.42
N2 NAG MA . 52.07 -13.56 56.58
O3 NAG MA . 49.42 -14.69 56.67
O4 NAG MA . 47.88 -14.45 54.24
O5 NAG MA . 50.19 -11.61 54.02
O6 NAG MA . 48.45 -11.78 51.42
O7 NAG MA . 51.20 -13.41 58.63
C1 NAG NA . 0.74 80.87 -2.54
C2 NAG NA . -0.18 81.85 -3.28
C3 NAG NA . -0.23 83.19 -2.55
C4 NAG NA . -0.61 82.98 -1.08
C5 NAG NA . 0.32 81.95 -0.43
C6 NAG NA . -0.07 81.61 0.98
C7 NAG NA . -0.29 81.36 -5.67
C8 NAG NA . 0.28 81.67 -7.03
N2 NAG NA . 0.24 82.03 -4.65
O3 NAG NA . -1.19 84.04 -3.17
O4 NAG NA . -0.51 84.21 -0.37
O5 NAG NA . 0.31 80.73 -1.18
O6 NAG NA . -0.88 80.43 1.02
O7 NAG NA . -1.17 80.53 -5.51
C1 NAG OA . 8.28 -11.69 32.81
C2 NAG OA . 8.19 -13.22 32.76
C3 NAG OA . 7.19 -13.65 31.69
C4 NAG OA . 5.84 -12.97 31.92
C5 NAG OA . 6.02 -11.46 32.02
C6 NAG OA . 4.74 -10.73 32.37
C7 NAG OA . 10.25 -14.37 33.46
C8 NAG OA . 11.57 -14.92 33.01
N2 NAG OA . 9.50 -13.80 32.50
O3 NAG OA . 7.04 -15.06 31.74
O4 NAG OA . 4.95 -13.28 30.86
O5 NAG OA . 6.96 -11.14 33.05
O6 NAG OA . 3.77 -10.86 31.33
O7 NAG OA . 9.89 -14.42 34.62
C1 NAG PA . 14.58 -26.23 38.98
C2 NAG PA . 13.51 -25.67 39.91
C3 NAG PA . 12.35 -26.66 40.08
C4 NAG PA . 11.81 -27.08 38.72
C5 NAG PA . 12.95 -27.59 37.83
C6 NAG PA . 12.50 -27.91 36.42
C7 NAG PA . 14.67 -26.04 42.13
C8 NAG PA . 15.13 -25.34 43.37
N2 NAG PA . 14.05 -25.26 41.22
O3 NAG PA . 11.32 -26.07 40.86
O4 NAG PA . 10.84 -28.11 38.88
O5 NAG PA . 13.97 -26.59 37.72
O6 NAG PA . 11.19 -27.43 36.16
O7 NAG PA . 14.84 -27.25 41.97
C1 NAG QA . 29.86 35.67 16.19
C2 NAG QA . 30.25 36.54 17.38
C3 NAG QA . 31.73 36.93 17.29
C4 NAG QA . 32.60 35.69 17.15
C5 NAG QA . 32.12 34.82 15.99
C6 NAG QA . 32.88 33.52 15.87
C7 NAG QA . 28.91 38.19 18.60
C8 NAG QA . 28.05 39.42 18.50
N2 NAG QA . 29.41 37.72 17.46
O3 NAG QA . 32.11 37.67 18.45
O4 NAG QA . 33.95 36.07 16.93
O5 NAG QA . 30.73 34.48 16.15
O6 NAG QA . 33.17 32.97 17.15
O7 NAG QA . 29.16 37.67 19.68
C1 NAG RA . -33.14 14.68 37.29
C2 NAG RA . -34.10 15.66 36.63
C3 NAG RA . -33.85 17.08 37.14
C4 NAG RA . -33.87 17.13 38.66
C5 NAG RA . -32.90 16.10 39.23
C6 NAG RA . -32.96 16.01 40.74
C7 NAG RA . -34.76 14.82 34.42
C8 NAG RA . -34.51 14.90 32.94
N2 NAG RA . -33.99 15.61 35.18
O3 NAG RA . -34.82 17.97 36.60
O4 NAG RA . -33.49 18.43 39.11
O5 NAG RA . -33.23 14.79 38.72
O6 NAG RA . -33.07 17.30 41.33
O7 NAG RA . -35.62 14.10 34.90
C1 NAG SA . 42.00 49.55 -12.02
C2 NAG SA . 43.33 50.19 -12.43
C3 NAG SA . 44.47 49.19 -12.22
C4 NAG SA . 44.46 48.64 -10.80
C5 NAG SA . 43.08 48.07 -10.46
C6 NAG SA . 42.96 47.62 -9.02
C7 NAG SA . 43.60 51.89 -14.17
C8 NAG SA . 43.52 52.18 -15.63
N2 NAG SA . 43.30 50.64 -13.81
O3 NAG SA . 45.71 49.82 -12.49
O4 NAG SA . 45.43 47.62 -10.67
O5 NAG SA . 42.07 49.07 -10.67
O6 NAG SA . 42.41 48.64 -8.21
O7 NAG SA . 43.91 52.74 -13.35
C1 NAG TA . -36.75 32.67 18.04
C2 NAG TA . -35.62 33.67 18.32
C3 NAG TA . -36.22 35.04 18.71
C4 NAG TA . -37.21 35.51 17.65
C5 NAG TA . -38.26 34.43 17.39
C6 NAG TA . -39.24 34.81 16.30
C7 NAG TA . -33.50 33.57 19.59
C8 NAG TA . -32.77 32.90 20.71
N2 NAG TA . -34.76 33.16 19.37
O3 NAG TA . -35.19 36.00 18.87
O4 NAG TA . -37.85 36.70 18.11
O5 NAG TA . -37.64 33.20 17.00
O6 NAG TA . -38.61 34.91 15.03
O7 NAG TA . -32.99 34.47 18.92
C1 NAG UA . -33.20 42.08 -5.71
C2 NAG UA . -33.67 41.96 -4.26
C3 NAG UA . -34.05 43.33 -3.71
C4 NAG UA . -32.91 44.32 -3.91
C5 NAG UA . -32.46 44.35 -5.37
C6 NAG UA . -31.24 45.22 -5.60
C7 NAG UA . -34.73 39.92 -3.42
C8 NAG UA . -35.97 39.07 -3.41
N2 NAG UA . -34.78 41.03 -4.14
O3 NAG UA . -34.37 43.21 -2.33
O4 NAG UA . -33.33 45.63 -3.52
O5 NAG UA . -32.11 43.02 -5.79
O6 NAG UA . -31.60 46.59 -5.72
O7 NAG UA . -33.72 39.59 -2.79
C1 NAG VA . -27.92 16.00 -34.79
C2 NAG VA . -26.87 16.61 -35.74
C3 NAG VA . -27.55 17.13 -37.00
C4 NAG VA . -28.41 16.05 -37.65
C5 NAG VA . -29.39 15.47 -36.62
C6 NAG VA . -30.19 14.31 -37.16
C7 NAG VA . -24.82 17.89 -35.33
C8 NAG VA . -24.20 19.02 -34.56
N2 NAG VA . -26.12 17.65 -35.09
O3 NAG VA . -26.56 17.57 -37.93
O4 NAG VA . -29.13 16.59 -38.75
O5 NAG VA . -28.67 14.99 -35.48
O6 NAG VA . -30.25 13.24 -36.22
O7 NAG VA . -24.19 17.22 -36.14
C1 NAG WA . -33.99 35.35 -37.42
C2 NAG WA . -34.44 35.33 -38.90
C3 NAG WA . -35.64 34.41 -39.09
C4 NAG WA . -35.49 33.14 -38.25
C5 NAG WA . -35.58 33.52 -36.77
C6 NAG WA . -34.80 32.59 -35.86
C7 NAG WA . -33.98 37.34 -40.27
C8 NAG WA . -32.76 36.63 -40.79
N2 NAG WA . -34.73 36.67 -39.37
O3 NAG WA . -35.78 34.07 -40.46
O4 NAG WA . -36.52 32.21 -38.57
O5 NAG WA . -35.09 34.86 -36.55
O6 NAG WA . -35.57 32.19 -34.74
O7 NAG WA . -34.27 38.47 -40.64
C1 NAG XA . -3.91 61.47 -52.23
C2 NAG XA . -2.92 62.30 -53.05
C3 NAG XA . -3.57 62.76 -54.36
C4 NAG XA . -4.17 61.57 -55.12
C5 NAG XA . -5.11 60.78 -54.22
C6 NAG XA . -5.64 59.53 -54.86
C7 NAG XA . -1.33 63.43 -51.55
C8 NAG XA . -1.01 64.71 -50.84
N2 NAG XA . -2.45 63.44 -52.29
O3 NAG XA . -2.60 63.42 -55.16
O4 NAG XA . -4.88 62.04 -56.25
O5 NAG XA . -4.41 60.37 -53.02
O6 NAG XA . -6.34 58.72 -53.93
O7 NAG XA . -0.62 62.43 -51.47
C1 NAG YA . -13.59 71.40 -23.33
C2 NAG YA . -14.27 72.70 -23.74
C3 NAG YA . -14.78 73.45 -22.52
C4 NAG YA . -15.68 72.55 -21.67
C5 NAG YA . -14.93 71.25 -21.33
C6 NAG YA . -15.80 70.26 -20.60
C7 NAG YA . -13.45 73.66 -25.85
C8 NAG YA . -12.44 74.56 -26.49
N2 NAG YA . -13.37 73.54 -24.52
O3 NAG YA . -15.51 74.60 -22.93
O4 NAG YA . -16.06 73.22 -20.48
O5 NAG YA . -14.50 70.61 -22.54
O6 NAG YA . -15.22 68.96 -20.60
O7 NAG YA . -14.29 73.05 -26.51
C1 NAG ZA . -14.85 64.51 -40.24
C2 NAG ZA . -14.87 63.39 -41.31
C3 NAG ZA . -15.98 62.37 -41.04
C4 NAG ZA . -15.88 61.86 -39.60
C5 NAG ZA . -15.86 63.03 -38.62
C6 NAG ZA . -15.68 62.60 -37.18
C7 NAG ZA . -15.67 64.59 -43.49
C8 NAG ZA . -16.98 65.12 -42.91
N2 NAG ZA . -14.83 63.85 -42.71
O3 NAG ZA . -15.86 61.29 -41.95
O4 NAG ZA . -16.99 61.01 -39.31
O5 NAG ZA . -14.76 63.91 -38.92
O6 NAG ZA . -14.74 63.44 -36.51
O7 NAG ZA . -15.38 64.83 -44.65
C1 NAG AB . -8.43 79.38 -41.17
C2 NAG AB . -9.70 80.08 -41.64
C3 NAG AB . -9.39 81.54 -41.99
C4 NAG AB . -8.72 82.24 -40.81
C5 NAG AB . -7.50 81.45 -40.36
C6 NAG AB . -6.86 82.01 -39.12
C7 NAG AB . -11.38 78.65 -42.72
C8 NAG AB . -11.84 78.02 -43.99
N2 NAG AB . -10.27 79.40 -42.79
O3 NAG AB . -10.60 82.21 -42.32
O4 NAG AB . -8.33 83.55 -41.18
O5 NAG AB . -7.86 80.10 -40.06
O6 NAG AB . -6.89 81.07 -38.05
O7 NAG AB . -11.99 78.50 -41.66
C1 NAG BB . 4.97 75.08 -56.53
C2 NAG BB . 4.17 74.33 -57.60
C3 NAG BB . 5.07 73.93 -58.76
C4 NAG BB . 5.81 75.15 -59.31
C5 NAG BB . 6.55 75.87 -58.17
C6 NAG BB . 7.20 77.16 -58.62
C7 NAG BB . 2.20 73.07 -56.83
C8 NAG BB . 1.71 71.78 -56.24
N2 NAG BB . 3.52 73.15 -57.03
O3 NAG BB . 4.29 73.34 -59.79
O4 NAG BB . 6.74 74.76 -60.30
O5 NAG BB . 5.62 76.21 -57.13
O6 NAG BB . 6.82 78.24 -57.78
O7 NAG BB . 1.44 73.99 -57.11
C1 NAG CB . -77.39 14.20 30.52
C2 NAG CB . -78.52 13.14 30.38
C3 NAG CB . -77.97 11.73 30.64
C4 NAG CB . -76.75 11.47 29.76
C5 NAG CB . -75.71 12.57 29.93
C6 NAG CB . -74.52 12.41 29.02
C7 NAG CB . -80.89 13.01 31.00
C8 NAG CB . -81.93 13.39 32.01
N2 NAG CB . -79.66 13.42 31.26
O3 NAG CB . -78.95 10.76 30.34
O4 NAG CB . -76.16 10.22 30.09
O5 NAG CB . -76.29 13.85 29.64
O6 NAG CB . -73.36 13.04 29.56
O7 NAG CB . -81.17 12.35 30.00
C1 NAG DB . -28.16 -21.73 -33.35
C2 NAG DB . -27.45 -21.54 -34.70
C3 NAG DB . -28.28 -20.65 -35.61
C4 NAG DB . -29.70 -21.20 -35.76
C5 NAG DB . -30.32 -21.41 -34.38
C6 NAG DB . -31.68 -22.06 -34.44
C7 NAG DB . -24.97 -21.65 -34.70
C8 NAG DB . -25.10 -23.09 -35.14
N2 NAG DB . -26.12 -20.98 -34.50
O3 NAG DB . -27.66 -20.58 -36.90
O4 NAG DB . -30.49 -20.29 -36.50
O5 NAG DB . -29.48 -22.26 -33.58
O6 NAG DB . -31.65 -23.25 -35.21
O7 NAG DB . -23.88 -21.13 -34.52
C1 NAG EB . -24.05 -37.49 -6.69
C2 NAG EB . -24.93 -36.59 -7.56
C3 NAG EB . -25.82 -35.71 -6.68
C4 NAG EB . -26.62 -36.57 -5.70
C5 NAG EB . -25.67 -37.48 -4.91
C6 NAG EB . -26.40 -38.44 -4.00
C7 NAG EB . -24.17 -35.85 -9.76
C8 NAG EB . -23.25 -34.92 -10.52
N2 NAG EB . -24.12 -35.76 -8.44
O3 NAG EB . -26.72 -34.97 -7.50
O4 NAG EB . -27.33 -35.73 -4.79
O5 NAG EB . -24.89 -38.26 -5.80
O6 NAG EB . -27.79 -38.52 -4.32
O7 NAG EB . -24.89 -36.65 -10.34
C1 NAG FB . -52.41 14.23 -9.83
C2 NAG FB . -53.20 12.98 -10.27
C3 NAG FB . -54.37 13.39 -11.17
C4 NAG FB . -55.22 14.45 -10.49
C5 NAG FB . -54.37 15.64 -10.06
C6 NAG FB . -55.15 16.66 -9.27
C7 NAG FB . -52.53 10.73 -10.97
C8 NAG FB . -51.53 9.91 -11.74
N2 NAG FB . -52.32 12.04 -10.95
O3 NAG FB . -55.17 12.24 -11.46
O4 NAG FB . -56.23 14.90 -11.39
O5 NAG FB . -53.31 15.17 -9.21
O6 NAG FB . -54.84 17.99 -9.71
O7 NAG FB . -53.49 10.20 -10.42
C1 NAG GB . -47.77 -14.91 21.56
C2 NAG GB . -46.64 -15.63 20.80
C3 NAG GB . -47.23 -16.47 19.67
C4 NAG GB . -48.31 -17.40 20.21
C5 NAG GB . -49.37 -16.62 20.99
C6 NAG GB . -50.39 -17.51 21.65
C7 NAG GB . -44.54 -14.37 20.92
C8 NAG GB . -43.66 -13.37 20.23
N2 NAG GB . -45.68 -14.68 20.28
O3 NAG GB . -46.19 -17.22 19.06
O4 NAG GB . -48.95 -18.09 19.13
O5 NAG GB . -48.73 -15.87 22.04
O6 NAG GB . -51.68 -17.34 21.05
O7 NAG GB . -44.23 -14.89 21.98
C1 NAG HB . -39.14 -8.24 9.68
C2 NAG HB . -38.50 -9.02 10.82
C3 NAG HB . -36.99 -9.03 10.70
C4 NAG HB . -36.44 -7.64 10.38
C5 NAG HB . -37.12 -7.07 9.13
C6 NAG HB . -36.17 -6.85 7.97
C7 NAG HB . -39.87 -9.14 12.84
C8 NAG HB . -40.18 -8.55 14.18
N2 NAG HB . -38.91 -8.54 12.13
O3 NAG HB . -36.62 -9.95 9.68
O4 NAG HB . -36.66 -6.77 11.47
O5 NAG HB . -38.15 -7.95 8.65
O6 NAG HB . -34.84 -7.26 8.27
O7 NAG HB . -40.49 -10.11 12.41
C1 NAG IB . -12.50 68.86 -1.30
C2 NAG IB . -13.05 70.25 -1.01
C3 NAG IB . -13.73 70.27 0.36
C4 NAG IB . -14.77 69.17 0.48
C5 NAG IB . -14.15 67.82 0.13
C6 NAG IB . -15.15 66.69 0.11
C7 NAG IB . -12.01 72.25 -1.97
C8 NAG IB . -10.86 73.20 -1.90
N2 NAG IB . -12.00 71.26 -1.08
O3 NAG IB . -14.34 71.55 0.56
O4 NAG IB . -15.28 69.12 1.80
O5 NAG IB . -13.55 67.88 -1.17
O6 NAG IB . -15.64 66.45 -1.21
O7 NAG IB . -12.90 72.37 -2.81
#